data_2ADC
#
_entry.id   2ADC
#
_cell.length_a   1.000
_cell.length_b   1.000
_cell.length_c   1.000
_cell.angle_alpha   90.00
_cell.angle_beta   90.00
_cell.angle_gamma   90.00
#
_symmetry.space_group_name_H-M   'P 1'
#
loop_
_entity.id
_entity.type
_entity.pdbx_description
1 polymer "5'-R(*CP*UP*CP*UP*CP*U)-3'"
2 polymer 'Polypyrimidine tract-binding protein 1'
#
loop_
_entity_poly.entity_id
_entity_poly.type
_entity_poly.pdbx_seq_one_letter_code
_entity_poly.pdbx_strand_id
1 'polyribonucleotide' CUCUCU B,C
2 'polypeptide(L)'
;MGSSHHHHHHSSGLVPRGSHMGRIAIPGLAGAGNSVLLVSNLNPERVTPQSLFILFGVYGDVQRVKILFNKKENALVQMA
DGNQAQLAMSHLNGHKLHGKPIRITLSKHQNVQLPREGQEDQGLTKDYGNSPLHRFKKPGSKNFQNIFPPSATLHLSNIP
PSVSEEDLKVLFSSNGGVVKGFKFFQKDRKMALIQMGSVEEAVQALIDLHNHDLGENHHLRVSFSKSTI
;
A
#
# COMPACT_ATOMS: atom_id res chain seq x y z
N GLY C 22 -29.16 6.91 -38.26
CA GLY C 22 -27.83 6.68 -37.66
C GLY C 22 -27.91 5.85 -36.39
N ARG C 23 -26.83 5.13 -36.05
CA ARG C 23 -26.72 4.30 -34.83
C ARG C 23 -26.74 5.10 -33.52
N ILE C 24 -27.05 4.42 -32.41
CA ILE C 24 -27.10 4.98 -31.06
C ILE C 24 -25.69 5.25 -30.48
N ALA C 25 -25.62 6.00 -29.38
CA ALA C 25 -24.40 6.32 -28.62
C ALA C 25 -24.37 5.60 -27.25
N ILE C 26 -23.30 5.82 -26.46
CA ILE C 26 -23.06 5.20 -25.15
C ILE C 26 -23.07 6.29 -24.06
N PRO C 27 -24.19 6.50 -23.33
CA PRO C 27 -24.28 7.57 -22.32
C PRO C 27 -23.39 7.34 -21.08
N GLY C 28 -23.03 6.09 -20.80
CA GLY C 28 -22.11 5.70 -19.72
C GLY C 28 -20.63 6.06 -19.97
N LEU C 29 -20.26 6.48 -21.19
CA LEU C 29 -18.90 6.87 -21.57
C LEU C 29 -18.36 8.08 -20.77
N ALA C 30 -19.26 8.90 -20.20
CA ALA C 30 -18.97 10.01 -19.28
C ALA C 30 -18.47 9.58 -17.87
N GLY C 31 -18.44 8.27 -17.56
CA GLY C 31 -18.07 7.70 -16.27
C GLY C 31 -16.60 7.89 -15.87
N ALA C 32 -16.29 9.02 -15.23
CA ALA C 32 -14.99 9.37 -14.65
C ALA C 32 -15.11 9.70 -13.13
N GLY C 33 -13.95 9.81 -12.45
CA GLY C 33 -13.89 10.02 -10.98
C GLY C 33 -14.50 8.88 -10.17
N ASN C 34 -14.32 7.66 -10.67
CA ASN C 34 -15.07 6.46 -10.29
C ASN C 34 -14.72 5.87 -8.91
N SER C 35 -13.62 6.31 -8.28
CA SER C 35 -12.99 5.80 -7.05
C SER C 35 -12.54 4.33 -7.08
N VAL C 36 -13.03 3.50 -8.00
CA VAL C 36 -12.40 2.22 -8.37
C VAL C 36 -11.17 2.41 -9.27
N LEU C 37 -10.31 1.40 -9.33
CA LEU C 37 -9.22 1.23 -10.31
C LEU C 37 -9.37 -0.10 -11.04
N LEU C 38 -9.26 -0.05 -12.37
CA LEU C 38 -8.92 -1.20 -13.19
C LEU C 38 -7.47 -1.56 -12.88
N VAL C 39 -7.20 -2.67 -12.20
CA VAL C 39 -5.82 -3.10 -11.90
C VAL C 39 -5.51 -4.36 -12.68
N SER C 40 -4.61 -4.25 -13.64
CA SER C 40 -4.40 -5.24 -14.69
C SER C 40 -2.93 -5.59 -14.89
N ASN C 41 -2.64 -6.61 -15.70
CA ASN C 41 -1.31 -7.07 -16.12
C ASN C 41 -0.39 -7.62 -15.00
N LEU C 42 -0.82 -7.57 -13.74
CA LEU C 42 -0.15 -8.16 -12.57
C LEU C 42 0.09 -9.67 -12.71
N ASN C 43 0.92 -10.23 -11.83
CA ASN C 43 1.12 -11.67 -11.64
C ASN C 43 0.36 -12.16 -10.38
N PRO C 44 -0.90 -12.64 -10.47
CA PRO C 44 -1.66 -13.10 -9.29
C PRO C 44 -1.05 -14.36 -8.64
N GLU C 45 -0.11 -15.04 -9.33
CA GLU C 45 0.76 -16.08 -8.78
C GLU C 45 1.71 -15.57 -7.67
N ARG C 46 2.01 -14.25 -7.65
CA ARG C 46 3.08 -13.64 -6.82
C ARG C 46 2.67 -12.40 -6.02
N VAL C 47 1.52 -11.76 -6.29
CA VAL C 47 1.04 -10.56 -5.57
C VAL C 47 -0.31 -10.80 -4.92
N THR C 48 -0.35 -10.71 -3.58
CA THR C 48 -1.53 -10.98 -2.74
C THR C 48 -2.43 -9.76 -2.57
N PRO C 49 -3.71 -9.95 -2.16
CA PRO C 49 -4.55 -8.87 -1.64
C PRO C 49 -3.87 -8.03 -0.56
N GLN C 50 -3.03 -8.63 0.30
CA GLN C 50 -2.25 -7.93 1.33
C GLN C 50 -1.13 -7.03 0.76
N SER C 51 -0.48 -7.44 -0.33
CA SER C 51 0.63 -6.68 -0.94
C SER C 51 0.07 -5.44 -1.65
N LEU C 52 -0.99 -5.67 -2.41
CA LEU C 52 -1.88 -4.64 -2.95
C LEU C 52 -2.37 -3.67 -1.87
N PHE C 53 -2.97 -4.19 -0.79
CA PHE C 53 -3.45 -3.42 0.37
C PHE C 53 -2.37 -2.55 1.03
N ILE C 54 -1.15 -3.06 1.25
CA ILE C 54 -0.03 -2.26 1.76
C ILE C 54 0.23 -1.07 0.82
N LEU C 55 0.47 -1.34 -0.46
CA LEU C 55 0.78 -0.31 -1.46
C LEU C 55 -0.37 0.72 -1.62
N PHE C 56 -1.48 0.29 -2.23
CA PHE C 56 -2.66 1.12 -2.47
C PHE C 56 -3.19 1.76 -1.17
N GLY C 57 -3.01 1.11 -0.02
CA GLY C 57 -3.39 1.60 1.30
C GLY C 57 -2.46 2.62 1.94
N VAL C 58 -1.21 2.76 1.49
CA VAL C 58 -0.36 3.92 1.84
C VAL C 58 -0.75 5.11 0.98
N TYR C 59 -1.01 4.86 -0.31
CA TYR C 59 -1.34 5.91 -1.26
C TYR C 59 -2.76 6.49 -1.15
N GLY C 60 -3.75 5.68 -0.77
CA GLY C 60 -5.15 6.07 -1.01
C GLY C 60 -6.28 5.14 -0.51
N ASP C 61 -5.95 4.04 0.17
CA ASP C 61 -6.88 3.26 1.02
C ASP C 61 -7.93 2.45 0.25
N VAL C 62 -7.60 1.18 -0.07
CA VAL C 62 -8.57 0.20 -0.58
C VAL C 62 -9.67 -0.08 0.44
N GLN C 63 -10.92 0.12 0.03
CA GLN C 63 -12.14 -0.36 0.67
C GLN C 63 -12.46 -1.79 0.26
N ARG C 64 -12.21 -2.17 -1.02
CA ARG C 64 -12.24 -3.57 -1.48
C ARG C 64 -11.15 -3.87 -2.52
N VAL C 65 -10.81 -5.15 -2.63
CA VAL C 65 -9.94 -5.73 -3.65
C VAL C 65 -10.62 -6.95 -4.27
N LYS C 66 -11.34 -6.76 -5.39
CA LYS C 66 -11.78 -7.89 -6.25
C LYS C 66 -10.59 -8.34 -7.10
N ILE C 67 -10.35 -9.64 -7.16
CA ILE C 67 -9.49 -10.35 -8.12
C ILE C 67 -10.41 -11.32 -8.86
N LEU C 68 -10.33 -11.42 -10.19
CA LEU C 68 -11.41 -12.12 -10.94
C LEU C 68 -11.30 -13.64 -10.80
N PHE C 69 -10.21 -14.23 -11.29
CA PHE C 69 -9.79 -15.62 -11.09
C PHE C 69 -8.31 -15.79 -11.45
N ASN C 70 -7.74 -16.95 -11.13
CA ASN C 70 -6.31 -17.24 -11.05
C ASN C 70 -5.50 -17.00 -12.34
N LYS C 71 -6.14 -16.89 -13.51
CA LYS C 71 -5.48 -16.65 -14.81
C LYS C 71 -6.16 -15.57 -15.68
N LYS C 72 -7.07 -14.78 -15.11
CA LYS C 72 -7.52 -13.49 -15.71
C LYS C 72 -6.44 -12.40 -15.63
N GLU C 73 -5.40 -12.56 -14.80
CA GLU C 73 -4.30 -11.61 -14.56
C GLU C 73 -4.79 -10.20 -14.13
N ASN C 74 -5.98 -10.13 -13.51
CA ASN C 74 -6.75 -8.91 -13.31
C ASN C 74 -7.47 -8.82 -11.96
N ALA C 75 -7.76 -7.57 -11.60
CA ALA C 75 -8.36 -7.09 -10.38
C ALA C 75 -9.11 -5.77 -10.67
N LEU C 76 -9.91 -5.35 -9.69
CA LEU C 76 -10.90 -4.29 -9.78
C LEU C 76 -10.99 -3.81 -8.34
N VAL C 77 -10.25 -2.74 -8.09
CA VAL C 77 -9.97 -2.22 -6.75
C VAL C 77 -10.99 -1.13 -6.47
N GLN C 78 -11.39 -0.95 -5.22
CA GLN C 78 -12.30 0.11 -4.77
C GLN C 78 -11.60 0.93 -3.70
N MET C 79 -11.24 2.19 -3.98
CA MET C 79 -10.48 3.06 -3.07
C MET C 79 -11.37 4.12 -2.40
N ALA C 80 -10.81 4.90 -1.47
CA ALA C 80 -11.53 5.90 -0.69
C ALA C 80 -12.13 7.06 -1.52
N ASP C 81 -11.42 7.55 -2.55
CA ASP C 81 -11.86 8.64 -3.44
C ASP C 81 -11.13 8.62 -4.79
N GLY C 82 -11.70 9.24 -5.83
CA GLY C 82 -11.11 9.39 -7.17
C GLY C 82 -9.76 10.12 -7.21
N ASN C 83 -9.50 11.11 -6.34
CA ASN C 83 -8.20 11.79 -6.27
C ASN C 83 -7.11 10.90 -5.62
N GLN C 84 -7.51 10.08 -4.62
CA GLN C 84 -6.65 9.10 -3.96
C GLN C 84 -6.34 7.91 -4.90
N ALA C 85 -7.32 7.45 -5.69
CA ALA C 85 -7.14 6.53 -6.80
C ALA C 85 -6.18 7.08 -7.87
N GLN C 86 -6.25 8.39 -8.19
CA GLN C 86 -5.30 9.09 -9.08
C GLN C 86 -3.86 9.02 -8.56
N LEU C 87 -3.63 9.29 -7.27
CA LEU C 87 -2.30 9.22 -6.67
C LEU C 87 -1.74 7.78 -6.63
N ALA C 88 -2.57 6.81 -6.24
CA ALA C 88 -2.21 5.39 -6.30
C ALA C 88 -1.81 4.97 -7.73
N MET C 89 -2.62 5.30 -8.73
CA MET C 89 -2.27 5.14 -10.15
C MET C 89 -0.94 5.82 -10.51
N SER C 90 -0.73 7.06 -10.08
CA SER C 90 0.49 7.83 -10.40
C SER C 90 1.78 7.16 -9.90
N HIS C 91 1.73 6.45 -8.76
CA HIS C 91 2.86 5.70 -8.21
C HIS C 91 2.93 4.21 -8.63
N LEU C 92 1.83 3.60 -9.10
CA LEU C 92 1.73 2.15 -9.33
C LEU C 92 1.47 1.71 -10.78
N ASN C 93 1.07 2.60 -11.69
CA ASN C 93 0.91 2.29 -13.11
C ASN C 93 2.29 2.06 -13.76
N GLY C 94 2.67 0.80 -13.98
CA GLY C 94 3.99 0.36 -14.45
C GLY C 94 4.90 -0.23 -13.37
N HIS C 95 4.41 -0.48 -12.14
CA HIS C 95 5.27 -0.76 -10.99
C HIS C 95 6.03 -2.10 -11.09
N LYS C 96 7.32 -2.09 -10.74
CA LYS C 96 8.21 -3.25 -10.68
C LYS C 96 8.08 -4.00 -9.34
N LEU C 97 7.29 -5.08 -9.32
CA LEU C 97 7.24 -6.03 -8.21
C LEU C 97 7.12 -7.48 -8.71
N HIS C 98 7.92 -8.37 -8.12
CA HIS C 98 7.90 -9.84 -8.19
C HIS C 98 8.00 -10.51 -9.59
N GLY C 99 7.89 -9.75 -10.69
CA GLY C 99 7.99 -10.24 -12.07
C GLY C 99 7.44 -9.26 -13.12
N LYS C 100 6.13 -9.21 -13.28
CA LYS C 100 5.41 -8.44 -14.32
C LYS C 100 5.24 -6.96 -13.93
N PRO C 101 5.32 -6.01 -14.88
CA PRO C 101 4.94 -4.61 -14.64
C PRO C 101 3.41 -4.48 -14.52
N ILE C 102 2.92 -3.90 -13.43
CA ILE C 102 1.49 -3.63 -13.24
C ILE C 102 0.98 -2.63 -14.31
N ARG C 103 -0.30 -2.72 -14.72
CA ARG C 103 -1.03 -1.74 -15.53
C ARG C 103 -2.28 -1.27 -14.76
N ILE C 104 -2.70 0.00 -14.90
CA ILE C 104 -3.82 0.60 -14.17
C ILE C 104 -4.59 1.55 -15.09
N THR C 105 -5.90 1.67 -14.90
CA THR C 105 -6.66 2.85 -15.36
C THR C 105 -7.83 3.21 -14.43
N LEU C 106 -8.44 4.38 -14.64
CA LEU C 106 -9.49 4.99 -13.79
C LEU C 106 -10.85 4.23 -13.77
N SER C 107 -10.91 3.06 -14.39
CA SER C 107 -12.06 2.15 -14.41
C SER C 107 -13.32 2.74 -15.05
N LYS C 108 -14.42 2.00 -14.93
CA LYS C 108 -15.80 2.31 -15.38
C LYS C 108 -16.89 1.94 -14.35
N HIS C 109 -16.53 1.19 -13.31
CA HIS C 109 -17.40 0.70 -12.22
C HIS C 109 -17.54 1.71 -11.07
N GLN C 110 -18.07 1.30 -9.91
CA GLN C 110 -18.13 2.13 -8.69
C GLN C 110 -18.04 1.33 -7.37
N ASN C 111 -18.70 0.16 -7.29
CA ASN C 111 -18.68 -0.73 -6.12
C ASN C 111 -18.48 -2.20 -6.52
N VAL C 112 -18.14 -3.06 -5.54
CA VAL C 112 -18.18 -4.54 -5.68
C VAL C 112 -19.12 -5.19 -4.66
N GLN C 113 -19.78 -6.25 -5.10
CA GLN C 113 -20.98 -6.84 -4.50
C GLN C 113 -20.79 -7.54 -3.13
N LEU C 114 -19.58 -8.02 -2.85
CA LEU C 114 -19.17 -8.92 -1.76
C LEU C 114 -19.94 -10.28 -1.73
N PRO C 115 -19.33 -11.40 -2.17
CA PRO C 115 -19.97 -12.72 -2.33
C PRO C 115 -20.89 -13.16 -1.18
N ARG C 116 -20.31 -13.48 -0.02
CA ARG C 116 -20.91 -14.18 1.13
C ARG C 116 -20.27 -13.74 2.46
N GLU C 117 -20.84 -14.18 3.57
CA GLU C 117 -20.40 -13.86 4.95
C GLU C 117 -19.02 -14.42 5.35
N GLY C 118 -18.50 -15.42 4.62
CA GLY C 118 -17.23 -16.10 4.92
C GLY C 118 -16.72 -17.04 3.82
N GLN C 119 -17.12 -16.80 2.57
CA GLN C 119 -16.79 -17.60 1.38
C GLN C 119 -16.37 -16.69 0.23
N GLU C 120 -15.22 -17.01 -0.39
CA GLU C 120 -14.62 -16.40 -1.60
C GLU C 120 -14.16 -14.92 -1.46
N ASP C 121 -14.82 -14.14 -0.60
CA ASP C 121 -14.29 -12.91 0.01
C ASP C 121 -12.95 -13.14 0.75
N GLN C 122 -12.66 -14.40 1.08
CA GLN C 122 -11.44 -14.91 1.72
C GLN C 122 -10.16 -14.62 0.91
N GLY C 123 -10.23 -14.42 -0.41
CA GLY C 123 -9.08 -14.01 -1.22
C GLY C 123 -9.38 -13.32 -2.56
N LEU C 124 -10.63 -13.35 -3.05
CA LEU C 124 -11.00 -12.84 -4.38
C LEU C 124 -11.99 -11.67 -4.34
N THR C 125 -12.55 -11.33 -3.17
CA THR C 125 -13.25 -10.05 -2.92
C THR C 125 -12.97 -9.55 -1.49
N LYS C 126 -11.71 -9.22 -1.18
CA LYS C 126 -11.26 -8.85 0.15
C LYS C 126 -11.91 -7.55 0.64
N ASP C 127 -12.73 -7.65 1.68
CA ASP C 127 -13.37 -6.51 2.35
C ASP C 127 -12.42 -5.81 3.33
N TYR C 128 -11.98 -4.62 2.94
CA TYR C 128 -11.24 -3.66 3.76
C TYR C 128 -12.09 -2.48 4.24
N GLY C 129 -13.42 -2.51 4.03
CA GLY C 129 -14.38 -1.51 4.51
C GLY C 129 -14.39 -1.35 6.04
N ASN C 130 -13.93 -2.38 6.76
CA ASN C 130 -13.53 -2.34 8.18
C ASN C 130 -12.16 -3.04 8.35
N SER C 131 -11.10 -2.44 7.80
CA SER C 131 -9.71 -2.92 7.88
C SER C 131 -9.24 -3.12 9.33
N PRO C 132 -8.39 -4.12 9.61
CA PRO C 132 -7.79 -4.30 10.92
C PRO C 132 -6.72 -3.25 11.29
N LEU C 133 -6.13 -2.51 10.31
CA LEU C 133 -4.99 -1.63 10.59
C LEU C 133 -4.80 -0.38 9.69
N HIS C 134 -5.58 -0.19 8.62
CA HIS C 134 -5.45 1.00 7.74
C HIS C 134 -6.78 1.72 7.47
N ARG C 135 -6.72 3.05 7.36
CA ARG C 135 -7.81 3.91 6.86
C ARG C 135 -7.29 5.28 6.40
N PHE C 136 -8.02 5.92 5.48
CA PHE C 136 -7.90 7.35 5.13
C PHE C 136 -9.26 8.08 5.21
N LYS C 137 -9.22 9.41 5.10
CA LYS C 137 -10.36 10.34 5.06
C LYS C 137 -10.25 11.26 3.82
N LYS C 138 -11.05 12.31 3.74
CA LYS C 138 -10.93 13.38 2.72
C LYS C 138 -9.60 14.15 2.88
N PRO C 139 -9.05 14.76 1.80
CA PRO C 139 -7.83 15.58 1.84
C PRO C 139 -7.83 16.69 2.90
N GLY C 140 -6.63 17.11 3.32
CA GLY C 140 -6.41 18.09 4.39
C GLY C 140 -6.37 17.49 5.81
N SER C 141 -6.73 16.21 5.98
CA SER C 141 -6.54 15.44 7.22
C SER C 141 -5.06 15.17 7.50
N LYS C 142 -4.71 14.96 8.79
CA LYS C 142 -3.38 14.52 9.24
C LYS C 142 -2.94 13.18 8.65
N ASN C 143 -3.89 12.36 8.19
CA ASN C 143 -3.67 11.05 7.58
C ASN C 143 -2.74 11.08 6.36
N PHE C 144 -2.68 12.20 5.63
CA PHE C 144 -1.88 12.40 4.41
C PHE C 144 -0.43 12.85 4.67
N GLN C 145 -0.10 13.25 5.90
CA GLN C 145 1.14 13.97 6.26
C GLN C 145 2.44 13.21 5.95
N ASN C 146 2.39 11.87 5.87
CA ASN C 146 3.55 10.99 5.68
C ASN C 146 3.60 10.26 4.32
N ILE C 147 2.70 10.55 3.37
CA ILE C 147 2.79 10.00 2.00
C ILE C 147 3.97 10.65 1.26
N PHE C 148 4.99 9.86 0.90
CA PHE C 148 6.15 10.27 0.08
C PHE C 148 6.30 9.39 -1.17
N PRO C 149 6.77 9.93 -2.31
CA PRO C 149 7.09 9.14 -3.50
C PRO C 149 8.14 8.05 -3.19
N PRO C 150 8.09 6.89 -3.87
CA PRO C 150 9.15 5.87 -3.82
C PRO C 150 10.56 6.45 -3.99
N SER C 151 11.36 6.33 -2.93
CA SER C 151 12.73 6.86 -2.81
C SER C 151 13.62 5.82 -2.12
N ALA C 152 14.95 5.95 -2.26
CA ALA C 152 15.91 5.05 -1.59
C ALA C 152 15.98 5.24 -0.05
N THR C 153 15.31 6.25 0.50
CA THR C 153 15.34 6.64 1.93
C THR C 153 13.98 6.42 2.58
N LEU C 154 13.98 5.86 3.80
CA LEU C 154 12.81 5.36 4.53
C LEU C 154 12.68 5.96 5.94
N HIS C 155 11.43 6.06 6.38
CA HIS C 155 10.98 6.56 7.67
C HIS C 155 10.02 5.55 8.29
N LEU C 156 10.38 5.07 9.47
CA LEU C 156 9.86 3.84 10.04
C LEU C 156 9.33 4.10 11.45
N SER C 157 8.19 3.50 11.77
CA SER C 157 7.32 3.91 12.87
C SER C 157 6.65 2.72 13.57
N ASN C 158 6.08 2.97 14.75
CA ASN C 158 5.34 2.00 15.59
C ASN C 158 6.25 0.87 16.12
N ILE C 159 7.57 1.07 16.01
CA ILE C 159 8.68 0.20 16.42
C ILE C 159 8.60 -0.04 17.95
N PRO C 160 8.42 -1.30 18.41
CA PRO C 160 8.30 -1.60 19.84
C PRO C 160 9.69 -1.65 20.53
N PRO C 161 9.73 -1.55 21.89
CA PRO C 161 10.93 -1.83 22.68
C PRO C 161 11.53 -3.24 22.48
N SER C 162 10.76 -4.18 21.93
CA SER C 162 11.10 -5.59 21.68
C SER C 162 12.22 -5.81 20.63
N VAL C 163 12.61 -4.77 19.89
CA VAL C 163 13.71 -4.80 18.89
C VAL C 163 14.71 -3.66 19.11
N SER C 164 15.87 -3.78 18.47
CA SER C 164 16.96 -2.79 18.46
C SER C 164 17.46 -2.52 17.03
N GLU C 165 18.46 -1.63 16.91
CA GLU C 165 19.19 -1.35 15.67
C GLU C 165 19.65 -2.65 14.98
N GLU C 166 20.22 -3.58 15.74
CA GLU C 166 20.80 -4.81 15.18
C GLU C 166 19.75 -5.76 14.60
N ASP C 167 18.52 -5.77 15.13
CA ASP C 167 17.39 -6.55 14.58
C ASP C 167 16.80 -5.90 13.31
N LEU C 168 16.58 -4.58 13.34
CA LEU C 168 16.03 -3.84 12.20
C LEU C 168 16.95 -3.90 10.96
N LYS C 169 18.27 -3.96 11.13
CA LYS C 169 19.20 -4.28 10.04
C LYS C 169 18.88 -5.62 9.37
N VAL C 170 18.49 -6.66 10.12
CA VAL C 170 18.22 -8.00 9.55
C VAL C 170 16.92 -7.97 8.76
N LEU C 171 15.90 -7.29 9.29
CA LEU C 171 14.65 -7.02 8.58
C LEU C 171 14.90 -6.45 7.18
N PHE C 172 15.57 -5.30 7.09
CA PHE C 172 15.84 -4.65 5.80
C PHE C 172 16.90 -5.40 4.97
N SER C 173 17.89 -6.07 5.60
CA SER C 173 18.86 -6.93 4.90
C SER C 173 18.19 -8.15 4.24
N SER C 174 17.13 -8.72 4.83
CA SER C 174 16.36 -9.84 4.27
C SER C 174 15.78 -9.58 2.87
N ASN C 175 15.65 -8.31 2.47
CA ASN C 175 15.25 -7.89 1.12
C ASN C 175 16.28 -8.20 0.02
N GLY C 176 17.56 -8.35 0.38
CA GLY C 176 18.70 -8.24 -0.54
C GLY C 176 18.84 -6.81 -1.08
N GLY C 177 19.09 -5.80 -0.25
CA GLY C 177 19.40 -5.85 1.19
C GLY C 177 20.51 -4.90 1.65
N VAL C 178 20.98 -3.99 0.80
CA VAL C 178 22.08 -3.04 1.08
C VAL C 178 21.54 -1.87 1.90
N VAL C 179 21.56 -2.00 3.24
CA VAL C 179 21.25 -0.90 4.17
C VAL C 179 22.36 0.16 4.08
N LYS C 180 22.11 1.25 3.35
CA LYS C 180 22.98 2.44 3.27
C LYS C 180 23.19 3.07 4.65
N GLY C 181 22.08 3.28 5.33
CA GLY C 181 21.96 4.24 6.42
C GLY C 181 20.79 3.92 7.34
N PHE C 182 20.79 4.60 8.47
CA PHE C 182 20.09 4.23 9.71
C PHE C 182 20.45 5.21 10.83
N LYS C 183 19.45 5.96 11.33
CA LYS C 183 19.50 6.67 12.63
C LYS C 183 18.21 6.45 13.42
N PHE C 184 18.30 5.85 14.61
CA PHE C 184 17.16 5.77 15.54
C PHE C 184 16.70 7.17 15.96
N PHE C 185 15.42 7.29 16.31
CA PHE C 185 14.84 8.54 16.81
C PHE C 185 14.85 8.57 18.34
N GLN C 186 15.95 9.07 18.92
CA GLN C 186 16.08 9.37 20.35
C GLN C 186 15.05 10.41 20.83
N LYS C 187 14.75 11.41 19.99
CA LYS C 187 13.80 12.51 20.26
C LYS C 187 12.38 12.01 20.56
N ASP C 188 11.88 11.06 19.77
CA ASP C 188 10.55 10.46 19.88
C ASP C 188 10.61 8.95 19.62
N ARG C 189 10.80 8.16 20.69
CA ARG C 189 11.04 6.70 20.68
C ARG C 189 9.82 5.84 20.29
N LYS C 190 9.41 5.94 19.01
CA LYS C 190 8.55 4.96 18.30
C LYS C 190 9.14 4.66 16.92
N MET C 191 10.29 5.25 16.61
CA MET C 191 10.68 5.65 15.28
C MET C 191 12.17 5.44 14.99
N ALA C 192 12.45 5.43 13.70
CA ALA C 192 13.76 5.50 13.08
C ALA C 192 13.71 6.07 11.64
N LEU C 193 14.85 6.59 11.20
CA LEU C 193 15.22 6.88 9.82
C LEU C 193 16.13 5.76 9.31
N ILE C 194 15.95 5.30 8.07
CA ILE C 194 16.77 4.27 7.41
C ILE C 194 16.97 4.64 5.93
N GLN C 195 17.96 4.03 5.26
CA GLN C 195 18.22 4.21 3.83
C GLN C 195 18.76 2.91 3.22
N MET C 196 18.42 2.65 1.95
CA MET C 196 18.87 1.50 1.16
C MET C 196 19.72 1.93 -0.05
N GLY C 197 20.36 0.97 -0.71
CA GLY C 197 21.19 1.17 -1.90
C GLY C 197 20.42 1.53 -3.18
N SER C 198 19.10 1.29 -3.23
CA SER C 198 18.23 1.60 -4.37
C SER C 198 16.77 1.80 -3.98
N VAL C 199 16.00 2.45 -4.88
CA VAL C 199 14.54 2.64 -4.77
C VAL C 199 13.80 1.30 -4.77
N GLU C 200 14.18 0.35 -5.63
CA GLU C 200 13.51 -0.95 -5.67
C GLU C 200 13.70 -1.76 -4.37
N GLU C 201 14.84 -1.62 -3.71
CA GLU C 201 15.10 -2.18 -2.37
C GLU C 201 14.19 -1.55 -1.32
N ALA C 202 14.12 -0.21 -1.31
CA ALA C 202 13.23 0.54 -0.43
C ALA C 202 11.73 0.21 -0.64
N VAL C 203 11.29 0.07 -1.89
CA VAL C 203 9.92 -0.30 -2.27
C VAL C 203 9.58 -1.69 -1.74
N GLN C 204 10.44 -2.67 -2.02
CA GLN C 204 10.20 -4.05 -1.58
C GLN C 204 10.35 -4.20 -0.05
N ALA C 205 11.16 -3.38 0.63
CA ALA C 205 11.19 -3.31 2.08
C ALA C 205 9.88 -2.80 2.68
N LEU C 206 9.20 -1.82 2.05
CA LEU C 206 7.83 -1.42 2.41
C LEU C 206 6.84 -2.58 2.21
N ILE C 207 6.84 -3.20 1.03
CA ILE C 207 5.99 -4.35 0.67
C ILE C 207 6.19 -5.52 1.66
N ASP C 208 7.43 -5.79 2.09
CA ASP C 208 7.79 -6.82 3.06
C ASP C 208 7.38 -6.47 4.50
N LEU C 209 7.92 -5.39 5.06
CA LEU C 209 7.93 -5.13 6.49
C LEU C 209 6.75 -4.30 7.01
N HIS C 210 6.05 -3.51 6.19
CA HIS C 210 4.81 -2.91 6.64
C HIS C 210 3.83 -4.01 7.11
N ASN C 211 3.57 -3.98 8.41
CA ASN C 211 2.70 -4.91 9.15
C ASN C 211 3.36 -6.26 9.50
N HIS C 212 4.70 -6.35 9.44
CA HIS C 212 5.48 -7.40 10.10
C HIS C 212 5.23 -7.37 11.61
N ASP C 213 4.45 -8.33 12.12
CA ASP C 213 3.82 -8.34 13.44
C ASP C 213 4.61 -9.11 14.51
N LEU C 214 5.03 -8.40 15.54
CA LEU C 214 5.61 -8.94 16.79
C LEU C 214 4.54 -9.18 17.87
N GLY C 215 3.41 -8.44 17.79
CA GLY C 215 2.24 -8.53 18.66
C GLY C 215 1.02 -7.80 18.08
N GLU C 216 -0.08 -7.77 18.82
CA GLU C 216 -1.41 -7.30 18.35
C GLU C 216 -1.45 -5.81 17.96
N ASN C 217 -0.56 -4.98 18.52
CA ASN C 217 -0.32 -3.59 18.12
C ASN C 217 1.16 -3.32 17.75
N HIS C 218 2.08 -4.15 18.26
CA HIS C 218 3.51 -4.11 18.00
C HIS C 218 3.84 -4.68 16.62
N HIS C 219 3.81 -3.83 15.60
CA HIS C 219 4.27 -4.16 14.25
C HIS C 219 5.00 -2.99 13.60
N LEU C 220 5.79 -3.29 12.57
CA LEU C 220 6.46 -2.27 11.76
C LEU C 220 5.45 -1.51 10.91
N ARG C 221 5.69 -0.20 10.75
CA ARG C 221 4.99 0.71 9.84
C ARG C 221 6.02 1.53 9.08
N VAL C 222 5.78 1.71 7.79
CA VAL C 222 6.82 2.03 6.79
C VAL C 222 6.36 3.10 5.79
N SER C 223 7.11 4.20 5.72
CA SER C 223 7.06 5.16 4.62
C SER C 223 8.45 5.45 4.05
N PHE C 224 8.47 6.09 2.90
CA PHE C 224 9.58 6.86 2.33
C PHE C 224 9.79 8.19 3.04
N SER C 225 11.03 8.70 3.04
CA SER C 225 11.39 9.91 3.79
C SER C 225 11.31 11.22 3.03
N LYS C 226 10.49 12.12 3.57
CA LYS C 226 10.73 13.57 3.71
C LYS C 226 12.20 14.03 3.63
N SER C 227 13.13 13.45 4.40
CA SER C 227 14.48 14.00 4.66
C SER C 227 15.59 12.94 4.66
N THR C 228 16.83 13.35 4.85
CA THR C 228 18.04 12.51 4.81
C THR C 228 18.63 12.22 6.20
N ILE C 229 19.59 11.27 6.24
CA ILE C 229 20.22 10.72 7.45
C ILE C 229 21.30 11.69 7.95
N GLY C 22 -21.29 18.85 -5.73
CA GLY C 22 -20.66 18.38 -4.48
C GLY C 22 -21.29 17.09 -3.97
N ARG C 23 -21.44 16.95 -2.65
CA ARG C 23 -22.26 15.94 -1.97
C ARG C 23 -22.93 16.48 -0.70
N ILE C 24 -23.90 15.74 -0.18
CA ILE C 24 -24.58 15.99 1.12
C ILE C 24 -25.07 14.67 1.76
N ALA C 25 -25.55 13.74 0.92
CA ALA C 25 -25.82 12.33 1.22
C ALA C 25 -25.23 11.43 0.11
N ILE C 26 -25.38 10.11 0.23
CA ILE C 26 -24.80 9.10 -0.69
C ILE C 26 -25.13 9.27 -2.19
N PRO C 27 -26.27 9.86 -2.64
CA PRO C 27 -26.49 10.20 -4.06
C PRO C 27 -25.49 11.21 -4.67
N GLY C 28 -24.73 11.94 -3.86
CA GLY C 28 -23.76 12.96 -4.31
C GLY C 28 -22.56 12.39 -5.07
N LEU C 29 -22.19 13.01 -6.19
CA LEU C 29 -21.16 12.51 -7.12
C LEU C 29 -19.72 12.79 -6.64
N ALA C 30 -19.47 13.80 -5.80
CA ALA C 30 -18.13 14.23 -5.40
C ALA C 30 -17.30 13.09 -4.76
N GLY C 31 -16.21 12.70 -5.43
CA GLY C 31 -15.29 11.63 -5.03
C GLY C 31 -15.77 10.20 -5.33
N ALA C 32 -17.01 10.03 -5.81
CA ALA C 32 -17.66 8.75 -6.12
C ALA C 32 -17.72 8.50 -7.65
N GLY C 33 -18.29 7.35 -8.05
CA GLY C 33 -18.54 6.96 -9.45
C GLY C 33 -17.30 6.55 -10.27
N ASN C 34 -16.10 6.93 -9.83
CA ASN C 34 -14.80 6.62 -10.44
C ASN C 34 -13.75 6.17 -9.38
N SER C 35 -14.18 5.86 -8.15
CA SER C 35 -13.32 5.41 -7.04
C SER C 35 -12.65 4.03 -7.26
N VAL C 36 -13.05 3.26 -8.28
CA VAL C 36 -12.42 1.99 -8.64
C VAL C 36 -11.24 2.15 -9.61
N LEU C 37 -10.19 1.35 -9.39
CA LEU C 37 -9.00 1.18 -10.23
C LEU C 37 -8.99 -0.21 -10.89
N LEU C 38 -8.95 -0.23 -12.21
CA LEU C 38 -8.64 -1.40 -13.01
C LEU C 38 -7.14 -1.65 -12.84
N VAL C 39 -6.74 -2.76 -12.23
CA VAL C 39 -5.33 -3.21 -12.24
C VAL C 39 -5.19 -4.39 -13.22
N SER C 40 -4.20 -4.34 -14.12
CA SER C 40 -3.98 -5.37 -15.13
C SER C 40 -2.50 -5.68 -15.37
N ASN C 41 -2.22 -6.77 -16.10
CA ASN C 41 -0.90 -7.29 -16.46
C ASN C 41 -0.06 -7.79 -15.26
N LEU C 42 -0.61 -7.72 -14.04
CA LEU C 42 0.00 -8.20 -12.79
C LEU C 42 0.32 -9.71 -12.80
N ASN C 43 1.18 -10.14 -11.88
CA ASN C 43 1.68 -11.52 -11.82
C ASN C 43 1.16 -12.23 -10.55
N PRO C 44 -0.01 -12.92 -10.58
CA PRO C 44 -0.62 -13.51 -9.39
C PRO C 44 0.14 -14.72 -8.83
N GLU C 45 1.14 -15.25 -9.55
CA GLU C 45 2.08 -16.26 -9.03
C GLU C 45 3.15 -15.64 -8.10
N ARG C 46 3.26 -14.31 -8.06
CA ARG C 46 4.28 -13.55 -7.31
C ARG C 46 3.69 -12.45 -6.39
N VAL C 47 2.59 -11.81 -6.78
CA VAL C 47 1.91 -10.75 -6.01
C VAL C 47 0.66 -11.28 -5.29
N THR C 48 0.15 -10.53 -4.31
CA THR C 48 -1.03 -10.86 -3.49
C THR C 48 -1.89 -9.61 -3.22
N PRO C 49 -3.21 -9.79 -2.94
CA PRO C 49 -4.06 -8.78 -2.33
C PRO C 49 -3.39 -7.98 -1.21
N GLN C 50 -2.58 -8.61 -0.35
CA GLN C 50 -1.86 -7.90 0.72
C GLN C 50 -0.84 -6.89 0.18
N SER C 51 -0.02 -7.27 -0.82
CA SER C 51 0.99 -6.39 -1.44
C SER C 51 0.35 -5.17 -2.09
N LEU C 52 -0.66 -5.40 -2.96
CA LEU C 52 -1.38 -4.30 -3.61
C LEU C 52 -2.16 -3.44 -2.61
N PHE C 53 -2.79 -4.03 -1.59
CA PHE C 53 -3.42 -3.29 -0.48
C PHE C 53 -2.42 -2.35 0.21
N ILE C 54 -1.27 -2.86 0.65
CA ILE C 54 -0.23 -2.09 1.34
C ILE C 54 0.20 -0.88 0.49
N LEU C 55 0.63 -1.11 -0.76
CA LEU C 55 1.07 -0.03 -1.67
C LEU C 55 0.00 1.06 -1.88
N PHE C 56 -1.17 0.65 -2.37
CA PHE C 56 -2.30 1.56 -2.59
C PHE C 56 -2.70 2.27 -1.27
N GLY C 57 -2.48 1.62 -0.11
CA GLY C 57 -2.61 2.16 1.26
C GLY C 57 -1.43 2.99 1.80
N VAL C 58 -0.29 3.05 1.10
CA VAL C 58 0.71 4.11 1.32
C VAL C 58 0.11 5.39 0.75
N TYR C 59 -0.41 5.28 -0.48
CA TYR C 59 -0.84 6.45 -1.24
C TYR C 59 -2.22 7.02 -0.92
N GLY C 60 -3.21 6.18 -0.63
CA GLY C 60 -4.61 6.65 -0.49
C GLY C 60 -5.68 5.67 0.00
N ASP C 61 -5.34 4.38 0.10
CA ASP C 61 -6.09 3.30 0.78
C ASP C 61 -7.34 2.76 0.05
N VAL C 62 -7.75 1.56 0.48
CA VAL C 62 -8.63 0.64 -0.24
C VAL C 62 -9.83 0.26 0.64
N GLN C 63 -11.05 0.47 0.13
CA GLN C 63 -12.29 0.02 0.76
C GLN C 63 -12.59 -1.44 0.40
N ARG C 64 -12.38 -1.86 -0.86
CA ARG C 64 -12.50 -3.26 -1.30
C ARG C 64 -11.49 -3.60 -2.39
N VAL C 65 -10.83 -4.74 -2.26
CA VAL C 65 -10.14 -5.43 -3.37
C VAL C 65 -11.14 -6.37 -4.07
N LYS C 66 -11.06 -6.52 -5.38
CA LYS C 66 -11.47 -7.72 -6.13
C LYS C 66 -10.31 -8.13 -7.03
N ILE C 67 -9.56 -9.18 -6.68
CA ILE C 67 -8.64 -9.82 -7.65
C ILE C 67 -9.42 -10.78 -8.56
N LEU C 68 -8.86 -11.10 -9.73
CA LEU C 68 -9.50 -11.94 -10.73
C LEU C 68 -8.61 -13.11 -11.13
N PHE C 69 -9.10 -14.29 -10.75
CA PHE C 69 -8.60 -15.65 -10.94
C PHE C 69 -7.49 -15.84 -12.00
N ASN C 70 -6.34 -16.35 -11.54
CA ASN C 70 -5.19 -16.90 -12.27
C ASN C 70 -5.02 -16.42 -13.73
N LYS C 71 -5.70 -17.05 -14.70
CA LYS C 71 -5.59 -16.82 -16.14
C LYS C 71 -5.86 -15.37 -16.58
N LYS C 72 -6.74 -14.64 -15.89
CA LYS C 72 -7.10 -13.26 -16.24
C LYS C 72 -5.97 -12.26 -15.97
N GLU C 73 -5.21 -12.42 -14.90
CA GLU C 73 -4.15 -11.48 -14.47
C GLU C 73 -4.66 -10.03 -14.29
N ASN C 74 -5.84 -9.88 -13.67
CA ASN C 74 -6.50 -8.59 -13.41
C ASN C 74 -6.92 -8.42 -11.93
N ALA C 75 -7.31 -7.20 -11.56
CA ALA C 75 -8.01 -6.81 -10.36
C ALA C 75 -8.78 -5.50 -10.61
N LEU C 76 -9.65 -5.14 -9.67
CA LEU C 76 -10.68 -4.10 -9.78
C LEU C 76 -10.89 -3.60 -8.33
N VAL C 77 -10.36 -2.41 -8.02
CA VAL C 77 -9.92 -1.98 -6.68
C VAL C 77 -10.62 -0.71 -6.24
N GLN C 78 -11.58 -0.83 -5.32
CA GLN C 78 -12.38 0.26 -4.79
C GLN C 78 -11.59 1.05 -3.74
N MET C 79 -10.99 2.16 -4.17
CA MET C 79 -10.22 3.08 -3.32
C MET C 79 -11.12 3.92 -2.41
N ALA C 80 -10.51 4.68 -1.48
CA ALA C 80 -11.20 5.66 -0.64
C ALA C 80 -12.05 6.67 -1.43
N ASP C 81 -11.50 7.26 -2.51
CA ASP C 81 -12.20 8.13 -3.46
C ASP C 81 -11.49 8.16 -4.84
N GLY C 82 -12.11 8.81 -5.83
CA GLY C 82 -11.62 8.91 -7.21
C GLY C 82 -10.35 9.74 -7.45
N ASN C 83 -9.93 10.62 -6.53
CA ASN C 83 -8.69 11.40 -6.67
C ASN C 83 -7.50 10.78 -5.90
N GLN C 84 -7.75 10.12 -4.76
CA GLN C 84 -6.79 9.22 -4.12
C GLN C 84 -6.51 7.97 -4.97
N ALA C 85 -7.50 7.49 -5.73
CA ALA C 85 -7.31 6.53 -6.82
C ALA C 85 -6.30 7.03 -7.87
N GLN C 86 -6.53 8.22 -8.44
CA GLN C 86 -5.63 8.83 -9.42
C GLN C 86 -4.19 9.02 -8.91
N LEU C 87 -4.01 9.40 -7.63
CA LEU C 87 -2.71 9.52 -6.96
C LEU C 87 -1.99 8.16 -6.85
N ALA C 88 -2.65 7.14 -6.31
CA ALA C 88 -2.12 5.77 -6.23
C ALA C 88 -1.74 5.22 -7.62
N MET C 89 -2.64 5.34 -8.60
CA MET C 89 -2.40 5.02 -10.01
C MET C 89 -1.16 5.73 -10.58
N SER C 90 -1.03 7.03 -10.35
CA SER C 90 0.13 7.83 -10.82
C SER C 90 1.46 7.33 -10.27
N HIS C 91 1.53 6.90 -9.01
CA HIS C 91 2.75 6.31 -8.43
C HIS C 91 3.01 4.85 -8.85
N LEU C 92 1.98 4.06 -9.19
CA LEU C 92 2.07 2.60 -9.31
C LEU C 92 1.93 2.04 -10.75
N ASN C 93 1.43 2.81 -11.71
CA ASN C 93 1.40 2.41 -13.12
C ASN C 93 2.83 2.16 -13.65
N GLY C 94 3.15 0.92 -14.04
CA GLY C 94 4.47 0.51 -14.53
C GLY C 94 5.53 0.24 -13.45
N HIS C 95 5.15 0.19 -12.17
CA HIS C 95 6.05 0.09 -11.01
C HIS C 95 6.87 -1.23 -10.91
N LYS C 96 6.45 -2.28 -11.63
CA LYS C 96 7.19 -3.54 -11.90
C LYS C 96 7.86 -4.16 -10.66
N LEU C 97 7.06 -4.45 -9.63
CA LEU C 97 7.49 -5.15 -8.40
C LEU C 97 8.10 -6.54 -8.65
N HIS C 98 7.47 -7.35 -9.52
CA HIS C 98 7.79 -8.79 -9.71
C HIS C 98 8.01 -9.19 -11.18
N GLY C 99 8.27 -8.23 -12.08
CA GLY C 99 8.76 -8.45 -13.45
C GLY C 99 7.82 -7.99 -14.58
N LYS C 100 6.53 -7.73 -14.28
CA LYS C 100 5.53 -7.20 -15.22
C LYS C 100 5.28 -5.70 -14.99
N PRO C 101 5.38 -4.82 -16.01
CA PRO C 101 4.80 -3.48 -15.97
C PRO C 101 3.30 -3.54 -15.61
N ILE C 102 2.94 -3.10 -14.40
CA ILE C 102 1.56 -3.14 -13.90
C ILE C 102 0.72 -2.06 -14.59
N ARG C 103 -0.20 -2.44 -15.48
CA ARG C 103 -1.20 -1.51 -16.03
C ARG C 103 -2.19 -1.11 -14.92
N ILE C 104 -2.47 0.18 -14.81
CA ILE C 104 -3.47 0.72 -13.89
C ILE C 104 -4.25 1.81 -14.62
N THR C 105 -5.57 1.68 -14.66
CA THR C 105 -6.49 2.54 -15.40
C THR C 105 -7.69 2.91 -14.53
N LEU C 106 -8.24 4.11 -14.70
CA LEU C 106 -9.45 4.55 -14.00
C LEU C 106 -10.66 3.75 -14.51
N SER C 107 -11.17 2.80 -13.71
CA SER C 107 -12.28 1.91 -14.06
C SER C 107 -13.52 2.60 -14.66
N LYS C 108 -14.18 1.88 -15.58
CA LYS C 108 -15.51 2.20 -16.15
C LYS C 108 -16.67 1.92 -15.17
N HIS C 109 -16.41 1.14 -14.12
CA HIS C 109 -17.34 0.74 -13.06
C HIS C 109 -17.51 1.82 -11.98
N GLN C 110 -18.49 1.63 -11.07
CA GLN C 110 -18.82 2.57 -9.98
C GLN C 110 -18.36 2.08 -8.60
N ASN C 111 -18.42 0.77 -8.34
CA ASN C 111 -18.06 0.09 -7.09
C ASN C 111 -17.75 -1.40 -7.35
N VAL C 112 -17.41 -2.18 -6.31
CA VAL C 112 -17.34 -3.65 -6.39
C VAL C 112 -18.30 -4.35 -5.44
N GLN C 113 -18.90 -5.43 -5.93
CA GLN C 113 -19.71 -6.41 -5.21
C GLN C 113 -18.89 -7.23 -4.19
N LEU C 114 -19.59 -8.06 -3.41
CA LEU C 114 -19.07 -8.76 -2.24
C LEU C 114 -19.75 -10.14 -2.08
N PRO C 115 -19.06 -11.19 -1.59
CA PRO C 115 -19.66 -12.48 -1.24
C PRO C 115 -20.84 -12.39 -0.27
N ARG C 116 -21.65 -13.45 -0.24
CA ARG C 116 -22.88 -13.57 0.58
C ARG C 116 -22.62 -13.51 2.09
N GLU C 117 -23.66 -13.16 2.85
CA GLU C 117 -23.67 -13.16 4.31
C GLU C 117 -23.25 -14.51 4.89
N GLY C 118 -22.15 -14.52 5.66
CA GLY C 118 -21.58 -15.68 6.33
C GLY C 118 -20.51 -16.45 5.54
N GLN C 119 -20.29 -16.14 4.25
CA GLN C 119 -19.16 -16.71 3.48
C GLN C 119 -17.84 -15.98 3.78
N GLU C 120 -17.33 -16.19 4.99
CA GLU C 120 -16.16 -15.51 5.56
C GLU C 120 -14.80 -16.14 5.15
N ASP C 121 -14.81 -17.32 4.52
CA ASP C 121 -13.61 -18.12 4.23
C ASP C 121 -12.62 -17.44 3.27
N GLN C 122 -13.12 -16.77 2.23
CA GLN C 122 -12.36 -16.23 1.10
C GLN C 122 -11.42 -15.05 1.46
N GLY C 123 -10.45 -14.79 0.59
CA GLY C 123 -9.63 -13.56 0.57
C GLY C 123 -10.20 -12.61 -0.49
N LEU C 124 -9.65 -12.69 -1.70
CA LEU C 124 -10.21 -12.37 -3.03
C LEU C 124 -11.00 -11.05 -3.19
N THR C 125 -12.16 -10.93 -2.54
CA THR C 125 -13.08 -9.76 -2.60
C THR C 125 -13.02 -8.88 -1.33
N LYS C 126 -11.96 -9.02 -0.52
CA LYS C 126 -11.80 -8.49 0.84
C LYS C 126 -12.19 -7.01 1.02
N ASP C 127 -13.15 -6.75 1.91
CA ASP C 127 -13.59 -5.42 2.35
C ASP C 127 -12.59 -4.82 3.36
N TYR C 128 -11.52 -4.22 2.83
CA TYR C 128 -10.50 -3.50 3.61
C TYR C 128 -11.01 -2.25 4.34
N GLY C 129 -12.22 -1.75 4.05
CA GLY C 129 -12.89 -0.72 4.86
C GLY C 129 -13.02 -1.11 6.34
N ASN C 130 -13.28 -2.39 6.63
CA ASN C 130 -13.35 -2.94 7.99
C ASN C 130 -11.97 -3.23 8.65
N SER C 131 -10.88 -3.22 7.87
CA SER C 131 -9.54 -3.61 8.33
C SER C 131 -8.92 -2.62 9.34
N PRO C 132 -8.19 -3.10 10.37
CA PRO C 132 -7.37 -2.24 11.23
C PRO C 132 -6.08 -1.74 10.54
N LEU C 133 -5.66 -2.37 9.43
CA LEU C 133 -4.43 -2.04 8.71
C LEU C 133 -4.55 -0.78 7.84
N HIS C 134 -5.77 -0.47 7.37
CA HIS C 134 -6.16 0.77 6.68
C HIS C 134 -5.77 2.04 7.48
N ARG C 135 -4.60 2.64 7.20
CA ARG C 135 -3.99 3.74 7.98
C ARG C 135 -4.76 5.06 7.94
N PHE C 136 -5.52 5.31 6.87
CA PHE C 136 -6.19 6.58 6.58
C PHE C 136 -7.45 6.88 7.44
N LYS C 137 -7.76 6.06 8.46
CA LYS C 137 -8.89 6.29 9.41
C LYS C 137 -8.75 7.57 10.25
N LYS C 138 -7.53 8.08 10.45
CA LYS C 138 -7.22 9.29 11.25
C LYS C 138 -7.16 10.60 10.44
N PRO C 139 -6.36 10.74 9.37
CA PRO C 139 -6.21 12.00 8.63
C PRO C 139 -7.39 12.30 7.69
N GLY C 140 -7.37 13.47 7.04
CA GLY C 140 -8.36 13.89 6.05
C GLY C 140 -8.24 15.36 5.62
N SER C 141 -7.25 15.68 4.78
CA SER C 141 -7.04 17.02 4.22
C SER C 141 -6.40 16.96 2.82
N LYS C 142 -6.52 18.03 2.03
CA LYS C 142 -5.71 18.24 0.81
C LYS C 142 -4.20 18.35 1.13
N ASN C 143 -3.86 18.68 2.37
CA ASN C 143 -2.49 18.74 2.91
C ASN C 143 -2.19 17.53 3.80
N PHE C 144 -2.26 16.31 3.24
CA PHE C 144 -1.76 15.08 3.88
C PHE C 144 -0.24 15.16 4.10
N GLN C 145 0.18 15.54 5.32
CA GLN C 145 1.57 15.87 5.69
C GLN C 145 2.57 14.70 5.67
N ASN C 146 2.12 13.47 5.39
CA ASN C 146 2.94 12.24 5.27
C ASN C 146 2.61 11.43 3.99
N ILE C 147 2.55 12.12 2.85
CA ILE C 147 2.69 11.53 1.50
C ILE C 147 4.07 11.90 0.94
N PHE C 148 4.67 10.97 0.21
CA PHE C 148 6.03 10.98 -0.34
C PHE C 148 6.08 10.03 -1.56
N PRO C 149 7.16 10.05 -2.37
CA PRO C 149 7.33 9.12 -3.50
C PRO C 149 7.87 7.75 -3.06
N PRO C 150 7.80 6.71 -3.92
CA PRO C 150 8.62 5.51 -3.76
C PRO C 150 10.09 5.87 -3.99
N SER C 151 10.89 5.79 -2.93
CA SER C 151 12.27 6.26 -2.86
C SER C 151 13.21 5.21 -2.27
N ALA C 152 14.51 5.35 -2.48
CA ALA C 152 15.55 4.54 -1.84
C ALA C 152 15.69 4.80 -0.32
N THR C 153 14.97 5.79 0.23
CA THR C 153 15.05 6.17 1.66
C THR C 153 13.73 5.85 2.39
N LEU C 154 13.82 5.42 3.65
CA LEU C 154 12.76 4.83 4.47
C LEU C 154 12.57 5.58 5.80
N HIS C 155 11.34 5.53 6.31
CA HIS C 155 10.87 6.07 7.60
C HIS C 155 9.98 5.05 8.29
N LEU C 156 10.31 4.71 9.53
CA LEU C 156 9.81 3.51 10.22
C LEU C 156 9.22 3.91 11.59
N SER C 157 8.01 3.42 11.89
CA SER C 157 7.24 3.80 13.09
C SER C 157 6.50 2.64 13.73
N ASN C 158 5.96 2.86 14.94
CA ASN C 158 5.04 1.95 15.66
C ASN C 158 5.71 0.64 16.15
N ILE C 159 7.04 0.56 15.97
CA ILE C 159 8.00 -0.43 16.44
C ILE C 159 7.84 -0.71 17.95
N PRO C 160 7.76 -1.99 18.39
CA PRO C 160 7.78 -2.34 19.82
C PRO C 160 9.21 -2.29 20.42
N PRO C 161 9.35 -2.33 21.77
CA PRO C 161 10.65 -2.50 22.43
C PRO C 161 11.26 -3.91 22.22
N SER C 162 10.52 -4.85 21.65
CA SER C 162 10.94 -6.22 21.33
C SER C 162 12.08 -6.32 20.30
N VAL C 163 12.40 -5.23 19.59
CA VAL C 163 13.50 -5.12 18.60
C VAL C 163 14.33 -3.85 18.81
N SER C 164 15.56 -3.87 18.30
CA SER C 164 16.52 -2.75 18.27
C SER C 164 17.19 -2.62 16.89
N GLU C 165 18.17 -1.74 16.76
CA GLU C 165 18.98 -1.50 15.54
C GLU C 165 19.54 -2.82 14.96
N GLU C 166 20.16 -3.64 15.82
CA GLU C 166 20.78 -4.92 15.46
C GLU C 166 19.76 -5.99 14.98
N ASP C 167 18.46 -5.79 15.21
CA ASP C 167 17.37 -6.64 14.69
C ASP C 167 16.79 -6.08 13.40
N LEU C 168 16.35 -4.82 13.42
CA LEU C 168 15.72 -4.11 12.30
C LEU C 168 16.65 -4.08 11.06
N LYS C 169 17.96 -3.92 11.25
CA LYS C 169 18.95 -4.02 10.16
C LYS C 169 18.90 -5.35 9.44
N VAL C 170 18.60 -6.45 10.15
CA VAL C 170 18.60 -7.79 9.56
C VAL C 170 17.28 -8.01 8.83
N LEU C 171 16.18 -7.50 9.41
CA LEU C 171 14.83 -7.49 8.86
C LEU C 171 14.79 -6.89 7.45
N PHE C 172 15.30 -5.66 7.29
CA PHE C 172 15.41 -4.99 5.99
C PHE C 172 16.49 -5.63 5.09
N SER C 173 17.61 -6.10 5.67
CA SER C 173 18.67 -6.83 4.93
C SER C 173 18.14 -8.12 4.28
N SER C 174 17.19 -8.82 4.92
CA SER C 174 16.60 -10.08 4.41
C SER C 174 15.88 -9.96 3.07
N ASN C 175 15.61 -8.75 2.58
CA ASN C 175 15.07 -8.48 1.24
C ASN C 175 16.08 -8.74 0.10
N GLY C 176 17.38 -8.60 0.38
CA GLY C 176 18.48 -8.54 -0.59
C GLY C 176 19.67 -7.81 0.04
N GLY C 177 19.47 -6.54 0.42
CA GLY C 177 20.08 -5.97 1.62
C GLY C 177 21.18 -4.96 1.36
N VAL C 178 20.87 -3.95 0.55
CA VAL C 178 21.78 -2.85 0.18
C VAL C 178 21.60 -1.67 1.14
N VAL C 179 21.55 -1.91 2.46
CA VAL C 179 21.28 -0.88 3.48
C VAL C 179 22.43 0.15 3.55
N LYS C 180 22.21 1.34 2.96
CA LYS C 180 23.06 2.54 3.09
C LYS C 180 23.17 3.00 4.53
N GLY C 181 22.02 3.22 5.16
CA GLY C 181 21.87 4.09 6.30
C GLY C 181 20.75 3.69 7.23
N PHE C 182 20.80 4.31 8.41
CA PHE C 182 20.02 3.96 9.61
C PHE C 182 20.34 4.95 10.75
N LYS C 183 19.32 5.65 11.26
CA LYS C 183 19.30 6.24 12.61
C LYS C 183 17.99 5.91 13.36
N PHE C 184 18.04 5.86 14.69
CA PHE C 184 16.85 5.94 15.54
C PHE C 184 16.47 7.41 15.81
N PHE C 185 15.20 7.63 16.14
CA PHE C 185 14.62 8.92 16.51
C PHE C 185 14.31 8.93 18.02
N GLN C 186 14.91 9.88 18.75
CA GLN C 186 14.82 10.03 20.20
C GLN C 186 13.45 10.56 20.69
N LYS C 187 12.66 11.16 19.78
CA LYS C 187 11.27 11.63 19.97
C LYS C 187 10.25 10.46 20.14
N ASP C 188 8.96 10.79 20.04
CA ASP C 188 7.79 9.96 20.33
C ASP C 188 7.68 8.64 19.50
N ARG C 189 6.67 7.82 19.82
CA ARG C 189 6.43 6.45 19.36
C ARG C 189 7.65 5.56 19.65
N LYS C 190 8.39 5.09 18.64
CA LYS C 190 9.74 4.47 18.73
C LYS C 190 10.42 4.57 17.37
N MET C 191 10.33 5.77 16.78
CA MET C 191 10.59 5.98 15.36
C MET C 191 12.06 5.73 14.97
N ALA C 192 12.24 5.50 13.68
CA ALA C 192 13.54 5.39 13.03
C ALA C 192 13.51 5.84 11.54
N LEU C 193 14.70 5.96 10.96
CA LEU C 193 14.98 6.48 9.62
C LEU C 193 16.05 5.58 8.97
N ILE C 194 15.79 4.98 7.82
CA ILE C 194 16.68 4.02 7.15
C ILE C 194 16.91 4.44 5.69
N GLN C 195 17.95 3.91 5.05
CA GLN C 195 18.25 4.16 3.64
C GLN C 195 18.82 2.91 2.95
N MET C 196 18.50 2.73 1.67
CA MET C 196 18.95 1.67 0.78
C MET C 196 19.78 2.22 -0.40
N GLY C 197 20.47 1.33 -1.12
CA GLY C 197 21.14 1.61 -2.40
C GLY C 197 20.19 1.66 -3.59
N SER C 198 18.99 1.08 -3.47
CA SER C 198 18.01 0.92 -4.56
C SER C 198 16.56 1.11 -4.10
N VAL C 199 15.76 1.72 -4.98
CA VAL C 199 14.29 1.84 -4.82
C VAL C 199 13.64 0.46 -4.76
N GLU C 200 14.12 -0.51 -5.54
CA GLU C 200 13.69 -1.93 -5.48
C GLU C 200 13.76 -2.49 -4.04
N GLU C 201 14.92 -2.37 -3.39
CA GLU C 201 15.10 -2.81 -2.00
C GLU C 201 14.14 -2.10 -1.05
N ALA C 202 14.04 -0.78 -1.15
CA ALA C 202 13.12 0.01 -0.32
C ALA C 202 11.62 -0.36 -0.52
N VAL C 203 11.18 -0.59 -1.76
CA VAL C 203 9.79 -0.90 -2.12
C VAL C 203 9.42 -2.26 -1.55
N GLN C 204 10.24 -3.27 -1.85
CA GLN C 204 10.01 -4.65 -1.43
C GLN C 204 10.16 -4.83 0.09
N ALA C 205 11.04 -4.06 0.75
CA ALA C 205 11.10 -4.00 2.21
C ALA C 205 9.83 -3.41 2.84
N LEU C 206 9.24 -2.33 2.29
CA LEU C 206 7.93 -1.80 2.72
C LEU C 206 6.83 -2.87 2.58
N ILE C 207 6.71 -3.45 1.38
CA ILE C 207 5.79 -4.54 1.02
C ILE C 207 5.89 -5.72 2.02
N ASP C 208 7.09 -6.10 2.42
CA ASP C 208 7.33 -7.16 3.42
C ASP C 208 7.01 -6.73 4.87
N LEU C 209 7.50 -5.56 5.31
CA LEU C 209 7.66 -5.22 6.72
C LEU C 209 6.62 -4.26 7.32
N HIS C 210 5.83 -3.48 6.55
CA HIS C 210 4.76 -2.60 7.07
C HIS C 210 3.77 -3.27 8.03
N ASN C 211 3.59 -4.58 7.89
CA ASN C 211 2.67 -5.42 8.65
C ASN C 211 3.41 -6.47 9.52
N HIS C 212 4.67 -6.23 9.92
CA HIS C 212 5.40 -7.21 10.72
C HIS C 212 4.97 -7.10 12.20
N ASP C 213 3.91 -7.80 12.57
CA ASP C 213 3.32 -7.83 13.91
C ASP C 213 4.15 -8.69 14.89
N LEU C 214 5.40 -8.28 15.12
CA LEU C 214 6.33 -8.89 16.08
C LEU C 214 6.16 -8.36 17.53
N GLY C 215 5.32 -7.36 17.76
CA GLY C 215 4.75 -7.01 19.07
C GLY C 215 3.46 -7.78 19.36
N GLU C 216 2.87 -7.58 20.54
CA GLU C 216 1.54 -8.17 20.88
C GLU C 216 0.39 -7.55 20.06
N ASN C 217 0.50 -6.25 19.75
CA ASN C 217 -0.32 -5.48 18.79
C ASN C 217 0.49 -4.45 17.98
N HIS C 218 1.77 -4.26 18.33
CA HIS C 218 2.71 -3.34 17.69
C HIS C 218 3.37 -3.99 16.47
N HIS C 219 2.85 -3.68 15.28
CA HIS C 219 3.53 -3.91 14.02
C HIS C 219 4.26 -2.65 13.56
N LEU C 220 5.45 -2.84 12.98
CA LEU C 220 6.24 -1.74 12.43
C LEU C 220 5.66 -1.21 11.13
N ARG C 221 5.04 -0.02 11.22
CA ARG C 221 4.51 0.76 10.11
C ARG C 221 5.66 1.40 9.34
N VAL C 222 6.00 0.76 8.23
CA VAL C 222 7.08 1.12 7.30
C VAL C 222 6.56 2.07 6.24
N SER C 223 7.35 3.08 5.90
CA SER C 223 7.13 4.01 4.79
C SER C 223 8.45 4.41 4.14
N PHE C 224 8.36 5.06 2.99
CA PHE C 224 9.43 5.85 2.40
C PHE C 224 9.63 7.17 3.19
N SER C 225 10.81 7.76 3.06
CA SER C 225 11.19 8.97 3.78
C SER C 225 10.97 10.23 2.95
N LYS C 226 9.95 10.99 3.35
CA LYS C 226 9.78 12.42 3.07
C LYS C 226 10.93 13.34 3.56
N SER C 227 11.99 12.81 4.21
CA SER C 227 13.08 13.59 4.82
C SER C 227 14.45 12.93 4.55
N THR C 228 15.48 13.21 5.36
CA THR C 228 16.88 12.75 5.17
C THR C 228 17.50 12.20 6.47
N ILE C 229 18.70 11.61 6.36
CA ILE C 229 19.51 11.06 7.46
C ILE C 229 20.62 12.06 7.83
N GLY C 22 -34.53 12.17 -22.63
CA GLY C 22 -33.55 11.42 -23.44
C GLY C 22 -32.12 11.68 -22.99
N ARG C 23 -31.18 10.89 -23.51
CA ARG C 23 -29.72 10.97 -23.26
C ARG C 23 -28.91 10.70 -24.54
N ILE C 24 -27.60 11.00 -24.61
CA ILE C 24 -26.71 11.69 -23.65
C ILE C 24 -27.16 13.13 -23.34
N ALA C 25 -26.70 13.66 -22.19
CA ALA C 25 -26.97 15.02 -21.69
C ALA C 25 -25.68 15.65 -21.14
N ILE C 26 -25.79 16.59 -20.19
CA ILE C 26 -24.66 17.17 -19.45
C ILE C 26 -23.80 16.08 -18.75
N PRO C 27 -22.51 16.31 -18.47
CA PRO C 27 -21.66 15.34 -17.76
C PRO C 27 -22.08 15.08 -16.31
N GLY C 28 -22.88 15.98 -15.71
CA GLY C 28 -23.52 15.81 -14.40
C GLY C 28 -24.66 14.77 -14.35
N LEU C 29 -25.02 14.14 -15.48
CA LEU C 29 -26.02 13.07 -15.56
C LEU C 29 -25.68 11.85 -14.66
N ALA C 30 -24.39 11.52 -14.52
CA ALA C 30 -23.88 10.48 -13.61
C ALA C 30 -22.48 10.84 -13.06
N GLY C 31 -21.43 10.08 -13.40
CA GLY C 31 -20.01 10.33 -13.07
C GLY C 31 -19.57 9.98 -11.63
N ALA C 32 -20.49 9.58 -10.75
CA ALA C 32 -20.23 9.40 -9.31
C ALA C 32 -19.37 8.16 -8.93
N GLY C 33 -19.18 7.21 -9.85
CA GLY C 33 -18.57 5.90 -9.59
C GLY C 33 -17.06 5.77 -9.85
N ASN C 34 -16.37 6.87 -10.14
CA ASN C 34 -14.95 6.91 -10.56
C ASN C 34 -13.91 6.45 -9.51
N SER C 35 -14.33 5.97 -8.34
CA SER C 35 -13.46 5.44 -7.27
C SER C 35 -12.83 4.06 -7.56
N VAL C 36 -13.32 3.29 -8.54
CA VAL C 36 -12.67 2.04 -8.97
C VAL C 36 -11.44 2.27 -9.87
N LEU C 37 -10.55 1.27 -9.89
CA LEU C 37 -9.23 1.32 -10.51
C LEU C 37 -8.84 -0.06 -11.07
N LEU C 38 -8.55 -0.16 -12.37
CA LEU C 38 -8.20 -1.40 -13.07
C LEU C 38 -6.71 -1.69 -12.82
N VAL C 39 -6.38 -2.83 -12.20
CA VAL C 39 -5.00 -3.32 -12.07
C VAL C 39 -4.83 -4.59 -12.91
N SER C 40 -3.81 -4.64 -13.77
CA SER C 40 -3.56 -5.75 -14.68
C SER C 40 -2.08 -6.15 -14.76
N ASN C 41 -1.80 -7.28 -15.41
CA ASN C 41 -0.48 -7.91 -15.54
C ASN C 41 0.18 -8.26 -14.19
N LEU C 42 -0.60 -8.35 -13.10
CA LEU C 42 -0.18 -8.76 -11.77
C LEU C 42 -0.13 -10.30 -11.67
N ASN C 43 1.06 -10.91 -11.67
CA ASN C 43 1.26 -12.37 -11.66
C ASN C 43 0.75 -13.03 -10.35
N PRO C 44 -0.41 -13.73 -10.34
CA PRO C 44 -1.07 -14.22 -9.12
C PRO C 44 -0.24 -15.19 -8.26
N GLU C 45 0.78 -15.81 -8.86
CA GLU C 45 1.77 -16.68 -8.22
C GLU C 45 2.58 -15.96 -7.12
N ARG C 46 2.74 -14.64 -7.23
CA ARG C 46 3.66 -13.85 -6.39
C ARG C 46 3.10 -12.51 -5.88
N VAL C 47 2.01 -11.99 -6.46
CA VAL C 47 1.28 -10.82 -5.91
C VAL C 47 0.23 -11.25 -4.89
N THR C 48 -0.22 -10.34 -4.02
CA THR C 48 -1.24 -10.62 -2.99
C THR C 48 -2.23 -9.47 -2.80
N PRO C 49 -3.44 -9.76 -2.27
CA PRO C 49 -4.36 -8.74 -1.77
C PRO C 49 -3.68 -7.75 -0.82
N GLN C 50 -2.86 -8.25 0.12
CA GLN C 50 -2.10 -7.48 1.10
C GLN C 50 -1.05 -6.53 0.49
N SER C 51 -0.31 -6.94 -0.55
CA SER C 51 0.76 -6.11 -1.13
C SER C 51 0.17 -4.97 -1.94
N LEU C 52 -0.82 -5.29 -2.78
CA LEU C 52 -1.71 -4.33 -3.42
C LEU C 52 -2.32 -3.34 -2.40
N PHE C 53 -2.97 -3.85 -1.36
CA PHE C 53 -3.59 -3.08 -0.28
C PHE C 53 -2.61 -2.16 0.47
N ILE C 54 -1.40 -2.60 0.81
CA ILE C 54 -0.40 -1.76 1.49
C ILE C 54 0.03 -0.60 0.59
N LEU C 55 0.28 -0.85 -0.70
CA LEU C 55 0.72 0.16 -1.68
C LEU C 55 -0.34 1.26 -1.90
N PHE C 56 -1.46 0.90 -2.54
CA PHE C 56 -2.65 1.76 -2.69
C PHE C 56 -3.10 2.34 -1.34
N GLY C 57 -2.94 1.55 -0.26
CA GLY C 57 -2.95 1.91 1.16
C GLY C 57 -2.24 3.21 1.53
N VAL C 58 -0.96 3.33 1.17
CA VAL C 58 -0.09 4.45 1.56
C VAL C 58 -0.41 5.67 0.71
N TYR C 59 -0.85 5.44 -0.53
CA TYR C 59 -1.26 6.52 -1.42
C TYR C 59 -2.61 7.19 -1.08
N GLY C 60 -3.56 6.47 -0.49
CA GLY C 60 -4.87 7.03 -0.09
C GLY C 60 -5.91 6.03 0.44
N ASP C 61 -5.65 4.73 0.28
CA ASP C 61 -6.30 3.58 0.91
C ASP C 61 -7.56 3.06 0.19
N VAL C 62 -7.96 1.83 0.56
CA VAL C 62 -8.80 0.93 -0.24
C VAL C 62 -10.05 0.53 0.55
N GLN C 63 -11.23 0.77 -0.03
CA GLN C 63 -12.51 0.33 0.55
C GLN C 63 -12.76 -1.15 0.29
N ARG C 64 -12.63 -1.61 -0.97
CA ARG C 64 -12.50 -3.06 -1.25
C ARG C 64 -11.73 -3.41 -2.51
N VAL C 65 -11.04 -4.54 -2.44
CA VAL C 65 -10.32 -5.20 -3.54
C VAL C 65 -11.23 -6.21 -4.23
N LYS C 66 -11.06 -6.43 -5.54
CA LYS C 66 -11.56 -7.59 -6.29
C LYS C 66 -10.45 -8.10 -7.23
N ILE C 67 -10.01 -9.35 -7.06
CA ILE C 67 -8.97 -10.06 -7.83
C ILE C 67 -9.64 -11.30 -8.42
N LEU C 68 -9.33 -11.65 -9.68
CA LEU C 68 -10.26 -12.47 -10.47
C LEU C 68 -10.04 -13.99 -10.39
N PHE C 69 -11.10 -14.70 -10.79
CA PHE C 69 -11.34 -16.15 -10.64
C PHE C 69 -10.40 -17.10 -11.39
N ASN C 70 -9.49 -16.57 -12.22
CA ASN C 70 -8.60 -17.35 -13.09
C ASN C 70 -7.21 -16.68 -13.21
N LYS C 71 -6.26 -17.39 -13.83
CA LYS C 71 -4.87 -16.97 -14.09
C LYS C 71 -4.70 -15.80 -15.08
N LYS C 72 -5.74 -14.99 -15.30
CA LYS C 72 -5.80 -13.84 -16.23
C LYS C 72 -5.02 -12.59 -15.77
N GLU C 73 -4.44 -12.60 -14.57
CA GLU C 73 -3.51 -11.57 -14.05
C GLU C 73 -4.18 -10.21 -13.80
N ASN C 74 -5.44 -10.17 -13.35
CA ASN C 74 -6.27 -8.94 -13.27
C ASN C 74 -7.00 -8.75 -11.92
N ALA C 75 -7.27 -7.47 -11.61
CA ALA C 75 -8.00 -6.95 -10.46
C ALA C 75 -8.67 -5.58 -10.77
N LEU C 76 -9.56 -5.15 -9.87
CA LEU C 76 -10.54 -4.06 -10.00
C LEU C 76 -10.79 -3.55 -8.57
N VAL C 77 -10.35 -2.34 -8.27
CA VAL C 77 -10.01 -1.88 -6.90
C VAL C 77 -10.74 -0.60 -6.52
N GLN C 78 -11.66 -0.67 -5.56
CA GLN C 78 -12.47 0.45 -5.07
C GLN C 78 -11.73 1.22 -3.97
N MET C 79 -11.15 2.36 -4.37
CA MET C 79 -10.38 3.27 -3.52
C MET C 79 -11.26 4.17 -2.62
N ALA C 80 -10.64 4.86 -1.66
CA ALA C 80 -11.29 5.83 -0.77
C ALA C 80 -11.96 7.02 -1.50
N ASP C 81 -11.38 7.49 -2.62
CA ASP C 81 -11.93 8.53 -3.48
C ASP C 81 -11.48 8.35 -4.94
N GLY C 82 -12.22 8.93 -5.90
CA GLY C 82 -11.88 9.03 -7.31
C GLY C 82 -10.46 9.53 -7.57
N ASN C 83 -10.11 10.73 -7.09
CA ASN C 83 -8.80 11.34 -7.25
C ASN C 83 -7.66 10.47 -6.73
N GLN C 84 -7.85 9.87 -5.55
CA GLN C 84 -6.83 9.08 -4.88
C GLN C 84 -6.51 7.76 -5.60
N ALA C 85 -7.45 7.26 -6.43
CA ALA C 85 -7.19 6.19 -7.39
C ALA C 85 -6.22 6.63 -8.52
N GLN C 86 -6.42 7.81 -9.11
CA GLN C 86 -5.50 8.39 -10.09
C GLN C 86 -4.11 8.67 -9.48
N LEU C 87 -4.05 9.14 -8.23
CA LEU C 87 -2.81 9.36 -7.48
C LEU C 87 -2.00 8.05 -7.32
N ALA C 88 -2.62 7.01 -6.75
CA ALA C 88 -1.98 5.70 -6.59
C ALA C 88 -1.49 5.12 -7.93
N MET C 89 -2.31 5.18 -8.99
CA MET C 89 -1.92 4.86 -10.36
C MET C 89 -0.69 5.67 -10.83
N SER C 90 -0.72 6.99 -10.66
CA SER C 90 0.36 7.91 -11.08
C SER C 90 1.73 7.58 -10.46
N HIS C 91 1.76 7.01 -9.25
CA HIS C 91 2.98 6.40 -8.71
C HIS C 91 3.27 5.01 -9.31
N LEU C 92 2.34 4.06 -9.16
CA LEU C 92 2.58 2.62 -9.32
C LEU C 92 2.67 2.08 -10.76
N ASN C 93 2.14 2.78 -11.77
CA ASN C 93 1.97 2.25 -13.13
C ASN C 93 3.31 1.80 -13.76
N GLY C 94 3.51 0.48 -13.92
CA GLY C 94 4.69 -0.12 -14.50
C GLY C 94 5.81 -0.50 -13.52
N HIS C 95 5.57 -0.44 -12.20
CA HIS C 95 6.47 -1.06 -11.20
C HIS C 95 6.61 -2.57 -11.49
N LYS C 96 7.80 -3.14 -11.29
CA LYS C 96 8.16 -4.49 -11.76
C LYS C 96 8.15 -5.55 -10.64
N LEU C 97 7.32 -5.31 -9.62
CA LEU C 97 7.35 -5.88 -8.27
C LEU C 97 7.69 -7.38 -8.20
N HIS C 98 6.72 -8.25 -8.54
CA HIS C 98 6.76 -9.67 -8.19
C HIS C 98 7.03 -10.59 -9.39
N GLY C 99 7.33 -10.02 -10.56
CA GLY C 99 7.76 -10.76 -11.76
C GLY C 99 7.46 -10.07 -13.10
N LYS C 100 6.49 -9.14 -13.15
CA LYS C 100 6.09 -8.38 -14.35
C LYS C 100 5.86 -6.88 -14.05
N PRO C 101 5.94 -5.97 -15.05
CA PRO C 101 5.43 -4.59 -14.95
C PRO C 101 3.92 -4.55 -14.69
N ILE C 102 3.48 -3.99 -13.56
CA ILE C 102 2.05 -3.84 -13.22
C ILE C 102 1.39 -2.79 -14.14
N ARG C 103 0.54 -3.22 -15.08
CA ARG C 103 -0.33 -2.32 -15.85
C ARG C 103 -1.43 -1.76 -14.94
N ILE C 104 -1.70 -0.45 -15.01
CA ILE C 104 -2.73 0.22 -14.20
C ILE C 104 -3.47 1.23 -15.08
N THR C 105 -4.80 1.25 -14.99
CA THR C 105 -5.67 2.09 -15.83
C THR C 105 -6.90 2.59 -15.06
N LEU C 106 -7.48 3.73 -15.46
CA LEU C 106 -8.79 4.19 -14.98
C LEU C 106 -9.91 3.23 -15.43
N SER C 107 -10.58 2.58 -14.47
CA SER C 107 -11.71 1.69 -14.72
C SER C 107 -12.89 2.30 -15.51
N LYS C 108 -13.59 1.43 -16.24
CA LYS C 108 -14.90 1.69 -16.87
C LYS C 108 -16.02 1.80 -15.83
N HIS C 109 -15.99 0.83 -14.92
CA HIS C 109 -17.00 0.50 -13.90
C HIS C 109 -17.34 1.65 -12.93
N GLN C 110 -18.44 1.49 -12.19
CA GLN C 110 -18.96 2.50 -11.24
C GLN C 110 -19.13 1.96 -9.80
N ASN C 111 -19.16 0.64 -9.62
CA ASN C 111 -19.23 -0.08 -8.35
C ASN C 111 -18.46 -1.41 -8.47
N VAL C 112 -18.25 -2.10 -7.34
CA VAL C 112 -17.83 -3.51 -7.30
C VAL C 112 -18.61 -4.31 -6.27
N GLN C 113 -19.00 -5.53 -6.64
CA GLN C 113 -19.71 -6.49 -5.81
C GLN C 113 -18.93 -6.95 -4.56
N LEU C 114 -19.63 -7.66 -3.68
CA LEU C 114 -19.10 -8.35 -2.50
C LEU C 114 -19.82 -9.69 -2.29
N PRO C 115 -19.16 -10.78 -1.85
CA PRO C 115 -19.80 -12.05 -1.54
C PRO C 115 -21.00 -11.92 -0.58
N ARG C 116 -22.08 -12.66 -0.91
CA ARG C 116 -23.35 -12.66 -0.15
C ARG C 116 -23.22 -13.40 1.18
N GLU C 117 -24.09 -13.07 2.14
CA GLU C 117 -24.05 -13.55 3.53
C GLU C 117 -24.24 -15.07 3.71
N GLY C 118 -24.80 -15.75 2.69
CA GLY C 118 -24.98 -17.21 2.65
C GLY C 118 -23.80 -17.98 2.01
N GLN C 119 -22.77 -17.28 1.52
CA GLN C 119 -21.61 -17.85 0.81
C GLN C 119 -20.28 -17.33 1.37
N GLU C 120 -19.15 -17.74 0.79
CA GLU C 120 -17.79 -17.46 1.25
C GLU C 120 -16.81 -17.31 0.06
N ASP C 121 -15.66 -16.66 0.26
CA ASP C 121 -14.55 -16.59 -0.70
C ASP C 121 -13.17 -16.75 -0.04
N GLN C 122 -12.12 -16.94 -0.86
CA GLN C 122 -10.76 -17.27 -0.40
C GLN C 122 -9.87 -16.03 -0.11
N GLY C 123 -10.37 -14.81 -0.30
CA GLY C 123 -9.64 -13.53 -0.14
C GLY C 123 -9.55 -12.68 -1.42
N LEU C 124 -10.25 -13.07 -2.48
CA LEU C 124 -10.35 -12.39 -3.77
C LEU C 124 -11.11 -11.07 -3.66
N THR C 125 -12.09 -10.96 -2.75
CA THR C 125 -12.99 -9.79 -2.63
C THR C 125 -12.92 -9.10 -1.27
N LYS C 126 -11.73 -8.99 -0.67
CA LYS C 126 -11.50 -8.39 0.65
C LYS C 126 -12.03 -6.94 0.76
N ASP C 127 -13.06 -6.76 1.58
CA ASP C 127 -13.46 -5.47 2.13
C ASP C 127 -12.45 -5.02 3.17
N TYR C 128 -11.74 -3.94 2.84
CA TYR C 128 -10.75 -3.27 3.70
C TYR C 128 -11.32 -2.04 4.42
N GLY C 129 -12.56 -1.64 4.12
CA GLY C 129 -13.27 -0.52 4.76
C GLY C 129 -13.52 -0.69 6.27
N ASN C 130 -13.34 -1.92 6.79
CA ASN C 130 -13.46 -2.30 8.19
C ASN C 130 -12.12 -2.70 8.86
N SER C 131 -11.01 -2.74 8.10
CA SER C 131 -9.71 -3.24 8.56
C SER C 131 -9.03 -2.30 9.57
N PRO C 132 -8.43 -2.83 10.66
CA PRO C 132 -7.50 -2.08 11.52
C PRO C 132 -6.29 -1.47 10.80
N LEU C 133 -5.85 -2.09 9.68
CA LEU C 133 -4.65 -1.69 8.93
C LEU C 133 -4.93 -0.67 7.80
N HIS C 134 -6.19 -0.42 7.45
CA HIS C 134 -6.60 0.79 6.72
C HIS C 134 -6.14 2.05 7.48
N ARG C 135 -5.06 2.69 7.01
CA ARG C 135 -4.26 3.71 7.74
C ARG C 135 -5.04 5.00 7.97
N PHE C 136 -5.47 5.65 6.90
CA PHE C 136 -5.93 7.05 6.87
C PHE C 136 -7.29 7.23 7.56
N LYS C 137 -7.26 7.71 8.80
CA LYS C 137 -8.42 7.89 9.71
C LYS C 137 -9.54 8.76 9.14
N LYS C 138 -9.18 9.89 8.52
CA LYS C 138 -10.09 10.93 8.01
C LYS C 138 -9.61 11.49 6.66
N PRO C 139 -10.23 11.10 5.52
CA PRO C 139 -9.93 11.61 4.18
C PRO C 139 -9.71 13.13 4.09
N GLY C 140 -8.51 13.53 3.65
CA GLY C 140 -8.13 14.92 3.39
C GLY C 140 -7.77 15.77 4.62
N SER C 141 -7.89 15.24 5.85
CA SER C 141 -7.42 15.89 7.08
C SER C 141 -5.89 15.73 7.25
N LYS C 142 -5.32 16.34 8.29
CA LYS C 142 -3.89 16.47 8.59
C LYS C 142 -3.09 15.15 8.59
N ASN C 143 -3.75 14.01 8.81
CA ASN C 143 -3.16 12.66 8.71
C ASN C 143 -2.63 12.31 7.29
N PHE C 144 -2.97 13.09 6.25
CA PHE C 144 -2.41 12.97 4.90
C PHE C 144 -1.02 13.60 4.71
N GLN C 145 -0.54 14.43 5.66
CA GLN C 145 0.73 15.17 5.54
C GLN C 145 1.98 14.26 5.49
N ASN C 146 1.90 13.03 6.01
CA ASN C 146 3.00 12.06 6.04
C ASN C 146 3.15 11.20 4.76
N ILE C 147 2.33 11.41 3.73
CA ILE C 147 2.46 10.75 2.41
C ILE C 147 3.70 11.29 1.68
N PHE C 148 4.69 10.43 1.43
CA PHE C 148 5.90 10.72 0.63
C PHE C 148 6.01 9.79 -0.58
N PRO C 149 6.56 10.26 -1.73
CA PRO C 149 6.73 9.43 -2.93
C PRO C 149 7.83 8.36 -2.74
N PRO C 150 7.80 7.26 -3.51
CA PRO C 150 8.86 6.26 -3.56
C PRO C 150 10.25 6.86 -3.71
N SER C 151 11.08 6.63 -2.69
CA SER C 151 12.48 7.05 -2.61
C SER C 151 13.33 5.90 -2.04
N ALA C 152 14.65 5.96 -2.19
CA ALA C 152 15.56 5.02 -1.53
C ALA C 152 15.60 5.18 0.02
N THR C 153 15.04 6.28 0.55
CA THR C 153 15.04 6.60 1.98
C THR C 153 13.64 6.44 2.59
N LEU C 154 13.58 5.70 3.70
CA LEU C 154 12.38 5.37 4.46
C LEU C 154 12.34 6.09 5.81
N HIS C 155 11.13 6.24 6.34
CA HIS C 155 10.73 6.64 7.68
C HIS C 155 9.80 5.57 8.26
N LEU C 156 10.08 5.13 9.49
CA LEU C 156 9.40 4.02 10.15
C LEU C 156 8.86 4.45 11.52
N SER C 157 7.72 3.88 11.95
CA SER C 157 7.11 4.12 13.26
C SER C 157 6.55 2.85 13.89
N ASN C 158 6.09 2.95 15.14
CA ASN C 158 5.39 1.90 15.91
C ASN C 158 6.30 0.71 16.28
N ILE C 159 7.62 0.89 16.12
CA ILE C 159 8.72 -0.01 16.47
C ILE C 159 8.79 -0.20 18.01
N PRO C 160 8.98 -1.43 18.53
CA PRO C 160 9.19 -1.64 19.97
C PRO C 160 10.61 -1.26 20.42
N PRO C 161 10.83 -0.99 21.72
CA PRO C 161 12.16 -0.77 22.28
C PRO C 161 13.01 -2.05 22.37
N SER C 162 12.41 -3.23 22.25
CA SER C 162 13.07 -4.55 22.33
C SER C 162 14.01 -4.90 21.17
N VAL C 163 13.96 -4.14 20.06
CA VAL C 163 14.83 -4.31 18.88
C VAL C 163 15.85 -3.17 18.75
N SER C 164 16.90 -3.40 17.98
CA SER C 164 18.05 -2.50 17.79
C SER C 164 18.33 -2.20 16.31
N GLU C 165 19.30 -1.33 16.04
CA GLU C 165 19.73 -0.92 14.70
C GLU C 165 20.06 -2.12 13.82
N GLU C 166 20.81 -3.08 14.36
CA GLU C 166 21.21 -4.30 13.65
C GLU C 166 20.00 -5.16 13.26
N ASP C 167 18.98 -5.27 14.11
CA ASP C 167 17.73 -5.99 13.81
C ASP C 167 16.98 -5.36 12.63
N LEU C 168 16.75 -4.04 12.70
CA LEU C 168 16.12 -3.27 11.62
C LEU C 168 16.87 -3.44 10.30
N LYS C 169 18.21 -3.39 10.32
CA LYS C 169 19.03 -3.59 9.11
C LYS C 169 18.93 -5.01 8.54
N VAL C 170 18.70 -6.05 9.35
CA VAL C 170 18.51 -7.42 8.83
C VAL C 170 17.12 -7.55 8.22
N LEU C 171 16.10 -6.97 8.85
CA LEU C 171 14.74 -6.88 8.31
C LEU C 171 14.74 -6.32 6.87
N PHE C 172 15.30 -5.13 6.68
CA PHE C 172 15.37 -4.48 5.37
C PHE C 172 16.40 -5.17 4.45
N SER C 173 17.55 -5.64 4.94
CA SER C 173 18.53 -6.38 4.12
C SER C 173 18.04 -7.78 3.70
N SER C 174 17.07 -8.39 4.38
CA SER C 174 16.46 -9.68 3.97
C SER C 174 15.84 -9.69 2.57
N ASN C 175 15.62 -8.53 1.94
CA ASN C 175 15.20 -8.40 0.55
C ASN C 175 16.28 -8.81 -0.47
N GLY C 176 17.55 -8.89 -0.05
CA GLY C 176 18.72 -8.99 -0.94
C GLY C 176 18.87 -7.74 -1.82
N GLY C 177 18.98 -6.53 -1.27
CA GLY C 177 19.26 -6.18 0.13
C GLY C 177 20.50 -5.30 0.29
N VAL C 178 20.34 -3.98 0.19
CA VAL C 178 21.40 -2.97 0.32
C VAL C 178 20.93 -1.82 1.23
N VAL C 179 21.75 -1.46 2.22
CA VAL C 179 21.45 -0.40 3.21
C VAL C 179 22.62 0.59 3.29
N LYS C 180 22.39 1.83 2.83
CA LYS C 180 23.28 3.00 3.01
C LYS C 180 23.42 3.41 4.47
N GLY C 181 22.27 3.58 5.11
CA GLY C 181 22.10 4.39 6.32
C GLY C 181 20.81 4.08 7.04
N PHE C 182 20.58 4.82 8.12
CA PHE C 182 19.58 4.63 9.17
C PHE C 182 19.90 5.53 10.38
N LYS C 183 18.86 5.90 11.13
CA LYS C 183 18.99 6.49 12.48
C LYS C 183 17.74 6.23 13.30
N PHE C 184 17.89 5.77 14.54
CA PHE C 184 16.81 5.79 15.51
C PHE C 184 16.41 7.23 15.85
N PHE C 185 15.12 7.44 16.10
CA PHE C 185 14.59 8.63 16.76
C PHE C 185 14.80 8.51 18.28
N GLN C 186 16.07 8.51 18.72
CA GLN C 186 16.49 8.13 20.07
C GLN C 186 15.81 8.92 21.20
N LYS C 187 15.44 10.20 20.97
CA LYS C 187 14.68 11.03 21.90
C LYS C 187 13.27 10.51 22.24
N ASP C 188 12.67 9.70 21.35
CA ASP C 188 11.42 8.95 21.54
C ASP C 188 11.47 7.66 20.70
N ARG C 189 12.25 6.67 21.16
CA ARG C 189 12.67 5.50 20.37
C ARG C 189 11.54 4.48 20.14
N LYS C 190 10.68 4.81 19.18
CA LYS C 190 9.58 4.01 18.61
C LYS C 190 9.41 4.32 17.11
N MET C 191 10.38 5.05 16.59
CA MET C 191 10.51 5.56 15.23
C MET C 191 11.99 5.50 14.84
N ALA C 192 12.20 5.56 13.53
CA ALA C 192 13.51 5.61 12.88
C ALA C 192 13.44 6.13 11.43
N LEU C 193 14.60 6.39 10.80
CA LEU C 193 14.79 6.36 9.35
C LEU C 193 15.60 5.12 8.94
N ILE C 194 15.49 4.68 7.68
CA ILE C 194 16.45 3.75 7.04
C ILE C 194 16.64 4.10 5.57
N GLN C 195 17.87 4.37 5.16
CA GLN C 195 18.25 4.58 3.77
C GLN C 195 18.73 3.28 3.11
N MET C 196 17.91 2.70 2.24
CA MET C 196 18.32 1.59 1.36
C MET C 196 19.15 2.07 0.16
N GLY C 197 19.71 1.14 -0.61
CA GLY C 197 20.55 1.44 -1.79
C GLY C 197 19.77 1.75 -3.08
N SER C 198 18.46 1.46 -3.13
CA SER C 198 17.56 1.77 -4.25
C SER C 198 16.10 1.91 -3.81
N VAL C 199 15.30 2.61 -4.61
CA VAL C 199 13.84 2.74 -4.45
C VAL C 199 13.11 1.40 -4.61
N GLU C 200 13.57 0.50 -5.48
CA GLU C 200 12.96 -0.83 -5.65
C GLU C 200 13.10 -1.68 -4.37
N GLU C 201 14.29 -1.66 -3.75
CA GLU C 201 14.53 -2.28 -2.44
C GLU C 201 13.61 -1.67 -1.37
N ALA C 202 13.55 -0.34 -1.29
CA ALA C 202 12.71 0.41 -0.37
C ALA C 202 11.21 0.04 -0.49
N VAL C 203 10.68 0.03 -1.71
CA VAL C 203 9.31 -0.42 -2.04
C VAL C 203 9.05 -1.84 -1.54
N GLN C 204 9.92 -2.81 -1.85
CA GLN C 204 9.67 -4.19 -1.44
C GLN C 204 9.89 -4.45 0.05
N ALA C 205 10.76 -3.69 0.72
CA ALA C 205 10.85 -3.69 2.18
C ALA C 205 9.59 -3.08 2.85
N LEU C 206 8.96 -2.07 2.25
CA LEU C 206 7.65 -1.54 2.67
C LEU C 206 6.54 -2.60 2.52
N ILE C 207 6.45 -3.24 1.36
CA ILE C 207 5.51 -4.35 1.07
C ILE C 207 5.68 -5.48 2.11
N ASP C 208 6.92 -5.85 2.45
CA ASP C 208 7.24 -6.89 3.44
C ASP C 208 6.88 -6.47 4.88
N LEU C 209 7.48 -5.40 5.40
CA LEU C 209 7.55 -5.12 6.83
C LEU C 209 6.46 -4.18 7.37
N HIS C 210 5.67 -3.49 6.54
CA HIS C 210 4.48 -2.79 7.06
C HIS C 210 3.53 -3.76 7.78
N ASN C 211 3.41 -3.54 9.09
CA ASN C 211 2.71 -4.35 10.08
C ASN C 211 3.44 -5.68 10.40
N HIS C 212 4.77 -5.67 10.44
CA HIS C 212 5.59 -6.73 11.07
C HIS C 212 5.35 -6.72 12.59
N ASP C 213 4.37 -7.51 13.05
CA ASP C 213 3.94 -7.62 14.44
C ASP C 213 4.88 -8.47 15.32
N LEU C 214 5.40 -7.87 16.38
CA LEU C 214 6.05 -8.59 17.49
C LEU C 214 5.05 -8.99 18.60
N GLY C 215 3.80 -8.51 18.51
CA GLY C 215 2.65 -8.91 19.34
C GLY C 215 2.56 -8.23 20.70
N GLU C 216 3.69 -7.77 21.27
CA GLU C 216 3.79 -6.99 22.51
C GLU C 216 3.37 -5.52 22.31
N ASN C 217 2.12 -5.30 21.87
CA ASN C 217 1.50 -4.02 21.51
C ASN C 217 2.20 -3.27 20.34
N HIS C 218 3.16 -3.90 19.65
CA HIS C 218 4.01 -3.29 18.62
C HIS C 218 3.99 -4.06 17.30
N HIS C 219 3.79 -3.32 16.21
CA HIS C 219 3.62 -3.79 14.83
C HIS C 219 4.05 -2.68 13.84
N LEU C 220 5.35 -2.64 13.55
CA LEU C 220 5.99 -1.49 12.90
C LEU C 220 5.35 -1.10 11.55
N ARG C 221 5.24 0.21 11.30
CA ARG C 221 4.66 0.84 10.11
C ARG C 221 5.79 1.44 9.27
N VAL C 222 5.60 1.46 7.95
CA VAL C 222 6.67 1.76 6.97
C VAL C 222 6.19 2.79 5.96
N SER C 223 6.98 3.85 5.80
CA SER C 223 6.79 4.89 4.79
C SER C 223 8.14 5.38 4.25
N PHE C 224 8.06 6.19 3.20
CA PHE C 224 9.10 7.06 2.67
C PHE C 224 9.28 8.32 3.52
N SER C 225 10.51 8.84 3.57
CA SER C 225 10.89 9.93 4.47
C SER C 225 10.88 11.33 3.85
N LYS C 226 10.05 12.20 4.43
CA LYS C 226 10.26 13.66 4.60
C LYS C 226 11.73 14.13 4.46
N SER C 227 12.68 13.53 5.18
CA SER C 227 14.03 14.11 5.41
C SER C 227 15.14 13.06 5.32
N THR C 228 16.36 13.52 5.03
CA THR C 228 17.58 12.71 4.96
C THR C 228 18.12 12.33 6.35
N ILE C 229 18.96 11.29 6.39
CA ILE C 229 19.68 10.76 7.56
C ILE C 229 20.72 11.79 8.06
N GLY C 22 -27.46 15.61 -8.27
CA GLY C 22 -28.49 16.67 -8.26
C GLY C 22 -29.68 16.31 -9.13
N ARG C 23 -30.85 16.93 -8.88
CA ARG C 23 -32.13 16.66 -9.56
C ARG C 23 -32.51 17.69 -10.65
N ILE C 24 -31.77 18.79 -10.75
CA ILE C 24 -32.05 19.92 -11.66
C ILE C 24 -31.73 19.67 -13.15
N ALA C 25 -31.07 18.55 -13.46
CA ALA C 25 -30.70 18.12 -14.83
C ALA C 25 -31.04 16.64 -15.09
N ILE C 26 -30.95 16.21 -16.36
CA ILE C 26 -31.23 14.84 -16.81
C ILE C 26 -30.28 13.80 -16.19
N PRO C 27 -30.72 12.54 -15.98
CA PRO C 27 -29.85 11.46 -15.50
C PRO C 27 -28.81 11.05 -16.56
N GLY C 28 -27.74 10.40 -16.10
CA GLY C 28 -26.62 9.94 -16.95
C GLY C 28 -25.66 11.04 -17.45
N LEU C 29 -25.91 12.31 -17.11
CA LEU C 29 -25.02 13.44 -17.39
C LEU C 29 -23.69 13.33 -16.62
N ALA C 30 -23.76 13.03 -15.32
CA ALA C 30 -22.61 12.75 -14.46
C ALA C 30 -22.04 11.33 -14.68
N GLY C 31 -20.84 11.07 -14.14
CA GLY C 31 -20.14 9.78 -14.20
C GLY C 31 -18.76 9.80 -13.55
N ALA C 32 -18.00 8.69 -13.53
CA ALA C 32 -18.29 7.37 -14.11
C ALA C 32 -18.21 6.21 -13.09
N GLY C 33 -18.03 6.52 -11.80
CA GLY C 33 -17.92 5.54 -10.71
C GLY C 33 -17.86 6.19 -9.33
N ASN C 34 -16.77 6.85 -8.94
CA ASN C 34 -15.49 7.04 -9.64
C ASN C 34 -14.25 6.58 -8.84
N SER C 35 -14.44 6.09 -7.60
CA SER C 35 -13.37 5.67 -6.69
C SER C 35 -12.70 4.34 -7.04
N VAL C 36 -13.25 3.57 -7.99
CA VAL C 36 -12.64 2.31 -8.44
C VAL C 36 -11.44 2.51 -9.37
N LEU C 37 -10.52 1.54 -9.31
CA LEU C 37 -9.24 1.47 -10.01
C LEU C 37 -9.10 0.13 -10.73
N LEU C 38 -8.90 0.19 -12.05
CA LEU C 38 -8.56 -0.94 -12.89
C LEU C 38 -7.08 -1.23 -12.67
N VAL C 39 -6.71 -2.44 -12.24
CA VAL C 39 -5.31 -2.89 -12.21
C VAL C 39 -5.13 -4.04 -13.17
N SER C 40 -4.24 -3.88 -14.15
CA SER C 40 -4.03 -4.82 -15.24
C SER C 40 -2.55 -5.21 -15.41
N ASN C 41 -2.27 -6.18 -16.28
CA ASN C 41 -0.96 -6.75 -16.60
C ASN C 41 -0.20 -7.38 -15.41
N LEU C 42 -0.86 -7.57 -14.26
CA LEU C 42 -0.30 -8.24 -13.08
C LEU C 42 0.08 -9.72 -13.34
N ASN C 43 0.59 -10.42 -12.31
CA ASN C 43 1.11 -11.77 -12.44
C ASN C 43 0.42 -12.74 -11.45
N PRO C 44 -0.61 -13.51 -11.86
CA PRO C 44 -1.37 -14.37 -10.96
C PRO C 44 -0.56 -15.53 -10.35
N GLU C 45 0.64 -15.82 -10.88
CA GLU C 45 1.59 -16.80 -10.32
C GLU C 45 2.43 -16.22 -9.16
N ARG C 46 2.34 -14.91 -8.90
CA ARG C 46 3.13 -14.15 -7.90
C ARG C 46 2.32 -13.18 -7.04
N VAL C 47 1.10 -12.83 -7.46
CA VAL C 47 0.25 -11.80 -6.83
C VAL C 47 0.01 -12.08 -5.35
N THR C 48 0.22 -11.05 -4.51
CA THR C 48 -0.03 -11.09 -3.06
C THR C 48 -1.03 -9.99 -2.69
N PRO C 49 -2.30 -10.34 -2.34
CA PRO C 49 -3.39 -9.36 -2.18
C PRO C 49 -3.12 -8.36 -1.06
N GLN C 50 -2.52 -8.79 0.06
CA GLN C 50 -2.12 -7.90 1.15
C GLN C 50 -1.01 -6.92 0.73
N SER C 51 -0.04 -7.35 -0.08
CA SER C 51 1.08 -6.51 -0.55
C SER C 51 0.62 -5.38 -1.47
N LEU C 52 -0.19 -5.71 -2.50
CA LEU C 52 -0.78 -4.68 -3.37
C LEU C 52 -1.78 -3.78 -2.60
N PHE C 53 -2.58 -4.35 -1.69
CA PHE C 53 -3.43 -3.58 -0.77
C PHE C 53 -2.62 -2.55 0.03
N ILE C 54 -1.49 -2.94 0.62
CA ILE C 54 -0.57 -2.05 1.34
C ILE C 54 -0.04 -0.94 0.42
N LEU C 55 0.51 -1.24 -0.77
CA LEU C 55 1.05 -0.19 -1.66
C LEU C 55 -0.02 0.82 -2.08
N PHE C 56 -1.03 0.36 -2.83
CA PHE C 56 -2.15 1.18 -3.28
C PHE C 56 -2.86 1.86 -2.08
N GLY C 57 -2.77 1.26 -0.88
CA GLY C 57 -3.21 1.81 0.40
C GLY C 57 -2.36 2.94 0.99
N VAL C 58 -1.04 2.99 0.75
CA VAL C 58 -0.15 4.05 1.24
C VAL C 58 -0.38 5.29 0.39
N TYR C 59 -0.50 5.07 -0.92
CA TYR C 59 -0.73 6.15 -1.88
C TYR C 59 -2.18 6.66 -1.91
N GLY C 60 -3.14 5.74 -1.91
CA GLY C 60 -4.52 6.02 -2.32
C GLY C 60 -5.61 5.36 -1.46
N ASP C 61 -5.21 4.63 -0.42
CA ASP C 61 -6.12 4.09 0.61
C ASP C 61 -7.21 3.15 0.04
N VAL C 62 -6.83 1.93 -0.31
CA VAL C 62 -7.73 0.85 -0.79
C VAL C 62 -8.80 0.53 0.25
N GLN C 63 -10.05 0.38 -0.20
CA GLN C 63 -11.24 0.18 0.64
C GLN C 63 -11.96 -1.16 0.38
N ARG C 64 -11.96 -1.69 -0.85
CA ARG C 64 -12.29 -3.10 -1.15
C ARG C 64 -11.77 -3.58 -2.51
N VAL C 65 -11.70 -4.90 -2.69
CA VAL C 65 -10.90 -5.56 -3.74
C VAL C 65 -11.73 -6.57 -4.53
N LYS C 66 -11.47 -6.69 -5.84
CA LYS C 66 -11.73 -7.87 -6.67
C LYS C 66 -10.51 -8.17 -7.55
N ILE C 67 -9.82 -9.29 -7.30
CA ILE C 67 -8.74 -9.83 -8.14
C ILE C 67 -9.28 -11.05 -8.90
N LEU C 68 -9.16 -11.03 -10.23
CA LEU C 68 -9.69 -12.07 -11.12
C LEU C 68 -8.77 -13.30 -11.26
N PHE C 69 -9.33 -14.35 -11.89
CA PHE C 69 -8.71 -15.59 -12.35
C PHE C 69 -7.54 -15.39 -13.35
N ASN C 70 -6.85 -16.48 -13.68
CA ASN C 70 -5.68 -16.52 -14.57
C ASN C 70 -5.99 -16.09 -16.04
N LYS C 71 -4.92 -15.85 -16.83
CA LYS C 71 -4.89 -15.35 -18.22
C LYS C 71 -5.46 -13.94 -18.45
N LYS C 72 -6.53 -13.54 -17.75
CA LYS C 72 -7.04 -12.16 -17.72
C LYS C 72 -6.08 -11.19 -17.02
N GLU C 73 -5.32 -11.65 -16.03
CA GLU C 73 -4.28 -10.88 -15.31
C GLU C 73 -4.77 -9.50 -14.86
N ASN C 74 -5.92 -9.46 -14.18
CA ASN C 74 -6.63 -8.22 -13.87
C ASN C 74 -7.27 -8.17 -12.46
N ALA C 75 -7.59 -6.95 -12.03
CA ALA C 75 -8.30 -6.62 -10.81
C ALA C 75 -9.03 -5.27 -10.95
N LEU C 76 -9.98 -5.01 -10.04
CA LEU C 76 -10.88 -3.87 -9.96
C LEU C 76 -11.11 -3.56 -8.48
N VAL C 77 -10.66 -2.38 -8.08
CA VAL C 77 -10.29 -2.05 -6.70
C VAL C 77 -10.90 -0.72 -6.28
N GLN C 78 -11.84 -0.75 -5.33
CA GLN C 78 -12.49 0.44 -4.80
C GLN C 78 -11.57 1.15 -3.80
N MET C 79 -10.96 2.25 -4.23
CA MET C 79 -10.15 3.13 -3.39
C MET C 79 -11.06 3.99 -2.47
N ALA C 80 -10.47 4.81 -1.59
CA ALA C 80 -11.19 5.75 -0.74
C ALA C 80 -11.99 6.81 -1.55
N ASP C 81 -11.38 7.40 -2.58
CA ASP C 81 -11.96 8.45 -3.45
C ASP C 81 -11.28 8.46 -4.83
N GLY C 82 -11.93 9.01 -5.86
CA GLY C 82 -11.38 9.14 -7.22
C GLY C 82 -10.08 9.96 -7.32
N ASN C 83 -9.87 10.97 -6.47
CA ASN C 83 -8.58 11.67 -6.38
C ASN C 83 -7.47 10.75 -5.86
N GLN C 84 -7.77 10.00 -4.80
CA GLN C 84 -6.82 9.08 -4.17
C GLN C 84 -6.49 7.90 -5.10
N ALA C 85 -7.47 7.42 -5.87
CA ALA C 85 -7.31 6.49 -6.98
C ALA C 85 -6.33 7.03 -8.04
N GLN C 86 -6.52 8.27 -8.48
CA GLN C 86 -5.59 8.95 -9.41
C GLN C 86 -4.16 9.10 -8.83
N LEU C 87 -3.99 9.30 -7.52
CA LEU C 87 -2.66 9.32 -6.90
C LEU C 87 -2.00 7.93 -6.87
N ALA C 88 -2.74 6.87 -6.50
CA ALA C 88 -2.27 5.48 -6.60
C ALA C 88 -1.82 5.13 -8.03
N MET C 89 -2.65 5.44 -9.04
CA MET C 89 -2.28 5.38 -10.45
C MET C 89 -0.99 6.16 -10.76
N SER C 90 -0.88 7.43 -10.37
CA SER C 90 0.29 8.28 -10.60
C SER C 90 1.59 7.67 -10.04
N HIS C 91 1.52 7.07 -8.85
CA HIS C 91 2.66 6.45 -8.16
C HIS C 91 3.03 5.03 -8.65
N LEU C 92 2.12 4.30 -9.31
CA LEU C 92 2.28 2.86 -9.59
C LEU C 92 2.06 2.40 -11.04
N ASN C 93 1.52 3.22 -11.95
CA ASN C 93 1.29 2.85 -13.35
C ASN C 93 2.63 2.62 -14.10
N GLY C 94 2.99 1.35 -14.29
CA GLY C 94 4.26 0.88 -14.86
C GLY C 94 5.29 0.42 -13.83
N HIS C 95 4.95 0.42 -12.54
CA HIS C 95 5.81 -0.10 -11.45
C HIS C 95 5.96 -1.64 -11.52
N LYS C 96 6.85 -2.22 -10.71
CA LYS C 96 7.23 -3.63 -10.73
C LYS C 96 7.36 -4.22 -9.32
N LEU C 97 6.40 -5.04 -8.92
CA LEU C 97 6.43 -5.84 -7.68
C LEU C 97 6.18 -7.36 -7.85
N HIS C 98 5.74 -7.80 -9.03
CA HIS C 98 5.52 -9.22 -9.39
C HIS C 98 6.23 -9.63 -10.69
N GLY C 99 7.26 -8.88 -11.09
CA GLY C 99 8.05 -9.07 -12.32
C GLY C 99 7.50 -8.36 -13.56
N LYS C 100 6.17 -8.27 -13.69
CA LYS C 100 5.47 -7.53 -14.75
C LYS C 100 5.44 -6.01 -14.47
N PRO C 101 5.42 -5.15 -15.49
CA PRO C 101 5.03 -3.75 -15.36
C PRO C 101 3.49 -3.65 -15.15
N ILE C 102 3.06 -3.10 -14.02
CA ILE C 102 1.63 -2.99 -13.66
C ILE C 102 0.91 -1.90 -14.48
N ARG C 103 -0.07 -2.26 -15.31
CA ARG C 103 -0.98 -1.28 -15.94
C ARG C 103 -2.03 -0.80 -14.94
N ILE C 104 -2.42 0.47 -14.98
CA ILE C 104 -3.45 1.05 -14.11
C ILE C 104 -4.30 2.05 -14.90
N THR C 105 -5.60 2.07 -14.64
CA THR C 105 -6.56 3.01 -15.28
C THR C 105 -7.72 3.33 -14.31
N LEU C 106 -8.38 4.48 -14.47
CA LEU C 106 -9.55 4.86 -13.66
C LEU C 106 -10.84 4.23 -14.23
N SER C 107 -11.36 3.20 -13.55
CA SER C 107 -12.52 2.38 -13.92
C SER C 107 -13.87 3.10 -14.17
N LYS C 108 -14.82 2.33 -14.70
CA LYS C 108 -16.23 2.69 -15.00
C LYS C 108 -17.27 1.98 -14.10
N HIS C 109 -16.81 1.28 -13.05
CA HIS C 109 -17.62 0.43 -12.17
C HIS C 109 -18.16 1.16 -10.93
N GLN C 110 -19.01 0.47 -10.16
CA GLN C 110 -19.73 1.05 -9.01
C GLN C 110 -19.26 0.45 -7.67
N ASN C 111 -19.09 -0.87 -7.60
CA ASN C 111 -18.76 -1.65 -6.39
C ASN C 111 -18.04 -2.97 -6.73
N VAL C 112 -17.85 -3.84 -5.73
CA VAL C 112 -17.51 -5.27 -5.89
C VAL C 112 -18.51 -6.17 -5.15
N GLN C 113 -18.55 -7.44 -5.54
CA GLN C 113 -19.66 -8.35 -5.22
C GLN C 113 -19.74 -8.77 -3.74
N LEU C 114 -18.59 -8.93 -3.09
CA LEU C 114 -18.37 -9.69 -1.84
C LEU C 114 -18.75 -11.19 -1.93
N PRO C 115 -18.30 -12.03 -0.97
CA PRO C 115 -18.72 -13.43 -0.86
C PRO C 115 -20.13 -13.57 -0.24
N ARG C 116 -20.61 -14.82 -0.08
CA ARG C 116 -21.91 -15.16 0.55
C ARG C 116 -21.96 -14.77 2.04
N GLU C 117 -23.16 -14.84 2.64
CA GLU C 117 -23.44 -14.48 4.03
C GLU C 117 -22.52 -15.22 5.03
N GLY C 118 -21.58 -14.50 5.63
CA GLY C 118 -20.61 -15.02 6.60
C GLY C 118 -19.49 -15.90 6.01
N GLN C 119 -19.44 -16.05 4.67
CA GLN C 119 -18.45 -16.88 3.96
C GLN C 119 -17.05 -16.25 3.96
N GLU C 120 -16.01 -17.09 3.98
CA GLU C 120 -14.60 -16.67 3.93
C GLU C 120 -14.17 -16.21 2.51
N ASP C 121 -13.05 -15.48 2.45
CA ASP C 121 -12.38 -15.05 1.22
C ASP C 121 -10.86 -14.94 1.43
N GLN C 122 -10.07 -15.42 0.47
CA GLN C 122 -8.60 -15.52 0.54
C GLN C 122 -7.87 -14.18 0.29
N GLY C 123 -8.60 -13.10 -0.02
CA GLY C 123 -8.07 -11.78 -0.42
C GLY C 123 -8.64 -11.30 -1.76
N LEU C 124 -9.19 -12.21 -2.56
CA LEU C 124 -9.68 -11.98 -3.93
C LEU C 124 -10.99 -11.18 -4.01
N THR C 125 -11.74 -11.01 -2.91
CA THR C 125 -12.99 -10.23 -2.83
C THR C 125 -13.04 -9.31 -1.58
N LYS C 126 -11.89 -9.10 -0.92
CA LYS C 126 -11.75 -8.56 0.44
C LYS C 126 -12.39 -7.19 0.67
N ASP C 127 -13.18 -7.09 1.74
CA ASP C 127 -13.83 -5.87 2.23
C ASP C 127 -12.96 -5.18 3.32
N TYR C 128 -11.88 -4.53 2.90
CA TYR C 128 -10.93 -3.84 3.78
C TYR C 128 -11.50 -2.60 4.50
N GLY C 129 -12.67 -2.09 4.10
CA GLY C 129 -13.26 -0.83 4.57
C GLY C 129 -13.63 -0.75 6.05
N ASN C 130 -13.52 -1.86 6.80
CA ASN C 130 -13.73 -1.97 8.24
C ASN C 130 -12.49 -2.53 8.98
N SER C 131 -11.37 -2.79 8.27
CA SER C 131 -10.18 -3.45 8.82
C SER C 131 -9.35 -2.51 9.71
N PRO C 132 -8.88 -2.95 10.89
CA PRO C 132 -7.89 -2.23 11.69
C PRO C 132 -6.45 -2.37 11.17
N LEU C 133 -6.20 -3.18 10.13
CA LEU C 133 -4.86 -3.51 9.62
C LEU C 133 -4.18 -2.27 9.01
N HIS C 134 -4.85 -1.59 8.07
CA HIS C 134 -4.30 -0.44 7.37
C HIS C 134 -5.42 0.46 6.81
N ARG C 135 -5.37 1.75 7.15
CA ARG C 135 -6.33 2.79 6.76
C ARG C 135 -5.66 4.16 6.86
N PHE C 136 -6.10 5.14 6.08
CA PHE C 136 -5.78 6.56 6.34
C PHE C 136 -6.87 7.20 7.20
N LYS C 137 -6.80 6.89 8.51
CA LYS C 137 -7.51 7.42 9.68
C LYS C 137 -8.88 8.07 9.37
N LYS C 138 -8.86 9.34 8.96
CA LYS C 138 -9.98 10.10 8.36
C LYS C 138 -9.43 11.00 7.22
N PRO C 139 -10.26 11.50 6.28
CA PRO C 139 -9.78 12.33 5.18
C PRO C 139 -9.35 13.74 5.62
N GLY C 140 -8.72 14.47 4.71
CA GLY C 140 -8.14 15.81 4.90
C GLY C 140 -6.61 15.76 5.01
N SER C 141 -5.93 16.70 4.36
CA SER C 141 -4.49 16.67 4.05
C SER C 141 -3.55 16.54 5.26
N LYS C 142 -3.97 16.96 6.46
CA LYS C 142 -3.28 16.73 7.74
C LYS C 142 -3.07 15.24 8.09
N ASN C 143 -3.82 14.34 7.47
CA ASN C 143 -3.67 12.88 7.56
C ASN C 143 -2.78 12.30 6.43
N PHE C 144 -2.73 12.97 5.27
CA PHE C 144 -1.96 12.56 4.08
C PHE C 144 -0.49 13.08 4.10
N GLN C 145 -0.14 13.93 5.06
CA GLN C 145 1.14 14.66 5.14
C GLN C 145 2.42 13.82 5.15
N ASN C 146 2.33 12.51 5.42
CA ASN C 146 3.47 11.58 5.46
C ASN C 146 3.58 10.65 4.23
N ILE C 147 2.72 10.80 3.22
CA ILE C 147 2.79 10.05 1.95
C ILE C 147 3.92 10.63 1.07
N PHE C 148 4.98 9.85 0.87
CA PHE C 148 6.12 10.21 -0.01
C PHE C 148 6.28 9.22 -1.18
N PRO C 149 6.79 9.65 -2.36
CA PRO C 149 7.05 8.77 -3.49
C PRO C 149 7.99 7.60 -3.15
N PRO C 150 7.91 6.47 -3.87
CA PRO C 150 8.83 5.35 -3.70
C PRO C 150 10.27 5.77 -4.00
N SER C 151 11.12 5.71 -2.98
CA SER C 151 12.51 6.17 -2.97
C SER C 151 13.42 5.21 -2.19
N ALA C 152 14.73 5.30 -2.37
CA ALA C 152 15.71 4.48 -1.66
C ALA C 152 15.83 4.84 -0.16
N THR C 153 15.27 5.96 0.31
CA THR C 153 15.33 6.42 1.71
C THR C 153 13.99 6.24 2.42
N LEU C 154 14.03 5.69 3.63
CA LEU C 154 12.91 5.15 4.43
C LEU C 154 12.76 5.85 5.79
N HIS C 155 11.54 5.79 6.32
CA HIS C 155 11.07 6.33 7.59
C HIS C 155 10.09 5.35 8.23
N LEU C 156 10.37 4.95 9.47
CA LEU C 156 9.77 3.81 10.13
C LEU C 156 9.22 4.19 11.52
N SER C 157 8.08 3.62 11.91
CA SER C 157 7.34 4.02 13.11
C SER C 157 6.49 2.89 13.71
N ASN C 158 5.79 3.16 14.82
CA ASN C 158 4.99 2.21 15.61
C ASN C 158 5.84 1.13 16.35
N ILE C 159 7.15 1.15 16.09
CA ILE C 159 8.26 0.39 16.67
C ILE C 159 8.17 0.28 18.21
N PRO C 160 8.39 -0.92 18.80
CA PRO C 160 8.53 -1.09 20.24
C PRO C 160 9.94 -0.72 20.76
N PRO C 161 10.11 -0.46 22.06
CA PRO C 161 11.43 -0.18 22.66
C PRO C 161 12.35 -1.42 22.75
N SER C 162 11.83 -2.63 22.51
CA SER C 162 12.57 -3.90 22.57
C SER C 162 13.57 -4.09 21.42
N VAL C 163 13.14 -3.89 20.16
CA VAL C 163 13.97 -4.11 18.97
C VAL C 163 15.16 -3.14 18.88
N SER C 164 16.33 -3.67 18.51
CA SER C 164 17.58 -2.93 18.31
C SER C 164 17.76 -2.49 16.85
N GLU C 165 18.75 -1.64 16.60
CA GLU C 165 19.35 -1.47 15.27
C GLU C 165 19.82 -2.83 14.71
N GLU C 166 20.36 -3.68 15.58
CA GLU C 166 20.77 -5.07 15.29
C GLU C 166 19.60 -6.00 14.92
N ASP C 167 18.35 -5.57 15.12
CA ASP C 167 17.14 -6.23 14.58
C ASP C 167 16.66 -5.57 13.28
N LEU C 168 16.35 -4.26 13.33
CA LEU C 168 15.73 -3.52 12.22
C LEU C 168 16.57 -3.57 10.93
N LYS C 169 17.90 -3.45 11.03
CA LYS C 169 18.76 -3.57 9.83
C LYS C 169 18.76 -4.98 9.24
N VAL C 170 18.56 -6.03 10.05
CA VAL C 170 18.48 -7.41 9.57
C VAL C 170 17.13 -7.62 8.87
N LEU C 171 16.04 -7.13 9.45
CA LEU C 171 14.71 -7.09 8.84
C LEU C 171 14.75 -6.57 7.40
N PHE C 172 15.29 -5.35 7.21
CA PHE C 172 15.38 -4.73 5.89
C PHE C 172 16.44 -5.43 5.00
N SER C 173 17.59 -5.87 5.55
CA SER C 173 18.63 -6.60 4.79
C SER C 173 18.14 -7.96 4.25
N SER C 174 17.29 -8.69 5.00
CA SER C 174 16.71 -9.99 4.59
C SER C 174 15.84 -9.97 3.33
N ASN C 175 15.57 -8.79 2.76
CA ASN C 175 15.03 -8.62 1.41
C ASN C 175 15.95 -9.17 0.30
N GLY C 176 17.25 -9.34 0.58
CA GLY C 176 18.31 -9.80 -0.33
C GLY C 176 19.49 -8.81 -0.40
N GLY C 177 19.21 -7.53 -0.10
CA GLY C 177 20.15 -6.46 0.17
C GLY C 177 19.38 -5.17 0.48
N VAL C 178 20.04 -4.10 0.93
CA VAL C 178 21.46 -4.03 1.33
C VAL C 178 21.73 -3.14 2.55
N VAL C 179 20.76 -2.30 2.94
CA VAL C 179 20.82 -1.28 4.00
C VAL C 179 22.07 -0.38 3.89
N LYS C 180 21.97 0.70 3.09
CA LYS C 180 22.93 1.83 3.09
C LYS C 180 23.08 2.44 4.47
N GLY C 181 21.93 2.75 5.07
CA GLY C 181 21.81 3.72 6.14
C GLY C 181 20.70 3.38 7.10
N PHE C 182 20.72 4.13 8.20
CA PHE C 182 20.01 3.85 9.45
C PHE C 182 20.29 4.93 10.51
N LYS C 183 19.25 5.39 11.21
CA LYS C 183 19.34 5.93 12.59
C LYS C 183 18.05 5.73 13.38
N PHE C 184 18.15 5.27 14.63
CA PHE C 184 17.04 5.36 15.59
C PHE C 184 16.73 6.82 15.93
N PHE C 185 15.47 7.10 16.26
CA PHE C 185 15.01 8.39 16.78
C PHE C 185 14.77 8.29 18.29
N GLN C 186 15.33 9.23 19.05
CA GLN C 186 15.19 9.30 20.51
C GLN C 186 14.45 10.56 21.00
N LYS C 187 14.30 11.60 20.15
CA LYS C 187 13.59 12.86 20.50
C LYS C 187 12.07 12.69 20.67
N ASP C 188 11.46 11.73 19.97
CA ASP C 188 10.01 11.48 20.00
C ASP C 188 9.66 10.00 19.69
N ARG C 189 8.43 9.60 20.04
CA ARG C 189 7.85 8.24 20.13
C ARG C 189 8.88 7.10 20.15
N LYS C 190 9.22 6.46 19.03
CA LYS C 190 10.24 5.39 18.96
C LYS C 190 10.69 5.17 17.51
N MET C 191 10.59 6.23 16.70
CA MET C 191 10.80 6.17 15.26
C MET C 191 12.21 5.68 14.89
N ALA C 192 12.35 5.43 13.61
CA ALA C 192 13.65 5.34 12.94
C ALA C 192 13.64 5.87 11.50
N LEU C 193 14.85 6.06 10.96
CA LEU C 193 15.20 6.38 9.58
C LEU C 193 16.05 5.23 9.04
N ILE C 194 15.91 4.90 7.76
CA ILE C 194 16.70 3.88 7.05
C ILE C 194 17.02 4.36 5.62
N GLN C 195 18.04 3.79 4.99
CA GLN C 195 18.28 3.88 3.54
C GLN C 195 18.68 2.52 2.96
N MET C 196 18.25 2.24 1.73
CA MET C 196 18.51 1.01 0.96
C MET C 196 19.37 1.30 -0.28
N GLY C 197 19.74 0.26 -1.03
CA GLY C 197 20.57 0.35 -2.24
C GLY C 197 19.77 0.79 -3.48
N SER C 198 18.49 0.40 -3.55
CA SER C 198 17.58 0.69 -4.67
C SER C 198 16.13 0.93 -4.21
N VAL C 199 15.33 1.56 -5.09
CA VAL C 199 13.89 1.80 -4.86
C VAL C 199 13.11 0.49 -4.71
N GLU C 200 13.41 -0.52 -5.54
CA GLU C 200 12.75 -1.84 -5.43
C GLU C 200 13.07 -2.56 -4.10
N GLU C 201 14.25 -2.38 -3.53
CA GLU C 201 14.58 -2.87 -2.19
C GLU C 201 13.73 -2.16 -1.12
N ALA C 202 13.67 -0.84 -1.18
CA ALA C 202 12.84 -0.01 -0.27
C ALA C 202 11.35 -0.39 -0.34
N VAL C 203 10.80 -0.54 -1.55
CA VAL C 203 9.43 -1.01 -1.79
C VAL C 203 9.19 -2.41 -1.21
N GLN C 204 10.03 -3.39 -1.54
CA GLN C 204 9.78 -4.76 -1.10
C GLN C 204 10.04 -4.97 0.41
N ALA C 205 10.88 -4.15 1.04
CA ALA C 205 10.96 -4.05 2.50
C ALA C 205 9.69 -3.43 3.13
N LEU C 206 9.01 -2.49 2.46
CA LEU C 206 7.73 -1.93 2.89
C LEU C 206 6.64 -3.01 2.85
N ILE C 207 6.41 -3.65 1.71
CA ILE C 207 5.34 -4.67 1.59
C ILE C 207 5.57 -5.90 2.48
N ASP C 208 6.84 -6.19 2.83
CA ASP C 208 7.20 -7.17 3.86
C ASP C 208 6.81 -6.70 5.27
N LEU C 209 7.38 -5.59 5.74
CA LEU C 209 7.39 -5.22 7.16
C LEU C 209 6.28 -4.25 7.60
N HIS C 210 5.64 -3.50 6.71
CA HIS C 210 4.42 -2.74 7.02
C HIS C 210 3.31 -3.70 7.52
N ASN C 211 3.13 -3.72 8.84
CA ASN C 211 2.24 -4.57 9.66
C ASN C 211 2.89 -5.88 10.15
N HIS C 212 4.22 -5.93 10.24
CA HIS C 212 4.94 -6.87 11.11
C HIS C 212 4.56 -6.65 12.58
N ASP C 213 3.53 -7.36 13.06
CA ASP C 213 2.96 -7.24 14.40
C ASP C 213 3.74 -8.05 15.45
N LEU C 214 4.36 -7.37 16.41
CA LEU C 214 4.89 -7.95 17.65
C LEU C 214 3.79 -8.11 18.71
N GLY C 215 2.66 -7.42 18.54
CA GLY C 215 1.42 -7.54 19.33
C GLY C 215 0.34 -6.58 18.84
N GLU C 216 -0.84 -6.61 19.46
CA GLU C 216 -1.93 -5.66 19.19
C GLU C 216 -1.58 -4.19 19.50
N ASN C 217 -0.51 -3.97 20.28
CA ASN C 217 0.00 -2.66 20.71
C ASN C 217 1.18 -2.14 19.84
N HIS C 218 1.83 -3.01 19.06
CA HIS C 218 3.02 -2.72 18.25
C HIS C 218 3.04 -3.51 16.94
N HIS C 219 2.78 -2.80 15.82
CA HIS C 219 2.83 -3.32 14.46
C HIS C 219 3.57 -2.35 13.54
N LEU C 220 4.77 -2.76 13.13
CA LEU C 220 5.76 -1.94 12.40
C LEU C 220 5.14 -1.20 11.21
N ARG C 221 5.21 0.14 11.19
CA ARG C 221 4.79 0.98 10.07
C ARG C 221 6.02 1.48 9.33
N VAL C 222 5.89 1.53 8.02
CA VAL C 222 6.98 1.70 7.04
C VAL C 222 6.52 2.66 5.95
N SER C 223 7.32 3.69 5.73
CA SER C 223 7.18 4.66 4.63
C SER C 223 8.54 5.07 4.08
N PHE C 224 8.49 5.81 2.99
CA PHE C 224 9.58 6.59 2.41
C PHE C 224 9.80 7.91 3.18
N SER C 225 11.04 8.40 3.18
CA SER C 225 11.44 9.56 3.98
C SER C 225 11.68 10.80 3.13
N LYS C 226 10.80 11.78 3.33
CA LYS C 226 11.05 13.23 3.18
C LYS C 226 12.35 13.83 3.79
N SER C 227 13.21 13.04 4.46
CA SER C 227 14.39 13.50 5.22
C SER C 227 15.66 12.70 4.83
N THR C 228 16.75 12.91 5.55
CA THR C 228 18.08 12.30 5.32
C THR C 228 18.68 11.70 6.59
N ILE C 229 19.65 10.80 6.43
CA ILE C 229 20.33 10.08 7.52
C ILE C 229 21.46 10.95 8.11
N GLY C 22 -21.07 25.67 -20.32
CA GLY C 22 -19.86 25.25 -19.56
C GLY C 22 -18.62 25.97 -20.07
N ARG C 23 -17.45 25.32 -19.94
CA ARG C 23 -16.13 25.81 -20.39
C ARG C 23 -15.34 24.71 -21.12
N ILE C 24 -15.00 24.95 -22.38
CA ILE C 24 -14.35 24.05 -23.35
C ILE C 24 -14.94 22.60 -23.40
N ALA C 25 -14.25 21.67 -24.08
CA ALA C 25 -14.66 20.26 -24.19
C ALA C 25 -14.53 19.46 -22.87
N ILE C 26 -13.72 19.94 -21.92
CA ILE C 26 -13.43 19.31 -20.62
C ILE C 26 -13.34 20.38 -19.51
N PRO C 27 -14.42 20.62 -18.72
CA PRO C 27 -14.48 21.71 -17.74
C PRO C 27 -13.71 21.44 -16.43
N GLY C 28 -13.21 20.22 -16.21
CA GLY C 28 -12.53 19.79 -14.99
C GLY C 28 -13.43 18.90 -14.13
N LEU C 29 -13.46 17.59 -14.43
CA LEU C 29 -14.42 16.62 -13.89
C LEU C 29 -13.82 15.56 -12.94
N ALA C 30 -12.49 15.51 -12.80
CA ALA C 30 -11.80 14.54 -11.94
C ALA C 30 -12.14 14.71 -10.44
N GLY C 31 -12.14 13.60 -9.69
CA GLY C 31 -12.45 13.52 -8.26
C GLY C 31 -13.95 13.40 -7.92
N ALA C 32 -14.85 13.51 -8.92
CA ALA C 32 -16.30 13.51 -8.73
C ALA C 32 -16.91 12.13 -8.42
N GLY C 33 -16.26 11.03 -8.85
CA GLY C 33 -16.79 9.65 -8.69
C GLY C 33 -15.88 8.51 -9.17
N ASN C 34 -14.65 8.79 -9.58
CA ASN C 34 -13.66 7.84 -10.09
C ASN C 34 -12.87 7.11 -8.98
N SER C 35 -13.55 6.69 -7.90
CA SER C 35 -12.95 6.08 -6.71
C SER C 35 -12.30 4.70 -6.93
N VAL C 36 -12.68 3.98 -8.00
CA VAL C 36 -12.06 2.70 -8.38
C VAL C 36 -10.80 2.85 -9.25
N LEU C 37 -9.95 1.82 -9.26
CA LEU C 37 -8.68 1.74 -9.99
C LEU C 37 -8.50 0.35 -10.64
N LEU C 38 -8.30 0.32 -11.95
CA LEU C 38 -8.11 -0.87 -12.78
C LEU C 38 -6.64 -1.31 -12.62
N VAL C 39 -6.40 -2.46 -11.98
CA VAL C 39 -5.06 -3.04 -11.85
C VAL C 39 -4.94 -4.26 -12.74
N SER C 40 -4.13 -4.13 -13.78
CA SER C 40 -4.04 -5.07 -14.88
C SER C 40 -2.61 -5.60 -15.11
N ASN C 41 -2.46 -6.66 -15.90
CA ASN C 41 -1.18 -7.35 -16.15
C ASN C 41 -0.46 -7.86 -14.86
N LEU C 42 -1.18 -8.04 -13.74
CA LEU C 42 -0.66 -8.75 -12.56
C LEU C 42 -0.45 -10.26 -12.82
N ASN C 43 0.17 -10.98 -11.89
CA ASN C 43 0.43 -12.42 -11.95
C ASN C 43 -0.44 -13.17 -10.90
N PRO C 44 -1.60 -13.75 -11.25
CA PRO C 44 -2.49 -14.42 -10.29
C PRO C 44 -1.85 -15.51 -9.42
N GLU C 45 -0.79 -16.18 -9.91
CA GLU C 45 -0.08 -17.23 -9.18
C GLU C 45 0.81 -16.68 -8.04
N ARG C 46 1.16 -15.39 -8.07
CA ARG C 46 2.07 -14.73 -7.12
C ARG C 46 1.53 -13.40 -6.53
N VAL C 47 0.40 -12.90 -7.00
CA VAL C 47 -0.26 -11.70 -6.44
C VAL C 47 -0.65 -11.92 -4.97
N THR C 48 -0.52 -10.88 -4.15
CA THR C 48 -0.91 -10.85 -2.74
C THR C 48 -1.78 -9.62 -2.47
N PRO C 49 -3.09 -9.76 -2.24
CA PRO C 49 -3.99 -8.60 -2.09
C PRO C 49 -3.65 -7.75 -0.88
N GLN C 50 -3.03 -8.30 0.17
CA GLN C 50 -2.51 -7.53 1.30
C GLN C 50 -1.29 -6.65 0.94
N SER C 51 -0.48 -7.05 -0.04
CA SER C 51 0.70 -6.29 -0.49
C SER C 51 0.27 -5.14 -1.40
N LEU C 52 -0.65 -5.44 -2.32
CA LEU C 52 -1.39 -4.44 -3.09
C LEU C 52 -2.09 -3.42 -2.16
N PHE C 53 -2.87 -3.92 -1.20
CA PHE C 53 -3.54 -3.10 -0.18
C PHE C 53 -2.56 -2.19 0.57
N ILE C 54 -1.45 -2.72 1.08
CA ILE C 54 -0.41 -1.93 1.77
C ILE C 54 0.11 -0.79 0.88
N LEU C 55 0.55 -1.07 -0.35
CA LEU C 55 1.07 -0.06 -1.29
C LEU C 55 0.05 1.06 -1.55
N PHE C 56 -1.02 0.76 -2.31
CA PHE C 56 -2.10 1.69 -2.64
C PHE C 56 -2.71 2.33 -1.36
N GLY C 57 -2.71 1.61 -0.24
CA GLY C 57 -3.17 2.06 1.06
C GLY C 57 -2.30 3.13 1.73
N VAL C 58 -1.00 3.16 1.44
CA VAL C 58 -0.07 4.18 1.96
C VAL C 58 -0.16 5.44 1.10
N TYR C 59 -0.32 5.26 -0.21
CA TYR C 59 -0.51 6.37 -1.15
C TYR C 59 -1.88 7.06 -1.05
N GLY C 60 -2.95 6.28 -0.89
CA GLY C 60 -4.30 6.74 -1.21
C GLY C 60 -5.46 5.97 -0.59
N ASP C 61 -5.18 4.97 0.25
CA ASP C 61 -6.15 4.27 1.11
C ASP C 61 -7.20 3.42 0.34
N VAL C 62 -6.89 2.14 0.13
CA VAL C 62 -7.83 1.15 -0.42
C VAL C 62 -8.97 0.86 0.56
N GLN C 63 -10.17 0.62 0.04
CA GLN C 63 -11.37 0.20 0.79
C GLN C 63 -11.84 -1.22 0.40
N ARG C 64 -11.73 -1.62 -0.87
CA ARG C 64 -12.01 -2.99 -1.34
C ARG C 64 -11.07 -3.43 -2.46
N VAL C 65 -10.75 -4.74 -2.50
CA VAL C 65 -9.89 -5.39 -3.50
C VAL C 65 -10.63 -6.54 -4.19
N LYS C 66 -11.15 -6.30 -5.41
CA LYS C 66 -11.55 -7.37 -6.34
C LYS C 66 -10.31 -7.95 -7.02
N ILE C 67 -10.15 -9.28 -7.06
CA ILE C 67 -9.19 -10.00 -7.93
C ILE C 67 -9.99 -10.97 -8.80
N LEU C 68 -9.51 -11.28 -10.01
CA LEU C 68 -10.28 -12.02 -11.00
C LEU C 68 -9.70 -13.42 -11.26
N PHE C 69 -10.09 -14.32 -10.36
CA PHE C 69 -10.02 -15.79 -10.40
C PHE C 69 -8.69 -16.40 -10.90
N ASN C 70 -8.59 -16.74 -12.19
CA ASN C 70 -7.58 -17.69 -12.70
C ASN C 70 -7.11 -17.47 -14.15
N LYS C 71 -7.73 -16.55 -14.90
CA LYS C 71 -7.50 -16.34 -16.34
C LYS C 71 -7.34 -14.87 -16.73
N LYS C 72 -8.10 -13.97 -16.11
CA LYS C 72 -8.23 -12.55 -16.51
C LYS C 72 -6.98 -11.70 -16.20
N GLU C 73 -6.09 -12.15 -15.32
CA GLU C 73 -4.85 -11.43 -14.89
C GLU C 73 -5.10 -9.97 -14.47
N ASN C 74 -6.22 -9.74 -13.77
CA ASN C 74 -6.75 -8.41 -13.45
C ASN C 74 -7.38 -8.31 -12.05
N ALA C 75 -7.53 -7.05 -11.60
CA ALA C 75 -8.11 -6.60 -10.35
C ALA C 75 -8.76 -5.20 -10.54
N LEU C 76 -9.61 -4.81 -9.58
CA LEU C 76 -10.52 -3.67 -9.62
C LEU C 76 -10.68 -3.19 -8.16
N VAL C 77 -10.10 -2.03 -7.86
CA VAL C 77 -9.74 -1.61 -6.50
C VAL C 77 -10.47 -0.33 -6.12
N GLN C 78 -11.46 -0.45 -5.23
CA GLN C 78 -12.18 0.69 -4.68
C GLN C 78 -11.32 1.38 -3.61
N MET C 79 -10.98 2.64 -3.82
CA MET C 79 -10.18 3.46 -2.89
C MET C 79 -11.02 4.59 -2.27
N ALA C 80 -10.44 5.33 -1.31
CA ALA C 80 -11.16 6.28 -0.45
C ALA C 80 -11.76 7.52 -1.14
N ASP C 81 -11.27 7.93 -2.32
CA ASP C 81 -11.67 9.19 -2.97
C ASP C 81 -11.80 9.08 -4.50
N GLY C 82 -10.66 8.95 -5.20
CA GLY C 82 -10.58 9.09 -6.67
C GLY C 82 -9.31 9.80 -7.10
N ASN C 83 -9.07 11.04 -6.69
CA ASN C 83 -7.79 11.74 -6.95
C ASN C 83 -6.62 11.08 -6.20
N GLN C 84 -6.87 10.53 -5.00
CA GLN C 84 -5.91 9.69 -4.26
C GLN C 84 -5.60 8.37 -4.98
N ALA C 85 -6.58 7.79 -5.69
CA ALA C 85 -6.37 6.63 -6.55
C ALA C 85 -5.51 6.98 -7.78
N GLN C 86 -5.71 8.16 -8.38
CA GLN C 86 -4.86 8.64 -9.49
C GLN C 86 -3.43 8.93 -9.04
N LEU C 87 -3.23 9.42 -7.80
CA LEU C 87 -1.91 9.57 -7.20
C LEU C 87 -1.20 8.22 -6.98
N ALA C 88 -1.89 7.26 -6.36
CA ALA C 88 -1.39 5.89 -6.18
C ALA C 88 -0.99 5.25 -7.52
N MET C 89 -1.85 5.38 -8.54
CA MET C 89 -1.56 5.02 -9.93
C MET C 89 -0.31 5.71 -10.50
N SER C 90 -0.18 7.03 -10.31
CA SER C 90 0.94 7.83 -10.84
C SER C 90 2.29 7.34 -10.30
N HIS C 91 2.34 6.95 -9.03
CA HIS C 91 3.52 6.33 -8.41
C HIS C 91 3.74 4.88 -8.87
N LEU C 92 2.71 4.01 -8.77
CA LEU C 92 2.88 2.56 -8.88
C LEU C 92 2.95 1.98 -10.31
N ASN C 93 2.47 2.67 -11.34
CA ASN C 93 2.44 2.19 -12.73
C ASN C 93 3.80 1.59 -13.18
N GLY C 94 3.83 0.28 -13.42
CA GLY C 94 4.99 -0.48 -13.90
C GLY C 94 5.94 -1.00 -12.81
N HIS C 95 5.57 -0.91 -11.52
CA HIS C 95 6.34 -1.48 -10.41
C HIS C 95 6.56 -3.01 -10.52
N LYS C 96 7.47 -3.52 -9.69
CA LYS C 96 7.97 -4.90 -9.65
C LYS C 96 7.88 -5.47 -8.23
N LEU C 97 6.85 -6.29 -7.99
CA LEU C 97 6.62 -7.02 -6.73
C LEU C 97 6.51 -8.55 -6.91
N HIS C 98 6.07 -9.03 -8.07
CA HIS C 98 5.97 -10.45 -8.45
C HIS C 98 6.48 -10.73 -9.89
N GLY C 99 7.35 -9.88 -10.43
CA GLY C 99 8.08 -10.08 -11.68
C GLY C 99 7.53 -9.25 -12.85
N LYS C 100 6.21 -9.35 -13.10
CA LYS C 100 5.51 -8.61 -14.17
C LYS C 100 5.53 -7.09 -13.91
N PRO C 101 5.74 -6.23 -14.93
CA PRO C 101 5.57 -4.78 -14.83
C PRO C 101 4.08 -4.42 -14.83
N ILE C 102 3.52 -4.09 -13.67
CA ILE C 102 2.07 -3.97 -13.50
C ILE C 102 1.48 -2.77 -14.27
N ARG C 103 0.47 -2.99 -15.11
CA ARG C 103 -0.32 -1.93 -15.76
C ARG C 103 -1.39 -1.42 -14.78
N ILE C 104 -1.40 -0.12 -14.49
CA ILE C 104 -2.21 0.48 -13.42
C ILE C 104 -2.88 1.74 -13.96
N THR C 105 -4.21 1.74 -14.03
CA THR C 105 -5.00 2.56 -14.96
C THR C 105 -6.34 3.05 -14.36
N LEU C 106 -6.85 4.19 -14.82
CA LEU C 106 -8.18 4.72 -14.47
C LEU C 106 -9.31 3.74 -14.83
N SER C 107 -10.03 3.23 -13.82
CA SER C 107 -11.25 2.44 -14.02
C SER C 107 -12.37 3.19 -14.74
N LYS C 108 -13.25 2.42 -15.40
CA LYS C 108 -14.53 2.89 -16.00
C LYS C 108 -15.75 2.72 -15.09
N HIS C 109 -15.61 1.91 -14.03
CA HIS C 109 -16.64 1.61 -13.03
C HIS C 109 -16.80 2.73 -11.98
N GLN C 110 -17.70 2.55 -11.00
CA GLN C 110 -17.97 3.50 -9.91
C GLN C 110 -17.90 2.86 -8.52
N ASN C 111 -18.52 1.68 -8.33
CA ASN C 111 -18.52 0.91 -7.08
C ASN C 111 -18.30 -0.59 -7.35
N VAL C 112 -18.05 -1.38 -6.30
CA VAL C 112 -17.81 -2.83 -6.40
C VAL C 112 -18.77 -3.65 -5.52
N GLN C 113 -19.27 -4.76 -6.09
CA GLN C 113 -20.09 -5.79 -5.46
C GLN C 113 -19.34 -6.62 -4.40
N LEU C 114 -20.05 -7.51 -3.70
CA LEU C 114 -19.52 -8.28 -2.57
C LEU C 114 -20.17 -9.68 -2.45
N PRO C 115 -19.37 -10.77 -2.41
CA PRO C 115 -19.81 -12.12 -2.04
C PRO C 115 -20.51 -12.23 -0.68
N ARG C 116 -20.99 -13.45 -0.36
CA ARG C 116 -21.71 -13.82 0.88
C ARG C 116 -20.88 -13.74 2.17
N GLU C 117 -19.57 -13.49 2.06
CA GLU C 117 -18.56 -13.49 3.14
C GLU C 117 -18.31 -14.88 3.80
N GLY C 118 -18.92 -15.93 3.25
CA GLY C 118 -18.82 -17.32 3.70
C GLY C 118 -19.29 -18.30 2.63
N GLN C 119 -18.58 -18.30 1.49
CA GLN C 119 -18.89 -19.05 0.27
C GLN C 119 -17.67 -19.88 -0.19
N GLU C 120 -16.76 -19.26 -0.95
CA GLU C 120 -15.51 -19.86 -1.43
C GLU C 120 -14.34 -18.86 -1.29
N ASP C 121 -13.48 -19.07 -0.28
CA ASP C 121 -12.21 -18.38 0.02
C ASP C 121 -12.26 -16.87 0.34
N GLN C 122 -13.22 -16.10 -0.20
CA GLN C 122 -13.44 -14.65 -0.08
C GLN C 122 -12.29 -13.73 -0.56
N GLY C 123 -11.07 -14.25 -0.78
CA GLY C 123 -9.88 -13.48 -1.18
C GLY C 123 -10.01 -12.71 -2.49
N LEU C 124 -10.92 -13.12 -3.37
CA LEU C 124 -11.22 -12.45 -4.65
C LEU C 124 -12.09 -11.20 -4.50
N THR C 125 -12.66 -10.91 -3.32
CA THR C 125 -13.32 -9.63 -3.01
C THR C 125 -13.14 -9.25 -1.52
N LYS C 126 -11.95 -8.80 -1.13
CA LYS C 126 -11.64 -8.39 0.25
C LYS C 126 -12.28 -7.04 0.61
N ASP C 127 -13.21 -7.06 1.56
CA ASP C 127 -13.80 -5.89 2.22
C ASP C 127 -12.83 -5.33 3.29
N TYR C 128 -11.87 -4.50 2.85
CA TYR C 128 -10.88 -3.87 3.74
C TYR C 128 -11.46 -2.78 4.67
N GLY C 129 -12.72 -2.38 4.49
CA GLY C 129 -13.43 -1.46 5.40
C GLY C 129 -13.53 -1.94 6.87
N ASN C 130 -13.33 -3.24 7.12
CA ASN C 130 -13.30 -3.87 8.45
C ASN C 130 -11.87 -4.27 8.91
N SER C 131 -10.84 -3.95 8.12
CA SER C 131 -9.45 -4.40 8.35
C SER C 131 -8.76 -3.76 9.57
N PRO C 132 -7.97 -4.52 10.35
CA PRO C 132 -7.04 -3.99 11.35
C PRO C 132 -5.99 -3.01 10.82
N LEU C 133 -5.65 -3.05 9.51
CA LEU C 133 -4.55 -2.27 8.90
C LEU C 133 -5.01 -1.20 7.88
N HIS C 134 -6.32 -1.04 7.67
CA HIS C 134 -6.96 0.21 7.21
C HIS C 134 -6.74 1.38 8.21
N ARG C 135 -5.50 1.89 8.23
CA ARG C 135 -4.98 2.95 9.12
C ARG C 135 -5.42 4.35 8.73
N PHE C 136 -5.45 4.65 7.44
CA PHE C 136 -5.72 5.98 6.84
C PHE C 136 -7.21 6.41 6.90
N LYS C 137 -8.04 5.74 7.69
CA LYS C 137 -9.50 5.92 7.84
C LYS C 137 -9.97 7.36 8.12
N LYS C 138 -9.15 8.19 8.78
CA LYS C 138 -9.44 9.60 9.10
C LYS C 138 -9.46 10.48 7.84
N PRO C 139 -10.55 11.23 7.54
CA PRO C 139 -10.60 12.22 6.44
C PRO C 139 -9.89 13.53 6.84
N GLY C 140 -8.62 13.43 7.25
CA GLY C 140 -7.92 14.42 8.09
C GLY C 140 -7.31 15.64 7.38
N SER C 141 -7.51 15.79 6.06
CA SER C 141 -7.00 16.88 5.19
C SER C 141 -5.52 17.24 5.41
N LYS C 142 -5.21 18.17 6.34
CA LYS C 142 -3.86 18.56 6.76
C LYS C 142 -3.00 17.38 7.25
N ASN C 143 -3.65 16.31 7.72
CA ASN C 143 -3.03 15.02 8.05
C ASN C 143 -2.21 14.41 6.89
N PHE C 144 -2.69 14.55 5.64
CA PHE C 144 -2.10 13.89 4.45
C PHE C 144 -0.79 14.52 3.94
N GLN C 145 -0.28 15.58 4.58
CA GLN C 145 1.03 16.18 4.29
C GLN C 145 2.22 15.22 4.54
N ASN C 146 1.99 14.07 5.16
CA ASN C 146 2.97 12.98 5.26
C ASN C 146 3.16 12.13 3.98
N ILE C 147 2.32 12.25 2.95
CA ILE C 147 2.43 11.43 1.72
C ILE C 147 3.69 11.80 0.90
N PHE C 148 4.27 10.80 0.22
CA PHE C 148 5.55 10.79 -0.50
C PHE C 148 5.45 9.91 -1.78
N PRO C 149 6.48 9.91 -2.65
CA PRO C 149 6.73 8.91 -3.69
C PRO C 149 7.40 7.61 -3.14
N PRO C 150 7.53 6.55 -3.98
CA PRO C 150 8.45 5.44 -3.75
C PRO C 150 9.93 5.88 -3.89
N SER C 151 10.48 6.51 -2.86
CA SER C 151 11.90 6.89 -2.76
C SER C 151 12.83 5.66 -2.63
N ALA C 152 14.14 5.86 -2.82
CA ALA C 152 15.18 4.95 -2.31
C ALA C 152 15.40 5.06 -0.78
N THR C 153 14.59 5.88 -0.10
CA THR C 153 14.76 6.32 1.30
C THR C 153 13.52 5.97 2.11
N LEU C 154 13.68 5.63 3.38
CA LEU C 154 12.67 5.05 4.28
C LEU C 154 12.50 5.88 5.56
N HIS C 155 11.30 5.82 6.13
CA HIS C 155 10.84 6.46 7.35
C HIS C 155 9.94 5.50 8.12
N LEU C 156 10.26 5.26 9.39
CA LEU C 156 9.74 4.15 10.18
C LEU C 156 9.21 4.64 11.52
N SER C 157 8.12 4.06 12.03
CA SER C 157 7.57 4.30 13.37
C SER C 157 7.01 3.02 13.99
N ASN C 158 6.62 3.10 15.27
CA ASN C 158 5.90 2.10 16.08
C ASN C 158 6.85 1.02 16.64
N ILE C 159 8.15 1.28 16.54
CA ILE C 159 9.29 0.39 16.76
C ILE C 159 9.33 -0.12 18.22
N PRO C 160 9.25 -1.44 18.48
CA PRO C 160 9.23 -1.98 19.83
C PRO C 160 10.59 -1.85 20.56
N PRO C 161 10.59 -1.85 21.91
CA PRO C 161 11.80 -2.07 22.72
C PRO C 161 12.55 -3.38 22.42
N SER C 162 11.86 -4.38 21.84
CA SER C 162 12.34 -5.72 21.52
C SER C 162 13.43 -5.81 20.43
N VAL C 163 13.72 -4.71 19.72
CA VAL C 163 14.72 -4.63 18.63
C VAL C 163 15.73 -3.50 18.86
N SER C 164 16.81 -3.53 18.07
CA SER C 164 17.92 -2.56 18.06
C SER C 164 18.36 -2.24 16.63
N GLU C 165 19.36 -1.37 16.46
CA GLU C 165 19.92 -1.01 15.15
C GLU C 165 20.32 -2.24 14.33
N GLU C 166 21.13 -3.14 14.89
CA GLU C 166 21.59 -4.33 14.16
C GLU C 166 20.46 -5.34 13.85
N ASP C 167 19.43 -5.45 14.70
CA ASP C 167 18.27 -6.32 14.44
C ASP C 167 17.35 -5.75 13.34
N LEU C 168 17.10 -4.44 13.37
CA LEU C 168 16.40 -3.76 12.27
C LEU C 168 17.16 -3.91 10.95
N LYS C 169 18.50 -3.82 10.95
CA LYS C 169 19.27 -4.15 9.75
C LYS C 169 19.09 -5.59 9.26
N VAL C 170 18.71 -6.57 10.10
CA VAL C 170 18.39 -7.94 9.62
C VAL C 170 17.01 -7.96 8.98
N LEU C 171 16.02 -7.28 9.57
CA LEU C 171 14.68 -7.10 9.00
C LEU C 171 14.74 -6.60 7.56
N PHE C 172 15.46 -5.50 7.33
CA PHE C 172 15.63 -4.89 6.01
C PHE C 172 16.60 -5.71 5.12
N SER C 173 17.68 -6.28 5.66
CA SER C 173 18.61 -7.15 4.91
C SER C 173 18.03 -8.53 4.52
N SER C 174 16.95 -9.00 5.15
CA SER C 174 16.27 -10.26 4.80
C SER C 174 15.77 -10.34 3.34
N ASN C 175 15.59 -9.21 2.65
CA ASN C 175 15.22 -9.12 1.24
C ASN C 175 16.43 -9.10 0.26
N GLY C 176 17.64 -8.86 0.79
CA GLY C 176 18.81 -8.32 0.07
C GLY C 176 19.34 -7.13 0.86
N GLY C 177 18.74 -5.95 0.66
CA GLY C 177 18.73 -4.86 1.63
C GLY C 177 20.05 -4.12 1.62
N VAL C 178 20.25 -3.39 0.52
CA VAL C 178 21.41 -2.58 0.18
C VAL C 178 21.41 -1.29 1.03
N VAL C 179 21.43 -1.43 2.36
CA VAL C 179 21.23 -0.34 3.34
C VAL C 179 22.38 0.68 3.28
N LYS C 180 22.13 1.82 2.63
CA LYS C 180 22.93 3.06 2.68
C LYS C 180 23.02 3.62 4.09
N GLY C 181 21.86 3.88 4.67
CA GLY C 181 21.69 4.87 5.73
C GLY C 181 20.63 4.46 6.75
N PHE C 182 20.63 5.20 7.86
CA PHE C 182 19.97 4.86 9.13
C PHE C 182 20.19 5.95 10.19
N LYS C 183 19.10 6.60 10.64
CA LYS C 183 18.98 7.47 11.82
C LYS C 183 17.85 6.97 12.73
N PHE C 184 18.15 6.46 13.92
CA PHE C 184 17.12 6.39 14.98
C PHE C 184 16.68 7.81 15.39
N PHE C 185 15.37 8.07 15.40
CA PHE C 185 14.80 9.18 16.16
C PHE C 185 14.72 8.80 17.64
N GLN C 186 14.09 7.65 17.94
CA GLN C 186 13.74 7.07 19.26
C GLN C 186 12.80 7.93 20.13
N LYS C 187 12.92 9.26 20.08
CA LYS C 187 11.96 10.28 20.53
C LYS C 187 10.60 10.18 19.81
N ASP C 188 9.70 11.11 20.12
CA ASP C 188 8.31 11.17 19.62
C ASP C 188 8.21 10.99 18.08
N ARG C 189 7.34 10.11 17.58
CA ARG C 189 6.55 9.08 18.28
C ARG C 189 7.42 7.92 18.76
N LYS C 190 7.93 7.07 17.87
CA LYS C 190 8.71 5.85 18.19
C LYS C 190 9.48 5.41 16.95
N MET C 191 10.38 6.28 16.52
CA MET C 191 10.72 6.44 15.10
C MET C 191 12.17 6.19 14.70
N ALA C 192 12.35 6.05 13.39
CA ALA C 192 13.62 6.04 12.67
C ALA C 192 13.49 6.52 11.20
N LEU C 193 14.64 6.71 10.56
CA LEU C 193 14.91 7.00 9.15
C LEU C 193 15.89 5.93 8.67
N ILE C 194 15.75 5.41 7.45
CA ILE C 194 16.67 4.44 6.83
C ILE C 194 16.85 4.79 5.33
N GLN C 195 17.85 4.26 4.64
CA GLN C 195 18.06 4.47 3.21
C GLN C 195 18.65 3.24 2.52
N MET C 196 18.29 3.01 1.26
CA MET C 196 18.72 1.91 0.40
C MET C 196 19.52 2.39 -0.82
N GLY C 197 20.22 1.45 -1.47
CA GLY C 197 20.86 1.60 -2.78
C GLY C 197 19.89 1.43 -3.96
N SER C 198 18.70 0.88 -3.74
CA SER C 198 17.72 0.53 -4.78
C SER C 198 16.27 0.76 -4.32
N VAL C 199 15.45 1.36 -5.20
CA VAL C 199 14.02 1.59 -4.96
C VAL C 199 13.26 0.27 -4.77
N GLU C 200 13.53 -0.76 -5.56
CA GLU C 200 12.85 -2.06 -5.41
C GLU C 200 13.13 -2.73 -4.05
N GLU C 201 14.32 -2.53 -3.47
CA GLU C 201 14.63 -2.97 -2.10
C GLU C 201 13.83 -2.17 -1.06
N ALA C 202 13.74 -0.84 -1.21
CA ALA C 202 12.89 0.01 -0.37
C ALA C 202 11.39 -0.37 -0.46
N VAL C 203 10.88 -0.67 -1.66
CA VAL C 203 9.50 -1.10 -1.92
C VAL C 203 9.21 -2.42 -1.22
N GLN C 204 10.07 -3.41 -1.40
CA GLN C 204 9.89 -4.74 -0.82
C GLN C 204 10.10 -4.76 0.70
N ALA C 205 10.96 -3.89 1.25
CA ALA C 205 11.05 -3.67 2.69
C ALA C 205 9.75 -3.11 3.30
N LEU C 206 9.09 -2.14 2.63
CA LEU C 206 7.77 -1.65 3.02
C LEU C 206 6.72 -2.77 2.99
N ILE C 207 6.63 -3.48 1.85
CA ILE C 207 5.74 -4.62 1.63
C ILE C 207 5.88 -5.68 2.73
N ASP C 208 7.11 -6.05 3.10
CA ASP C 208 7.38 -7.06 4.14
C ASP C 208 7.03 -6.56 5.55
N LEU C 209 7.57 -5.41 5.97
CA LEU C 209 7.58 -4.99 7.37
C LEU C 209 6.39 -4.14 7.83
N HIS C 210 5.72 -3.37 6.96
CA HIS C 210 4.47 -2.71 7.33
C HIS C 210 3.42 -3.74 7.77
N ASN C 211 3.19 -3.82 9.09
CA ASN C 211 2.29 -4.72 9.83
C ASN C 211 2.93 -6.10 10.19
N HIS C 212 4.26 -6.21 10.12
CA HIS C 212 5.04 -7.24 10.82
C HIS C 212 4.84 -7.12 12.35
N ASP C 213 3.98 -7.97 12.91
CA ASP C 213 3.47 -7.88 14.28
C ASP C 213 4.26 -8.73 15.28
N LEU C 214 4.93 -8.07 16.24
CA LEU C 214 5.51 -8.69 17.44
C LEU C 214 4.48 -8.78 18.57
N GLY C 215 3.51 -7.86 18.60
CA GLY C 215 2.41 -7.78 19.58
C GLY C 215 2.85 -7.33 20.99
N GLU C 216 1.92 -7.17 21.94
CA GLU C 216 0.45 -7.21 21.76
C GLU C 216 -0.12 -5.97 21.01
N ASN C 217 0.68 -4.90 20.92
CA ASN C 217 0.36 -3.65 20.22
C ASN C 217 1.41 -3.24 19.16
N HIS C 218 2.65 -3.71 19.30
CA HIS C 218 3.78 -3.38 18.42
C HIS C 218 3.80 -4.26 17.17
N HIS C 219 3.28 -3.73 16.07
CA HIS C 219 3.76 -4.05 14.73
C HIS C 219 4.57 -2.87 14.17
N LEU C 220 5.36 -3.11 13.14
CA LEU C 220 6.10 -2.05 12.45
C LEU C 220 5.19 -1.25 11.51
N ARG C 221 5.41 0.07 11.44
CA ARG C 221 4.86 1.02 10.45
C ARG C 221 5.99 1.58 9.62
N VAL C 222 6.10 1.06 8.41
CA VAL C 222 7.16 1.36 7.44
C VAL C 222 6.60 2.19 6.30
N SER C 223 7.28 3.28 5.98
CA SER C 223 7.02 4.18 4.86
C SER C 223 8.32 4.55 4.16
N PHE C 224 8.20 5.16 2.99
CA PHE C 224 9.28 5.93 2.37
C PHE C 224 9.48 7.26 3.12
N SER C 225 10.71 7.78 3.06
CA SER C 225 11.00 9.12 3.59
C SER C 225 10.64 10.19 2.56
N LYS C 226 9.62 10.99 2.93
CA LYS C 226 9.34 12.33 2.39
C LYS C 226 10.48 13.36 2.61
N SER C 227 11.58 12.99 3.25
CA SER C 227 12.74 13.83 3.65
C SER C 227 14.07 13.12 3.33
N THR C 228 15.18 13.50 3.98
CA THR C 228 16.53 12.93 3.75
C THR C 228 17.36 12.75 5.04
N ILE C 229 18.36 11.86 4.96
CA ILE C 229 19.36 11.55 6.01
C ILE C 229 20.47 12.61 5.96
N GLY C 22 -24.54 8.97 -6.86
CA GLY C 22 -24.71 8.98 -5.40
C GLY C 22 -25.71 10.03 -4.94
N ARG C 23 -25.84 10.23 -3.62
CA ARG C 23 -26.79 11.17 -2.98
C ARG C 23 -26.54 12.64 -3.35
N ILE C 24 -25.27 13.03 -3.51
CA ILE C 24 -24.81 14.41 -3.79
C ILE C 24 -24.12 14.45 -5.16
N ALA C 25 -22.99 13.74 -5.32
CA ALA C 25 -22.28 13.60 -6.59
C ALA C 25 -23.12 12.79 -7.61
N ILE C 26 -23.41 13.40 -8.76
CA ILE C 26 -24.19 12.82 -9.87
C ILE C 26 -23.44 12.95 -11.23
N PRO C 27 -23.38 11.87 -12.05
CA PRO C 27 -22.83 11.92 -13.41
C PRO C 27 -23.48 12.99 -14.29
N GLY C 28 -22.73 13.51 -15.26
CA GLY C 28 -23.20 14.47 -16.27
C GLY C 28 -23.47 15.90 -15.77
N LEU C 29 -23.28 16.17 -14.46
CA LEU C 29 -23.48 17.47 -13.82
C LEU C 29 -22.35 17.77 -12.81
N ALA C 30 -22.29 17.03 -11.70
CA ALA C 30 -21.22 17.17 -10.70
C ALA C 30 -19.97 16.35 -11.05
N GLY C 31 -20.16 15.10 -11.48
CA GLY C 31 -19.12 14.16 -11.93
C GLY C 31 -19.45 12.70 -11.59
N ALA C 32 -18.83 11.76 -12.32
CA ALA C 32 -19.03 10.32 -12.13
C ALA C 32 -18.18 9.75 -10.99
N GLY C 33 -18.65 8.66 -10.37
CA GLY C 33 -18.03 7.97 -9.23
C GLY C 33 -16.83 7.09 -9.63
N ASN C 34 -15.77 7.73 -10.13
CA ASN C 34 -14.54 7.14 -10.67
C ASN C 34 -13.57 6.52 -9.63
N SER C 35 -14.02 6.26 -8.41
CA SER C 35 -13.24 5.71 -7.27
C SER C 35 -12.73 4.26 -7.45
N VAL C 36 -13.14 3.55 -8.49
CA VAL C 36 -12.57 2.22 -8.84
C VAL C 36 -11.18 2.32 -9.49
N LEU C 37 -10.47 1.19 -9.59
CA LEU C 37 -9.31 0.97 -10.45
C LEU C 37 -9.41 -0.37 -11.18
N LEU C 38 -9.27 -0.35 -12.51
CA LEU C 38 -8.89 -1.54 -13.28
C LEU C 38 -7.41 -1.82 -12.99
N VAL C 39 -7.09 -2.95 -12.37
CA VAL C 39 -5.69 -3.38 -12.18
C VAL C 39 -5.40 -4.57 -13.08
N SER C 40 -4.35 -4.46 -13.89
CA SER C 40 -4.02 -5.43 -14.93
C SER C 40 -2.52 -5.72 -15.06
N ASN C 41 -2.17 -6.70 -15.90
CA ASN C 41 -0.81 -7.22 -16.15
C ASN C 41 -0.09 -7.80 -14.90
N LEU C 42 -0.78 -7.89 -13.76
CA LEU C 42 -0.34 -8.54 -12.51
C LEU C 42 -0.06 -10.05 -12.71
N ASN C 43 1.15 -10.49 -12.38
CA ASN C 43 1.58 -11.89 -12.51
C ASN C 43 0.81 -12.82 -11.55
N PRO C 44 -0.09 -13.70 -12.03
CA PRO C 44 -0.96 -14.51 -11.17
C PRO C 44 -0.21 -15.64 -10.43
N GLU C 45 1.00 -16.00 -10.89
CA GLU C 45 1.87 -16.97 -10.22
C GLU C 45 2.58 -16.39 -8.98
N ARG C 46 2.46 -15.07 -8.75
CA ARG C 46 3.22 -14.32 -7.73
C ARG C 46 2.42 -13.24 -6.96
N VAL C 47 1.28 -12.79 -7.47
CA VAL C 47 0.50 -11.68 -6.85
C VAL C 47 0.00 -12.01 -5.44
N THR C 48 -0.03 -11.01 -4.57
CA THR C 48 -0.53 -11.08 -3.17
C THR C 48 -1.48 -9.91 -2.91
N PRO C 49 -2.80 -10.13 -2.79
CA PRO C 49 -3.79 -9.08 -2.50
C PRO C 49 -3.46 -8.20 -1.28
N GLN C 50 -2.85 -8.77 -0.23
CA GLN C 50 -2.38 -8.00 0.93
C GLN C 50 -1.21 -7.05 0.62
N SER C 51 -0.36 -7.37 -0.37
CA SER C 51 0.79 -6.53 -0.77
C SER C 51 0.34 -5.39 -1.67
N LEU C 52 -0.57 -5.69 -2.60
CA LEU C 52 -1.39 -4.69 -3.30
C LEU C 52 -2.08 -3.76 -2.29
N PHE C 53 -2.81 -4.30 -1.30
CA PHE C 53 -3.48 -3.52 -0.27
C PHE C 53 -2.53 -2.62 0.53
N ILE C 54 -1.37 -3.12 0.98
CA ILE C 54 -0.34 -2.30 1.65
C ILE C 54 0.05 -1.09 0.78
N LEU C 55 0.40 -1.31 -0.49
CA LEU C 55 0.79 -0.25 -1.43
C LEU C 55 -0.34 0.77 -1.67
N PHE C 56 -1.45 0.34 -2.27
CA PHE C 56 -2.65 1.16 -2.52
C PHE C 56 -3.14 1.82 -1.20
N GLY C 57 -2.92 1.18 -0.05
CA GLY C 57 -3.27 1.63 1.30
C GLY C 57 -2.28 2.58 1.98
N VAL C 58 -1.06 2.75 1.45
CA VAL C 58 -0.15 3.83 1.84
C VAL C 58 -0.52 5.07 1.04
N TYR C 59 -0.83 4.89 -0.24
CA TYR C 59 -1.25 5.99 -1.12
C TYR C 59 -2.66 6.54 -0.84
N GLY C 60 -3.64 5.68 -0.57
CA GLY C 60 -5.06 6.08 -0.73
C GLY C 60 -6.16 5.19 -0.13
N ASP C 61 -5.85 3.97 0.31
CA ASP C 61 -6.75 3.09 1.11
C ASP C 61 -7.92 2.47 0.30
N VAL C 62 -7.79 1.17 -0.01
CA VAL C 62 -8.82 0.37 -0.69
C VAL C 62 -9.95 -0.01 0.26
N GLN C 63 -11.20 -0.03 -0.21
CA GLN C 63 -12.35 -0.54 0.57
C GLN C 63 -12.84 -1.90 0.06
N ARG C 64 -12.86 -2.16 -1.25
CA ARG C 64 -13.15 -3.50 -1.80
C ARG C 64 -12.20 -3.92 -2.92
N VAL C 65 -11.92 -5.21 -3.01
CA VAL C 65 -10.99 -5.84 -3.95
C VAL C 65 -11.67 -7.03 -4.63
N LYS C 66 -12.05 -6.90 -5.91
CA LYS C 66 -12.36 -8.06 -6.77
C LYS C 66 -11.10 -8.48 -7.54
N ILE C 67 -10.52 -9.66 -7.23
CA ILE C 67 -9.57 -10.34 -8.13
C ILE C 67 -10.37 -11.31 -8.99
N LEU C 68 -9.95 -11.57 -10.23
CA LEU C 68 -10.63 -12.50 -11.14
C LEU C 68 -9.94 -13.87 -11.19
N PHE C 69 -10.53 -14.80 -10.43
CA PHE C 69 -10.30 -16.25 -10.38
C PHE C 69 -8.82 -16.69 -10.41
N ASN C 70 -8.24 -16.90 -11.59
CA ASN C 70 -6.94 -17.57 -11.76
C ASN C 70 -5.97 -16.80 -12.67
N LYS C 71 -6.13 -16.93 -14.00
CA LYS C 71 -5.08 -16.63 -15.00
C LYS C 71 -5.37 -15.41 -15.90
N LYS C 72 -6.47 -14.68 -15.66
CA LYS C 72 -6.84 -13.46 -16.42
C LYS C 72 -5.89 -12.27 -16.22
N GLU C 73 -4.97 -12.31 -15.26
CA GLU C 73 -4.05 -11.19 -14.92
C GLU C 73 -4.78 -9.86 -14.59
N ASN C 74 -6.02 -9.94 -14.07
CA ASN C 74 -6.90 -8.78 -13.86
C ASN C 74 -7.59 -8.78 -12.49
N ALA C 75 -7.84 -7.57 -12.00
CA ALA C 75 -8.59 -7.19 -10.82
C ALA C 75 -9.30 -5.84 -11.05
N LEU C 76 -10.24 -5.50 -10.17
CA LEU C 76 -11.24 -4.44 -10.32
C LEU C 76 -11.56 -4.01 -8.89
N VAL C 77 -10.91 -2.92 -8.51
CA VAL C 77 -10.71 -2.46 -7.13
C VAL C 77 -11.61 -1.25 -6.86
N GLN C 78 -11.97 -0.99 -5.61
CA GLN C 78 -12.80 0.14 -5.17
C GLN C 78 -12.10 0.87 -4.02
N MET C 79 -11.45 2.00 -4.33
CA MET C 79 -10.74 2.83 -3.35
C MET C 79 -11.65 3.87 -2.67
N ALA C 80 -11.11 4.60 -1.68
CA ALA C 80 -11.83 5.63 -0.92
C ALA C 80 -12.39 6.79 -1.77
N ASP C 81 -11.62 7.28 -2.76
CA ASP C 81 -12.03 8.39 -3.64
C ASP C 81 -11.30 8.32 -5.00
N GLY C 82 -11.89 8.89 -6.06
CA GLY C 82 -11.31 8.98 -7.40
C GLY C 82 -9.97 9.71 -7.49
N ASN C 83 -9.73 10.71 -6.64
CA ASN C 83 -8.44 11.42 -6.55
C ASN C 83 -7.36 10.52 -5.90
N GLN C 84 -7.71 9.81 -4.84
CA GLN C 84 -6.82 8.85 -4.16
C GLN C 84 -6.52 7.62 -5.04
N ALA C 85 -7.50 7.16 -5.83
CA ALA C 85 -7.33 6.20 -6.91
C ALA C 85 -6.32 6.70 -7.97
N GLN C 86 -6.50 7.93 -8.47
CA GLN C 86 -5.55 8.56 -9.40
C GLN C 86 -4.13 8.68 -8.83
N LEU C 87 -3.97 8.99 -7.54
CA LEU C 87 -2.67 9.06 -6.86
C LEU C 87 -2.00 7.67 -6.77
N ALA C 88 -2.71 6.66 -6.26
CA ALA C 88 -2.23 5.27 -6.21
C ALA C 88 -1.82 4.75 -7.61
N MET C 89 -2.67 5.00 -8.62
CA MET C 89 -2.38 4.75 -10.04
C MET C 89 -1.13 5.50 -10.52
N SER C 90 -1.01 6.80 -10.25
CA SER C 90 0.14 7.65 -10.64
C SER C 90 1.49 7.05 -10.22
N HIS C 91 1.57 6.51 -9.00
CA HIS C 91 2.74 5.76 -8.54
C HIS C 91 2.85 4.37 -9.19
N LEU C 92 1.87 3.49 -8.95
CA LEU C 92 1.98 2.04 -9.20
C LEU C 92 1.82 1.60 -10.66
N ASN C 93 1.29 2.45 -11.55
CA ASN C 93 1.16 2.15 -12.98
C ASN C 93 2.54 2.13 -13.65
N GLY C 94 3.13 0.92 -13.76
CA GLY C 94 4.48 0.66 -14.23
C GLY C 94 5.46 0.15 -13.16
N HIS C 95 5.02 -0.04 -11.90
CA HIS C 95 5.86 -0.60 -10.84
C HIS C 95 6.31 -2.03 -11.17
N LYS C 96 7.60 -2.32 -10.96
CA LYS C 96 8.24 -3.62 -11.18
C LYS C 96 8.24 -4.44 -9.88
N LEU C 97 7.20 -5.25 -9.70
CA LEU C 97 7.04 -6.23 -8.61
C LEU C 97 6.22 -7.45 -9.09
N HIS C 98 6.23 -8.54 -8.33
CA HIS C 98 5.81 -9.89 -8.77
C HIS C 98 6.48 -10.38 -10.08
N GLY C 99 7.56 -9.73 -10.54
CA GLY C 99 8.29 -10.04 -11.77
C GLY C 99 7.80 -9.34 -13.05
N LYS C 100 6.74 -8.50 -12.99
CA LYS C 100 6.17 -7.78 -14.14
C LYS C 100 5.96 -6.28 -13.88
N PRO C 101 5.89 -5.43 -14.93
CA PRO C 101 5.41 -4.05 -14.83
C PRO C 101 3.87 -4.03 -14.70
N ILE C 102 3.35 -3.66 -13.53
CA ILE C 102 1.91 -3.53 -13.28
C ILE C 102 1.28 -2.49 -14.23
N ARG C 103 0.05 -2.74 -14.71
CA ARG C 103 -0.76 -1.78 -15.49
C ARG C 103 -2.02 -1.40 -14.70
N ILE C 104 -2.45 -0.14 -14.79
CA ILE C 104 -3.60 0.39 -14.05
C ILE C 104 -4.35 1.37 -14.95
N THR C 105 -5.68 1.37 -14.88
CA THR C 105 -6.56 2.24 -15.67
C THR C 105 -7.73 2.72 -14.79
N LEU C 106 -8.16 3.98 -14.93
CA LEU C 106 -9.13 4.63 -14.03
C LEU C 106 -10.58 4.07 -14.12
N SER C 107 -10.85 3.21 -15.10
CA SER C 107 -12.06 2.41 -15.23
C SER C 107 -13.35 3.20 -15.56
N LYS C 108 -14.45 2.46 -15.73
CA LYS C 108 -15.82 2.89 -16.04
C LYS C 108 -16.87 2.41 -15.02
N HIS C 109 -16.46 1.57 -14.06
CA HIS C 109 -17.33 1.06 -12.99
C HIS C 109 -17.52 2.08 -11.85
N GLN C 110 -18.25 1.70 -10.80
CA GLN C 110 -18.60 2.58 -9.67
C GLN C 110 -18.58 1.85 -8.31
N ASN C 111 -19.07 0.61 -8.27
CA ASN C 111 -19.05 -0.27 -7.10
C ASN C 111 -18.83 -1.75 -7.50
N VAL C 112 -18.56 -2.61 -6.52
CA VAL C 112 -18.35 -4.06 -6.74
C VAL C 112 -19.18 -4.97 -5.85
N GLN C 113 -19.30 -6.23 -6.29
CA GLN C 113 -19.99 -7.34 -5.64
C GLN C 113 -19.44 -7.66 -4.23
N LEU C 114 -20.20 -8.44 -3.45
CA LEU C 114 -19.71 -9.23 -2.30
C LEU C 114 -20.37 -10.63 -2.32
N PRO C 115 -19.75 -11.70 -1.77
CA PRO C 115 -20.24 -13.08 -1.86
C PRO C 115 -21.69 -13.29 -1.44
N ARG C 116 -22.52 -13.71 -2.40
CA ARG C 116 -23.99 -13.91 -2.35
C ARG C 116 -24.78 -12.64 -2.02
N GLU C 117 -24.55 -12.10 -0.82
CA GLU C 117 -25.09 -10.87 -0.23
C GLU C 117 -24.01 -10.20 0.64
N GLY C 118 -23.41 -10.98 1.55
CA GLY C 118 -22.26 -10.58 2.38
C GLY C 118 -21.63 -11.74 3.17
N GLN C 119 -21.62 -12.95 2.61
CA GLN C 119 -21.22 -14.19 3.28
C GLN C 119 -19.70 -14.35 3.51
N GLU C 120 -19.37 -15.37 4.32
CA GLU C 120 -18.06 -15.75 4.83
C GLU C 120 -17.10 -16.35 3.78
N ASP C 121 -17.61 -16.72 2.61
CA ASP C 121 -16.90 -17.40 1.51
C ASP C 121 -15.68 -16.61 1.00
N GLN C 122 -14.47 -17.08 1.31
CA GLN C 122 -13.20 -16.51 0.87
C GLN C 122 -13.00 -16.63 -0.67
N GLY C 123 -12.17 -15.81 -1.32
CA GLY C 123 -11.40 -14.67 -0.79
C GLY C 123 -11.14 -13.54 -1.79
N LEU C 124 -11.52 -13.70 -3.07
CA LEU C 124 -11.22 -12.82 -4.19
C LEU C 124 -12.19 -11.65 -4.35
N THR C 125 -12.98 -11.34 -3.32
CA THR C 125 -14.07 -10.34 -3.30
C THR C 125 -14.08 -9.57 -1.97
N LYS C 126 -12.93 -9.44 -1.31
CA LYS C 126 -12.73 -8.89 0.04
C LYS C 126 -13.25 -7.46 0.23
N ASP C 127 -14.19 -7.29 1.15
CA ASP C 127 -14.43 -6.02 1.87
C ASP C 127 -13.34 -5.81 2.94
N TYR C 128 -12.45 -4.84 2.73
CA TYR C 128 -11.35 -4.51 3.64
C TYR C 128 -11.75 -3.75 4.92
N GLY C 129 -13.02 -3.39 5.10
CA GLY C 129 -13.55 -2.70 6.29
C GLY C 129 -13.27 -3.39 7.63
N ASN C 130 -13.06 -4.71 7.62
CA ASN C 130 -12.73 -5.50 8.80
C ASN C 130 -11.23 -5.43 9.21
N SER C 131 -10.35 -4.95 8.33
CA SER C 131 -8.89 -4.90 8.54
C SER C 131 -8.49 -3.81 9.57
N PRO C 132 -7.60 -4.12 10.54
CA PRO C 132 -6.94 -3.10 11.36
C PRO C 132 -6.13 -2.07 10.55
N LEU C 133 -5.66 -2.42 9.33
CA LEU C 133 -4.78 -1.59 8.51
C LEU C 133 -5.55 -0.68 7.51
N HIS C 134 -6.79 -1.02 7.17
CA HIS C 134 -7.78 -0.08 6.65
C HIS C 134 -8.07 1.02 7.71
N ARG C 135 -7.70 2.28 7.43
CA ARG C 135 -7.60 3.33 8.46
C ARG C 135 -7.80 4.80 8.01
N PHE C 136 -7.70 5.14 6.73
CA PHE C 136 -7.80 6.54 6.24
C PHE C 136 -9.24 7.11 6.19
N LYS C 137 -10.16 6.56 6.99
CA LYS C 137 -11.50 7.13 7.28
C LYS C 137 -11.43 8.56 7.87
N LYS C 138 -10.36 8.88 8.61
CA LYS C 138 -9.99 10.26 9.03
C LYS C 138 -9.50 11.07 7.81
N PRO C 139 -10.23 12.12 7.37
CA PRO C 139 -9.90 12.88 6.16
C PRO C 139 -8.83 13.97 6.38
N GLY C 140 -8.43 14.63 5.29
CA GLY C 140 -7.65 15.87 5.27
C GLY C 140 -6.13 15.68 5.27
N SER C 141 -5.43 16.75 4.90
CA SER C 141 -3.96 16.79 4.76
C SER C 141 -3.20 16.38 6.02
N LYS C 142 -3.78 16.60 7.21
CA LYS C 142 -3.24 16.31 8.56
C LYS C 142 -2.82 14.84 8.80
N ASN C 143 -3.22 13.90 7.95
CA ASN C 143 -2.70 12.52 7.94
C ASN C 143 -2.14 12.06 6.57
N PHE C 144 -2.31 12.85 5.49
CA PHE C 144 -1.68 12.58 4.18
C PHE C 144 -0.24 13.11 4.06
N GLN C 145 0.13 14.15 4.83
CA GLN C 145 1.41 14.90 4.74
C GLN C 145 2.72 14.13 5.07
N ASN C 146 2.63 12.81 5.33
CA ASN C 146 3.72 11.92 5.74
C ASN C 146 3.95 10.72 4.79
N ILE C 147 3.14 10.57 3.73
CA ILE C 147 3.18 9.41 2.79
C ILE C 147 4.52 9.34 2.03
N PHE C 148 4.90 10.43 1.35
CA PHE C 148 6.03 10.63 0.42
C PHE C 148 6.08 9.69 -0.82
N PRO C 149 6.53 10.19 -1.99
CA PRO C 149 6.86 9.34 -3.15
C PRO C 149 7.95 8.29 -2.85
N PRO C 150 8.06 7.21 -3.65
CA PRO C 150 9.19 6.28 -3.61
C PRO C 150 10.57 6.95 -3.58
N SER C 151 11.39 6.54 -2.63
CA SER C 151 12.78 7.00 -2.41
C SER C 151 13.65 5.82 -1.96
N ALA C 152 14.98 5.95 -2.10
CA ALA C 152 15.96 5.00 -1.55
C ALA C 152 16.09 5.09 -0.01
N THR C 153 15.52 6.12 0.62
CA THR C 153 15.58 6.35 2.08
C THR C 153 14.22 6.09 2.74
N LEU C 154 14.20 5.33 3.84
CA LEU C 154 13.01 5.11 4.67
C LEU C 154 13.06 5.91 5.98
N HIS C 155 11.88 6.09 6.54
CA HIS C 155 11.50 6.59 7.85
C HIS C 155 10.56 5.57 8.51
N LEU C 156 10.82 5.21 9.76
CA LEU C 156 10.14 4.13 10.46
C LEU C 156 9.59 4.55 11.84
N SER C 157 8.47 3.94 12.22
CA SER C 157 7.74 4.21 13.47
C SER C 157 7.10 2.94 14.05
N ASN C 158 6.54 3.05 15.26
CA ASN C 158 5.70 2.04 15.95
C ASN C 158 6.44 0.77 16.40
N ILE C 159 7.74 0.70 16.09
CA ILE C 159 8.80 -0.18 16.61
C ILE C 159 8.69 -0.39 18.13
N PRO C 160 8.74 -1.64 18.64
CA PRO C 160 8.72 -1.92 20.09
C PRO C 160 10.04 -1.53 20.78
N PRO C 161 10.06 -1.40 22.12
CA PRO C 161 11.29 -1.15 22.89
C PRO C 161 12.24 -2.37 22.95
N SER C 162 11.77 -3.56 22.58
CA SER C 162 12.47 -4.86 22.68
C SER C 162 13.60 -5.08 21.66
N VAL C 163 13.77 -4.20 20.67
CA VAL C 163 14.71 -4.37 19.53
C VAL C 163 15.72 -3.22 19.42
N SER C 164 16.79 -3.44 18.65
CA SER C 164 17.91 -2.52 18.43
C SER C 164 18.27 -2.36 16.94
N GLU C 165 19.31 -1.57 16.65
CA GLU C 165 19.76 -1.23 15.30
C GLU C 165 20.12 -2.49 14.50
N GLU C 166 20.80 -3.44 15.14
CA GLU C 166 21.17 -4.73 14.53
C GLU C 166 19.94 -5.55 14.11
N ASP C 167 18.84 -5.51 14.88
CA ASP C 167 17.58 -6.16 14.51
C ASP C 167 16.92 -5.51 13.29
N LEU C 168 16.80 -4.17 13.30
CA LEU C 168 16.31 -3.38 12.16
C LEU C 168 17.14 -3.67 10.90
N LYS C 169 18.46 -3.76 11.02
CA LYS C 169 19.35 -4.12 9.91
C LYS C 169 19.13 -5.54 9.41
N VAL C 170 18.67 -6.49 10.23
CA VAL C 170 18.34 -7.85 9.76
C VAL C 170 17.01 -7.82 9.01
N LEU C 171 16.00 -7.09 9.51
CA LEU C 171 14.73 -6.86 8.81
C LEU C 171 14.94 -6.42 7.36
N PHE C 172 15.79 -5.41 7.15
CA PHE C 172 16.12 -4.92 5.82
C PHE C 172 17.10 -5.86 5.08
N SER C 173 18.11 -6.41 5.76
CA SER C 173 19.07 -7.35 5.15
C SER C 173 18.45 -8.66 4.66
N SER C 174 17.33 -9.13 5.25
CA SER C 174 16.54 -10.25 4.73
C SER C 174 16.07 -10.12 3.26
N ASN C 175 16.05 -8.91 2.69
CA ASN C 175 15.71 -8.67 1.27
C ASN C 175 16.95 -8.56 0.34
N GLY C 176 18.15 -8.39 0.91
CA GLY C 176 19.41 -8.15 0.19
C GLY C 176 20.43 -7.45 1.11
N GLY C 177 20.10 -6.22 1.54
CA GLY C 177 20.77 -5.49 2.62
C GLY C 177 21.76 -4.44 2.15
N VAL C 178 21.41 -3.67 1.14
CA VAL C 178 22.20 -2.53 0.63
C VAL C 178 22.11 -1.31 1.58
N VAL C 179 22.33 -1.50 2.88
CA VAL C 179 22.20 -0.50 3.95
C VAL C 179 23.29 0.56 3.86
N LYS C 180 22.96 1.77 3.36
CA LYS C 180 23.83 2.96 3.44
C LYS C 180 23.97 3.47 4.87
N GLY C 181 22.83 3.70 5.51
CA GLY C 181 22.68 4.58 6.66
C GLY C 181 21.41 4.29 7.44
N PHE C 182 21.21 5.06 8.50
CA PHE C 182 20.21 4.89 9.58
C PHE C 182 20.52 5.84 10.76
N LYS C 183 19.46 6.34 11.41
CA LYS C 183 19.50 7.05 12.69
C LYS C 183 18.36 6.58 13.59
N PHE C 184 18.65 6.08 14.79
CA PHE C 184 17.66 6.03 15.88
C PHE C 184 17.32 7.46 16.30
N PHE C 185 16.03 7.77 16.38
CA PHE C 185 15.53 9.05 16.87
C PHE C 185 15.35 9.01 18.39
N GLN C 186 15.57 10.15 19.03
CA GLN C 186 15.51 10.35 20.48
C GLN C 186 14.69 11.58 20.89
N LYS C 187 14.34 12.46 19.94
CA LYS C 187 13.48 13.63 20.16
C LYS C 187 12.04 13.24 20.54
N ASP C 188 11.53 12.13 20.00
CA ASP C 188 10.26 11.50 20.43
C ASP C 188 10.21 9.98 20.16
N ARG C 189 9.28 9.30 20.85
CA ARG C 189 8.93 7.87 20.86
C ARG C 189 10.08 6.87 20.62
N LYS C 190 10.19 6.22 19.45
CA LYS C 190 11.07 5.06 19.15
C LYS C 190 11.47 5.07 17.67
N MET C 191 11.32 6.24 17.04
CA MET C 191 11.41 6.40 15.60
C MET C 191 12.82 6.14 15.08
N ALA C 192 12.90 6.01 13.76
CA ALA C 192 14.16 5.94 13.03
C ALA C 192 14.10 6.45 11.57
N LEU C 193 15.27 6.67 10.97
CA LEU C 193 15.52 6.59 9.51
C LEU C 193 16.33 5.33 9.17
N ILE C 194 16.27 4.86 7.93
CA ILE C 194 17.20 3.88 7.33
C ILE C 194 17.33 4.09 5.82
N GLN C 195 18.54 4.43 5.38
CA GLN C 195 18.87 4.62 3.97
C GLN C 195 19.40 3.33 3.34
N MET C 196 18.81 2.96 2.20
CA MET C 196 19.25 1.86 1.33
C MET C 196 19.92 2.39 0.06
N GLY C 197 20.55 1.51 -0.72
CA GLY C 197 21.30 1.84 -1.93
C GLY C 197 20.46 1.95 -3.21
N SER C 198 19.19 1.55 -3.18
CA SER C 198 18.27 1.64 -4.32
C SER C 198 16.81 1.84 -3.90
N VAL C 199 16.02 2.42 -4.82
CA VAL C 199 14.57 2.59 -4.65
C VAL C 199 13.85 1.24 -4.62
N GLU C 200 14.28 0.24 -5.39
CA GLU C 200 13.66 -1.10 -5.35
C GLU C 200 13.89 -1.82 -4.01
N GLU C 201 15.08 -1.71 -3.41
CA GLU C 201 15.35 -2.24 -2.06
C GLU C 201 14.45 -1.55 -1.02
N ALA C 202 14.34 -0.23 -1.09
CA ALA C 202 13.45 0.56 -0.23
C ALA C 202 11.95 0.22 -0.40
N VAL C 203 11.47 0.12 -1.64
CA VAL C 203 10.11 -0.35 -2.02
C VAL C 203 9.82 -1.70 -1.37
N GLN C 204 10.71 -2.68 -1.54
CA GLN C 204 10.50 -4.02 -0.98
C GLN C 204 10.61 -4.06 0.55
N ALA C 205 11.38 -3.17 1.18
CA ALA C 205 11.33 -2.99 2.63
C ALA C 205 9.96 -2.50 3.13
N LEU C 206 9.30 -1.56 2.44
CA LEU C 206 7.91 -1.19 2.73
C LEU C 206 6.97 -2.40 2.57
N ILE C 207 7.03 -3.09 1.44
CA ILE C 207 6.20 -4.26 1.11
C ILE C 207 6.36 -5.41 2.14
N ASP C 208 7.58 -5.65 2.64
CA ASP C 208 7.86 -6.71 3.64
C ASP C 208 7.54 -6.31 5.08
N LEU C 209 7.85 -5.06 5.49
CA LEU C 209 7.87 -4.66 6.89
C LEU C 209 6.69 -3.79 7.34
N HIS C 210 6.00 -3.04 6.47
CA HIS C 210 4.76 -2.37 6.86
C HIS C 210 3.72 -3.40 7.33
N ASN C 211 3.50 -3.43 8.64
CA ASN C 211 2.68 -4.40 9.39
C ASN C 211 3.31 -5.81 9.49
N HIS C 212 4.62 -5.87 9.76
CA HIS C 212 5.38 -7.10 10.06
C HIS C 212 4.93 -7.82 11.35
N ASP C 213 4.24 -7.12 12.26
CA ASP C 213 3.57 -7.61 13.48
C ASP C 213 4.46 -8.38 14.49
N LEU C 214 5.79 -8.16 14.44
CA LEU C 214 6.79 -8.79 15.33
C LEU C 214 6.63 -8.51 16.85
N GLY C 215 5.74 -7.60 17.24
CA GLY C 215 5.45 -7.22 18.63
C GLY C 215 4.00 -7.47 19.07
N GLU C 216 3.22 -8.24 18.31
CA GLU C 216 1.82 -8.70 18.53
C GLU C 216 0.73 -7.59 18.57
N ASN C 217 1.11 -6.37 18.90
CA ASN C 217 0.33 -5.13 18.83
C ASN C 217 1.23 -3.97 18.35
N HIS C 218 2.47 -3.91 18.83
CA HIS C 218 3.56 -3.18 18.16
C HIS C 218 3.86 -3.84 16.80
N HIS C 219 4.02 -3.01 15.76
CA HIS C 219 4.53 -3.43 14.46
C HIS C 219 5.36 -2.34 13.80
N LEU C 220 6.09 -2.72 12.75
CA LEU C 220 6.78 -1.78 11.87
C LEU C 220 5.75 -0.98 11.04
N ARG C 221 5.80 0.34 11.13
CA ARG C 221 5.23 1.29 10.16
C ARG C 221 6.38 1.98 9.44
N VAL C 222 6.20 2.11 8.14
CA VAL C 222 7.27 2.19 7.15
C VAL C 222 6.83 3.13 6.04
N SER C 223 7.57 4.22 5.86
CA SER C 223 7.36 5.21 4.80
C SER C 223 8.68 5.76 4.31
N PHE C 224 8.80 5.92 3.01
CA PHE C 224 9.80 6.77 2.34
C PHE C 224 10.03 8.11 3.08
N SER C 225 11.29 8.47 3.26
CA SER C 225 11.72 9.62 4.06
C SER C 225 11.64 10.96 3.31
N LYS C 226 10.65 11.78 3.67
CA LYS C 226 10.73 13.25 3.88
C LYS C 226 12.14 13.89 3.81
N SER C 227 13.15 13.36 4.52
CA SER C 227 14.46 14.00 4.73
C SER C 227 15.66 13.05 4.56
N THR C 228 16.86 13.61 4.39
CA THR C 228 18.13 12.86 4.38
C THR C 228 18.62 12.50 5.80
N ILE C 229 19.55 11.53 5.87
CA ILE C 229 20.29 11.13 7.09
C ILE C 229 21.29 12.23 7.48
N GLY C 22 -31.23 15.51 -26.15
CA GLY C 22 -30.21 14.45 -25.93
C GLY C 22 -30.08 14.09 -24.46
N ARG C 23 -29.60 12.86 -24.17
CA ARG C 23 -29.39 12.33 -22.81
C ARG C 23 -28.27 13.09 -22.07
N ILE C 24 -28.65 13.94 -21.11
CA ILE C 24 -27.77 14.79 -20.29
C ILE C 24 -26.67 14.03 -19.51
N ALA C 25 -26.82 12.72 -19.33
CA ALA C 25 -25.81 11.85 -18.73
C ALA C 25 -24.49 11.79 -19.54
N ILE C 26 -24.56 11.80 -20.88
CA ILE C 26 -23.38 11.63 -21.77
C ILE C 26 -22.35 12.77 -21.60
N PRO C 27 -22.72 14.07 -21.62
CA PRO C 27 -21.85 15.19 -21.24
C PRO C 27 -21.16 15.10 -19.86
N GLY C 28 -21.63 14.23 -18.95
CA GLY C 28 -21.17 14.09 -17.56
C GLY C 28 -20.78 12.66 -17.15
N LEU C 29 -20.42 11.80 -18.13
CA LEU C 29 -20.27 10.34 -17.97
C LEU C 29 -19.22 9.83 -16.94
N ALA C 30 -18.31 10.69 -16.49
CA ALA C 30 -17.28 10.38 -15.48
C ALA C 30 -16.96 11.58 -14.56
N GLY C 31 -16.54 12.71 -15.13
CA GLY C 31 -16.18 13.95 -14.42
C GLY C 31 -14.93 13.78 -13.53
N ALA C 32 -15.14 13.39 -12.27
CA ALA C 32 -14.09 13.09 -11.28
C ALA C 32 -14.22 11.70 -10.62
N GLY C 33 -15.27 10.93 -10.97
CA GLY C 33 -15.48 9.55 -10.51
C GLY C 33 -14.68 8.52 -11.33
N ASN C 34 -14.65 7.24 -10.94
CA ASN C 34 -15.29 6.61 -9.78
C ASN C 34 -14.23 6.07 -8.79
N SER C 35 -14.69 5.61 -7.61
CA SER C 35 -13.82 5.05 -6.57
C SER C 35 -13.17 3.71 -6.94
N VAL C 36 -13.74 2.93 -7.87
CA VAL C 36 -13.14 1.68 -8.36
C VAL C 36 -12.07 1.90 -9.44
N LEU C 37 -11.12 0.96 -9.48
CA LEU C 37 -9.87 1.02 -10.23
C LEU C 37 -9.56 -0.33 -10.88
N LEU C 38 -9.46 -0.40 -12.22
CA LEU C 38 -9.17 -1.64 -12.94
C LEU C 38 -7.69 -1.95 -12.76
N VAL C 39 -7.37 -3.10 -12.15
CA VAL C 39 -6.00 -3.64 -12.13
C VAL C 39 -5.94 -4.93 -12.94
N SER C 40 -5.22 -4.91 -14.06
CA SER C 40 -5.08 -6.06 -14.97
C SER C 40 -3.62 -6.43 -15.20
N ASN C 41 -3.36 -7.61 -15.76
CA ASN C 41 -2.02 -8.16 -16.03
C ASN C 41 -1.13 -8.25 -14.77
N LEU C 42 -1.75 -8.53 -13.61
CA LEU C 42 -1.07 -8.80 -12.33
C LEU C 42 -0.55 -10.25 -12.24
N ASN C 43 0.79 -10.42 -12.33
CA ASN C 43 1.49 -11.71 -12.37
C ASN C 43 1.23 -12.59 -11.11
N PRO C 44 0.45 -13.68 -11.19
CA PRO C 44 0.05 -14.44 -10.01
C PRO C 44 1.18 -15.27 -9.38
N GLU C 45 2.31 -15.46 -10.09
CA GLU C 45 3.51 -16.12 -9.53
C GLU C 45 4.27 -15.21 -8.55
N ARG C 46 3.97 -13.91 -8.52
CA ARG C 46 4.71 -12.87 -7.79
C ARG C 46 3.84 -11.94 -6.93
N VAL C 47 2.60 -11.65 -7.35
CA VAL C 47 1.74 -10.64 -6.68
C VAL C 47 0.96 -11.26 -5.51
N THR C 48 0.53 -10.42 -4.56
CA THR C 48 -0.43 -10.78 -3.50
C THR C 48 -1.41 -9.64 -3.23
N PRO C 49 -2.61 -9.93 -2.69
CA PRO C 49 -3.52 -8.93 -2.13
C PRO C 49 -2.84 -7.97 -1.14
N GLN C 50 -1.91 -8.47 -0.31
CA GLN C 50 -1.13 -7.66 0.64
C GLN C 50 -0.14 -6.70 -0.05
N SER C 51 0.47 -7.08 -1.18
CA SER C 51 1.46 -6.26 -1.89
C SER C 51 0.75 -5.07 -2.51
N LEU C 52 -0.30 -5.40 -3.26
CA LEU C 52 -1.28 -4.46 -3.80
C LEU C 52 -1.85 -3.54 -2.73
N PHE C 53 -2.43 -4.10 -1.65
CA PHE C 53 -3.00 -3.32 -0.54
C PHE C 53 -2.01 -2.35 0.08
N ILE C 54 -0.79 -2.76 0.45
CA ILE C 54 0.20 -1.85 1.05
C ILE C 54 0.54 -0.70 0.08
N LEU C 55 0.83 -0.98 -1.19
CA LEU C 55 1.10 0.05 -2.20
C LEU C 55 -0.08 1.02 -2.38
N PHE C 56 -1.16 0.56 -3.02
CA PHE C 56 -2.39 1.34 -3.27
C PHE C 56 -2.94 1.98 -1.99
N GLY C 57 -2.76 1.33 -0.83
CA GLY C 57 -3.17 1.80 0.48
C GLY C 57 -2.33 2.93 1.08
N VAL C 58 -1.05 3.08 0.70
CA VAL C 58 -0.19 4.19 1.16
C VAL C 58 -0.46 5.41 0.29
N TYR C 59 -0.70 5.20 -1.00
CA TYR C 59 -1.12 6.28 -1.90
C TYR C 59 -2.55 6.79 -1.61
N GLY C 60 -3.49 5.85 -1.52
CA GLY C 60 -4.92 6.11 -1.78
C GLY C 60 -5.91 5.26 -0.99
N ASP C 61 -5.42 4.49 -0.02
CA ASP C 61 -6.20 3.80 1.04
C ASP C 61 -7.33 2.91 0.53
N VAL C 62 -7.03 1.65 0.20
CA VAL C 62 -8.02 0.70 -0.36
C VAL C 62 -9.13 0.37 0.64
N GLN C 63 -10.38 0.54 0.22
CA GLN C 63 -11.59 0.21 0.99
C GLN C 63 -12.04 -1.24 0.74
N ARG C 64 -12.06 -1.69 -0.53
CA ARG C 64 -12.43 -3.08 -0.92
C ARG C 64 -11.59 -3.60 -2.09
N VAL C 65 -11.36 -4.91 -2.10
CA VAL C 65 -10.51 -5.62 -3.08
C VAL C 65 -11.26 -6.81 -3.68
N LYS C 66 -11.63 -6.74 -4.97
CA LYS C 66 -12.05 -7.90 -5.77
C LYS C 66 -10.88 -8.37 -6.65
N ILE C 67 -10.35 -9.56 -6.37
CA ILE C 67 -9.44 -10.32 -7.25
C ILE C 67 -10.25 -11.39 -7.98
N LEU C 68 -9.89 -11.70 -9.23
CA LEU C 68 -10.56 -12.72 -10.06
C LEU C 68 -9.82 -14.08 -10.06
N PHE C 69 -10.23 -14.96 -10.96
CA PHE C 69 -10.11 -16.43 -10.86
C PHE C 69 -9.07 -17.03 -11.84
N ASN C 70 -8.85 -18.34 -11.72
CA ASN C 70 -7.95 -19.15 -12.55
C ASN C 70 -8.28 -19.01 -14.06
N LYS C 71 -7.45 -18.35 -14.89
CA LYS C 71 -6.15 -17.69 -14.64
C LYS C 71 -6.08 -16.33 -15.36
N LYS C 72 -7.04 -15.47 -15.02
CA LYS C 72 -7.40 -14.22 -15.71
C LYS C 72 -6.46 -13.02 -15.48
N GLU C 73 -5.65 -13.04 -14.41
CA GLU C 73 -4.71 -11.97 -14.01
C GLU C 73 -5.37 -10.58 -13.83
N ASN C 74 -6.60 -10.52 -13.31
CA ASN C 74 -7.38 -9.27 -13.18
C ASN C 74 -7.96 -9.05 -11.77
N ALA C 75 -8.26 -7.79 -11.47
CA ALA C 75 -8.79 -7.27 -10.22
C ALA C 75 -9.45 -5.88 -10.44
N LEU C 76 -10.21 -5.44 -9.43
CA LEU C 76 -11.21 -4.38 -9.50
C LEU C 76 -11.32 -3.84 -8.07
N VAL C 77 -10.79 -2.63 -7.85
CA VAL C 77 -10.30 -2.17 -6.54
C VAL C 77 -10.94 -0.86 -6.12
N GLN C 78 -11.74 -0.88 -5.05
CA GLN C 78 -12.44 0.28 -4.55
C GLN C 78 -11.56 1.06 -3.57
N MET C 79 -10.99 2.17 -4.05
CA MET C 79 -10.13 3.10 -3.34
C MET C 79 -10.95 4.05 -2.43
N ALA C 80 -10.30 4.84 -1.58
CA ALA C 80 -10.98 5.80 -0.70
C ALA C 80 -11.70 6.94 -1.45
N ASP C 81 -11.24 7.32 -2.65
CA ASP C 81 -11.88 8.32 -3.51
C ASP C 81 -11.49 8.15 -4.99
N GLY C 82 -12.25 8.73 -5.92
CA GLY C 82 -11.89 8.77 -7.35
C GLY C 82 -10.59 9.55 -7.63
N ASN C 83 -10.30 10.63 -6.90
CA ASN C 83 -9.00 11.32 -7.04
C ASN C 83 -7.84 10.44 -6.54
N GLN C 84 -8.07 9.60 -5.53
CA GLN C 84 -7.08 8.68 -4.97
C GLN C 84 -6.88 7.40 -5.82
N ALA C 85 -7.92 6.94 -6.53
CA ALA C 85 -7.80 5.95 -7.61
C ALA C 85 -6.84 6.44 -8.71
N GLN C 86 -7.03 7.69 -9.17
CA GLN C 86 -6.13 8.37 -10.11
C GLN C 86 -4.71 8.54 -9.55
N LEU C 87 -4.54 8.96 -8.29
CA LEU C 87 -3.23 9.15 -7.63
C LEU C 87 -2.43 7.84 -7.54
N ALA C 88 -3.01 6.78 -6.98
CA ALA C 88 -2.37 5.48 -6.88
C ALA C 88 -1.98 4.91 -8.25
N MET C 89 -2.89 4.99 -9.23
CA MET C 89 -2.59 4.70 -10.64
C MET C 89 -1.40 5.53 -11.17
N SER C 90 -1.36 6.83 -10.91
CA SER C 90 -0.26 7.71 -11.36
C SER C 90 1.11 7.32 -10.80
N HIS C 91 1.17 6.68 -9.62
CA HIS C 91 2.40 6.09 -9.09
C HIS C 91 2.70 4.64 -9.55
N LEU C 92 1.69 3.87 -10.00
CA LEU C 92 1.79 2.41 -10.14
C LEU C 92 1.52 1.84 -11.55
N ASN C 93 0.98 2.62 -12.50
CA ASN C 93 0.68 2.16 -13.85
C ASN C 93 1.92 1.61 -14.58
N GLY C 94 1.94 0.31 -14.89
CA GLY C 94 3.07 -0.37 -15.53
C GLY C 94 4.28 -0.66 -14.63
N HIS C 95 4.18 -0.45 -13.31
CA HIS C 95 5.30 -0.59 -12.37
C HIS C 95 5.88 -2.02 -12.34
N LYS C 96 7.14 -2.16 -12.75
CA LYS C 96 7.87 -3.39 -13.16
C LYS C 96 8.12 -4.45 -12.07
N LEU C 97 7.55 -4.28 -10.86
CA LEU C 97 7.77 -5.09 -9.64
C LEU C 97 7.80 -6.60 -9.91
N HIS C 98 6.76 -7.08 -10.61
CA HIS C 98 6.45 -8.49 -10.82
C HIS C 98 7.01 -9.04 -12.15
N GLY C 99 7.92 -8.30 -12.80
CA GLY C 99 8.57 -8.65 -14.06
C GLY C 99 7.82 -8.21 -15.32
N LYS C 100 6.62 -7.62 -15.20
CA LYS C 100 5.76 -7.19 -16.31
C LYS C 100 5.07 -5.83 -16.03
N PRO C 101 4.65 -5.07 -17.07
CA PRO C 101 3.89 -3.84 -16.91
C PRO C 101 2.45 -4.12 -16.47
N ILE C 102 2.14 -3.89 -15.19
CA ILE C 102 0.78 -4.06 -14.65
C ILE C 102 -0.18 -3.05 -15.31
N ARG C 103 -1.09 -3.53 -16.16
CA ARG C 103 -2.05 -2.74 -16.94
C ARG C 103 -3.15 -2.16 -16.05
N ILE C 104 -3.01 -0.91 -15.66
CA ILE C 104 -3.90 -0.21 -14.72
C ILE C 104 -4.65 0.90 -15.46
N THR C 105 -5.96 1.01 -15.24
CA THR C 105 -6.81 2.05 -15.84
C THR C 105 -8.06 2.32 -15.00
N LEU C 106 -8.74 3.46 -15.22
CA LEU C 106 -9.97 3.82 -14.51
C LEU C 106 -11.11 2.83 -14.82
N SER C 107 -11.66 2.15 -13.79
CA SER C 107 -12.80 1.26 -13.96
C SER C 107 -14.02 1.89 -14.64
N LYS C 108 -14.74 1.05 -15.42
CA LYS C 108 -16.08 1.35 -15.98
C LYS C 108 -17.22 1.24 -14.95
N HIS C 109 -16.95 0.59 -13.82
CA HIS C 109 -17.86 0.28 -12.72
C HIS C 109 -18.07 1.45 -11.74
N GLN C 110 -19.08 1.31 -10.86
CA GLN C 110 -19.43 2.25 -9.79
C GLN C 110 -18.72 1.93 -8.47
N ASN C 111 -18.86 0.69 -8.00
CA ASN C 111 -18.47 0.16 -6.69
C ASN C 111 -18.32 -1.38 -6.77
N VAL C 112 -17.99 -2.05 -5.66
CA VAL C 112 -17.89 -3.52 -5.61
C VAL C 112 -18.86 -4.20 -4.66
N GLN C 113 -18.81 -5.52 -4.71
CA GLN C 113 -19.84 -6.47 -4.32
C GLN C 113 -19.25 -7.52 -3.38
N LEU C 114 -19.68 -7.54 -2.11
CA LEU C 114 -19.26 -8.56 -1.15
C LEU C 114 -19.81 -9.96 -1.49
N PRO C 115 -19.16 -11.03 -0.97
CA PRO C 115 -19.50 -12.41 -1.29
C PRO C 115 -20.76 -12.86 -0.55
N ARG C 116 -21.85 -12.94 -1.30
CA ARG C 116 -23.26 -13.13 -0.89
C ARG C 116 -23.75 -12.03 0.05
N GLU C 117 -23.31 -12.08 1.32
CA GLU C 117 -23.57 -11.06 2.36
C GLU C 117 -22.42 -11.06 3.38
N GLY C 118 -22.21 -12.19 4.07
CA GLY C 118 -21.26 -12.35 5.18
C GLY C 118 -20.39 -13.62 5.14
N GLN C 119 -20.36 -14.33 4.01
CA GLN C 119 -19.52 -15.53 3.81
C GLN C 119 -18.01 -15.21 4.01
N GLU C 120 -17.56 -14.16 3.31
CA GLU C 120 -16.26 -13.49 3.32
C GLU C 120 -15.08 -14.29 3.89
N ASP C 121 -14.55 -15.18 3.05
CA ASP C 121 -13.37 -16.02 3.29
C ASP C 121 -12.05 -15.22 3.36
N GLN C 122 -10.91 -15.91 3.43
CA GLN C 122 -9.56 -15.37 3.65
C GLN C 122 -9.05 -14.32 2.63
N GLY C 123 -9.78 -14.06 1.52
CA GLY C 123 -9.38 -13.12 0.47
C GLY C 123 -10.37 -13.04 -0.70
N LEU C 124 -9.88 -12.52 -1.83
CA LEU C 124 -10.50 -12.41 -3.17
C LEU C 124 -11.71 -11.45 -3.29
N THR C 125 -12.46 -11.20 -2.21
CA THR C 125 -13.57 -10.22 -2.15
C THR C 125 -13.50 -9.34 -0.88
N LYS C 126 -12.29 -9.19 -0.31
CA LYS C 126 -12.00 -8.59 1.00
C LYS C 126 -12.47 -7.13 1.14
N ASP C 127 -13.40 -6.89 2.05
CA ASP C 127 -13.65 -5.58 2.66
C ASP C 127 -12.53 -5.25 3.65
N TYR C 128 -11.69 -4.28 3.30
CA TYR C 128 -10.51 -3.91 4.09
C TYR C 128 -10.81 -3.12 5.37
N GLY C 129 -12.07 -2.78 5.66
CA GLY C 129 -12.48 -2.11 6.91
C GLY C 129 -12.10 -2.84 8.21
N ASN C 130 -11.81 -4.14 8.14
CA ASN C 130 -11.31 -4.95 9.26
C ASN C 130 -9.80 -4.73 9.57
N SER C 131 -9.02 -4.22 8.61
CA SER C 131 -7.57 -4.01 8.75
C SER C 131 -7.22 -2.88 9.73
N PRO C 132 -6.10 -3.00 10.48
CA PRO C 132 -5.55 -1.90 11.29
C PRO C 132 -4.88 -0.80 10.44
N LEU C 133 -4.57 -1.07 9.16
CA LEU C 133 -3.84 -0.15 8.27
C LEU C 133 -4.72 0.51 7.19
N HIS C 134 -5.93 0.01 6.96
CA HIS C 134 -7.04 0.79 6.38
C HIS C 134 -7.33 2.01 7.28
N ARG C 135 -6.91 3.21 6.83
CA ARG C 135 -6.74 4.41 7.71
C ARG C 135 -7.14 5.72 7.05
N PHE C 136 -6.42 6.15 6.02
CA PHE C 136 -6.34 7.56 5.58
C PHE C 136 -7.70 8.16 5.16
N LYS C 137 -8.57 7.38 4.52
CA LYS C 137 -9.82 7.80 3.87
C LYS C 137 -9.68 9.11 3.05
N LYS C 138 -10.35 10.20 3.41
CA LYS C 138 -10.47 11.41 2.54
C LYS C 138 -9.30 12.41 2.74
N PRO C 139 -8.79 13.04 1.65
CA PRO C 139 -7.56 13.85 1.68
C PRO C 139 -7.68 15.22 2.37
N GLY C 140 -8.90 15.66 2.72
CA GLY C 140 -9.11 16.86 3.54
C GLY C 140 -8.72 16.71 5.03
N SER C 141 -8.45 15.47 5.48
CA SER C 141 -8.00 15.19 6.85
C SER C 141 -6.54 15.65 7.11
N LYS C 142 -6.24 15.94 8.38
CA LYS C 142 -4.98 16.55 8.85
C LYS C 142 -3.76 15.58 8.94
N ASN C 143 -3.89 14.35 8.45
CA ASN C 143 -2.82 13.33 8.48
C ASN C 143 -2.03 13.17 7.14
N PHE C 144 -2.48 13.80 6.05
CA PHE C 144 -1.88 13.69 4.70
C PHE C 144 -0.58 14.51 4.56
N GLN C 145 0.47 14.14 5.32
CA GLN C 145 1.82 14.71 5.25
C GLN C 145 2.90 13.66 5.00
N ASN C 146 2.92 12.56 5.76
CA ASN C 146 3.99 11.53 5.71
C ASN C 146 4.02 10.68 4.41
N ILE C 147 3.10 10.89 3.46
CA ILE C 147 3.06 10.22 2.16
C ILE C 147 4.14 10.83 1.23
N PHE C 148 5.37 10.38 1.41
CA PHE C 148 6.53 10.73 0.58
C PHE C 148 6.67 9.76 -0.60
N PRO C 149 6.92 10.24 -1.83
CA PRO C 149 7.26 9.38 -2.97
C PRO C 149 8.48 8.47 -2.71
N PRO C 150 8.64 7.37 -3.47
CA PRO C 150 9.79 6.48 -3.37
C PRO C 150 11.16 7.19 -3.34
N SER C 151 11.95 6.88 -2.32
CA SER C 151 13.30 7.38 -2.06
C SER C 151 14.16 6.27 -1.46
N ALA C 152 15.49 6.40 -1.51
CA ALA C 152 16.42 5.45 -0.87
C ALA C 152 16.37 5.48 0.67
N THR C 153 15.81 6.53 1.28
CA THR C 153 15.77 6.73 2.74
C THR C 153 14.38 6.47 3.29
N LEU C 154 14.27 5.66 4.34
CA LEU C 154 13.03 5.29 5.04
C LEU C 154 12.95 5.97 6.42
N HIS C 155 11.72 6.09 6.91
CA HIS C 155 11.26 6.55 8.20
C HIS C 155 10.26 5.54 8.78
N LEU C 156 10.49 5.10 10.01
CA LEU C 156 9.80 3.97 10.62
C LEU C 156 9.26 4.31 12.02
N SER C 157 8.19 3.62 12.44
CA SER C 157 7.69 3.66 13.82
C SER C 157 7.13 2.29 14.25
N ASN C 158 6.79 2.20 15.55
CA ASN C 158 5.97 1.16 16.19
C ASN C 158 6.75 -0.13 16.54
N ILE C 159 8.07 -0.08 16.33
CA ILE C 159 9.10 -1.08 16.62
C ILE C 159 9.01 -1.56 18.08
N PRO C 160 8.93 -2.87 18.37
CA PRO C 160 8.85 -3.37 19.75
C PRO C 160 10.16 -3.20 20.55
N PRO C 161 10.10 -3.29 21.89
CA PRO C 161 11.30 -3.28 22.75
C PRO C 161 12.16 -4.54 22.63
N SER C 162 11.63 -5.61 22.02
CA SER C 162 12.23 -6.94 21.86
C SER C 162 13.41 -7.01 20.88
N VAL C 163 13.69 -5.94 20.12
CA VAL C 163 14.70 -5.89 19.04
C VAL C 163 15.73 -4.75 19.23
N SER C 164 16.80 -4.78 18.43
CA SER C 164 17.94 -3.85 18.45
C SER C 164 18.30 -3.36 17.04
N GLU C 165 19.25 -2.43 16.92
CA GLU C 165 19.71 -1.90 15.63
C GLU C 165 20.22 -3.02 14.70
N GLU C 166 21.07 -3.90 15.22
CA GLU C 166 21.62 -5.05 14.49
C GLU C 166 20.54 -6.03 14.02
N ASP C 167 19.44 -6.18 14.76
CA ASP C 167 18.28 -6.98 14.37
C ASP C 167 17.48 -6.32 13.23
N LEU C 168 17.12 -5.05 13.42
CA LEU C 168 16.44 -4.23 12.41
C LEU C 168 17.23 -4.18 11.08
N LYS C 169 18.57 -4.16 11.14
CA LYS C 169 19.40 -4.23 9.94
C LYS C 169 19.29 -5.55 9.16
N VAL C 170 18.78 -6.64 9.74
CA VAL C 170 18.58 -7.93 9.04
C VAL C 170 17.11 -8.12 8.68
N LEU C 171 16.21 -7.56 9.49
CA LEU C 171 14.80 -7.35 9.19
C LEU C 171 14.64 -6.60 7.84
N PHE C 172 15.43 -5.55 7.61
CA PHE C 172 15.50 -4.82 6.32
C PHE C 172 16.51 -5.43 5.32
N SER C 173 17.69 -5.94 5.74
CA SER C 173 18.62 -6.64 4.81
C SER C 173 18.12 -8.01 4.32
N SER C 174 16.99 -8.51 4.81
CA SER C 174 16.26 -9.72 4.34
C SER C 174 16.29 -9.98 2.83
N ASN C 175 16.09 -8.93 2.02
CA ASN C 175 16.04 -8.99 0.55
C ASN C 175 17.41 -9.10 -0.15
N GLY C 176 18.51 -8.93 0.61
CA GLY C 176 19.86 -8.66 0.09
C GLY C 176 19.90 -7.39 -0.77
N GLY C 177 19.56 -6.21 -0.24
CA GLY C 177 19.34 -5.84 1.17
C GLY C 177 20.22 -4.66 1.66
N VAL C 178 20.72 -3.80 0.77
CA VAL C 178 21.81 -2.84 1.06
C VAL C 178 21.34 -1.76 2.04
N VAL C 179 22.02 -1.61 3.18
CA VAL C 179 21.79 -0.57 4.19
C VAL C 179 22.99 0.38 4.27
N LYS C 180 22.83 1.62 3.81
CA LYS C 180 23.75 2.76 4.02
C LYS C 180 23.89 3.14 5.49
N GLY C 181 22.75 3.32 6.14
CA GLY C 181 22.62 4.09 7.37
C GLY C 181 21.28 3.84 8.05
N PHE C 182 21.02 4.59 9.13
CA PHE C 182 19.96 4.41 10.15
C PHE C 182 20.26 5.29 11.37
N LYS C 183 19.22 5.72 12.08
CA LYS C 183 19.31 6.19 13.48
C LYS C 183 18.01 5.95 14.25
N PHE C 184 18.11 5.44 15.48
CA PHE C 184 16.99 5.41 16.43
C PHE C 184 16.62 6.83 16.88
N PHE C 185 15.34 7.04 17.19
CA PHE C 185 14.80 8.32 17.64
C PHE C 185 14.52 8.32 19.16
N GLN C 186 14.45 9.54 19.72
CA GLN C 186 14.20 9.85 21.14
C GLN C 186 12.97 10.77 21.34
N LYS C 187 12.34 11.18 20.23
CA LYS C 187 11.23 12.15 20.09
C LYS C 187 10.08 11.94 21.07
N ASP C 188 9.49 10.73 21.04
CA ASP C 188 8.41 10.24 21.89
C ASP C 188 8.50 8.70 21.94
N ARG C 189 7.88 8.01 20.98
CA ARG C 189 8.05 6.61 20.59
C ARG C 189 7.60 6.44 19.12
N LYS C 190 7.89 5.34 18.42
CA LYS C 190 8.82 4.24 18.72
C LYS C 190 9.69 4.06 17.48
N MET C 191 10.46 5.12 17.20
CA MET C 191 10.81 5.55 15.84
C MET C 191 12.29 5.33 15.48
N ALA C 192 12.52 5.34 14.17
CA ALA C 192 13.85 5.38 13.55
C ALA C 192 13.83 5.94 12.11
N LEU C 193 15.00 6.28 11.57
CA LEU C 193 15.29 6.28 10.13
C LEU C 193 16.07 5.02 9.73
N ILE C 194 16.03 4.62 8.45
CA ILE C 194 16.98 3.69 7.83
C ILE C 194 17.24 4.08 6.37
N GLN C 195 18.50 4.34 6.04
CA GLN C 195 18.93 4.60 4.67
C GLN C 195 19.30 3.30 3.95
N MET C 196 18.46 2.87 3.02
CA MET C 196 18.74 1.82 2.05
C MET C 196 19.71 2.31 0.96
N GLY C 197 20.29 1.39 0.20
CA GLY C 197 21.25 1.68 -0.88
C GLY C 197 20.62 1.94 -2.27
N SER C 198 19.31 1.71 -2.42
CA SER C 198 18.54 1.97 -3.65
C SER C 198 17.06 2.26 -3.35
N VAL C 199 16.39 2.95 -4.27
CA VAL C 199 14.94 3.20 -4.24
C VAL C 199 14.16 1.89 -4.40
N GLU C 200 14.62 0.97 -5.25
CA GLU C 200 14.07 -0.40 -5.36
C GLU C 200 14.07 -1.12 -4.00
N GLU C 201 15.23 -1.11 -3.33
CA GLU C 201 15.42 -1.74 -2.03
C GLU C 201 14.46 -1.18 -0.97
N ALA C 202 14.28 0.15 -0.95
CA ALA C 202 13.34 0.84 -0.08
C ALA C 202 11.87 0.57 -0.41
N VAL C 203 11.51 0.41 -1.69
CA VAL C 203 10.14 0.07 -2.12
C VAL C 203 9.80 -1.34 -1.66
N GLN C 204 10.73 -2.28 -1.84
CA GLN C 204 10.61 -3.66 -1.37
C GLN C 204 10.56 -3.76 0.16
N ALA C 205 11.32 -2.93 0.90
CA ALA C 205 11.22 -2.82 2.35
C ALA C 205 9.81 -2.38 2.82
N LEU C 206 9.17 -1.42 2.14
CA LEU C 206 7.78 -1.02 2.39
C LEU C 206 6.80 -2.16 2.07
N ILE C 207 6.91 -2.78 0.88
CA ILE C 207 6.11 -3.92 0.40
C ILE C 207 6.14 -5.11 1.38
N ASP C 208 7.32 -5.43 1.93
CA ASP C 208 7.54 -6.49 2.93
C ASP C 208 7.02 -6.09 4.33
N LEU C 209 7.73 -5.18 5.00
CA LEU C 209 7.68 -4.98 6.44
C LEU C 209 6.50 -4.15 6.96
N HIS C 210 5.94 -3.22 6.19
CA HIS C 210 4.76 -2.49 6.62
C HIS C 210 3.61 -3.46 6.94
N ASN C 211 3.22 -3.40 8.21
CA ASN C 211 2.20 -4.20 8.90
C ASN C 211 2.69 -5.58 9.39
N HIS C 212 4.00 -5.87 9.33
CA HIS C 212 4.64 -7.07 9.90
C HIS C 212 4.43 -7.12 11.43
N ASP C 213 3.48 -7.94 11.89
CA ASP C 213 2.98 -7.96 13.26
C ASP C 213 3.74 -8.92 14.19
N LEU C 214 4.83 -8.42 14.79
CA LEU C 214 5.48 -9.05 15.96
C LEU C 214 4.51 -9.15 17.16
N GLY C 215 3.55 -8.23 17.21
CA GLY C 215 2.32 -8.25 18.01
C GLY C 215 1.31 -7.27 17.42
N GLU C 216 0.02 -7.38 17.78
CA GLU C 216 -1.06 -6.58 17.19
C GLU C 216 -0.91 -5.05 17.40
N ASN C 217 -0.19 -4.64 18.45
CA ASN C 217 0.15 -3.26 18.79
C ASN C 217 1.61 -2.86 18.45
N HIS C 218 2.40 -3.79 17.88
CA HIS C 218 3.81 -3.61 17.51
C HIS C 218 4.09 -3.89 16.02
N HIS C 219 3.03 -4.07 15.22
CA HIS C 219 3.07 -4.16 13.75
C HIS C 219 3.88 -3.02 13.12
N LEU C 220 4.96 -3.37 12.42
CA LEU C 220 5.97 -2.43 11.90
C LEU C 220 5.33 -1.41 10.95
N ARG C 221 5.74 -0.13 11.04
CA ARG C 221 5.25 0.94 10.18
C ARG C 221 6.39 1.62 9.44
N VAL C 222 6.15 1.89 8.16
CA VAL C 222 7.17 2.17 7.13
C VAL C 222 6.67 3.23 6.16
N SER C 223 7.31 4.39 6.17
CA SER C 223 7.32 5.33 5.04
C SER C 223 8.73 5.56 4.54
N PHE C 224 8.83 6.12 3.35
CA PHE C 224 9.93 6.94 2.86
C PHE C 224 10.11 8.21 3.73
N SER C 225 11.35 8.66 3.89
CA SER C 225 11.74 9.79 4.74
C SER C 225 12.03 11.05 3.92
N LYS C 226 11.17 12.05 4.10
CA LYS C 226 11.45 13.49 3.97
C LYS C 226 12.74 14.05 4.63
N SER C 227 13.49 13.28 5.42
CA SER C 227 14.57 13.73 6.29
C SER C 227 15.87 12.92 6.06
N THR C 228 16.93 13.23 6.81
CA THR C 228 18.27 12.63 6.63
C THR C 228 18.89 12.14 7.94
N ILE C 229 19.73 11.10 7.84
CA ILE C 229 20.48 10.46 8.93
C ILE C 229 21.61 11.39 9.40
N GLY C 22 -24.57 17.68 -23.97
CA GLY C 22 -23.84 16.48 -23.51
C GLY C 22 -24.73 15.24 -23.49
N ARG C 23 -24.30 14.19 -22.78
CA ARG C 23 -25.02 12.90 -22.65
C ARG C 23 -26.36 13.00 -21.91
N ILE C 24 -26.53 14.01 -21.06
CA ILE C 24 -27.74 14.33 -20.29
C ILE C 24 -27.90 15.85 -20.14
N ALA C 25 -29.12 16.34 -19.89
CA ALA C 25 -29.43 17.76 -19.70
C ALA C 25 -28.78 18.36 -18.44
N ILE C 26 -28.84 17.65 -17.32
CA ILE C 26 -28.25 18.02 -16.00
C ILE C 26 -27.62 16.79 -15.31
N PRO C 27 -26.58 16.97 -14.48
CA PRO C 27 -25.92 15.88 -13.76
C PRO C 27 -26.74 15.34 -12.57
N GLY C 28 -26.29 14.23 -11.99
CA GLY C 28 -26.84 13.61 -10.78
C GLY C 28 -25.93 12.49 -10.22
N LEU C 29 -26.24 12.01 -9.01
CA LEU C 29 -25.50 10.95 -8.33
C LEU C 29 -25.80 9.55 -8.92
N ALA C 30 -25.01 9.15 -9.93
CA ALA C 30 -25.09 7.84 -10.58
C ALA C 30 -24.61 6.66 -9.69
N GLY C 31 -23.87 6.94 -8.61
CA GLY C 31 -23.27 5.96 -7.70
C GLY C 31 -21.78 6.24 -7.40
N ALA C 32 -21.11 5.32 -6.72
CA ALA C 32 -19.69 5.43 -6.33
C ALA C 32 -18.69 5.47 -7.51
N GLY C 33 -19.12 5.03 -8.70
CA GLY C 33 -18.44 5.05 -10.01
C GLY C 33 -16.91 5.16 -9.99
N ASN C 34 -16.41 6.39 -10.11
CA ASN C 34 -14.98 6.73 -10.24
C ASN C 34 -14.08 6.19 -9.10
N SER C 35 -14.64 5.78 -7.96
CA SER C 35 -13.90 5.20 -6.83
C SER C 35 -13.36 3.79 -7.07
N VAL C 36 -13.84 3.04 -8.09
CA VAL C 36 -13.14 1.81 -8.52
C VAL C 36 -11.99 2.10 -9.49
N LEU C 37 -11.06 1.15 -9.60
CA LEU C 37 -9.77 1.33 -10.25
C LEU C 37 -9.30 0.01 -10.90
N LEU C 38 -9.06 0.02 -12.21
CA LEU C 38 -8.63 -1.14 -13.00
C LEU C 38 -7.10 -1.28 -12.84
N VAL C 39 -6.60 -2.38 -12.29
CA VAL C 39 -5.14 -2.67 -12.23
C VAL C 39 -4.83 -3.96 -13.00
N SER C 40 -3.94 -3.91 -14.00
CA SER C 40 -3.62 -5.06 -14.85
C SER C 40 -2.10 -5.27 -15.02
N ASN C 41 -1.72 -6.33 -15.73
CA ASN C 41 -0.35 -6.84 -15.85
C ASN C 41 0.32 -7.14 -14.48
N LEU C 42 -0.46 -7.67 -13.53
CA LEU C 42 -0.01 -7.95 -12.15
C LEU C 42 1.21 -8.89 -12.02
N ASN C 43 1.44 -9.77 -13.01
CA ASN C 43 2.34 -10.93 -12.94
C ASN C 43 1.99 -11.87 -11.76
N PRO C 44 0.86 -12.61 -11.81
CA PRO C 44 0.19 -13.27 -10.69
C PRO C 44 1.02 -14.20 -9.78
N GLU C 45 2.10 -14.83 -10.28
CA GLU C 45 3.02 -15.62 -9.44
C GLU C 45 3.76 -14.79 -8.36
N ARG C 46 3.68 -13.44 -8.41
CA ARG C 46 4.42 -12.51 -7.55
C ARG C 46 3.54 -11.54 -6.75
N VAL C 47 2.32 -11.24 -7.22
CA VAL C 47 1.37 -10.32 -6.54
C VAL C 47 0.70 -10.93 -5.30
N THR C 48 0.12 -10.08 -4.45
CA THR C 48 -0.90 -10.45 -3.46
C THR C 48 -1.92 -9.32 -3.26
N PRO C 49 -3.20 -9.62 -2.98
CA PRO C 49 -4.16 -8.64 -2.49
C PRO C 49 -3.64 -7.79 -1.32
N GLN C 50 -2.75 -8.33 -0.48
CA GLN C 50 -2.14 -7.63 0.65
C GLN C 50 -1.16 -6.52 0.22
N SER C 51 -0.41 -6.71 -0.88
CA SER C 51 0.54 -5.69 -1.36
C SER C 51 -0.18 -4.60 -2.13
N LEU C 52 -1.17 -4.99 -2.94
CA LEU C 52 -2.16 -4.08 -3.53
C LEU C 52 -2.84 -3.22 -2.45
N PHE C 53 -3.42 -3.86 -1.41
CA PHE C 53 -4.00 -3.20 -0.23
C PHE C 53 -3.04 -2.18 0.37
N ILE C 54 -1.86 -2.59 0.88
CA ILE C 54 -0.95 -1.67 1.56
C ILE C 54 -0.49 -0.49 0.66
N LEU C 55 -0.12 -0.74 -0.61
CA LEU C 55 0.33 0.30 -1.54
C LEU C 55 -0.75 1.38 -1.76
N PHE C 56 -1.86 0.99 -2.41
CA PHE C 56 -3.01 1.88 -2.61
C PHE C 56 -3.55 2.42 -1.27
N GLY C 57 -3.34 1.69 -0.18
CA GLY C 57 -3.57 2.05 1.22
C GLY C 57 -2.73 3.24 1.75
N VAL C 58 -1.53 3.46 1.23
CA VAL C 58 -0.63 4.56 1.65
C VAL C 58 -0.85 5.79 0.77
N TYR C 59 -1.14 5.57 -0.51
CA TYR C 59 -1.53 6.66 -1.41
C TYR C 59 -2.91 7.26 -1.09
N GLY C 60 -3.91 6.39 -0.98
CA GLY C 60 -5.33 6.78 -1.04
C GLY C 60 -6.26 6.05 -0.06
N ASP C 61 -5.71 5.09 0.70
CA ASP C 61 -6.44 4.32 1.74
C ASP C 61 -7.54 3.42 1.15
N VAL C 62 -7.13 2.48 0.29
CA VAL C 62 -8.03 1.56 -0.44
C VAL C 62 -8.92 0.72 0.49
N GLN C 63 -10.16 0.43 0.09
CA GLN C 63 -11.20 -0.09 0.98
C GLN C 63 -11.59 -1.55 0.71
N ARG C 64 -11.62 -2.00 -0.56
CA ARG C 64 -11.69 -3.42 -0.96
C ARG C 64 -10.83 -3.70 -2.21
N VAL C 65 -10.41 -4.96 -2.38
CA VAL C 65 -9.46 -5.40 -3.43
C VAL C 65 -9.91 -6.76 -3.99
N LYS C 66 -10.36 -6.82 -5.26
CA LYS C 66 -10.64 -8.10 -5.95
C LYS C 66 -9.60 -8.40 -7.02
N ILE C 67 -9.04 -9.61 -7.03
CA ILE C 67 -8.04 -10.07 -7.99
C ILE C 67 -8.57 -11.30 -8.76
N LEU C 68 -8.09 -11.51 -9.99
CA LEU C 68 -8.58 -12.57 -10.88
C LEU C 68 -7.60 -13.74 -10.98
N PHE C 69 -7.92 -14.80 -10.23
CA PHE C 69 -7.40 -16.17 -10.28
C PHE C 69 -5.99 -16.35 -10.89
N ASN C 70 -5.86 -16.47 -12.21
CA ASN C 70 -4.56 -16.43 -12.91
C ASN C 70 -4.60 -15.85 -14.34
N LYS C 71 -5.66 -16.07 -15.13
CA LYS C 71 -5.87 -15.37 -16.42
C LYS C 71 -6.21 -13.88 -16.20
N LYS C 72 -6.17 -13.09 -17.28
CA LYS C 72 -6.29 -11.62 -17.35
C LYS C 72 -5.22 -10.81 -16.59
N GLU C 73 -4.45 -11.44 -15.69
CA GLU C 73 -3.39 -10.84 -14.86
C GLU C 73 -3.84 -9.53 -14.18
N ASN C 74 -4.96 -9.58 -13.47
CA ASN C 74 -5.81 -8.43 -13.16
C ASN C 74 -6.23 -8.31 -11.67
N ALA C 75 -6.48 -7.07 -11.25
CA ALA C 75 -7.35 -6.66 -10.17
C ALA C 75 -8.33 -5.53 -10.61
N LEU C 76 -9.38 -5.38 -9.82
CA LEU C 76 -10.50 -4.45 -9.94
C LEU C 76 -10.81 -4.10 -8.49
N VAL C 77 -10.45 -2.87 -8.15
CA VAL C 77 -10.20 -2.39 -6.79
C VAL C 77 -11.23 -1.32 -6.45
N GLN C 78 -11.52 -1.13 -5.15
CA GLN C 78 -12.45 -0.12 -4.64
C GLN C 78 -11.73 0.80 -3.64
N MET C 79 -11.29 1.97 -4.12
CA MET C 79 -10.69 3.02 -3.30
C MET C 79 -11.73 3.73 -2.43
N ALA C 80 -11.29 4.49 -1.41
CA ALA C 80 -12.15 5.36 -0.62
C ALA C 80 -12.83 6.50 -1.42
N ASP C 81 -12.20 7.00 -2.50
CA ASP C 81 -12.75 8.02 -3.41
C ASP C 81 -12.04 7.96 -4.79
N GLY C 82 -12.61 8.58 -5.82
CA GLY C 82 -12.11 8.56 -7.20
C GLY C 82 -10.93 9.49 -7.45
N ASN C 83 -10.83 10.62 -6.75
CA ASN C 83 -9.63 11.46 -6.79
C ASN C 83 -8.41 10.76 -6.17
N GLN C 84 -8.63 10.00 -5.08
CA GLN C 84 -7.60 9.16 -4.45
C GLN C 84 -7.22 7.95 -5.32
N ALA C 85 -8.18 7.39 -6.09
CA ALA C 85 -7.91 6.36 -7.09
C ALA C 85 -6.98 6.90 -8.20
N GLN C 86 -7.26 8.09 -8.71
CA GLN C 86 -6.42 8.80 -9.68
C GLN C 86 -5.04 9.20 -9.13
N LEU C 87 -4.92 9.59 -7.86
CA LEU C 87 -3.66 9.81 -7.15
C LEU C 87 -2.79 8.54 -7.13
N ALA C 88 -3.34 7.42 -6.62
CA ALA C 88 -2.65 6.14 -6.59
C ALA C 88 -2.22 5.68 -8.01
N MET C 89 -3.11 5.78 -9.00
CA MET C 89 -2.78 5.57 -10.42
C MET C 89 -1.62 6.47 -10.90
N SER C 90 -1.64 7.76 -10.60
CA SER C 90 -0.58 8.71 -11.00
C SER C 90 0.80 8.34 -10.45
N HIS C 91 0.88 7.70 -9.27
CA HIS C 91 2.13 7.17 -8.72
C HIS C 91 2.50 5.76 -9.22
N LEU C 92 1.52 4.87 -9.48
CA LEU C 92 1.74 3.44 -9.67
C LEU C 92 1.57 2.92 -11.11
N ASN C 93 1.07 3.71 -12.06
CA ASN C 93 0.93 3.31 -13.46
C ASN C 93 2.31 3.17 -14.13
N GLY C 94 2.81 1.93 -14.21
CA GLY C 94 4.17 1.60 -14.62
C GLY C 94 5.15 1.31 -13.46
N HIS C 95 4.65 1.11 -12.23
CA HIS C 95 5.42 0.57 -11.10
C HIS C 95 5.98 -0.83 -11.44
N LYS C 96 7.12 -1.21 -10.87
CA LYS C 96 7.92 -2.39 -11.30
C LYS C 96 8.25 -3.39 -10.19
N LEU C 97 7.44 -3.42 -9.14
CA LEU C 97 7.68 -4.16 -7.89
C LEU C 97 7.87 -5.68 -8.02
N HIS C 98 7.39 -6.32 -9.10
CA HIS C 98 7.60 -7.74 -9.41
C HIS C 98 8.52 -7.98 -10.63
N GLY C 99 9.04 -6.91 -11.23
CA GLY C 99 9.85 -6.91 -12.46
C GLY C 99 9.09 -6.54 -13.74
N LYS C 100 7.75 -6.38 -13.70
CA LYS C 100 6.89 -5.96 -14.82
C LYS C 100 6.23 -4.60 -14.55
N PRO C 101 5.97 -3.78 -15.59
CA PRO C 101 5.21 -2.52 -15.45
C PRO C 101 3.72 -2.80 -15.16
N ILE C 102 3.23 -2.39 -13.99
CA ILE C 102 1.82 -2.48 -13.61
C ILE C 102 0.97 -1.49 -14.43
N ARG C 103 0.13 -2.00 -15.32
CA ARG C 103 -0.86 -1.20 -16.07
C ARG C 103 -1.98 -0.74 -15.13
N ILE C 104 -2.47 0.49 -15.27
CA ILE C 104 -3.58 1.04 -14.47
C ILE C 104 -4.47 1.92 -15.35
N THR C 105 -5.78 1.86 -15.13
CA THR C 105 -6.77 2.68 -15.86
C THR C 105 -7.95 3.06 -14.94
N LEU C 106 -8.58 4.22 -15.18
CA LEU C 106 -9.81 4.62 -14.49
C LEU C 106 -10.97 3.68 -14.88
N SER C 107 -11.35 2.80 -13.96
CA SER C 107 -12.43 1.81 -14.14
C SER C 107 -13.81 2.41 -14.46
N LYS C 108 -14.70 1.58 -15.05
CA LYS C 108 -16.10 1.90 -15.40
C LYS C 108 -17.14 1.25 -14.48
N HIS C 109 -16.72 0.42 -13.53
CA HIS C 109 -17.59 -0.21 -12.52
C HIS C 109 -18.04 0.80 -11.44
N GLN C 110 -18.66 0.33 -10.34
CA GLN C 110 -19.04 1.17 -9.19
C GLN C 110 -18.61 0.59 -7.84
N ASN C 111 -18.87 -0.71 -7.64
CA ASN C 111 -18.54 -1.47 -6.43
C ASN C 111 -18.05 -2.88 -6.77
N VAL C 112 -17.64 -3.67 -5.77
CA VAL C 112 -17.16 -5.04 -5.98
C VAL C 112 -18.02 -6.15 -5.37
N GLN C 113 -17.89 -7.34 -5.96
CA GLN C 113 -18.79 -8.48 -5.78
C GLN C 113 -18.12 -9.58 -4.95
N LEU C 114 -18.49 -9.60 -3.68
CA LEU C 114 -17.99 -10.54 -2.67
C LEU C 114 -18.41 -11.99 -2.93
N PRO C 115 -17.52 -12.97 -2.69
CA PRO C 115 -17.85 -14.39 -2.46
C PRO C 115 -18.81 -14.62 -1.28
N ARG C 116 -19.13 -15.89 -1.01
CA ARG C 116 -20.01 -16.34 0.10
C ARG C 116 -19.49 -15.90 1.48
N GLU C 117 -20.36 -15.91 2.49
CA GLU C 117 -20.07 -15.45 3.86
C GLU C 117 -19.13 -16.34 4.69
N GLY C 118 -18.75 -17.52 4.17
CA GLY C 118 -17.82 -18.47 4.80
C GLY C 118 -17.77 -19.87 4.17
N GLN C 119 -18.79 -20.24 3.37
CA GLN C 119 -18.82 -21.48 2.58
C GLN C 119 -17.77 -21.48 1.44
N GLU C 120 -17.28 -20.31 1.05
CA GLU C 120 -16.04 -20.09 0.28
C GLU C 120 -15.21 -19.00 0.98
N ASP C 121 -13.88 -19.04 0.80
CA ASP C 121 -12.96 -18.06 1.39
C ASP C 121 -12.92 -16.73 0.60
N GLN C 122 -12.50 -15.64 1.27
CA GLN C 122 -12.35 -14.30 0.71
C GLN C 122 -11.02 -14.09 -0.05
N GLY C 123 -10.24 -15.14 -0.33
CA GLY C 123 -8.85 -15.08 -0.81
C GLY C 123 -8.59 -14.29 -2.10
N LEU C 124 -9.58 -14.17 -3.00
CA LEU C 124 -9.53 -13.38 -4.22
C LEU C 124 -10.09 -11.96 -4.00
N THR C 125 -10.90 -11.75 -2.96
CA THR C 125 -11.74 -10.56 -2.74
C THR C 125 -11.60 -10.06 -1.29
N LYS C 126 -10.51 -9.35 -1.01
CA LYS C 126 -10.26 -8.75 0.30
C LYS C 126 -11.31 -7.69 0.63
N ASP C 127 -11.99 -7.94 1.74
CA ASP C 127 -13.25 -7.32 2.17
C ASP C 127 -13.16 -6.52 3.47
N TYR C 128 -11.96 -6.44 4.04
CA TYR C 128 -11.52 -6.04 5.40
C TYR C 128 -12.13 -4.76 6.02
N GLY C 129 -12.86 -3.95 5.25
CA GLY C 129 -13.45 -2.64 5.58
C GLY C 129 -12.83 -1.88 6.77
N ASN C 130 -13.36 -2.08 7.98
CA ASN C 130 -13.00 -1.39 9.22
C ASN C 130 -11.65 -1.82 9.87
N SER C 131 -10.89 -2.73 9.27
CA SER C 131 -9.61 -3.25 9.78
C SER C 131 -8.60 -2.14 10.16
N PRO C 132 -7.77 -2.30 11.22
CA PRO C 132 -6.71 -1.36 11.59
C PRO C 132 -5.72 -0.96 10.48
N LEU C 133 -5.59 -1.77 9.41
CA LEU C 133 -4.78 -1.45 8.22
C LEU C 133 -5.38 -0.32 7.35
N HIS C 134 -6.62 0.10 7.59
CA HIS C 134 -7.19 1.38 7.13
C HIS C 134 -6.38 2.55 7.72
N ARG C 135 -5.50 3.15 6.91
CA ARG C 135 -4.34 3.94 7.37
C ARG C 135 -4.73 5.21 8.13
N PHE C 136 -5.46 6.13 7.50
CA PHE C 136 -5.59 7.52 7.96
C PHE C 136 -6.87 7.72 8.80
N LYS C 137 -6.71 7.80 10.13
CA LYS C 137 -7.78 8.10 11.10
C LYS C 137 -8.35 9.52 10.91
N LYS C 138 -7.56 10.45 10.37
CA LYS C 138 -7.91 11.86 10.13
C LYS C 138 -7.69 12.23 8.64
N PRO C 139 -8.57 11.78 7.73
CA PRO C 139 -8.32 11.77 6.27
C PRO C 139 -8.36 13.14 5.56
N GLY C 140 -8.63 14.24 6.28
CA GLY C 140 -8.66 15.62 5.75
C GLY C 140 -7.59 16.57 6.32
N SER C 141 -6.67 16.07 7.15
CA SER C 141 -5.68 16.90 7.88
C SER C 141 -4.51 17.40 7.01
N LYS C 142 -3.85 18.48 7.46
CA LYS C 142 -2.68 19.12 6.80
C LYS C 142 -1.43 18.22 6.76
N ASN C 143 -1.35 17.24 7.65
CA ASN C 143 -0.27 16.25 7.75
C ASN C 143 -0.09 15.33 6.51
N PHE C 144 -1.00 15.36 5.53
CA PHE C 144 -0.89 14.67 4.22
C PHE C 144 0.38 15.02 3.42
N GLN C 145 1.11 16.06 3.82
CA GLN C 145 2.50 16.33 3.40
C GLN C 145 3.44 15.12 3.54
N ASN C 146 3.18 14.20 4.49
CA ASN C 146 4.01 13.00 4.72
C ASN C 146 3.93 11.89 3.64
N ILE C 147 3.09 12.04 2.60
CA ILE C 147 2.98 11.07 1.49
C ILE C 147 4.12 11.32 0.47
N PHE C 148 5.12 10.44 0.47
CA PHE C 148 6.33 10.52 -0.37
C PHE C 148 6.38 9.42 -1.46
N PRO C 149 7.03 9.66 -2.61
CA PRO C 149 7.11 8.68 -3.71
C PRO C 149 8.02 7.48 -3.38
N PRO C 150 7.92 6.36 -4.14
CA PRO C 150 8.71 5.15 -3.88
C PRO C 150 10.21 5.41 -4.10
N SER C 151 10.99 5.24 -3.03
CA SER C 151 12.44 5.50 -2.97
C SER C 151 13.15 4.42 -2.15
N ALA C 152 14.47 4.27 -2.33
CA ALA C 152 15.32 3.42 -1.50
C ALA C 152 15.52 3.99 -0.08
N THR C 153 15.33 5.30 0.10
CA THR C 153 15.43 6.04 1.38
C THR C 153 14.10 5.97 2.15
N LEU C 154 14.15 5.62 3.44
CA LEU C 154 13.06 5.00 4.20
C LEU C 154 12.95 5.54 5.64
N HIS C 155 11.74 5.55 6.17
CA HIS C 155 11.31 6.21 7.41
C HIS C 155 10.28 5.35 8.13
N LEU C 156 10.54 5.01 9.37
CA LEU C 156 9.92 3.87 10.05
C LEU C 156 9.46 4.30 11.44
N SER C 157 8.15 4.31 11.69
CA SER C 157 7.58 4.76 12.98
C SER C 157 6.63 3.75 13.62
N ASN C 158 6.31 4.02 14.90
CA ASN C 158 5.49 3.23 15.82
C ASN C 158 6.22 1.96 16.31
N ILE C 159 7.55 1.99 16.22
CA ILE C 159 8.52 0.97 16.66
C ILE C 159 8.57 0.86 18.20
N PRO C 160 8.32 -0.31 18.81
CA PRO C 160 8.58 -0.57 20.23
C PRO C 160 10.08 -0.79 20.51
N PRO C 161 10.55 -0.65 21.77
CA PRO C 161 11.95 -0.85 22.14
C PRO C 161 12.40 -2.33 22.12
N SER C 162 11.49 -3.28 21.96
CA SER C 162 11.75 -4.73 21.93
C SER C 162 12.51 -5.24 20.70
N VAL C 163 12.56 -4.46 19.60
CA VAL C 163 13.34 -4.75 18.38
C VAL C 163 14.62 -3.90 18.33
N SER C 164 15.77 -4.57 18.36
CA SER C 164 17.11 -3.96 18.25
C SER C 164 17.44 -3.52 16.81
N GLU C 165 18.59 -2.87 16.62
CA GLU C 165 19.15 -2.55 15.31
C GLU C 165 19.31 -3.83 14.47
N GLU C 166 19.92 -4.86 15.06
CA GLU C 166 20.19 -6.15 14.43
C GLU C 166 18.90 -6.92 14.05
N ASP C 167 17.76 -6.62 14.69
CA ASP C 167 16.45 -7.15 14.30
C ASP C 167 15.90 -6.41 13.08
N LEU C 168 15.76 -5.08 13.18
CA LEU C 168 15.21 -4.21 12.13
C LEU C 168 15.94 -4.40 10.79
N LYS C 169 17.28 -4.40 10.80
CA LYS C 169 18.07 -4.57 9.56
C LYS C 169 17.79 -5.90 8.86
N VAL C 170 17.52 -6.99 9.60
CA VAL C 170 17.26 -8.31 9.02
C VAL C 170 15.81 -8.42 8.55
N LEU C 171 14.86 -7.79 9.26
CA LEU C 171 13.48 -7.62 8.81
C LEU C 171 13.41 -7.04 7.39
N PHE C 172 14.09 -5.92 7.17
CA PHE C 172 14.17 -5.27 5.87
C PHE C 172 15.03 -6.06 4.88
N SER C 173 16.22 -6.53 5.28
CA SER C 173 17.13 -7.31 4.42
C SER C 173 16.59 -8.69 4.02
N SER C 174 15.57 -9.23 4.72
CA SER C 174 14.92 -10.52 4.45
C SER C 174 14.56 -10.82 2.98
N ASN C 175 14.26 -9.78 2.19
CA ASN C 175 13.90 -9.90 0.77
C ASN C 175 15.07 -10.34 -0.16
N GLY C 176 16.31 -10.37 0.35
CA GLY C 176 17.54 -10.82 -0.32
C GLY C 176 18.75 -9.92 -0.08
N GLY C 177 18.52 -8.68 0.32
CA GLY C 177 19.48 -7.67 0.73
C GLY C 177 18.76 -6.32 0.95
N VAL C 178 19.47 -5.25 1.30
CA VAL C 178 20.87 -5.21 1.77
C VAL C 178 21.10 -4.21 2.91
N VAL C 179 20.18 -3.26 3.10
CA VAL C 179 20.24 -2.11 4.04
C VAL C 179 21.56 -1.31 3.94
N LYS C 180 21.57 -0.29 3.07
CA LYS C 180 22.60 0.76 2.97
C LYS C 180 22.89 1.43 4.30
N GLY C 181 21.81 1.95 4.88
CA GLY C 181 21.85 3.01 5.88
C GLY C 181 20.78 2.83 6.94
N PHE C 182 21.00 3.52 8.04
CA PHE C 182 20.24 3.35 9.29
C PHE C 182 20.55 4.46 10.32
N LYS C 183 19.51 4.91 11.03
CA LYS C 183 19.50 5.69 12.28
C LYS C 183 18.39 5.15 13.18
N PHE C 184 18.65 4.86 14.46
CA PHE C 184 17.60 5.02 15.46
C PHE C 184 17.38 6.51 15.71
N PHE C 185 16.13 6.93 15.96
CA PHE C 185 15.83 8.32 16.30
C PHE C 185 16.24 8.70 17.73
N GLN C 186 16.11 9.99 18.08
CA GLN C 186 16.51 10.58 19.37
C GLN C 186 15.31 11.26 20.02
N LYS C 187 14.83 12.37 19.42
CA LYS C 187 13.53 13.03 19.68
C LYS C 187 12.37 12.05 19.50
N ASP C 188 11.79 11.61 20.62
CA ASP C 188 10.79 10.55 20.77
C ASP C 188 11.22 9.17 20.20
N ARG C 189 11.72 8.30 21.08
CA ARG C 189 12.05 6.89 20.82
C ARG C 189 10.81 6.06 20.44
N LYS C 190 10.43 6.14 19.15
CA LYS C 190 9.27 5.51 18.52
C LYS C 190 9.58 5.19 17.05
N MET C 191 10.81 5.51 16.63
CA MET C 191 11.18 5.79 15.26
C MET C 191 12.61 5.35 14.92
N ALA C 192 12.80 5.21 13.62
CA ALA C 192 14.05 5.03 12.92
C ALA C 192 14.00 5.62 11.48
N LEU C 193 15.18 5.71 10.87
CA LEU C 193 15.46 6.13 9.49
C LEU C 193 16.32 5.02 8.86
N ILE C 194 16.07 4.63 7.62
CA ILE C 194 16.80 3.55 6.91
C ILE C 194 17.06 3.96 5.45
N GLN C 195 18.03 3.31 4.79
CA GLN C 195 18.13 3.23 3.34
C GLN C 195 18.42 1.79 2.91
N MET C 196 17.95 1.40 1.73
CA MET C 196 18.17 0.08 1.12
C MET C 196 18.97 0.17 -0.19
N GLY C 197 19.37 -0.97 -0.76
CA GLY C 197 20.18 -1.07 -1.97
C GLY C 197 19.40 -0.84 -3.28
N SER C 198 18.06 -0.89 -3.23
CA SER C 198 17.16 -0.60 -4.34
C SER C 198 15.82 -0.05 -3.85
N VAL C 199 15.11 0.65 -4.74
CA VAL C 199 13.69 0.98 -4.59
C VAL C 199 12.85 -0.29 -4.49
N GLU C 200 13.21 -1.37 -5.21
CA GLU C 200 12.54 -2.67 -5.12
C GLU C 200 12.60 -3.24 -3.70
N GLU C 201 13.79 -3.28 -3.08
CA GLU C 201 13.99 -3.69 -1.68
C GLU C 201 13.11 -2.87 -0.73
N ALA C 202 13.18 -1.54 -0.81
CA ALA C 202 12.41 -0.62 0.01
C ALA C 202 10.88 -0.78 -0.14
N VAL C 203 10.38 -0.89 -1.38
CA VAL C 203 8.97 -1.19 -1.68
C VAL C 203 8.55 -2.52 -1.06
N GLN C 204 9.30 -3.61 -1.28
CA GLN C 204 8.92 -4.92 -0.76
C GLN C 204 9.01 -5.01 0.78
N ALA C 205 9.90 -4.22 1.40
CA ALA C 205 9.90 -4.01 2.86
C ALA C 205 8.67 -3.22 3.37
N LEU C 206 8.08 -2.32 2.56
CA LEU C 206 6.83 -1.62 2.89
C LEU C 206 5.63 -2.57 2.78
N ILE C 207 5.45 -3.26 1.65
CA ILE C 207 4.32 -4.19 1.45
C ILE C 207 4.34 -5.36 2.46
N ASP C 208 5.51 -5.69 3.02
CA ASP C 208 5.64 -6.53 4.21
C ASP C 208 5.31 -5.73 5.50
N LEU C 209 6.28 -4.97 6.03
CA LEU C 209 6.32 -4.56 7.42
C LEU C 209 5.39 -3.40 7.82
N HIS C 210 4.70 -2.70 6.90
CA HIS C 210 3.67 -1.69 7.23
C HIS C 210 2.47 -2.24 8.05
N ASN C 211 2.42 -3.56 8.25
CA ASN C 211 1.46 -4.28 9.09
C ASN C 211 2.10 -5.27 10.09
N HIS C 212 3.43 -5.24 10.27
CA HIS C 212 4.15 -6.09 11.22
C HIS C 212 3.73 -5.83 12.67
N ASP C 213 2.87 -6.70 13.21
CA ASP C 213 2.11 -6.54 14.45
C ASP C 213 2.84 -7.10 15.68
N LEU C 214 3.47 -6.22 16.45
CA LEU C 214 4.05 -6.52 17.77
C LEU C 214 3.04 -6.35 18.94
N GLY C 215 1.84 -5.86 18.66
CA GLY C 215 0.75 -5.55 19.59
C GLY C 215 -0.27 -4.61 18.94
N GLU C 216 -1.52 -4.64 19.38
CA GLU C 216 -2.69 -4.06 18.71
C GLU C 216 -2.62 -2.54 18.39
N ASN C 217 -1.79 -1.78 19.13
CA ASN C 217 -1.53 -0.36 18.92
C ASN C 217 -0.08 -0.05 18.48
N HIS C 218 0.80 -1.05 18.40
CA HIS C 218 2.26 -0.92 18.32
C HIS C 218 2.89 -1.58 17.08
N HIS C 219 2.08 -1.96 16.07
CA HIS C 219 2.59 -2.38 14.76
C HIS C 219 3.42 -1.28 14.07
N LEU C 220 4.30 -1.68 13.16
CA LEU C 220 5.10 -0.76 12.32
C LEU C 220 4.25 0.04 11.34
N ARG C 221 4.67 1.28 11.04
CA ARG C 221 4.34 2.04 9.82
C ARG C 221 5.62 2.39 9.08
N VAL C 222 5.96 1.53 8.13
CA VAL C 222 7.00 1.75 7.11
C VAL C 222 6.53 2.80 6.10
N SER C 223 7.37 3.78 5.80
CA SER C 223 7.16 4.77 4.75
C SER C 223 8.47 5.15 4.05
N PHE C 224 8.35 5.75 2.88
CA PHE C 224 9.42 6.44 2.15
C PHE C 224 9.81 7.75 2.85
N SER C 225 11.12 8.00 2.90
CA SER C 225 11.70 9.15 3.60
C SER C 225 12.06 10.31 2.67
N LYS C 226 11.32 11.43 2.79
CA LYS C 226 11.81 12.77 2.41
C LYS C 226 13.11 13.27 3.09
N SER C 227 13.59 12.62 4.15
CA SER C 227 14.82 12.95 4.88
C SER C 227 16.05 12.24 4.29
N THR C 228 17.18 12.21 5.02
CA THR C 228 18.44 11.54 4.66
C THR C 228 19.07 10.80 5.85
N ILE C 229 20.11 10.01 5.57
CA ILE C 229 20.88 9.19 6.54
C ILE C 229 22.34 9.66 6.59
N GLY C 22 -26.59 -0.38 -33.25
CA GLY C 22 -26.69 -1.32 -32.12
C GLY C 22 -28.01 -1.14 -31.37
N ARG C 23 -28.61 -2.25 -30.93
CA ARG C 23 -29.94 -2.29 -30.26
C ARG C 23 -30.02 -1.52 -28.94
N ILE C 24 -28.89 -1.40 -28.23
CA ILE C 24 -28.75 -0.66 -26.95
C ILE C 24 -27.71 0.46 -27.14
N ALA C 25 -28.15 1.57 -27.72
CA ALA C 25 -27.34 2.76 -28.00
C ALA C 25 -27.08 3.59 -26.72
N ILE C 26 -25.90 3.44 -26.11
CA ILE C 26 -25.43 4.21 -24.94
C ILE C 26 -23.92 4.53 -25.08
N PRO C 27 -23.44 5.77 -24.77
CA PRO C 27 -22.02 6.13 -24.88
C PRO C 27 -21.05 5.32 -24.01
N GLY C 28 -21.50 4.86 -22.83
CA GLY C 28 -20.70 4.14 -21.82
C GLY C 28 -19.72 5.01 -21.02
N LEU C 29 -19.18 6.08 -21.63
CA LEU C 29 -18.23 7.04 -21.05
C LEU C 29 -18.77 7.84 -19.84
N ALA C 30 -20.10 7.84 -19.63
CA ALA C 30 -20.78 8.52 -18.54
C ALA C 30 -20.40 8.04 -17.12
N GLY C 31 -19.75 6.87 -16.99
CA GLY C 31 -19.19 6.35 -15.74
C GLY C 31 -17.89 7.06 -15.34
N ALA C 32 -18.02 8.23 -14.69
CA ALA C 32 -16.92 9.12 -14.29
C ALA C 32 -16.86 9.36 -12.76
N GLY C 33 -15.85 10.09 -12.28
CA GLY C 33 -15.66 10.42 -10.85
C GLY C 33 -15.21 9.25 -9.97
N ASN C 34 -14.62 8.23 -10.59
CA ASN C 34 -14.51 6.86 -10.09
C ASN C 34 -13.47 6.72 -8.95
N SER C 35 -13.84 6.06 -7.84
CA SER C 35 -12.91 5.60 -6.80
C SER C 35 -12.27 4.23 -7.11
N VAL C 36 -12.81 3.49 -8.09
CA VAL C 36 -12.27 2.20 -8.55
C VAL C 36 -11.06 2.37 -9.47
N LEU C 37 -9.92 1.80 -9.08
CA LEU C 37 -8.81 1.47 -9.99
C LEU C 37 -9.09 0.14 -10.69
N LEU C 38 -9.13 0.13 -12.02
CA LEU C 38 -8.83 -1.07 -12.80
C LEU C 38 -7.31 -1.30 -12.63
N VAL C 39 -6.90 -2.44 -12.10
CA VAL C 39 -5.48 -2.86 -12.12
C VAL C 39 -5.30 -4.16 -12.91
N SER C 40 -4.17 -4.31 -13.61
CA SER C 40 -3.87 -5.42 -14.51
C SER C 40 -2.39 -5.78 -14.54
N ASN C 41 -2.07 -6.90 -15.19
CA ASN C 41 -0.72 -7.45 -15.36
C ASN C 41 -0.03 -7.80 -14.02
N LEU C 42 -0.80 -7.89 -12.94
CA LEU C 42 -0.35 -7.84 -11.55
C LEU C 42 0.34 -9.12 -11.02
N ASN C 43 0.40 -10.20 -11.81
CA ASN C 43 0.95 -11.51 -11.48
C ASN C 43 0.42 -12.09 -10.14
N PRO C 44 -0.83 -12.61 -10.10
CA PRO C 44 -1.45 -13.14 -8.88
C PRO C 44 -0.79 -14.44 -8.35
N GLU C 45 0.12 -15.05 -9.11
CA GLU C 45 0.98 -16.15 -8.63
C GLU C 45 2.13 -15.66 -7.73
N ARG C 46 2.45 -14.35 -7.71
CA ARG C 46 3.55 -13.75 -6.92
C ARG C 46 3.15 -12.54 -6.05
N VAL C 47 1.95 -11.98 -6.20
CA VAL C 47 1.38 -10.95 -5.30
C VAL C 47 0.10 -11.47 -4.62
N THR C 48 -0.25 -10.89 -3.47
CA THR C 48 -1.40 -11.30 -2.63
C THR C 48 -2.32 -10.11 -2.29
N PRO C 49 -3.56 -10.37 -1.83
CA PRO C 49 -4.45 -9.36 -1.25
C PRO C 49 -3.78 -8.47 -0.20
N GLN C 50 -2.91 -9.04 0.64
CA GLN C 50 -2.15 -8.33 1.69
C GLN C 50 -1.11 -7.36 1.10
N SER C 51 -0.38 -7.76 0.05
CA SER C 51 0.69 -6.94 -0.53
C SER C 51 0.10 -5.78 -1.34
N LEU C 52 -0.96 -6.10 -2.10
CA LEU C 52 -1.84 -5.13 -2.75
C LEU C 52 -2.42 -4.13 -1.73
N PHE C 53 -3.08 -4.59 -0.66
CA PHE C 53 -3.62 -3.72 0.38
C PHE C 53 -2.54 -2.85 1.04
N ILE C 54 -1.36 -3.38 1.37
CA ILE C 54 -0.24 -2.60 1.90
C ILE C 54 0.10 -1.41 0.98
N LEU C 55 0.26 -1.65 -0.33
CA LEU C 55 0.53 -0.60 -1.32
C LEU C 55 -0.60 0.46 -1.35
N PHE C 56 -1.80 0.11 -1.84
CA PHE C 56 -2.96 1.01 -1.92
C PHE C 56 -3.26 1.68 -0.55
N GLY C 57 -3.03 0.96 0.55
CA GLY C 57 -3.19 1.37 1.95
C GLY C 57 -2.16 2.36 2.49
N VAL C 58 -0.96 2.46 1.89
CA VAL C 58 -0.03 3.55 2.18
C VAL C 58 -0.45 4.76 1.35
N TYR C 59 -0.81 4.55 0.09
CA TYR C 59 -1.17 5.61 -0.86
C TYR C 59 -2.51 6.32 -0.60
N GLY C 60 -3.42 5.74 0.19
CA GLY C 60 -4.66 6.41 0.60
C GLY C 60 -5.86 5.52 0.95
N ASP C 61 -5.71 4.19 0.92
CA ASP C 61 -6.62 3.15 1.44
C ASP C 61 -7.61 2.62 0.39
N VAL C 62 -7.98 1.35 0.52
CA VAL C 62 -8.84 0.57 -0.36
C VAL C 62 -9.85 -0.21 0.47
N GLN C 63 -11.11 0.26 0.51
CA GLN C 63 -12.16 -0.37 1.31
C GLN C 63 -12.73 -1.63 0.66
N ARG C 64 -12.63 -1.80 -0.68
CA ARG C 64 -12.88 -3.11 -1.32
C ARG C 64 -11.85 -3.46 -2.38
N VAL C 65 -11.18 -4.60 -2.19
CA VAL C 65 -10.41 -5.30 -3.23
C VAL C 65 -11.34 -6.30 -3.94
N LYS C 66 -11.24 -6.44 -5.27
CA LYS C 66 -11.82 -7.55 -6.09
C LYS C 66 -10.76 -8.05 -7.07
N ILE C 67 -10.14 -9.20 -6.80
CA ILE C 67 -9.13 -9.86 -7.65
C ILE C 67 -9.77 -10.98 -8.46
N LEU C 68 -9.37 -11.13 -9.72
CA LEU C 68 -10.04 -11.99 -10.70
C LEU C 68 -9.20 -13.24 -11.02
N PHE C 69 -9.24 -14.16 -10.06
CA PHE C 69 -8.88 -15.59 -10.12
C PHE C 69 -7.52 -15.92 -10.78
N ASN C 70 -7.28 -17.21 -11.04
CA ASN C 70 -6.00 -17.76 -11.50
C ASN C 70 -5.59 -17.39 -12.95
N LYS C 71 -6.52 -16.86 -13.75
CA LYS C 71 -6.37 -16.73 -15.22
C LYS C 71 -6.28 -15.28 -15.72
N LYS C 72 -7.20 -14.42 -15.30
CA LYS C 72 -7.44 -13.09 -15.92
C LYS C 72 -6.37 -12.04 -15.58
N GLU C 73 -5.63 -12.20 -14.48
CA GLU C 73 -4.56 -11.30 -13.99
C GLU C 73 -5.01 -9.83 -13.79
N ASN C 74 -6.31 -9.61 -13.55
CA ASN C 74 -6.89 -8.32 -13.23
C ASN C 74 -7.33 -8.24 -11.76
N ALA C 75 -7.47 -7.01 -11.27
CA ALA C 75 -8.26 -6.66 -10.10
C ALA C 75 -8.91 -5.27 -10.32
N LEU C 76 -9.81 -4.91 -9.42
CA LEU C 76 -10.81 -3.86 -9.54
C LEU C 76 -11.00 -3.34 -8.10
N VAL C 77 -10.49 -2.15 -7.83
CA VAL C 77 -10.01 -1.73 -6.49
C VAL C 77 -10.66 -0.44 -6.04
N GLN C 78 -11.67 -0.56 -5.20
CA GLN C 78 -12.46 0.54 -4.64
C GLN C 78 -11.67 1.23 -3.51
N MET C 79 -10.94 2.27 -3.92
CA MET C 79 -10.14 3.16 -3.07
C MET C 79 -11.02 4.02 -2.15
N ALA C 80 -10.41 4.76 -1.22
CA ALA C 80 -11.07 5.77 -0.39
C ALA C 80 -11.83 6.84 -1.20
N ASP C 81 -11.18 7.46 -2.19
CA ASP C 81 -11.78 8.42 -3.12
C ASP C 81 -11.03 8.49 -4.47
N GLY C 82 -11.57 9.25 -5.43
CA GLY C 82 -10.96 9.43 -6.76
C GLY C 82 -9.61 10.13 -6.77
N ASN C 83 -9.34 11.05 -5.83
CA ASN C 83 -8.01 11.69 -5.70
C ASN C 83 -6.95 10.69 -5.24
N GLN C 84 -7.23 9.93 -4.17
CA GLN C 84 -6.31 8.91 -3.66
C GLN C 84 -6.15 7.71 -4.61
N ALA C 85 -7.17 7.39 -5.42
CA ALA C 85 -7.03 6.48 -6.57
C ALA C 85 -6.03 7.00 -7.61
N GLN C 86 -6.17 8.26 -8.06
CA GLN C 86 -5.24 8.92 -8.97
C GLN C 86 -3.81 8.99 -8.42
N LEU C 87 -3.63 9.21 -7.11
CA LEU C 87 -2.32 9.19 -6.45
C LEU C 87 -1.70 7.78 -6.44
N ALA C 88 -2.44 6.77 -6.00
CA ALA C 88 -1.99 5.37 -6.03
C ALA C 88 -1.58 4.93 -7.44
N MET C 89 -2.38 5.27 -8.46
CA MET C 89 -2.04 5.13 -9.89
C MET C 89 -0.73 5.85 -10.25
N SER C 90 -0.58 7.12 -9.85
CA SER C 90 0.59 7.96 -10.18
C SER C 90 1.91 7.33 -9.70
N HIS C 91 1.90 6.69 -8.54
CA HIS C 91 3.03 5.88 -8.06
C HIS C 91 3.13 4.53 -8.80
N LEU C 92 2.10 3.68 -8.68
CA LEU C 92 2.16 2.26 -9.03
C LEU C 92 2.19 1.92 -10.52
N ASN C 93 1.70 2.78 -11.41
CA ASN C 93 1.72 2.54 -12.86
C ASN C 93 3.17 2.30 -13.37
N GLY C 94 3.50 1.04 -13.65
CA GLY C 94 4.80 0.57 -14.12
C GLY C 94 5.76 0.05 -13.04
N HIS C 95 5.32 -0.09 -11.79
CA HIS C 95 6.17 -0.56 -10.67
C HIS C 95 6.87 -1.90 -10.94
N LYS C 96 8.20 -1.87 -10.88
CA LYS C 96 9.12 -3.01 -10.93
C LYS C 96 9.16 -3.75 -9.58
N LEU C 97 8.51 -4.91 -9.51
CA LEU C 97 8.50 -5.81 -8.34
C LEU C 97 8.87 -7.25 -8.74
N HIS C 98 8.03 -8.25 -8.44
CA HIS C 98 8.23 -9.70 -8.63
C HIS C 98 8.33 -10.19 -10.09
N GLY C 99 8.38 -9.27 -11.07
CA GLY C 99 8.61 -9.56 -12.49
C GLY C 99 7.93 -8.55 -13.42
N LYS C 100 6.59 -8.61 -13.48
CA LYS C 100 5.75 -7.77 -14.35
C LYS C 100 5.70 -6.29 -13.88
N PRO C 101 5.65 -5.32 -14.80
CA PRO C 101 5.25 -3.94 -14.51
C PRO C 101 3.73 -3.86 -14.33
N ILE C 102 3.27 -3.22 -13.24
CA ILE C 102 1.84 -3.10 -12.92
C ILE C 102 1.13 -2.10 -13.84
N ARG C 103 0.11 -2.53 -14.58
CA ARG C 103 -0.78 -1.65 -15.37
C ARG C 103 -1.94 -1.16 -14.49
N ILE C 104 -2.32 0.12 -14.58
CA ILE C 104 -3.43 0.72 -13.81
C ILE C 104 -4.15 1.72 -14.69
N THR C 105 -5.48 1.72 -14.61
CA THR C 105 -6.36 2.62 -15.38
C THR C 105 -7.52 3.07 -14.49
N LEU C 106 -8.05 4.29 -14.72
CA LEU C 106 -9.28 4.74 -14.07
C LEU C 106 -10.45 3.87 -14.57
N SER C 107 -10.98 3.02 -13.69
CA SER C 107 -12.05 2.08 -14.02
C SER C 107 -13.29 2.75 -14.63
N LYS C 108 -14.02 1.98 -15.45
CA LYS C 108 -15.35 2.34 -15.99
C LYS C 108 -16.50 2.17 -14.99
N HIS C 109 -16.26 1.42 -13.91
CA HIS C 109 -17.20 1.12 -12.83
C HIS C 109 -17.30 2.26 -11.80
N GLN C 110 -18.11 2.11 -10.76
CA GLN C 110 -18.32 3.14 -9.71
C GLN C 110 -18.16 2.57 -8.29
N ASN C 111 -18.71 1.37 -8.04
CA ASN C 111 -18.57 0.59 -6.81
C ASN C 111 -18.55 -0.92 -7.14
N VAL C 112 -18.36 -1.78 -6.13
CA VAL C 112 -18.23 -3.24 -6.32
C VAL C 112 -19.36 -4.07 -5.71
N GLN C 113 -19.55 -5.25 -6.31
CA GLN C 113 -20.34 -6.36 -5.79
C GLN C 113 -19.50 -7.21 -4.80
N LEU C 114 -20.16 -8.04 -3.99
CA LEU C 114 -19.53 -8.80 -2.90
C LEU C 114 -19.99 -10.28 -2.92
N PRO C 115 -19.09 -11.25 -2.73
CA PRO C 115 -19.41 -12.68 -2.71
C PRO C 115 -20.11 -13.10 -1.40
N ARG C 116 -20.32 -14.40 -1.22
CA ARG C 116 -20.88 -15.01 -0.01
C ARG C 116 -20.02 -14.76 1.24
N GLU C 117 -20.63 -14.95 2.42
CA GLU C 117 -20.02 -14.68 3.73
C GLU C 117 -18.66 -15.39 3.99
N GLY C 118 -18.48 -16.60 3.47
CA GLY C 118 -17.27 -17.42 3.66
C GLY C 118 -16.10 -17.16 2.71
N GLN C 119 -16.26 -16.31 1.68
CA GLN C 119 -15.25 -16.03 0.64
C GLN C 119 -14.14 -15.04 1.07
N GLU C 120 -13.69 -15.15 2.32
CA GLU C 120 -12.39 -14.64 2.79
C GLU C 120 -11.23 -15.58 2.41
N ASP C 121 -11.52 -16.85 2.08
CA ASP C 121 -10.55 -17.83 1.55
C ASP C 121 -9.83 -17.29 0.29
N GLN C 122 -8.50 -17.27 0.32
CA GLN C 122 -7.59 -16.69 -0.69
C GLN C 122 -7.79 -15.16 -0.98
N GLY C 123 -8.79 -14.51 -0.38
CA GLY C 123 -8.93 -13.06 -0.26
C GLY C 123 -9.27 -12.32 -1.56
N LEU C 124 -9.91 -13.01 -2.53
CA LEU C 124 -10.31 -12.46 -3.81
C LEU C 124 -11.18 -11.19 -3.67
N THR C 125 -12.18 -11.19 -2.76
CA THR C 125 -13.03 -10.00 -2.54
C THR C 125 -13.10 -9.57 -1.07
N LYS C 126 -11.99 -9.05 -0.54
CA LYS C 126 -11.90 -8.52 0.82
C LYS C 126 -12.57 -7.14 0.95
N ASP C 127 -13.67 -7.09 1.71
CA ASP C 127 -14.23 -5.88 2.31
C ASP C 127 -13.38 -5.40 3.49
N TYR C 128 -12.41 -4.53 3.21
CA TYR C 128 -11.61 -3.83 4.20
C TYR C 128 -12.37 -2.73 4.96
N GLY C 129 -13.59 -2.37 4.56
CA GLY C 129 -14.45 -1.43 5.30
C GLY C 129 -14.74 -1.85 6.76
N ASN C 130 -14.73 -3.16 7.05
CA ASN C 130 -14.87 -3.73 8.39
C ASN C 130 -13.52 -4.03 9.08
N SER C 131 -12.44 -4.24 8.32
CA SER C 131 -11.09 -4.59 8.82
C SER C 131 -10.46 -3.50 9.71
N PRO C 132 -9.98 -3.82 10.94
CA PRO C 132 -9.27 -2.86 11.81
C PRO C 132 -8.05 -2.17 11.17
N LEU C 133 -7.41 -2.77 10.16
CA LEU C 133 -6.21 -2.27 9.49
C LEU C 133 -6.46 -1.06 8.55
N HIS C 134 -7.71 -0.85 8.11
CA HIS C 134 -8.21 0.36 7.44
C HIS C 134 -7.79 1.66 8.17
N ARG C 135 -7.06 2.55 7.48
CA ARG C 135 -6.25 3.64 8.06
C ARG C 135 -6.71 5.05 7.66
N PHE C 136 -7.24 5.26 6.45
CA PHE C 136 -7.55 6.60 5.91
C PHE C 136 -8.97 6.73 5.34
N LYS C 137 -9.41 7.97 5.11
CA LYS C 137 -10.76 8.40 4.71
C LYS C 137 -10.71 9.37 3.51
N LYS C 138 -11.82 10.06 3.22
CA LYS C 138 -11.91 11.22 2.31
C LYS C 138 -10.84 12.28 2.67
N PRO C 139 -10.07 12.84 1.70
CA PRO C 139 -8.92 13.70 1.96
C PRO C 139 -9.35 15.14 2.35
N GLY C 140 -9.77 15.33 3.59
CA GLY C 140 -10.37 16.57 4.10
C GLY C 140 -9.48 17.44 5.01
N SER C 141 -8.21 17.06 5.22
CA SER C 141 -7.31 17.68 6.22
C SER C 141 -5.90 17.97 5.67
N LYS C 142 -5.13 18.79 6.40
CA LYS C 142 -3.86 19.43 5.97
C LYS C 142 -2.59 18.68 6.39
N ASN C 143 -2.71 17.47 6.94
CA ASN C 143 -1.64 16.71 7.61
C ASN C 143 -1.10 15.47 6.84
N PHE C 144 -1.74 15.07 5.74
CA PHE C 144 -1.48 13.81 5.03
C PHE C 144 -0.19 13.77 4.18
N GLN C 145 0.73 14.73 4.32
CA GLN C 145 2.00 14.78 3.55
C GLN C 145 3.01 13.69 3.95
N ASN C 146 2.87 13.08 5.13
CA ASN C 146 3.84 12.15 5.73
C ASN C 146 4.04 10.83 4.95
N ILE C 147 3.16 10.50 4.01
CA ILE C 147 3.19 9.27 3.18
C ILE C 147 4.51 9.13 2.39
N PHE C 148 4.90 10.22 1.72
CA PHE C 148 6.02 10.37 0.75
C PHE C 148 5.94 9.48 -0.51
N PRO C 149 6.35 9.99 -1.70
CA PRO C 149 6.58 9.17 -2.89
C PRO C 149 7.64 8.08 -2.66
N PRO C 150 7.62 6.97 -3.44
CA PRO C 150 8.70 5.98 -3.47
C PRO C 150 10.10 6.59 -3.64
N SER C 151 10.99 6.23 -2.73
CA SER C 151 12.40 6.67 -2.66
C SER C 151 13.29 5.54 -2.16
N ALA C 152 14.59 5.60 -2.44
CA ALA C 152 15.59 4.74 -1.82
C ALA C 152 15.79 5.02 -0.31
N THR C 153 15.23 6.13 0.20
CA THR C 153 15.30 6.54 1.62
C THR C 153 13.95 6.35 2.32
N LEU C 154 13.99 5.70 3.48
CA LEU C 154 12.86 5.17 4.24
C LEU C 154 12.71 5.90 5.58
N HIS C 155 11.49 5.88 6.10
CA HIS C 155 11.07 6.45 7.37
C HIS C 155 10.07 5.50 8.03
N LEU C 156 10.30 5.16 9.29
CA LEU C 156 9.61 4.08 10.00
C LEU C 156 9.09 4.57 11.35
N SER C 157 7.86 4.18 11.74
CA SER C 157 7.38 4.32 13.12
C SER C 157 6.53 3.13 13.58
N ASN C 158 6.21 3.08 14.87
CA ASN C 158 5.65 1.94 15.60
C ASN C 158 6.61 0.72 15.60
N ILE C 159 7.91 1.03 15.65
CA ILE C 159 8.97 0.12 16.09
C ILE C 159 8.87 -0.05 17.62
N PRO C 160 8.80 -1.28 18.16
CA PRO C 160 8.75 -1.53 19.61
C PRO C 160 10.13 -1.31 20.28
N PRO C 161 10.18 -1.18 21.62
CA PRO C 161 11.45 -1.08 22.37
C PRO C 161 12.23 -2.41 22.46
N SER C 162 11.61 -3.54 22.11
CA SER C 162 12.15 -4.90 22.24
C SER C 162 13.15 -5.31 21.13
N VAL C 163 13.00 -4.82 19.90
CA VAL C 163 13.87 -5.16 18.75
C VAL C 163 15.20 -4.40 18.77
N SER C 164 16.10 -4.78 17.86
CA SER C 164 17.49 -4.27 17.77
C SER C 164 17.83 -3.80 16.35
N GLU C 165 18.97 -3.11 16.20
CA GLU C 165 19.46 -2.61 14.90
C GLU C 165 19.69 -3.77 13.92
N GLU C 166 20.41 -4.81 14.35
CA GLU C 166 20.65 -6.04 13.57
C GLU C 166 19.38 -6.87 13.29
N ASP C 167 18.25 -6.52 13.89
CA ASP C 167 16.93 -7.10 13.58
C ASP C 167 16.29 -6.33 12.42
N LEU C 168 16.05 -5.03 12.62
CA LEU C 168 15.44 -4.12 11.64
C LEU C 168 16.23 -4.08 10.32
N LYS C 169 17.55 -3.99 10.39
CA LYS C 169 18.38 -3.97 9.17
C LYS C 169 18.29 -5.28 8.38
N VAL C 170 18.09 -6.41 9.04
CA VAL C 170 18.02 -7.73 8.38
C VAL C 170 16.61 -7.97 7.83
N LEU C 171 15.57 -7.43 8.47
CA LEU C 171 14.22 -7.29 7.93
C LEU C 171 14.24 -6.64 6.54
N PHE C 172 14.86 -5.46 6.44
CA PHE C 172 14.98 -4.73 5.18
C PHE C 172 15.95 -5.41 4.21
N SER C 173 17.11 -5.89 4.68
CA SER C 173 18.09 -6.62 3.85
C SER C 173 17.59 -7.99 3.34
N SER C 174 16.56 -8.59 3.95
CA SER C 174 15.93 -9.85 3.51
C SER C 174 15.42 -9.86 2.06
N ASN C 175 15.29 -8.70 1.42
CA ASN C 175 15.02 -8.55 -0.01
C ASN C 175 16.17 -9.04 -0.94
N GLY C 176 17.37 -9.27 -0.38
CA GLY C 176 18.60 -9.67 -1.07
C GLY C 176 19.79 -8.72 -0.78
N GLY C 177 19.48 -7.51 -0.32
CA GLY C 177 20.38 -6.47 0.17
C GLY C 177 19.58 -5.19 0.44
N VAL C 178 20.20 -4.07 0.81
CA VAL C 178 21.63 -3.94 1.20
C VAL C 178 21.83 -3.03 2.43
N VAL C 179 20.84 -2.19 2.76
CA VAL C 179 20.86 -1.15 3.80
C VAL C 179 22.09 -0.24 3.73
N LYS C 180 21.98 0.87 2.99
CA LYS C 180 22.92 2.00 3.05
C LYS C 180 23.08 2.54 4.47
N GLY C 181 21.94 2.84 5.07
CA GLY C 181 21.81 3.74 6.19
C GLY C 181 20.64 3.39 7.09
N PHE C 182 20.65 4.03 8.24
CA PHE C 182 19.87 3.68 9.44
C PHE C 182 20.09 4.68 10.57
N LYS C 183 19.02 5.15 11.22
CA LYS C 183 19.04 5.82 12.52
C LYS C 183 17.87 5.38 13.42
N PHE C 184 18.15 4.83 14.60
CA PHE C 184 17.16 4.77 15.68
C PHE C 184 16.84 6.20 16.17
N PHE C 185 15.56 6.56 16.26
CA PHE C 185 15.16 7.88 16.75
C PHE C 185 15.05 7.88 18.28
N GLN C 186 16.08 8.42 18.94
CA GLN C 186 16.10 8.69 20.38
C GLN C 186 14.99 9.68 20.79
N LYS C 187 14.67 10.66 19.93
CA LYS C 187 13.61 11.66 20.16
C LYS C 187 12.20 11.05 20.24
N ASP C 188 11.68 10.96 21.45
CA ASP C 188 10.26 11.14 21.83
C ASP C 188 9.27 9.99 21.57
N ARG C 189 9.38 9.28 20.42
CA ARG C 189 8.30 8.38 19.92
C ARG C 189 8.73 6.93 19.73
N LYS C 190 8.67 6.38 18.50
CA LYS C 190 8.56 4.95 18.18
C LYS C 190 9.30 4.62 16.88
N MET C 191 10.32 5.44 16.59
CA MET C 191 10.72 5.78 15.22
C MET C 191 12.12 5.30 14.82
N ALA C 192 12.33 5.33 13.51
CA ALA C 192 13.64 5.26 12.85
C ALA C 192 13.66 5.90 11.44
N LEU C 193 14.85 6.20 10.94
CA LEU C 193 15.16 6.28 9.50
C LEU C 193 15.84 4.98 9.04
N ILE C 194 15.69 4.68 7.74
CA ILE C 194 16.54 3.73 7.00
C ILE C 194 16.88 4.34 5.62
N GLN C 195 17.95 3.87 4.99
CA GLN C 195 18.22 4.03 3.56
C GLN C 195 18.64 2.69 2.93
N MET C 196 18.17 2.42 1.71
CA MET C 196 18.43 1.21 0.91
C MET C 196 19.29 1.51 -0.32
N GLY C 197 19.69 0.48 -1.07
CA GLY C 197 20.58 0.60 -2.24
C GLY C 197 19.89 1.19 -3.48
N SER C 198 18.59 0.95 -3.63
CA SER C 198 17.76 1.37 -4.80
C SER C 198 16.31 1.67 -4.40
N VAL C 199 15.57 2.38 -5.26
CA VAL C 199 14.13 2.66 -5.08
C VAL C 199 13.31 1.35 -5.10
N GLU C 200 13.56 0.46 -6.06
CA GLU C 200 12.88 -0.85 -6.13
C GLU C 200 13.15 -1.75 -4.90
N GLU C 201 14.34 -1.63 -4.30
CA GLU C 201 14.71 -2.34 -3.08
C GLU C 201 13.91 -1.83 -1.86
N ALA C 202 13.81 -0.50 -1.72
CA ALA C 202 12.96 0.18 -0.74
C ALA C 202 11.47 -0.16 -0.90
N VAL C 203 10.95 -0.09 -2.13
CA VAL C 203 9.60 -0.54 -2.52
C VAL C 203 9.31 -1.95 -2.02
N GLN C 204 10.17 -2.92 -2.34
CA GLN C 204 9.92 -4.32 -1.97
C GLN C 204 10.11 -4.60 -0.47
N ALA C 205 10.95 -3.83 0.24
CA ALA C 205 10.97 -3.85 1.70
C ALA C 205 9.64 -3.37 2.32
N LEU C 206 9.01 -2.31 1.78
CA LEU C 206 7.67 -1.87 2.20
C LEU C 206 6.61 -2.94 1.90
N ILE C 207 6.60 -3.50 0.68
CA ILE C 207 5.69 -4.58 0.26
C ILE C 207 5.75 -5.79 1.20
N ASP C 208 6.95 -6.23 1.59
CA ASP C 208 7.13 -7.31 2.57
C ASP C 208 6.59 -6.93 3.95
N LEU C 209 7.07 -5.81 4.50
CA LEU C 209 6.78 -5.35 5.86
C LEU C 209 5.49 -4.52 5.95
N HIS C 210 5.58 -3.19 5.89
CA HIS C 210 4.68 -2.18 6.46
C HIS C 210 4.09 -2.63 7.80
N ASN C 211 2.98 -3.37 7.80
CA ASN C 211 2.31 -3.94 8.97
C ASN C 211 3.03 -5.20 9.51
N HIS C 212 4.35 -5.16 9.70
CA HIS C 212 5.07 -6.17 10.49
C HIS C 212 4.62 -6.07 11.97
N ASP C 213 4.10 -7.15 12.52
CA ASP C 213 3.34 -7.14 13.77
C ASP C 213 3.93 -8.08 14.83
N LEU C 214 3.95 -7.62 16.10
CA LEU C 214 4.42 -8.36 17.27
C LEU C 214 3.31 -8.68 18.28
N GLY C 215 2.07 -8.23 18.04
CA GLY C 215 0.85 -8.63 18.75
C GLY C 215 0.57 -7.84 20.03
N GLU C 216 1.62 -7.58 20.82
CA GLU C 216 1.55 -6.81 22.07
C GLU C 216 1.48 -5.29 21.78
N ASN C 217 0.34 -4.84 21.23
CA ASN C 217 0.00 -3.46 20.84
C ASN C 217 0.95 -2.80 19.79
N HIS C 218 1.94 -3.52 19.28
CA HIS C 218 2.98 -3.04 18.37
C HIS C 218 2.90 -3.71 17.00
N HIS C 219 2.42 -2.93 16.02
CA HIS C 219 2.46 -3.25 14.59
C HIS C 219 2.92 -2.02 13.80
N LEU C 220 4.02 -2.23 13.08
CA LEU C 220 4.89 -1.27 12.40
C LEU C 220 4.18 -0.45 11.31
N ARG C 221 4.79 0.67 10.90
CA ARG C 221 4.51 1.47 9.70
C ARG C 221 5.81 1.82 8.97
N VAL C 222 6.06 1.14 7.85
CA VAL C 222 7.11 1.46 6.87
C VAL C 222 6.62 2.49 5.87
N SER C 223 7.35 3.60 5.72
CA SER C 223 7.11 4.69 4.78
C SER C 223 8.43 5.18 4.16
N PHE C 224 8.35 6.20 3.30
CA PHE C 224 9.45 6.87 2.61
C PHE C 224 9.81 8.20 3.27
N SER C 225 11.06 8.63 3.13
CA SER C 225 11.61 9.74 3.91
C SER C 225 11.55 11.11 3.23
N LYS C 226 10.80 12.02 3.86
CA LYS C 226 11.10 13.48 3.97
C LYS C 226 12.57 13.87 3.72
N SER C 227 13.53 13.26 4.43
CA SER C 227 14.89 13.80 4.62
C SER C 227 16.01 12.76 4.45
N THR C 228 17.24 13.23 4.30
CA THR C 228 18.47 12.40 4.32
C THR C 228 18.83 11.94 5.76
N ILE C 229 19.72 10.95 5.84
CA ILE C 229 20.26 10.35 7.07
C ILE C 229 21.25 11.32 7.73
N GLY C 22 -13.19 11.64 -20.25
CA GLY C 22 -14.23 12.51 -19.67
C GLY C 22 -15.23 11.71 -18.86
N ARG C 23 -16.53 11.99 -19.03
CA ARG C 23 -17.74 11.34 -18.44
C ARG C 23 -17.69 11.09 -16.92
N ILE C 24 -16.96 10.05 -16.50
CA ILE C 24 -16.91 9.49 -15.14
C ILE C 24 -15.58 9.75 -14.41
N ALA C 25 -14.54 10.21 -15.14
CA ALA C 25 -13.24 10.56 -14.58
C ALA C 25 -13.27 11.81 -13.68
N ILE C 26 -14.11 12.80 -14.02
CA ILE C 26 -14.38 14.01 -13.23
C ILE C 26 -15.44 13.74 -12.13
N PRO C 27 -15.45 14.52 -11.02
CA PRO C 27 -16.42 14.34 -9.93
C PRO C 27 -17.82 14.86 -10.30
N GLY C 28 -18.63 13.99 -10.94
CA GLY C 28 -20.01 14.24 -11.36
C GLY C 28 -21.08 14.00 -10.29
N LEU C 29 -20.75 14.17 -9.00
CA LEU C 29 -21.52 13.79 -7.81
C LEU C 29 -22.02 12.34 -7.87
N ALA C 30 -23.24 12.09 -8.35
CA ALA C 30 -23.76 10.73 -8.63
C ALA C 30 -22.91 9.97 -9.68
N GLY C 31 -22.23 10.69 -10.57
CA GLY C 31 -21.30 10.17 -11.57
C GLY C 31 -19.82 10.22 -11.17
N ALA C 32 -19.48 10.50 -9.91
CA ALA C 32 -18.10 10.51 -9.40
C ALA C 32 -17.54 9.09 -9.15
N GLY C 33 -17.55 8.24 -10.18
CA GLY C 33 -17.09 6.83 -10.12
C GLY C 33 -15.57 6.65 -10.03
N ASN C 34 -14.78 7.72 -10.22
CA ASN C 34 -13.31 7.75 -10.23
C ASN C 34 -12.60 7.19 -8.97
N SER C 35 -13.33 6.90 -7.89
CA SER C 35 -12.82 6.22 -6.68
C SER C 35 -12.46 4.74 -6.86
N VAL C 36 -12.96 4.07 -7.91
CA VAL C 36 -12.56 2.70 -8.27
C VAL C 36 -11.32 2.68 -9.18
N LEU C 37 -10.55 1.59 -9.16
CA LEU C 37 -9.26 1.50 -9.86
C LEU C 37 -9.06 0.15 -10.61
N LEU C 38 -8.52 0.17 -11.84
CA LEU C 38 -8.29 -1.03 -12.67
C LEU C 38 -6.83 -1.47 -12.50
N VAL C 39 -6.57 -2.76 -12.27
CA VAL C 39 -5.22 -3.34 -12.39
C VAL C 39 -5.22 -4.53 -13.35
N SER C 40 -4.21 -4.63 -14.23
CA SER C 40 -3.98 -5.76 -15.14
C SER C 40 -2.49 -6.16 -15.22
N ASN C 41 -2.21 -7.26 -15.92
CA ASN C 41 -0.89 -7.85 -16.18
C ASN C 41 -0.15 -8.35 -14.90
N LEU C 42 -0.85 -8.43 -13.77
CA LEU C 42 -0.39 -9.08 -12.54
C LEU C 42 -0.22 -10.61 -12.74
N ASN C 43 1.02 -11.05 -12.97
CA ASN C 43 1.41 -12.45 -13.17
C ASN C 43 0.87 -13.37 -12.05
N PRO C 44 -0.14 -14.21 -12.31
CA PRO C 44 -0.99 -14.77 -11.25
C PRO C 44 -0.32 -15.88 -10.41
N GLU C 45 0.73 -16.53 -10.94
CA GLU C 45 1.55 -17.48 -10.17
C GLU C 45 2.66 -16.80 -9.35
N ARG C 46 2.80 -15.46 -9.44
CA ARG C 46 3.82 -14.64 -8.72
C ARG C 46 3.25 -13.46 -7.94
N VAL C 47 2.00 -13.04 -8.18
CA VAL C 47 1.35 -11.89 -7.54
C VAL C 47 1.27 -12.02 -6.02
N THR C 48 1.37 -10.90 -5.29
CA THR C 48 1.12 -10.82 -3.84
C THR C 48 0.07 -9.74 -3.53
N PRO C 49 -1.23 -10.11 -3.45
CA PRO C 49 -2.33 -9.20 -3.12
C PRO C 49 -2.11 -8.37 -1.85
N GLN C 50 -1.45 -8.91 -0.83
CA GLN C 50 -1.07 -8.18 0.38
C GLN C 50 -0.06 -7.05 0.11
N SER C 51 0.88 -7.25 -0.82
CA SER C 51 1.93 -6.26 -1.17
C SER C 51 1.30 -5.10 -1.92
N LEU C 52 0.42 -5.44 -2.87
CA LEU C 52 -0.47 -4.52 -3.56
C LEU C 52 -1.31 -3.71 -2.56
N PHE C 53 -2.05 -4.36 -1.65
CA PHE C 53 -2.85 -3.71 -0.60
C PHE C 53 -2.03 -2.73 0.26
N ILE C 54 -0.82 -3.10 0.72
CA ILE C 54 0.06 -2.19 1.48
C ILE C 54 0.41 -0.95 0.65
N LEU C 55 0.89 -1.14 -0.59
CA LEU C 55 1.28 -0.05 -1.50
C LEU C 55 0.12 0.93 -1.77
N PHE C 56 -0.97 0.45 -2.40
CA PHE C 56 -2.21 1.25 -2.55
C PHE C 56 -2.68 1.82 -1.20
N GLY C 57 -2.53 1.08 -0.10
CA GLY C 57 -2.77 1.45 1.29
C GLY C 57 -2.01 2.69 1.80
N VAL C 58 -0.82 2.98 1.25
CA VAL C 58 -0.04 4.19 1.58
C VAL C 58 -0.51 5.33 0.67
N TYR C 59 -0.66 5.03 -0.62
CA TYR C 59 -1.01 6.02 -1.64
C TYR C 59 -2.44 6.58 -1.59
N GLY C 60 -3.42 5.80 -1.11
CA GLY C 60 -4.83 6.16 -1.23
C GLY C 60 -5.88 5.21 -0.66
N ASP C 61 -5.47 4.05 -0.12
CA ASP C 61 -6.28 3.17 0.75
C ASP C 61 -7.47 2.48 0.06
N VAL C 62 -7.29 1.22 -0.35
CA VAL C 62 -8.33 0.30 -0.83
C VAL C 62 -9.31 -0.12 0.29
N GLN C 63 -10.58 0.28 0.18
CA GLN C 63 -11.65 -0.24 1.03
C GLN C 63 -12.08 -1.65 0.59
N ARG C 64 -12.17 -1.91 -0.72
CA ARG C 64 -12.43 -3.28 -1.21
C ARG C 64 -11.84 -3.59 -2.59
N VAL C 65 -11.81 -4.88 -2.93
CA VAL C 65 -11.05 -5.48 -4.04
C VAL C 65 -11.89 -6.59 -4.72
N LYS C 66 -11.70 -6.78 -6.03
CA LYS C 66 -11.99 -8.03 -6.77
C LYS C 66 -10.73 -8.51 -7.49
N ILE C 67 -10.51 -9.83 -7.52
CA ILE C 67 -9.39 -10.49 -8.23
C ILE C 67 -9.92 -11.69 -9.01
N LEU C 68 -9.69 -11.74 -10.32
CA LEU C 68 -10.71 -12.33 -11.19
C LEU C 68 -10.60 -13.84 -11.45
N PHE C 69 -11.74 -14.42 -11.83
CA PHE C 69 -11.95 -15.83 -12.20
C PHE C 69 -10.97 -16.33 -13.26
N ASN C 70 -10.74 -17.65 -13.30
CA ASN C 70 -9.73 -18.34 -14.12
C ASN C 70 -8.31 -17.72 -14.05
N LYS C 71 -8.04 -16.94 -12.99
CA LYS C 71 -6.89 -16.02 -12.83
C LYS C 71 -6.59 -15.19 -14.09
N LYS C 72 -7.56 -14.37 -14.52
CA LYS C 72 -7.53 -13.47 -15.70
C LYS C 72 -6.46 -12.35 -15.67
N GLU C 73 -5.46 -12.42 -14.81
CA GLU C 73 -4.39 -11.41 -14.62
C GLU C 73 -4.93 -10.00 -14.31
N ASN C 74 -6.16 -9.90 -13.77
CA ASN C 74 -6.90 -8.66 -13.61
C ASN C 74 -7.55 -8.50 -12.22
N ALA C 75 -7.71 -7.24 -11.81
CA ALA C 75 -8.35 -6.79 -10.58
C ALA C 75 -9.06 -5.45 -10.76
N LEU C 76 -10.06 -5.18 -9.91
CA LEU C 76 -10.90 -3.97 -9.91
C LEU C 76 -11.20 -3.62 -8.44
N VAL C 77 -10.62 -2.51 -7.99
CA VAL C 77 -10.60 -2.01 -6.60
C VAL C 77 -11.54 -0.82 -6.39
N GLN C 78 -11.74 -0.47 -5.13
CA GLN C 78 -12.48 0.70 -4.66
C GLN C 78 -11.73 1.34 -3.49
N MET C 79 -11.29 2.58 -3.68
CA MET C 79 -10.37 3.34 -2.80
C MET C 79 -11.06 4.54 -2.10
N ALA C 80 -10.36 5.17 -1.15
CA ALA C 80 -10.90 6.26 -0.33
C ALA C 80 -11.28 7.54 -1.10
N ASP C 81 -10.51 7.93 -2.12
CA ASP C 81 -10.81 9.08 -2.99
C ASP C 81 -10.20 8.90 -4.39
N GLY C 82 -10.90 9.36 -5.44
CA GLY C 82 -10.45 9.22 -6.82
C GLY C 82 -9.19 10.00 -7.19
N ASN C 83 -8.87 11.08 -6.48
CA ASN C 83 -7.60 11.80 -6.64
C ASN C 83 -6.43 10.93 -6.13
N GLN C 84 -6.61 10.27 -4.98
CA GLN C 84 -5.62 9.36 -4.41
C GLN C 84 -5.51 8.04 -5.18
N ALA C 85 -6.61 7.55 -5.77
CA ALA C 85 -6.60 6.44 -6.73
C ALA C 85 -5.76 6.77 -7.97
N GLN C 86 -5.92 7.97 -8.53
CA GLN C 86 -5.05 8.50 -9.59
C GLN C 86 -3.59 8.68 -9.16
N LEU C 87 -3.33 9.14 -7.92
CA LEU C 87 -1.96 9.22 -7.37
C LEU C 87 -1.30 7.82 -7.27
N ALA C 88 -2.02 6.83 -6.76
CA ALA C 88 -1.56 5.44 -6.75
C ALA C 88 -1.21 4.95 -8.17
N MET C 89 -2.07 5.19 -9.16
CA MET C 89 -1.77 4.95 -10.58
C MET C 89 -0.48 5.65 -11.05
N SER C 90 -0.26 6.92 -10.70
CA SER C 90 0.95 7.67 -11.06
C SER C 90 2.23 7.02 -10.52
N HIS C 91 2.20 6.48 -9.30
CA HIS C 91 3.35 5.79 -8.69
C HIS C 91 3.50 4.31 -9.14
N LEU C 92 2.41 3.62 -9.51
CA LEU C 92 2.40 2.17 -9.68
C LEU C 92 2.31 1.65 -11.13
N ASN C 93 1.83 2.42 -12.11
CA ASN C 93 1.75 1.93 -13.50
C ASN C 93 3.17 1.62 -14.06
N GLY C 94 3.51 0.34 -14.14
CA GLY C 94 4.84 -0.18 -14.49
C GLY C 94 5.83 -0.32 -13.31
N HIS C 95 5.34 -0.42 -12.06
CA HIS C 95 6.14 -0.40 -10.81
C HIS C 95 7.30 -1.41 -10.77
N LYS C 96 7.06 -2.62 -11.31
CA LYS C 96 7.76 -3.90 -11.06
C LYS C 96 7.69 -4.33 -9.59
N LEU C 97 7.01 -5.46 -9.34
CA LEU C 97 7.13 -6.25 -8.11
C LEU C 97 7.57 -7.67 -8.48
N HIS C 98 6.66 -8.44 -9.08
CA HIS C 98 6.81 -9.88 -9.36
C HIS C 98 7.67 -10.19 -10.59
N GLY C 99 7.87 -9.18 -11.47
CA GLY C 99 8.76 -9.21 -12.63
C GLY C 99 8.23 -8.44 -13.84
N LYS C 100 6.92 -8.49 -14.10
CA LYS C 100 6.25 -7.80 -15.22
C LYS C 100 6.02 -6.30 -14.95
N PRO C 101 5.97 -5.44 -15.99
CA PRO C 101 5.28 -4.15 -15.96
C PRO C 101 3.79 -4.33 -15.65
N ILE C 102 3.36 -4.01 -14.43
CA ILE C 102 1.95 -4.03 -14.01
C ILE C 102 1.19 -2.89 -14.71
N ARG C 103 0.04 -3.16 -15.33
CA ARG C 103 -0.83 -2.14 -15.92
C ARG C 103 -1.82 -1.62 -14.89
N ILE C 104 -1.97 -0.29 -14.78
CA ILE C 104 -2.94 0.37 -13.90
C ILE C 104 -3.62 1.53 -14.66
N THR C 105 -4.95 1.60 -14.59
CA THR C 105 -5.77 2.54 -15.36
C THR C 105 -6.93 3.09 -14.51
N LEU C 106 -7.38 4.31 -14.80
CA LEU C 106 -8.59 4.89 -14.20
C LEU C 106 -9.85 4.21 -14.77
N SER C 107 -10.53 3.44 -13.91
CA SER C 107 -11.76 2.69 -14.22
C SER C 107 -12.94 3.50 -14.75
N LYS C 108 -13.92 2.78 -15.32
CA LYS C 108 -15.24 3.26 -15.79
C LYS C 108 -16.43 2.81 -14.93
N HIS C 109 -16.16 2.29 -13.73
CA HIS C 109 -17.15 1.73 -12.80
C HIS C 109 -17.60 2.75 -11.73
N GLN C 110 -18.60 2.38 -10.93
CA GLN C 110 -19.16 3.20 -9.84
C GLN C 110 -18.80 2.68 -8.44
N ASN C 111 -18.74 1.34 -8.29
CA ASN C 111 -18.43 0.60 -7.07
C ASN C 111 -17.96 -0.83 -7.42
N VAL C 112 -17.62 -1.64 -6.40
CA VAL C 112 -17.41 -3.09 -6.54
C VAL C 112 -18.19 -3.88 -5.47
N GLN C 113 -18.71 -5.04 -5.89
CA GLN C 113 -19.55 -5.95 -5.10
C GLN C 113 -18.83 -6.75 -4.00
N LEU C 114 -19.62 -7.50 -3.24
CA LEU C 114 -19.23 -8.39 -2.14
C LEU C 114 -20.08 -9.68 -2.20
N PRO C 115 -19.50 -10.89 -2.01
CA PRO C 115 -20.23 -12.15 -2.17
C PRO C 115 -21.22 -12.38 -1.02
N ARG C 116 -22.35 -12.99 -1.36
CA ARG C 116 -23.54 -13.12 -0.50
C ARG C 116 -23.38 -14.13 0.64
N GLU C 117 -24.25 -14.00 1.65
CA GLU C 117 -24.41 -15.01 2.72
C GLU C 117 -24.75 -16.39 2.13
N GLY C 118 -24.20 -17.45 2.73
CA GLY C 118 -24.32 -18.81 2.19
C GLY C 118 -23.48 -19.09 0.94
N GLN C 119 -22.73 -18.10 0.41
CA GLN C 119 -21.61 -18.32 -0.51
C GLN C 119 -20.29 -18.00 0.20
N GLU C 120 -19.96 -16.71 0.34
CA GLU C 120 -18.84 -16.07 1.08
C GLU C 120 -17.40 -16.54 0.74
N ASP C 121 -17.13 -17.85 0.70
CA ASP C 121 -15.83 -18.53 0.64
C ASP C 121 -15.07 -18.39 -0.69
N GLN C 122 -15.60 -17.64 -1.66
CA GLN C 122 -14.99 -17.37 -2.98
C GLN C 122 -13.52 -16.89 -2.88
N GLY C 123 -13.20 -16.05 -1.88
CA GLY C 123 -11.84 -15.59 -1.58
C GLY C 123 -11.37 -14.38 -2.40
N LEU C 124 -11.98 -14.16 -3.57
CA LEU C 124 -11.64 -13.16 -4.58
C LEU C 124 -12.00 -11.73 -4.18
N THR C 125 -12.67 -11.54 -3.04
CA THR C 125 -13.36 -10.29 -2.70
C THR C 125 -13.02 -9.83 -1.28
N LYS C 126 -11.90 -9.12 -1.13
CA LYS C 126 -11.55 -8.49 0.15
C LYS C 126 -12.40 -7.24 0.38
N ASP C 127 -12.97 -7.13 1.57
CA ASP C 127 -13.44 -5.89 2.18
C ASP C 127 -12.59 -5.59 3.42
N TYR C 128 -11.68 -4.63 3.25
CA TYR C 128 -10.58 -4.31 4.18
C TYR C 128 -11.01 -3.48 5.41
N GLY C 129 -12.30 -3.15 5.55
CA GLY C 129 -12.86 -2.29 6.61
C GLY C 129 -12.49 -2.68 8.06
N ASN C 130 -12.28 -3.97 8.34
CA ASN C 130 -11.91 -4.48 9.66
C ASN C 130 -10.40 -4.37 10.00
N SER C 131 -9.52 -4.28 8.99
CA SER C 131 -8.05 -4.29 9.17
C SER C 131 -7.51 -2.96 9.75
N PRO C 132 -6.40 -2.98 10.51
CA PRO C 132 -5.80 -1.78 11.10
C PRO C 132 -4.92 -0.95 10.14
N LEU C 133 -4.46 -1.54 9.01
CA LEU C 133 -3.66 -0.85 7.99
C LEU C 133 -4.52 -0.02 7.02
N HIS C 134 -5.71 -0.53 6.66
CA HIS C 134 -6.84 0.32 6.25
C HIS C 134 -7.15 1.36 7.36
N ARG C 135 -6.84 2.64 7.11
CA ARG C 135 -6.72 3.67 8.15
C ARG C 135 -7.06 5.10 7.71
N PHE C 136 -7.24 5.35 6.41
CA PHE C 136 -7.75 6.63 5.91
C PHE C 136 -9.25 6.79 6.25
N LYS C 137 -9.63 8.04 6.54
CA LYS C 137 -10.88 8.43 7.23
C LYS C 137 -11.25 9.90 6.95
N LYS C 138 -11.89 10.60 7.88
CA LYS C 138 -12.28 12.02 7.78
C LYS C 138 -11.08 12.92 7.37
N PRO C 139 -11.30 13.97 6.56
CA PRO C 139 -10.22 14.71 5.89
C PRO C 139 -9.30 15.53 6.82
N GLY C 140 -9.68 15.70 8.10
CA GLY C 140 -8.83 16.31 9.14
C GLY C 140 -7.71 15.41 9.68
N SER C 141 -7.70 14.11 9.32
CA SER C 141 -6.65 13.16 9.72
C SER C 141 -5.28 13.50 9.10
N LYS C 142 -4.19 13.23 9.85
CA LYS C 142 -2.79 13.46 9.40
C LYS C 142 -2.28 12.39 8.41
N ASN C 143 -2.97 11.26 8.26
CA ASN C 143 -2.59 10.20 7.30
C ASN C 143 -2.50 10.71 5.84
N PHE C 144 -3.26 11.76 5.49
CA PHE C 144 -3.25 12.41 4.18
C PHE C 144 -1.96 13.19 3.85
N GLN C 145 -1.06 13.47 4.82
CA GLN C 145 0.13 14.33 4.62
C GLN C 145 1.50 13.64 4.83
N ASN C 146 1.55 12.35 5.18
CA ASN C 146 2.80 11.57 5.20
C ASN C 146 2.99 10.63 3.97
N ILE C 147 2.16 10.78 2.93
CA ILE C 147 2.29 10.05 1.65
C ILE C 147 3.48 10.60 0.85
N PHE C 148 4.50 9.76 0.57
CA PHE C 148 5.66 10.13 -0.26
C PHE C 148 5.91 9.12 -1.41
N PRO C 149 6.52 9.55 -2.54
CA PRO C 149 6.83 8.68 -3.68
C PRO C 149 7.73 7.48 -3.30
N PRO C 150 7.70 6.38 -4.06
CA PRO C 150 8.59 5.24 -3.87
C PRO C 150 10.05 5.66 -4.12
N SER C 151 10.83 5.73 -3.05
CA SER C 151 12.18 6.31 -2.99
C SER C 151 13.16 5.38 -2.27
N ALA C 152 14.46 5.57 -2.46
CA ALA C 152 15.52 4.81 -1.80
C ALA C 152 15.69 5.14 -0.29
N THR C 153 14.98 6.15 0.22
CA THR C 153 15.07 6.64 1.61
C THR C 153 13.76 6.41 2.36
N LEU C 154 13.85 5.95 3.61
CA LEU C 154 12.76 5.42 4.43
C LEU C 154 12.64 6.15 5.77
N HIS C 155 11.45 6.10 6.33
CA HIS C 155 10.98 6.74 7.56
C HIS C 155 10.10 5.77 8.35
N LEU C 156 10.49 5.46 9.58
CA LEU C 156 10.07 4.26 10.29
C LEU C 156 9.58 4.60 11.70
N SER C 157 8.48 3.96 12.13
CA SER C 157 7.75 4.34 13.35
C SER C 157 7.13 3.13 14.07
N ASN C 158 6.65 3.36 15.29
CA ASN C 158 5.90 2.41 16.13
C ASN C 158 6.73 1.16 16.53
N ILE C 159 8.04 1.28 16.35
CA ILE C 159 9.14 0.39 16.74
C ILE C 159 9.07 0.05 18.25
N PRO C 160 9.22 -1.21 18.67
CA PRO C 160 9.23 -1.58 20.09
C PRO C 160 10.48 -1.04 20.83
N PRO C 161 10.41 -0.84 22.17
CA PRO C 161 11.55 -0.36 22.95
C PRO C 161 12.68 -1.40 23.11
N SER C 162 12.38 -2.68 22.88
CA SER C 162 13.28 -3.83 23.11
C SER C 162 14.34 -4.07 22.02
N VAL C 163 14.27 -3.39 20.86
CA VAL C 163 15.18 -3.59 19.71
C VAL C 163 16.14 -2.41 19.52
N SER C 164 17.18 -2.64 18.70
CA SER C 164 18.29 -1.70 18.45
C SER C 164 18.56 -1.51 16.94
N GLU C 165 19.46 -0.58 16.62
CA GLU C 165 19.93 -0.27 15.25
C GLU C 165 20.36 -1.52 14.49
N GLU C 166 21.14 -2.39 15.13
CA GLU C 166 21.60 -3.68 14.59
C GLU C 166 20.42 -4.56 14.14
N ASP C 167 19.38 -4.72 14.99
CA ASP C 167 18.21 -5.57 14.70
C ASP C 167 17.34 -5.01 13.57
N LEU C 168 17.04 -3.71 13.61
CA LEU C 168 16.28 -3.02 12.57
C LEU C 168 16.95 -3.14 11.19
N LYS C 169 18.28 -3.10 11.14
CA LYS C 169 19.02 -3.34 9.89
C LYS C 169 19.02 -4.80 9.43
N VAL C 170 18.76 -5.80 10.29
CA VAL C 170 18.50 -7.18 9.82
C VAL C 170 17.13 -7.25 9.17
N LEU C 171 16.11 -6.63 9.78
CA LEU C 171 14.76 -6.49 9.21
C LEU C 171 14.80 -5.97 7.76
N PHE C 172 15.43 -4.80 7.54
CA PHE C 172 15.55 -4.21 6.21
C PHE C 172 16.53 -4.96 5.31
N SER C 173 17.61 -5.56 5.85
CA SER C 173 18.53 -6.39 5.06
C SER C 173 17.90 -7.71 4.55
N SER C 174 16.95 -8.31 5.30
CA SER C 174 16.39 -9.65 5.03
C SER C 174 15.80 -9.91 3.64
N ASN C 175 15.49 -8.87 2.86
CA ASN C 175 15.00 -8.99 1.49
C ASN C 175 16.08 -9.34 0.45
N GLY C 176 17.35 -8.98 0.72
CA GLY C 176 18.47 -9.09 -0.22
C GLY C 176 19.72 -8.46 0.38
N GLY C 177 19.66 -7.16 0.70
CA GLY C 177 20.49 -6.56 1.73
C GLY C 177 21.45 -5.49 1.23
N VAL C 178 20.90 -4.29 1.02
CA VAL C 178 21.65 -3.10 0.58
C VAL C 178 21.26 -1.88 1.43
N VAL C 179 21.45 -1.94 2.75
CA VAL C 179 21.24 -0.77 3.63
C VAL C 179 22.38 0.24 3.44
N LYS C 180 22.08 1.39 2.83
CA LYS C 180 22.98 2.57 2.78
C LYS C 180 23.22 3.15 4.18
N GLY C 181 22.11 3.45 4.85
CA GLY C 181 22.08 4.43 5.93
C GLY C 181 20.93 4.20 6.91
N PHE C 182 20.99 4.97 7.98
CA PHE C 182 20.29 4.77 9.24
C PHE C 182 20.59 5.93 10.22
N LYS C 183 19.55 6.44 10.88
CA LYS C 183 19.64 7.16 12.17
C LYS C 183 18.39 6.89 13.03
N PHE C 184 18.57 6.69 14.33
CA PHE C 184 17.46 6.80 15.28
C PHE C 184 17.07 8.27 15.45
N PHE C 185 15.77 8.54 15.64
CA PHE C 185 15.30 9.82 16.16
C PHE C 185 15.64 9.98 17.65
N GLN C 186 15.54 8.89 18.43
CA GLN C 186 15.96 8.70 19.84
C GLN C 186 15.23 9.56 20.89
N LYS C 187 14.72 10.74 20.52
CA LYS C 187 14.13 11.77 21.40
C LYS C 187 12.59 11.73 21.50
N ASP C 188 11.92 10.96 20.64
CA ASP C 188 10.46 10.80 20.65
C ASP C 188 10.04 9.38 20.23
N ARG C 189 8.89 8.92 20.74
CA ARG C 189 8.35 7.54 20.62
C ARG C 189 8.07 7.13 19.17
N LYS C 190 8.82 6.19 18.56
CA LYS C 190 10.10 5.54 18.91
C LYS C 190 10.99 5.54 17.65
N MET C 191 10.93 6.65 16.92
CA MET C 191 11.10 6.71 15.48
C MET C 191 12.54 6.46 14.99
N ALA C 192 12.67 6.22 13.69
CA ALA C 192 13.94 6.19 12.98
C ALA C 192 13.82 6.61 11.51
N LEU C 193 14.97 6.76 10.85
CA LEU C 193 15.19 7.16 9.46
C LEU C 193 16.19 6.15 8.86
N ILE C 194 15.94 5.60 7.67
CA ILE C 194 16.80 4.58 7.01
C ILE C 194 17.01 4.95 5.53
N GLN C 195 18.06 4.39 4.90
CA GLN C 195 18.29 4.50 3.47
C GLN C 195 18.81 3.17 2.88
N MET C 196 18.44 2.89 1.63
CA MET C 196 18.82 1.68 0.89
C MET C 196 19.62 2.05 -0.39
N GLY C 197 20.26 1.06 -1.00
CA GLY C 197 20.98 1.18 -2.28
C GLY C 197 20.09 1.13 -3.52
N SER C 198 18.81 0.76 -3.37
CA SER C 198 17.80 0.73 -4.44
C SER C 198 16.40 1.00 -3.90
N VAL C 199 15.57 1.60 -4.76
CA VAL C 199 14.11 1.74 -4.56
C VAL C 199 13.45 0.37 -4.45
N GLU C 200 13.97 -0.67 -5.10
CA GLU C 200 13.47 -2.05 -4.95
C GLU C 200 13.60 -2.56 -3.51
N GLU C 201 14.79 -2.50 -2.90
CA GLU C 201 14.97 -2.89 -1.49
C GLU C 201 14.12 -2.02 -0.54
N ALA C 202 13.97 -0.72 -0.81
CA ALA C 202 13.09 0.17 -0.05
C ALA C 202 11.61 -0.26 -0.09
N VAL C 203 11.05 -0.40 -1.30
CA VAL C 203 9.69 -0.92 -1.58
C VAL C 203 9.48 -2.27 -0.89
N GLN C 204 10.41 -3.22 -1.07
CA GLN C 204 10.20 -4.58 -0.57
C GLN C 204 10.38 -4.70 0.97
N ALA C 205 11.15 -3.80 1.60
CA ALA C 205 11.11 -3.64 3.05
C ALA C 205 9.77 -3.04 3.57
N LEU C 206 9.11 -2.18 2.79
CA LEU C 206 7.78 -1.62 3.12
C LEU C 206 6.69 -2.70 3.02
N ILE C 207 6.61 -3.46 1.92
CA ILE C 207 5.62 -4.56 1.78
C ILE C 207 5.86 -5.71 2.77
N ASP C 208 7.10 -5.91 3.25
CA ASP C 208 7.43 -6.85 4.32
C ASP C 208 6.99 -6.30 5.70
N LEU C 209 7.65 -5.25 6.19
CA LEU C 209 7.65 -4.86 7.59
C LEU C 209 6.48 -3.96 8.00
N HIS C 210 5.82 -3.23 7.09
CA HIS C 210 4.63 -2.48 7.47
C HIS C 210 3.54 -3.41 8.01
N ASN C 211 3.22 -3.16 9.27
CA ASN C 211 2.24 -3.87 10.12
C ASN C 211 2.70 -5.28 10.56
N HIS C 212 4.00 -5.58 10.48
CA HIS C 212 4.64 -6.81 10.98
C HIS C 212 4.36 -7.01 12.47
N ASP C 213 3.53 -8.01 12.81
CA ASP C 213 3.05 -8.26 14.16
C ASP C 213 4.15 -8.72 15.14
N LEU C 214 4.22 -8.06 16.30
CA LEU C 214 5.19 -8.33 17.39
C LEU C 214 4.56 -8.25 18.79
N GLY C 215 3.50 -7.46 18.98
CA GLY C 215 2.83 -7.24 20.26
C GLY C 215 1.93 -5.99 20.22
N GLU C 216 1.14 -5.77 21.27
CA GLU C 216 -0.03 -4.87 21.28
C GLU C 216 0.25 -3.40 20.86
N ASN C 217 1.49 -2.93 21.03
CA ASN C 217 1.95 -1.59 20.65
C ASN C 217 3.27 -1.63 19.84
N HIS C 218 3.59 -2.77 19.21
CA HIS C 218 4.92 -3.06 18.63
C HIS C 218 4.93 -3.29 17.10
N HIS C 219 3.76 -3.24 16.44
CA HIS C 219 3.62 -3.40 14.98
C HIS C 219 4.40 -2.31 14.22
N LEU C 220 5.44 -2.68 13.45
CA LEU C 220 6.25 -1.74 12.67
C LEU C 220 5.39 -0.93 11.66
N ARG C 221 5.73 0.35 11.46
CA ARG C 221 5.08 1.25 10.48
C ARG C 221 6.15 1.92 9.61
N VAL C 222 5.89 1.98 8.31
CA VAL C 222 6.90 2.18 7.26
C VAL C 222 6.37 3.10 6.16
N SER C 223 7.03 4.24 5.97
CA SER C 223 6.92 5.06 4.77
C SER C 223 8.29 5.34 4.15
N PHE C 224 8.27 5.77 2.90
CA PHE C 224 9.30 6.57 2.25
C PHE C 224 9.49 7.92 2.97
N SER C 225 10.72 8.43 2.98
CA SER C 225 11.10 9.66 3.67
C SER C 225 11.24 10.84 2.70
N LYS C 226 10.34 11.81 2.88
CA LYS C 226 10.51 13.23 2.55
C LYS C 226 11.82 13.93 2.98
N SER C 227 12.75 13.28 3.70
CA SER C 227 13.98 13.89 4.25
C SER C 227 15.21 12.99 4.03
N THR C 228 16.33 13.30 4.69
CA THR C 228 17.64 12.63 4.57
C THR C 228 18.27 12.30 5.93
N ILE C 229 19.33 11.47 5.91
CA ILE C 229 20.04 10.93 7.08
C ILE C 229 21.13 11.91 7.50
N GLY C 22 -8.73 21.51 -17.07
CA GLY C 22 -8.09 20.33 -16.43
C GLY C 22 -9.12 19.44 -15.77
N ARG C 23 -8.98 18.10 -15.89
CA ARG C 23 -9.94 17.10 -15.39
C ARG C 23 -9.68 16.57 -13.97
N ILE C 24 -8.42 16.55 -13.52
CA ILE C 24 -8.01 15.96 -12.22
C ILE C 24 -8.55 16.73 -10.99
N ALA C 25 -8.95 17.99 -11.17
CA ALA C 25 -9.69 18.78 -10.19
C ALA C 25 -11.14 18.29 -9.94
N ILE C 26 -11.63 17.35 -10.76
CA ILE C 26 -12.99 16.80 -10.82
C ILE C 26 -14.08 17.89 -10.82
N PRO C 27 -14.38 18.50 -12.00
CA PRO C 27 -15.52 19.39 -12.21
C PRO C 27 -16.93 18.80 -11.92
N GLY C 28 -17.01 17.48 -11.71
CA GLY C 28 -18.23 16.68 -11.49
C GLY C 28 -18.31 15.42 -12.35
N LEU C 29 -17.48 15.35 -13.40
CA LEU C 29 -17.40 14.27 -14.40
C LEU C 29 -17.16 12.84 -13.85
N ALA C 30 -16.67 12.71 -12.61
CA ALA C 30 -16.46 11.42 -11.95
C ALA C 30 -17.76 10.71 -11.54
N GLY C 31 -18.87 11.44 -11.37
CA GLY C 31 -20.21 10.88 -11.04
C GLY C 31 -20.44 10.48 -9.57
N ALA C 32 -19.55 10.89 -8.65
CA ALA C 32 -19.51 10.54 -7.22
C ALA C 32 -19.70 9.03 -6.85
N GLY C 33 -19.05 8.06 -7.53
CA GLY C 33 -18.20 8.21 -8.70
C GLY C 33 -17.28 7.03 -9.00
N ASN C 34 -16.46 7.18 -10.05
CA ASN C 34 -15.43 6.21 -10.49
C ASN C 34 -14.22 6.10 -9.54
N SER C 35 -14.46 5.98 -8.23
CA SER C 35 -13.43 5.74 -7.19
C SER C 35 -12.77 4.35 -7.33
N VAL C 36 -13.32 3.46 -8.15
CA VAL C 36 -12.69 2.19 -8.54
C VAL C 36 -11.49 2.38 -9.48
N LEU C 37 -10.42 1.62 -9.23
CA LEU C 37 -9.30 1.39 -10.14
C LEU C 37 -9.47 0.05 -10.87
N LEU C 38 -9.44 0.11 -12.21
CA LEU C 38 -9.21 -1.06 -13.04
C LEU C 38 -7.71 -1.37 -12.93
N VAL C 39 -7.34 -2.36 -12.11
CA VAL C 39 -5.95 -2.81 -11.97
C VAL C 39 -5.71 -3.95 -12.95
N SER C 40 -4.65 -3.87 -13.75
CA SER C 40 -4.44 -4.79 -14.87
C SER C 40 -2.97 -5.13 -15.14
N ASN C 41 -2.73 -6.14 -15.99
CA ASN C 41 -1.40 -6.67 -16.34
C ASN C 41 -0.61 -7.22 -15.12
N LEU C 42 -1.32 -7.55 -14.03
CA LEU C 42 -0.76 -7.68 -12.67
C LEU C 42 -0.10 -9.03 -12.32
N ASN C 43 -0.03 -9.99 -13.25
CA ASN C 43 0.58 -11.32 -13.10
C ASN C 43 0.26 -12.01 -11.74
N PRO C 44 -0.99 -12.51 -11.56
CA PRO C 44 -1.53 -12.86 -10.24
C PRO C 44 -0.84 -14.05 -9.53
N GLU C 45 -0.02 -14.84 -10.22
CA GLU C 45 0.82 -15.88 -9.60
C GLU C 45 1.93 -15.33 -8.69
N ARG C 46 2.30 -14.04 -8.79
CA ARG C 46 3.41 -13.39 -8.03
C ARG C 46 2.99 -12.09 -7.32
N VAL C 47 1.70 -11.92 -7.06
CA VAL C 47 1.11 -10.82 -6.27
C VAL C 47 0.25 -11.39 -5.12
N THR C 48 -0.21 -10.53 -4.21
CA THR C 48 -1.31 -10.84 -3.29
C THR C 48 -2.14 -9.57 -3.00
N PRO C 49 -3.46 -9.69 -2.75
CA PRO C 49 -4.30 -8.55 -2.34
C PRO C 49 -3.80 -7.83 -1.09
N GLN C 50 -3.06 -8.50 -0.20
CA GLN C 50 -2.41 -7.86 0.96
C GLN C 50 -1.29 -6.87 0.57
N SER C 51 -0.49 -7.17 -0.47
CA SER C 51 0.62 -6.32 -0.92
C SER C 51 0.09 -5.15 -1.74
N LEU C 52 -0.90 -5.42 -2.59
CA LEU C 52 -1.74 -4.42 -3.24
C LEU C 52 -2.37 -3.47 -2.20
N PHE C 53 -3.05 -4.00 -1.18
CA PHE C 53 -3.60 -3.21 -0.06
C PHE C 53 -2.55 -2.35 0.65
N ILE C 54 -1.37 -2.89 1.01
CA ILE C 54 -0.29 -2.10 1.63
C ILE C 54 0.09 -0.90 0.74
N LEU C 55 0.41 -1.14 -0.53
CA LEU C 55 0.77 -0.10 -1.51
C LEU C 55 -0.35 0.94 -1.67
N PHE C 56 -1.45 0.55 -2.32
CA PHE C 56 -2.62 1.39 -2.59
C PHE C 56 -3.17 2.03 -1.29
N GLY C 57 -3.03 1.36 -0.15
CA GLY C 57 -3.46 1.82 1.17
C GLY C 57 -2.55 2.86 1.84
N VAL C 58 -1.28 2.96 1.44
CA VAL C 58 -0.38 4.06 1.85
C VAL C 58 -0.67 5.28 0.98
N TYR C 59 -0.93 5.05 -0.31
CA TYR C 59 -1.26 6.12 -1.25
C TYR C 59 -2.67 6.72 -1.11
N GLY C 60 -3.69 5.89 -0.86
CA GLY C 60 -5.09 6.24 -1.15
C GLY C 60 -6.19 5.39 -0.51
N ASP C 61 -5.81 4.37 0.28
CA ASP C 61 -6.57 3.70 1.36
C ASP C 61 -7.08 2.29 1.04
N VAL C 62 -7.92 2.18 0.00
CA VAL C 62 -8.68 0.97 -0.40
C VAL C 62 -9.75 0.53 0.62
N GLN C 63 -11.02 0.54 0.21
CA GLN C 63 -12.12 -0.13 0.93
C GLN C 63 -12.50 -1.49 0.34
N ARG C 64 -12.23 -1.79 -0.94
CA ARG C 64 -12.33 -3.19 -1.44
C ARG C 64 -11.28 -3.57 -2.48
N VAL C 65 -10.97 -4.88 -2.50
CA VAL C 65 -10.09 -5.52 -3.50
C VAL C 65 -10.77 -6.75 -4.11
N LYS C 66 -11.31 -6.64 -5.34
CA LYS C 66 -11.66 -7.79 -6.19
C LYS C 66 -10.46 -8.15 -7.09
N ILE C 67 -9.87 -9.32 -6.88
CA ILE C 67 -8.88 -9.96 -7.78
C ILE C 67 -9.61 -10.95 -8.70
N LEU C 68 -9.40 -10.87 -10.01
CA LEU C 68 -10.08 -11.73 -10.99
C LEU C 68 -9.21 -12.94 -11.32
N PHE C 69 -9.37 -13.96 -10.48
CA PHE C 69 -8.85 -15.32 -10.62
C PHE C 69 -7.38 -15.38 -11.11
N ASN C 70 -7.13 -15.83 -12.36
CA ASN C 70 -5.79 -16.13 -12.87
C ASN C 70 -5.54 -15.54 -14.27
N LYS C 71 -6.03 -16.20 -15.32
CA LYS C 71 -5.66 -15.97 -16.74
C LYS C 71 -6.06 -14.61 -17.31
N LYS C 72 -6.93 -13.86 -16.63
CA LYS C 72 -7.44 -12.54 -17.06
C LYS C 72 -6.54 -11.37 -16.63
N GLU C 73 -5.48 -11.56 -15.84
CA GLU C 73 -4.47 -10.53 -15.48
C GLU C 73 -5.04 -9.26 -14.81
N ASN C 74 -6.28 -9.30 -14.29
CA ASN C 74 -7.04 -8.10 -13.90
C ASN C 74 -7.63 -8.16 -12.47
N ALA C 75 -8.03 -6.99 -11.99
CA ALA C 75 -8.57 -6.70 -10.66
C ALA C 75 -9.27 -5.32 -10.71
N LEU C 76 -9.99 -4.97 -9.64
CA LEU C 76 -11.05 -3.96 -9.64
C LEU C 76 -11.17 -3.48 -8.17
N VAL C 77 -10.65 -2.29 -7.90
CA VAL C 77 -10.23 -1.84 -6.56
C VAL C 77 -10.95 -0.58 -6.13
N GLN C 78 -11.86 -0.68 -5.16
CA GLN C 78 -12.63 0.45 -4.64
C GLN C 78 -11.76 1.29 -3.69
N MET C 79 -11.20 2.40 -4.19
CA MET C 79 -10.42 3.38 -3.43
C MET C 79 -11.34 4.35 -2.63
N ALA C 80 -10.75 5.21 -1.79
CA ALA C 80 -11.46 6.30 -1.08
C ALA C 80 -12.21 7.29 -1.99
N ASP C 81 -11.58 7.78 -3.06
CA ASP C 81 -12.15 8.74 -4.01
C ASP C 81 -11.47 8.65 -5.38
N GLY C 82 -12.08 9.17 -6.45
CA GLY C 82 -11.50 9.29 -7.79
C GLY C 82 -10.16 10.03 -7.85
N ASN C 83 -9.92 11.04 -6.99
CA ASN C 83 -8.60 11.71 -6.92
C ASN C 83 -7.53 10.81 -6.26
N GLN C 84 -7.89 10.02 -5.25
CA GLN C 84 -7.00 9.06 -4.57
C GLN C 84 -6.70 7.85 -5.46
N ALA C 85 -7.68 7.43 -6.27
CA ALA C 85 -7.48 6.51 -7.39
C ALA C 85 -6.44 7.04 -8.38
N GLN C 86 -6.59 8.28 -8.87
CA GLN C 86 -5.59 8.93 -9.73
C GLN C 86 -4.21 9.11 -9.08
N LEU C 87 -4.12 9.27 -7.75
CA LEU C 87 -2.83 9.31 -7.03
C LEU C 87 -2.16 7.93 -6.97
N ALA C 88 -2.86 6.88 -6.51
CA ALA C 88 -2.34 5.51 -6.50
C ALA C 88 -1.91 5.05 -7.91
N MET C 89 -2.73 5.36 -8.92
CA MET C 89 -2.40 5.24 -10.35
C MET C 89 -1.09 5.95 -10.72
N SER C 90 -0.89 7.20 -10.29
CA SER C 90 0.33 7.97 -10.56
C SER C 90 1.59 7.32 -9.97
N HIS C 91 1.49 6.72 -8.78
CA HIS C 91 2.59 5.99 -8.14
C HIS C 91 2.84 4.57 -8.70
N LEU C 92 1.81 3.89 -9.26
CA LEU C 92 1.87 2.45 -9.54
C LEU C 92 1.67 2.02 -11.01
N ASN C 93 1.15 2.88 -11.90
CA ASN C 93 1.17 2.61 -13.34
C ASN C 93 2.62 2.75 -13.84
N GLY C 94 3.32 1.62 -14.02
CA GLY C 94 4.77 1.59 -14.26
C GLY C 94 5.61 1.16 -13.04
N HIS C 95 5.04 0.38 -12.11
CA HIS C 95 5.72 -0.15 -10.91
C HIS C 95 6.58 -1.38 -11.24
N LYS C 96 7.26 -1.93 -10.23
CA LYS C 96 7.96 -3.22 -10.29
C LYS C 96 7.90 -3.97 -8.95
N LEU C 97 7.69 -5.28 -9.01
CA LEU C 97 7.80 -6.22 -7.87
C LEU C 97 8.13 -7.68 -8.29
N HIS C 98 7.79 -8.09 -9.52
CA HIS C 98 8.02 -9.45 -10.05
C HIS C 98 8.40 -9.50 -11.55
N GLY C 99 8.57 -8.35 -12.22
CA GLY C 99 9.08 -8.21 -13.60
C GLY C 99 8.14 -7.54 -14.60
N LYS C 100 6.83 -7.49 -14.34
CA LYS C 100 5.85 -6.69 -15.12
C LYS C 100 6.01 -5.19 -14.81
N PRO C 101 5.68 -4.27 -15.74
CA PRO C 101 5.56 -2.84 -15.48
C PRO C 101 4.25 -2.44 -14.76
N ILE C 102 3.26 -3.34 -14.69
CA ILE C 102 1.88 -3.13 -14.22
C ILE C 102 1.10 -2.09 -15.06
N ARG C 103 -0.23 -2.13 -15.02
CA ARG C 103 -1.13 -1.08 -15.54
C ARG C 103 -2.25 -0.80 -14.52
N ILE C 104 -2.65 0.46 -14.39
CA ILE C 104 -3.75 0.94 -13.53
C ILE C 104 -4.49 2.03 -14.32
N THR C 105 -5.81 1.90 -14.40
CA THR C 105 -6.71 2.72 -15.23
C THR C 105 -7.92 3.15 -14.39
N LEU C 106 -8.49 4.32 -14.68
CA LEU C 106 -9.74 4.78 -14.05
C LEU C 106 -10.90 3.89 -14.52
N SER C 107 -11.38 3.00 -13.65
CA SER C 107 -12.46 2.06 -13.95
C SER C 107 -13.76 2.73 -14.41
N LYS C 108 -14.55 1.98 -15.20
CA LYS C 108 -15.90 2.36 -15.66
C LYS C 108 -17.00 2.13 -14.60
N HIS C 109 -16.70 1.35 -13.57
CA HIS C 109 -17.61 1.00 -12.47
C HIS C 109 -17.71 2.11 -11.41
N GLN C 110 -18.43 1.86 -10.31
CA GLN C 110 -18.62 2.81 -9.19
C GLN C 110 -18.21 2.17 -7.86
N ASN C 111 -18.84 1.05 -7.48
CA ASN C 111 -18.55 0.24 -6.30
C ASN C 111 -18.35 -1.23 -6.70
N VAL C 112 -17.95 -2.09 -5.76
CA VAL C 112 -17.77 -3.54 -6.01
C VAL C 112 -18.66 -4.45 -5.17
N GLN C 113 -18.95 -5.62 -5.72
CA GLN C 113 -19.72 -6.71 -5.12
C GLN C 113 -18.91 -7.53 -4.11
N LEU C 114 -19.61 -8.42 -3.38
CA LEU C 114 -19.09 -9.26 -2.32
C LEU C 114 -19.50 -10.75 -2.53
N PRO C 115 -18.78 -11.72 -1.95
CA PRO C 115 -19.01 -13.15 -2.18
C PRO C 115 -20.12 -13.71 -1.27
N ARG C 116 -20.40 -15.03 -1.39
CA ARG C 116 -21.40 -15.75 -0.58
C ARG C 116 -21.05 -15.81 0.92
N GLU C 117 -22.05 -16.08 1.74
CA GLU C 117 -21.90 -16.63 3.09
C GLU C 117 -21.55 -18.14 3.00
N GLY C 118 -20.36 -18.61 3.38
CA GLY C 118 -19.18 -17.92 3.90
C GLY C 118 -17.93 -18.31 3.11
N GLN C 119 -17.69 -17.59 2.00
CA GLN C 119 -16.46 -17.69 1.19
C GLN C 119 -15.21 -17.26 1.99
N GLU C 120 -14.03 -17.62 1.52
CA GLU C 120 -12.74 -17.23 2.11
C GLU C 120 -12.40 -15.74 1.86
N ASP C 121 -13.08 -14.84 2.60
CA ASP C 121 -12.90 -13.38 2.62
C ASP C 121 -11.46 -12.90 2.91
N GLN C 122 -10.59 -13.81 3.36
CA GLN C 122 -9.14 -13.61 3.51
C GLN C 122 -8.44 -13.25 2.17
N GLY C 123 -9.05 -13.56 1.02
CA GLY C 123 -8.57 -13.22 -0.32
C GLY C 123 -9.70 -12.99 -1.34
N LEU C 124 -9.30 -12.71 -2.58
CA LEU C 124 -10.09 -12.66 -3.83
C LEU C 124 -11.18 -11.57 -3.92
N THR C 125 -12.03 -11.39 -2.91
CA THR C 125 -13.01 -10.28 -2.80
C THR C 125 -12.97 -9.69 -1.39
N LYS C 126 -11.88 -9.00 -1.04
CA LYS C 126 -11.60 -8.52 0.33
C LYS C 126 -12.38 -7.26 0.67
N ASP C 127 -13.28 -7.38 1.65
CA ASP C 127 -14.04 -6.29 2.25
C ASP C 127 -13.22 -5.47 3.28
N TYR C 128 -12.24 -4.71 2.79
CA TYR C 128 -11.43 -3.80 3.61
C TYR C 128 -12.23 -2.65 4.26
N GLY C 129 -13.47 -2.41 3.84
CA GLY C 129 -14.40 -1.45 4.45
C GLY C 129 -14.79 -1.78 5.91
N ASN C 130 -14.53 -3.02 6.35
CA ASN C 130 -14.69 -3.47 7.74
C ASN C 130 -13.34 -3.63 8.50
N SER C 131 -12.20 -3.39 7.83
CA SER C 131 -10.85 -3.58 8.41
C SER C 131 -10.45 -2.46 9.38
N PRO C 132 -10.03 -2.78 10.63
CA PRO C 132 -9.36 -1.85 11.52
C PRO C 132 -8.02 -1.27 11.00
N LEU C 133 -7.38 -1.92 10.02
CA LEU C 133 -6.02 -1.57 9.55
C LEU C 133 -6.01 -0.43 8.53
N HIS C 134 -7.14 -0.21 7.84
CA HIS C 134 -7.38 0.93 6.93
C HIS C 134 -7.04 2.30 7.59
N ARG C 135 -6.73 3.31 6.77
CA ARG C 135 -5.81 4.41 7.13
C ARG C 135 -6.40 5.81 6.95
N PHE C 136 -7.28 6.01 5.97
CA PHE C 136 -7.86 7.31 5.61
C PHE C 136 -9.37 7.21 5.38
N LYS C 137 -10.17 7.74 6.32
CA LYS C 137 -11.65 7.69 6.28
C LYS C 137 -12.24 8.40 5.05
N LYS C 138 -11.63 9.53 4.67
CA LYS C 138 -11.91 10.40 3.51
C LYS C 138 -10.58 11.01 3.01
N PRO C 139 -10.51 11.55 1.78
CA PRO C 139 -9.30 12.20 1.24
C PRO C 139 -8.84 13.47 2.00
N GLY C 140 -9.66 14.02 2.89
CA GLY C 140 -9.33 15.12 3.81
C GLY C 140 -9.18 14.70 5.28
N SER C 141 -8.95 13.41 5.55
CA SER C 141 -9.03 12.81 6.91
C SER C 141 -7.79 11.94 7.24
N LYS C 142 -6.71 12.52 7.78
CA LYS C 142 -6.50 13.95 8.06
C LYS C 142 -5.05 14.37 7.76
N ASN C 143 -4.08 13.86 8.53
CA ASN C 143 -2.65 14.20 8.39
C ASN C 143 -1.99 13.44 7.22
N PHE C 144 -2.43 13.72 6.00
CA PHE C 144 -1.94 13.23 4.71
C PHE C 144 -0.52 13.71 4.31
N GLN C 145 0.18 14.44 5.18
CA GLN C 145 1.36 15.24 4.84
C GLN C 145 2.65 14.45 4.51
N ASN C 146 2.81 13.25 5.08
CA ASN C 146 4.11 12.59 5.24
C ASN C 146 4.25 11.22 4.53
N ILE C 147 3.42 10.95 3.52
CA ILE C 147 3.38 9.68 2.75
C ILE C 147 4.70 9.37 2.01
N PHE C 148 5.16 10.33 1.20
CA PHE C 148 6.31 10.27 0.25
C PHE C 148 6.19 9.21 -0.89
N PRO C 149 6.78 9.47 -2.07
CA PRO C 149 6.83 8.52 -3.18
C PRO C 149 7.79 7.35 -2.88
N PRO C 150 7.72 6.23 -3.63
CA PRO C 150 8.62 5.10 -3.45
C PRO C 150 10.08 5.49 -3.71
N SER C 151 10.89 5.46 -2.65
CA SER C 151 12.26 5.98 -2.59
C SER C 151 13.23 5.00 -1.93
N ALA C 152 14.52 5.09 -2.24
CA ALA C 152 15.57 4.27 -1.61
C ALA C 152 15.80 4.61 -0.11
N THR C 153 15.37 5.79 0.34
CA THR C 153 15.36 6.24 1.74
C THR C 153 14.03 5.90 2.43
N LEU C 154 14.12 5.35 3.65
CA LEU C 154 13.02 4.80 4.44
C LEU C 154 12.86 5.57 5.76
N HIS C 155 11.62 5.59 6.26
CA HIS C 155 11.18 6.18 7.52
C HIS C 155 10.34 5.17 8.30
N LEU C 156 10.72 4.87 9.54
CA LEU C 156 10.23 3.71 10.28
C LEU C 156 9.70 4.14 11.65
N SER C 157 8.42 3.89 11.96
CA SER C 157 7.85 4.20 13.29
C SER C 157 6.87 3.15 13.82
N ASN C 158 6.40 3.36 15.05
CA ASN C 158 5.61 2.45 15.89
C ASN C 158 6.41 1.18 16.33
N ILE C 159 7.73 1.28 16.23
CA ILE C 159 8.80 0.37 16.69
C ILE C 159 8.70 0.10 18.21
N PRO C 160 8.98 -1.12 18.70
CA PRO C 160 9.18 -1.40 20.13
C PRO C 160 10.57 -0.93 20.62
N PRO C 161 10.73 -0.48 21.88
CA PRO C 161 12.02 -0.01 22.39
C PRO C 161 13.08 -1.12 22.58
N SER C 162 12.65 -2.38 22.74
CA SER C 162 13.52 -3.52 23.05
C SER C 162 14.24 -4.14 21.83
N VAL C 163 13.80 -3.87 20.61
CA VAL C 163 14.35 -4.44 19.36
C VAL C 163 15.43 -3.53 18.79
N SER C 164 16.69 -3.92 19.01
CA SER C 164 17.90 -3.14 18.70
C SER C 164 18.14 -2.92 17.20
N GLU C 165 19.09 -2.03 16.88
CA GLU C 165 19.64 -1.79 15.54
C GLU C 165 20.06 -3.11 14.85
N GLU C 166 20.79 -3.97 15.57
CA GLU C 166 21.29 -5.26 15.08
C GLU C 166 20.16 -6.27 14.73
N ASP C 167 18.93 -6.06 15.20
CA ASP C 167 17.75 -6.85 14.82
C ASP C 167 17.01 -6.23 13.63
N LEU C 168 16.66 -4.94 13.68
CA LEU C 168 15.97 -4.25 12.59
C LEU C 168 16.75 -4.29 11.26
N LYS C 169 18.09 -4.18 11.31
CA LYS C 169 18.93 -4.36 10.12
C LYS C 169 18.79 -5.74 9.49
N VAL C 170 18.44 -6.77 10.27
CA VAL C 170 18.29 -8.12 9.74
C VAL C 170 16.89 -8.30 9.15
N LEU C 171 15.87 -7.66 9.72
CA LEU C 171 14.53 -7.51 9.13
C LEU C 171 14.60 -7.00 7.69
N PHE C 172 15.31 -5.89 7.48
CA PHE C 172 15.49 -5.32 6.13
C PHE C 172 16.48 -6.13 5.28
N SER C 173 17.57 -6.65 5.86
CA SER C 173 18.52 -7.54 5.15
C SER C 173 17.89 -8.84 4.64
N SER C 174 16.85 -9.37 5.32
CA SER C 174 16.09 -10.54 4.87
C SER C 174 15.44 -10.39 3.49
N ASN C 175 15.35 -9.17 2.94
CA ASN C 175 14.91 -8.88 1.58
C ASN C 175 15.95 -9.29 0.50
N GLY C 176 17.20 -9.53 0.88
CA GLY C 176 18.34 -9.59 -0.05
C GLY C 176 18.56 -8.25 -0.78
N GLY C 177 18.80 -7.14 -0.07
CA GLY C 177 19.10 -7.03 1.35
C GLY C 177 20.13 -5.94 1.73
N VAL C 178 20.55 -5.08 0.80
CA VAL C 178 21.58 -4.05 1.00
C VAL C 178 21.03 -2.89 1.83
N VAL C 179 21.11 -2.99 3.16
CA VAL C 179 20.93 -1.86 4.08
C VAL C 179 22.18 -0.97 4.02
N LYS C 180 22.15 0.13 3.26
CA LYS C 180 23.21 1.16 3.26
C LYS C 180 23.30 1.88 4.59
N GLY C 181 22.19 2.54 4.91
CA GLY C 181 22.10 3.59 5.90
C GLY C 181 21.04 3.27 6.94
N PHE C 182 21.24 3.87 8.11
CA PHE C 182 20.51 3.59 9.35
C PHE C 182 20.94 4.56 10.48
N LYS C 183 19.97 5.26 11.08
CA LYS C 183 20.01 5.75 12.46
C LYS C 183 18.69 5.52 13.20
N PHE C 184 18.74 5.26 14.50
CA PHE C 184 17.58 5.39 15.39
C PHE C 184 17.27 6.86 15.69
N PHE C 185 16.03 7.13 16.10
CA PHE C 185 15.60 8.40 16.71
C PHE C 185 15.45 8.21 18.23
N GLN C 186 15.71 9.29 18.99
CA GLN C 186 15.58 9.36 20.45
C GLN C 186 14.65 10.50 20.93
N LYS C 187 14.32 11.47 20.04
CA LYS C 187 13.52 12.66 20.35
C LYS C 187 12.09 12.36 20.83
N ASP C 188 11.42 11.36 20.24
CA ASP C 188 10.06 10.94 20.59
C ASP C 188 9.81 9.44 20.26
N ARG C 189 8.64 8.91 20.64
CA ARG C 189 8.12 7.58 20.29
C ARG C 189 8.12 7.37 18.77
N LYS C 190 8.83 6.37 18.23
CA LYS C 190 9.97 5.60 18.77
C LYS C 190 10.95 5.30 17.62
N MET C 191 11.10 6.30 16.76
CA MET C 191 11.28 6.12 15.31
C MET C 191 12.69 5.65 14.92
N ALA C 192 12.89 5.40 13.62
CA ALA C 192 14.18 5.28 12.99
C ALA C 192 14.14 5.69 11.50
N LEU C 193 15.32 5.73 10.87
CA LEU C 193 15.58 6.35 9.57
C LEU C 193 16.62 5.48 8.83
N ILE C 194 16.30 4.94 7.65
CA ILE C 194 17.11 3.93 6.95
C ILE C 194 17.33 4.29 5.46
N GLN C 195 18.35 3.71 4.82
CA GLN C 195 18.56 3.74 3.37
C GLN C 195 18.86 2.33 2.85
N MET C 196 18.11 1.88 1.84
CA MET C 196 18.36 0.65 1.09
C MET C 196 19.22 0.92 -0.16
N GLY C 197 19.84 -0.11 -0.73
CA GLY C 197 20.71 -0.03 -1.90
C GLY C 197 19.96 0.21 -3.23
N SER C 198 18.64 0.05 -3.25
CA SER C 198 17.77 0.37 -4.39
C SER C 198 16.34 0.72 -3.96
N VAL C 199 15.58 1.38 -4.86
CA VAL C 199 14.13 1.61 -4.69
C VAL C 199 13.36 0.28 -4.66
N GLU C 200 13.77 -0.71 -5.47
CA GLU C 200 13.20 -2.07 -5.46
C GLU C 200 13.24 -2.68 -4.05
N GLU C 201 14.43 -2.78 -3.44
CA GLU C 201 14.58 -3.33 -2.09
C GLU C 201 13.84 -2.52 -1.02
N ALA C 202 13.82 -1.19 -1.12
CA ALA C 202 13.06 -0.31 -0.23
C ALA C 202 11.53 -0.54 -0.31
N VAL C 203 10.98 -0.63 -1.53
CA VAL C 203 9.58 -0.92 -1.80
C VAL C 203 9.20 -2.31 -1.27
N GLN C 204 10.04 -3.31 -1.53
CA GLN C 204 9.84 -4.68 -1.05
C GLN C 204 9.93 -4.77 0.48
N ALA C 205 10.77 -3.97 1.14
CA ALA C 205 10.81 -3.88 2.60
C ALA C 205 9.53 -3.27 3.19
N LEU C 206 8.89 -2.29 2.52
CA LEU C 206 7.55 -1.79 2.87
C LEU C 206 6.49 -2.88 2.68
N ILE C 207 6.47 -3.53 1.51
CA ILE C 207 5.59 -4.67 1.16
C ILE C 207 5.69 -5.79 2.20
N ASP C 208 6.90 -6.09 2.70
CA ASP C 208 7.17 -7.05 3.78
C ASP C 208 6.67 -6.54 5.15
N LEU C 209 7.32 -5.52 5.71
CA LEU C 209 7.25 -5.19 7.13
C LEU C 209 6.17 -4.16 7.53
N HIS C 210 5.54 -3.41 6.61
CA HIS C 210 4.46 -2.47 6.95
C HIS C 210 3.32 -3.12 7.75
N ASN C 211 3.24 -2.77 9.03
CA ASN C 211 2.35 -3.29 10.07
C ASN C 211 2.53 -4.78 10.42
N HIS C 212 3.68 -5.38 10.05
CA HIS C 212 4.23 -6.57 10.72
C HIS C 212 4.47 -6.28 12.22
N ASP C 213 4.13 -7.23 13.10
CA ASP C 213 4.14 -7.01 14.55
C ASP C 213 5.35 -7.62 15.28
N LEU C 214 5.73 -6.95 16.38
CA LEU C 214 6.85 -7.27 17.25
C LEU C 214 6.43 -7.35 18.74
N GLY C 215 5.24 -6.83 19.06
CA GLY C 215 4.54 -6.98 20.35
C GLY C 215 3.08 -6.52 20.24
N GLU C 216 2.28 -6.77 21.28
CA GLU C 216 0.82 -6.52 21.27
C GLU C 216 0.42 -5.02 21.20
N ASN C 217 1.38 -4.10 21.34
CA ASN C 217 1.23 -2.65 21.16
C ASN C 217 2.19 -2.07 20.09
N HIS C 218 2.98 -2.91 19.41
CA HIS C 218 4.08 -2.50 18.53
C HIS C 218 4.07 -3.27 17.20
N HIS C 219 3.53 -2.63 16.16
CA HIS C 219 3.58 -3.13 14.78
C HIS C 219 3.85 -2.00 13.77
N LEU C 220 4.66 -2.32 12.76
CA LEU C 220 5.74 -1.47 12.27
C LEU C 220 5.41 -0.71 10.98
N ARG C 221 5.15 0.59 11.05
CA ARG C 221 4.97 1.42 9.83
C ARG C 221 6.31 1.76 9.21
N VAL C 222 6.76 0.86 8.35
CA VAL C 222 7.73 1.15 7.29
C VAL C 222 7.11 2.11 6.28
N SER C 223 7.80 3.22 6.02
CA SER C 223 7.46 4.31 5.10
C SER C 223 8.70 4.76 4.32
N PHE C 224 8.54 5.78 3.49
CA PHE C 224 9.56 6.46 2.68
C PHE C 224 9.94 7.81 3.30
N SER C 225 11.22 8.16 3.24
CA SER C 225 11.76 9.34 3.93
C SER C 225 11.97 10.54 3.02
N LYS C 226 11.17 11.59 3.26
CA LYS C 226 11.59 13.01 3.36
C LYS C 226 13.05 13.32 3.02
N SER C 227 14.01 12.81 3.80
CA SER C 227 15.42 13.25 3.85
C SER C 227 16.45 12.11 3.87
N THR C 228 17.73 12.48 3.68
CA THR C 228 18.90 11.61 3.92
C THR C 228 19.12 11.32 5.42
N ILE C 229 20.00 10.35 5.71
CA ILE C 229 20.28 9.82 7.06
C ILE C 229 21.26 10.74 7.81
N GLY C 22 -16.14 25.38 -15.31
CA GLY C 22 -16.27 24.34 -16.35
C GLY C 22 -17.70 24.22 -16.84
N ARG C 23 -17.89 23.76 -18.09
CA ARG C 23 -19.20 23.62 -18.76
C ARG C 23 -20.13 22.61 -18.08
N ILE C 24 -19.59 21.48 -17.64
CA ILE C 24 -20.27 20.28 -17.10
C ILE C 24 -21.26 19.67 -18.12
N ALA C 25 -22.45 20.27 -18.27
CA ALA C 25 -23.64 19.86 -19.06
C ALA C 25 -24.25 18.47 -18.75
N ILE C 26 -23.43 17.47 -18.40
CA ILE C 26 -23.81 16.10 -18.02
C ILE C 26 -22.90 15.63 -16.84
N PRO C 27 -23.31 15.85 -15.58
CA PRO C 27 -22.48 15.59 -14.39
C PRO C 27 -21.90 14.17 -14.23
N GLY C 28 -22.53 13.15 -14.84
CA GLY C 28 -22.25 11.72 -14.63
C GLY C 28 -21.72 10.96 -15.85
N LEU C 29 -21.24 11.65 -16.90
CA LEU C 29 -20.93 11.05 -18.22
C LEU C 29 -19.93 9.86 -18.22
N ALA C 30 -19.09 9.74 -17.20
CA ALA C 30 -18.09 8.68 -17.03
C ALA C 30 -18.34 7.78 -15.79
N GLY C 31 -19.42 8.03 -15.05
CA GLY C 31 -19.78 7.41 -13.77
C GLY C 31 -20.19 8.44 -12.71
N ALA C 32 -20.70 7.95 -11.57
CA ALA C 32 -21.27 8.76 -10.48
C ALA C 32 -20.23 9.41 -9.53
N GLY C 33 -18.92 9.27 -9.82
CA GLY C 33 -17.80 9.66 -8.95
C GLY C 33 -16.67 8.63 -8.89
N ASN C 34 -16.91 7.44 -9.44
CA ASN C 34 -15.95 6.37 -9.76
C ASN C 34 -15.13 5.90 -8.54
N SER C 35 -13.95 6.48 -8.29
CA SER C 35 -13.03 6.13 -7.19
C SER C 35 -12.50 4.68 -7.21
N VAL C 36 -12.71 3.94 -8.30
CA VAL C 36 -12.23 2.57 -8.53
C VAL C 36 -11.03 2.53 -9.50
N LEU C 37 -10.04 1.71 -9.17
CA LEU C 37 -8.89 1.39 -10.02
C LEU C 37 -9.03 0.00 -10.64
N LEU C 38 -9.12 -0.02 -11.98
CA LEU C 38 -8.82 -1.18 -12.81
C LEU C 38 -7.33 -1.46 -12.64
N VAL C 39 -6.96 -2.56 -12.01
CA VAL C 39 -5.57 -3.03 -11.99
C VAL C 39 -5.43 -4.20 -12.97
N SER C 40 -4.42 -4.17 -13.84
CA SER C 40 -4.14 -5.24 -14.81
C SER C 40 -2.65 -5.57 -14.89
N ASN C 41 -2.29 -6.67 -15.57
CA ASN C 41 -0.94 -7.20 -15.76
C ASN C 41 -0.23 -7.65 -14.44
N LEU C 42 -0.96 -7.70 -13.32
CA LEU C 42 -0.48 -8.17 -12.00
C LEU C 42 -0.10 -9.66 -12.02
N ASN C 43 1.08 -10.01 -11.50
CA ASN C 43 1.66 -11.37 -11.50
C ASN C 43 0.90 -12.33 -10.53
N PRO C 44 0.06 -13.28 -11.02
CA PRO C 44 -0.75 -14.13 -10.14
C PRO C 44 0.06 -15.02 -9.17
N GLU C 45 1.27 -15.42 -9.55
CA GLU C 45 2.13 -16.33 -8.77
C GLU C 45 2.75 -15.65 -7.53
N ARG C 46 2.68 -14.30 -7.49
CA ARG C 46 3.38 -13.45 -6.51
C ARG C 46 2.51 -12.36 -5.88
N VAL C 47 1.37 -12.01 -6.50
CA VAL C 47 0.45 -11.00 -5.94
C VAL C 47 -0.25 -11.52 -4.67
N THR C 48 -0.66 -10.62 -3.78
CA THR C 48 -1.58 -10.90 -2.66
C THR C 48 -2.42 -9.66 -2.33
N PRO C 49 -3.71 -9.83 -1.97
CA PRO C 49 -4.56 -8.77 -1.45
C PRO C 49 -3.90 -7.91 -0.37
N GLN C 50 -3.08 -8.51 0.51
CA GLN C 50 -2.37 -7.79 1.58
C GLN C 50 -1.36 -6.76 1.05
N SER C 51 -0.54 -7.12 0.05
CA SER C 51 0.54 -6.25 -0.45
C SER C 51 -0.03 -5.15 -1.34
N LEU C 52 -1.03 -5.52 -2.16
CA LEU C 52 -1.92 -4.58 -2.86
C LEU C 52 -2.52 -3.56 -1.88
N PHE C 53 -3.25 -4.02 -0.88
CA PHE C 53 -3.89 -3.18 0.13
C PHE C 53 -2.89 -2.29 0.89
N ILE C 54 -1.72 -2.80 1.29
CA ILE C 54 -0.64 -1.99 1.90
C ILE C 54 -0.17 -0.87 0.95
N LEU C 55 0.17 -1.18 -0.29
CA LEU C 55 0.66 -0.21 -1.29
C LEU C 55 -0.39 0.88 -1.55
N PHE C 56 -1.46 0.51 -2.24
CA PHE C 56 -2.59 1.39 -2.57
C PHE C 56 -3.13 2.09 -1.30
N GLY C 57 -3.08 1.42 -0.15
CA GLY C 57 -3.50 1.94 1.15
C GLY C 57 -2.59 3.03 1.73
N VAL C 58 -1.30 3.06 1.41
CA VAL C 58 -0.39 4.14 1.83
C VAL C 58 -0.61 5.33 0.92
N TYR C 59 -0.74 5.09 -0.39
CA TYR C 59 -0.99 6.18 -1.35
C TYR C 59 -2.35 6.85 -1.22
N GLY C 60 -3.42 6.07 -0.95
CA GLY C 60 -4.79 6.52 -1.19
C GLY C 60 -5.90 5.76 -0.47
N ASP C 61 -5.56 4.81 0.40
CA ASP C 61 -6.49 4.12 1.32
C ASP C 61 -7.58 3.29 0.62
N VAL C 62 -7.30 2.01 0.37
CA VAL C 62 -8.26 1.05 -0.20
C VAL C 62 -9.43 0.80 0.77
N GLN C 63 -10.65 0.81 0.23
CA GLN C 63 -11.90 0.50 0.94
C GLN C 63 -12.38 -0.93 0.66
N ARG C 64 -12.27 -1.44 -0.58
CA ARG C 64 -12.51 -2.86 -0.98
C ARG C 64 -11.53 -3.33 -2.06
N VAL C 65 -11.33 -4.64 -2.15
CA VAL C 65 -10.53 -5.31 -3.19
C VAL C 65 -11.38 -6.37 -3.88
N LYS C 66 -11.38 -6.42 -5.21
CA LYS C 66 -11.84 -7.58 -6.00
C LYS C 66 -10.76 -8.01 -7.01
N ILE C 67 -10.05 -9.10 -6.72
CA ILE C 67 -9.08 -9.75 -7.62
C ILE C 67 -9.82 -10.76 -8.49
N LEU C 68 -9.76 -10.57 -9.80
CA LEU C 68 -10.51 -11.35 -10.79
C LEU C 68 -9.69 -12.58 -11.20
N PHE C 69 -9.76 -13.57 -10.30
CA PHE C 69 -9.30 -14.96 -10.43
C PHE C 69 -7.86 -15.15 -10.97
N ASN C 70 -7.47 -16.39 -11.21
CA ASN C 70 -6.08 -16.76 -11.54
C ASN C 70 -5.65 -16.26 -12.95
N LYS C 71 -6.40 -16.63 -13.99
CA LYS C 71 -5.98 -16.51 -15.40
C LYS C 71 -6.07 -15.10 -15.99
N LYS C 72 -6.95 -14.22 -15.46
CA LYS C 72 -7.25 -12.90 -16.04
C LYS C 72 -6.20 -11.82 -15.79
N GLU C 73 -5.30 -12.00 -14.81
CA GLU C 73 -4.31 -10.98 -14.38
C GLU C 73 -4.92 -9.59 -14.11
N ASN C 74 -6.18 -9.55 -13.64
CA ASN C 74 -6.95 -8.31 -13.44
C ASN C 74 -7.56 -8.21 -12.02
N ALA C 75 -7.88 -6.99 -11.60
CA ALA C 75 -8.54 -6.62 -10.37
C ALA C 75 -9.22 -5.24 -10.53
N LEU C 76 -10.00 -4.86 -9.54
CA LEU C 76 -10.96 -3.75 -9.56
C LEU C 76 -11.10 -3.31 -8.08
N VAL C 77 -10.57 -2.14 -7.77
CA VAL C 77 -10.16 -1.73 -6.41
C VAL C 77 -10.84 -0.44 -6.00
N GLN C 78 -11.76 -0.52 -5.05
CA GLN C 78 -12.50 0.63 -4.52
C GLN C 78 -11.63 1.39 -3.54
N MET C 79 -11.09 2.54 -3.96
CA MET C 79 -10.28 3.43 -3.11
C MET C 79 -11.15 4.51 -2.43
N ALA C 80 -10.57 5.30 -1.52
CA ALA C 80 -11.27 6.34 -0.76
C ALA C 80 -11.92 7.44 -1.61
N ASP C 81 -11.22 7.99 -2.61
CA ASP C 81 -11.78 8.93 -3.60
C ASP C 81 -11.04 8.93 -4.96
N GLY C 82 -11.58 9.66 -5.95
CA GLY C 82 -11.01 9.78 -7.30
C GLY C 82 -9.62 10.46 -7.37
N ASN C 83 -9.35 11.47 -6.55
CA ASN C 83 -8.00 12.06 -6.39
C ASN C 83 -7.01 11.02 -5.91
N GLN C 84 -7.33 10.33 -4.80
CA GLN C 84 -6.46 9.31 -4.21
C GLN C 84 -6.23 8.12 -5.15
N ALA C 85 -7.26 7.69 -5.89
CA ALA C 85 -7.14 6.72 -6.98
C ALA C 85 -6.14 7.19 -8.06
N GLN C 86 -6.31 8.40 -8.58
CA GLN C 86 -5.43 8.99 -9.60
C GLN C 86 -3.99 9.20 -9.11
N LEU C 87 -3.78 9.49 -7.83
CA LEU C 87 -2.46 9.55 -7.19
C LEU C 87 -1.82 8.16 -7.05
N ALA C 88 -2.55 7.17 -6.53
CA ALA C 88 -2.09 5.78 -6.46
C ALA C 88 -1.72 5.24 -7.85
N MET C 89 -2.53 5.50 -8.87
CA MET C 89 -2.21 5.26 -10.29
C MET C 89 -0.89 5.92 -10.70
N SER C 90 -0.68 7.21 -10.38
CA SER C 90 0.54 7.95 -10.73
C SER C 90 1.81 7.30 -10.16
N HIS C 91 1.78 6.85 -8.90
CA HIS C 91 2.89 6.15 -8.26
C HIS C 91 3.07 4.69 -8.73
N LEU C 92 1.98 3.92 -8.87
CA LEU C 92 2.04 2.46 -9.02
C LEU C 92 2.01 1.94 -10.47
N ASN C 93 1.62 2.73 -11.46
CA ASN C 93 1.53 2.27 -12.84
C ASN C 93 2.94 1.98 -13.41
N GLY C 94 3.27 0.69 -13.61
CA GLY C 94 4.59 0.23 -14.04
C GLY C 94 5.63 0.09 -12.92
N HIS C 95 5.21 0.06 -11.64
CA HIS C 95 6.07 0.01 -10.44
C HIS C 95 6.88 -1.30 -10.25
N LYS C 96 6.70 -2.27 -11.15
CA LYS C 96 7.37 -3.59 -11.26
C LYS C 96 7.06 -4.58 -10.14
N LEU C 97 7.41 -4.25 -8.90
CA LEU C 97 7.45 -5.12 -7.70
C LEU C 97 7.70 -6.61 -7.98
N HIS C 98 6.65 -7.41 -8.16
CA HIS C 98 6.66 -8.83 -8.52
C HIS C 98 7.15 -9.18 -9.96
N GLY C 99 7.67 -8.21 -10.71
CA GLY C 99 8.40 -8.40 -11.97
C GLY C 99 7.62 -8.04 -13.25
N LYS C 100 6.49 -7.33 -13.16
CA LYS C 100 5.58 -7.05 -14.29
C LYS C 100 5.19 -5.56 -14.39
N PRO C 101 4.90 -5.02 -15.60
CA PRO C 101 4.44 -3.65 -15.81
C PRO C 101 2.94 -3.50 -15.45
N ILE C 102 2.63 -3.39 -14.16
CA ILE C 102 1.27 -3.26 -13.62
C ILE C 102 0.53 -2.08 -14.27
N ARG C 103 -0.47 -2.37 -15.11
CA ARG C 103 -1.31 -1.37 -15.79
C ARG C 103 -2.43 -0.92 -14.85
N ILE C 104 -2.79 0.36 -14.86
CA ILE C 104 -3.74 0.96 -13.93
C ILE C 104 -4.58 2.01 -14.65
N THR C 105 -5.90 1.96 -14.48
CA THR C 105 -6.86 2.86 -15.14
C THR C 105 -8.01 3.20 -14.19
N LEU C 106 -8.53 4.43 -14.23
CA LEU C 106 -9.73 4.83 -13.47
C LEU C 106 -10.97 4.17 -14.10
N SER C 107 -11.47 3.10 -13.49
CA SER C 107 -12.62 2.31 -13.99
C SER C 107 -13.89 3.14 -14.24
N LYS C 108 -14.69 2.71 -15.22
CA LYS C 108 -16.09 3.15 -15.45
C LYS C 108 -17.09 2.73 -14.35
N HIS C 109 -16.70 1.76 -13.50
CA HIS C 109 -17.44 1.25 -12.35
C HIS C 109 -17.47 2.27 -11.17
N GLN C 110 -18.06 1.88 -10.03
CA GLN C 110 -18.09 2.70 -8.80
C GLN C 110 -17.95 1.87 -7.49
N ASN C 111 -18.45 0.64 -7.49
CA ASN C 111 -18.40 -0.29 -6.34
C ASN C 111 -18.21 -1.75 -6.78
N VAL C 112 -18.02 -2.65 -5.81
CA VAL C 112 -17.90 -4.10 -6.00
C VAL C 112 -18.98 -4.86 -5.24
N GLN C 113 -19.62 -5.81 -5.94
CA GLN C 113 -20.41 -6.89 -5.34
C GLN C 113 -19.54 -7.79 -4.46
N LEU C 114 -20.20 -8.60 -3.62
CA LEU C 114 -19.58 -9.32 -2.52
C LEU C 114 -20.13 -10.75 -2.41
N PRO C 115 -19.27 -11.78 -2.25
CA PRO C 115 -19.67 -13.19 -2.27
C PRO C 115 -20.31 -13.66 -0.95
N ARG C 116 -20.59 -14.97 -0.84
CA ARG C 116 -21.20 -15.65 0.32
C ARG C 116 -20.41 -15.46 1.62
N GLU C 117 -21.04 -15.70 2.76
CA GLU C 117 -20.44 -15.63 4.09
C GLU C 117 -19.20 -16.56 4.21
N GLY C 118 -18.02 -15.97 4.40
CA GLY C 118 -16.73 -16.67 4.50
C GLY C 118 -16.11 -17.08 3.17
N GLN C 119 -16.78 -16.87 2.03
CA GLN C 119 -16.28 -17.15 0.69
C GLN C 119 -15.31 -16.08 0.16
N GLU C 120 -15.18 -14.93 0.85
CA GLU C 120 -14.15 -13.91 0.61
C GLU C 120 -12.81 -14.20 1.31
N ASP C 121 -12.67 -15.29 2.06
CA ASP C 121 -11.52 -15.58 2.94
C ASP C 121 -10.15 -15.56 2.25
N GLN C 122 -10.05 -16.11 1.03
CA GLN C 122 -8.84 -16.07 0.19
C GLN C 122 -8.45 -14.64 -0.26
N GLY C 123 -9.36 -13.67 -0.13
CA GLY C 123 -9.18 -12.24 -0.34
C GLY C 123 -9.53 -11.73 -1.73
N LEU C 124 -9.99 -12.61 -2.62
CA LEU C 124 -10.41 -12.30 -3.99
C LEU C 124 -11.60 -11.34 -4.07
N THR C 125 -12.36 -11.13 -2.98
CA THR C 125 -13.37 -10.05 -2.88
C THR C 125 -13.46 -9.50 -1.45
N LYS C 126 -12.32 -9.20 -0.81
CA LYS C 126 -12.29 -8.74 0.59
C LYS C 126 -12.95 -7.37 0.78
N ASP C 127 -13.97 -7.33 1.64
CA ASP C 127 -14.79 -6.17 1.97
C ASP C 127 -14.05 -5.07 2.77
N TYR C 128 -13.00 -5.43 3.51
CA TYR C 128 -12.19 -4.59 4.41
C TYR C 128 -12.94 -3.65 5.40
N GLY C 129 -14.28 -3.71 5.48
CA GLY C 129 -15.11 -2.95 6.43
C GLY C 129 -14.72 -3.23 7.88
N ASN C 130 -14.57 -2.15 8.67
CA ASN C 130 -14.06 -2.09 10.05
C ASN C 130 -12.72 -2.81 10.36
N SER C 131 -12.02 -3.34 9.34
CA SER C 131 -10.69 -3.96 9.47
C SER C 131 -9.64 -2.91 9.83
N PRO C 132 -8.92 -3.01 10.95
CA PRO C 132 -8.06 -1.94 11.50
C PRO C 132 -6.76 -1.67 10.71
N LEU C 133 -6.62 -2.21 9.50
CA LEU C 133 -5.43 -2.08 8.64
C LEU C 133 -5.49 -0.86 7.71
N HIS C 134 -6.70 -0.33 7.47
CA HIS C 134 -6.97 0.89 6.71
C HIS C 134 -6.43 2.18 7.39
N ARG C 135 -6.42 3.33 6.69
CA ARG C 135 -5.94 4.62 7.21
C ARG C 135 -6.97 5.76 7.07
N PHE C 136 -6.93 6.51 5.97
CA PHE C 136 -7.35 7.93 5.93
C PHE C 136 -8.87 8.19 5.88
N LYS C 137 -9.67 7.25 5.37
CA LYS C 137 -11.14 7.24 5.13
C LYS C 137 -11.83 8.48 4.54
N LYS C 138 -11.68 9.66 5.15
CA LYS C 138 -12.31 10.96 4.85
C LYS C 138 -11.23 12.06 4.88
N PRO C 139 -10.59 12.38 3.74
CA PRO C 139 -9.45 13.30 3.67
C PRO C 139 -9.69 14.72 4.23
N GLY C 140 -8.58 15.37 4.61
CA GLY C 140 -8.50 16.80 4.95
C GLY C 140 -7.62 17.62 4.00
N SER C 141 -6.99 16.98 3.00
CA SER C 141 -6.12 17.59 1.98
C SER C 141 -6.12 16.74 0.69
N LYS C 142 -5.68 17.34 -0.43
CA LYS C 142 -5.41 16.67 -1.71
C LYS C 142 -4.12 15.83 -1.70
N ASN C 143 -3.22 16.06 -0.74
CA ASN C 143 -1.96 15.35 -0.51
C ASN C 143 -1.71 15.22 1.01
N PHE C 144 -1.85 13.99 1.54
CA PHE C 144 -1.82 13.73 2.99
C PHE C 144 -0.42 13.86 3.63
N GLN C 145 -0.38 13.89 4.97
CA GLN C 145 0.75 14.31 5.81
C GLN C 145 2.05 13.53 5.60
N ASN C 146 1.96 12.20 5.51
CA ASN C 146 3.08 11.26 5.71
C ASN C 146 3.40 10.32 4.52
N ILE C 147 2.74 10.48 3.36
CA ILE C 147 2.79 9.51 2.25
C ILE C 147 4.22 9.28 1.71
N PHE C 148 4.77 10.31 1.05
CA PHE C 148 6.04 10.38 0.31
C PHE C 148 6.18 9.40 -0.89
N PRO C 149 6.88 9.80 -1.97
CA PRO C 149 7.06 8.93 -3.14
C PRO C 149 8.04 7.78 -2.85
N PRO C 150 7.96 6.65 -3.59
CA PRO C 150 8.86 5.52 -3.42
C PRO C 150 10.30 5.88 -3.77
N SER C 151 11.18 5.85 -2.76
CA SER C 151 12.60 6.18 -2.86
C SER C 151 13.45 5.28 -1.95
N ALA C 152 14.78 5.31 -2.10
CA ALA C 152 15.74 4.54 -1.29
C ALA C 152 15.77 4.94 0.20
N THR C 153 15.10 6.05 0.57
CA THR C 153 15.10 6.63 1.93
C THR C 153 13.74 6.45 2.60
N LEU C 154 13.71 5.60 3.62
CA LEU C 154 12.57 5.14 4.41
C LEU C 154 12.37 5.91 5.71
N HIS C 155 11.16 5.82 6.22
CA HIS C 155 10.68 6.29 7.52
C HIS C 155 9.77 5.21 8.14
N LEU C 156 10.10 4.81 9.37
CA LEU C 156 9.55 3.63 10.02
C LEU C 156 9.02 3.99 11.41
N SER C 157 7.90 3.36 11.81
CA SER C 157 7.24 3.63 13.09
C SER C 157 6.61 2.40 13.75
N ASN C 158 6.06 2.59 14.95
CA ASN C 158 5.42 1.58 15.81
C ASN C 158 6.43 0.55 16.37
N ILE C 159 7.72 0.89 16.30
CA ILE C 159 8.89 0.16 16.76
C ILE C 159 8.77 -0.09 18.29
N PRO C 160 8.65 -1.35 18.78
CA PRO C 160 8.72 -1.64 20.21
C PRO C 160 10.17 -1.56 20.74
N PRO C 161 10.38 -1.35 22.05
CA PRO C 161 11.71 -1.16 22.63
C PRO C 161 12.57 -2.43 22.71
N SER C 162 11.97 -3.61 22.50
CA SER C 162 12.62 -4.93 22.60
C SER C 162 13.64 -5.25 21.48
N VAL C 163 13.60 -4.53 20.36
CA VAL C 163 14.50 -4.71 19.20
C VAL C 163 15.90 -4.13 19.44
N SER C 164 16.78 -4.27 18.44
CA SER C 164 18.04 -3.52 18.30
C SER C 164 18.17 -2.91 16.90
N GLU C 165 19.18 -2.06 16.71
CA GLU C 165 19.57 -1.51 15.40
C GLU C 165 19.92 -2.65 14.43
N GLU C 166 20.66 -3.66 14.90
CA GLU C 166 21.01 -4.86 14.13
C GLU C 166 19.77 -5.67 13.72
N ASP C 167 18.80 -5.88 14.62
CA ASP C 167 17.54 -6.55 14.29
C ASP C 167 16.77 -5.85 13.16
N LEU C 168 16.60 -4.52 13.25
CA LEU C 168 16.00 -3.71 12.19
C LEU C 168 16.75 -3.89 10.85
N LYS C 169 18.09 -3.86 10.88
CA LYS C 169 18.89 -4.11 9.67
C LYS C 169 18.76 -5.53 9.12
N VAL C 170 18.41 -6.54 9.92
CA VAL C 170 18.19 -7.92 9.43
C VAL C 170 16.81 -8.04 8.81
N LEU C 171 15.80 -7.39 9.40
CA LEU C 171 14.46 -7.23 8.81
C LEU C 171 14.55 -6.71 7.38
N PHE C 172 15.20 -5.55 7.20
CA PHE C 172 15.35 -4.92 5.88
C PHE C 172 16.36 -5.67 4.98
N SER C 173 17.44 -6.25 5.52
CA SER C 173 18.35 -7.13 4.77
C SER C 173 17.73 -8.49 4.38
N SER C 174 16.61 -8.92 5.00
CA SER C 174 15.87 -10.14 4.63
C SER C 174 15.46 -10.24 3.14
N ASN C 175 15.35 -9.10 2.45
CA ASN C 175 15.11 -9.05 0.99
C ASN C 175 16.30 -9.52 0.13
N GLY C 176 17.50 -9.64 0.71
CA GLY C 176 18.78 -9.74 0.01
C GLY C 176 19.06 -8.55 -0.91
N GLY C 177 18.96 -7.29 -0.46
CA GLY C 177 18.76 -6.77 0.90
C GLY C 177 19.97 -6.00 1.42
N VAL C 178 20.11 -4.73 1.02
CA VAL C 178 21.24 -3.85 1.35
C VAL C 178 20.77 -2.62 2.13
N VAL C 179 21.14 -2.51 3.41
CA VAL C 179 20.79 -1.39 4.31
C VAL C 179 22.00 -0.45 4.44
N LYS C 180 21.97 0.70 3.75
CA LYS C 180 23.01 1.76 3.85
C LYS C 180 23.07 2.36 5.26
N GLY C 181 21.92 2.88 5.68
CA GLY C 181 21.81 3.91 6.69
C GLY C 181 20.55 3.72 7.53
N PHE C 182 20.51 4.48 8.61
CA PHE C 182 19.60 4.27 9.74
C PHE C 182 19.75 5.39 10.78
N LYS C 183 18.62 5.83 11.36
CA LYS C 183 18.57 6.71 12.55
C LYS C 183 17.41 6.35 13.48
N PHE C 184 17.67 5.76 14.65
CA PHE C 184 16.67 5.66 15.73
C PHE C 184 16.19 7.06 16.14
N PHE C 185 14.88 7.25 16.27
CA PHE C 185 14.27 8.46 16.82
C PHE C 185 14.31 8.42 18.36
N GLN C 186 15.49 8.65 18.95
CA GLN C 186 15.72 8.66 20.40
C GLN C 186 14.87 9.70 21.15
N LYS C 187 14.50 10.80 20.47
CA LYS C 187 13.56 11.84 20.97
C LYS C 187 12.13 11.33 21.22
N ASP C 188 11.67 10.33 20.47
CA ASP C 188 10.26 9.91 20.42
C ASP C 188 10.03 8.40 20.66
N ARG C 189 11.09 7.59 20.64
CA ARG C 189 11.17 6.15 20.96
C ARG C 189 9.99 5.30 20.44
N LYS C 190 9.61 5.50 19.17
CA LYS C 190 8.55 4.77 18.44
C LYS C 190 8.98 4.45 17.01
N MET C 191 10.14 4.93 16.61
CA MET C 191 10.44 5.30 15.23
C MET C 191 11.92 5.18 14.89
N ALA C 192 12.16 5.20 13.60
CA ALA C 192 13.47 5.36 12.96
C ALA C 192 13.36 5.90 11.52
N LEU C 193 14.44 6.50 10.99
CA LEU C 193 14.72 6.46 9.54
C LEU C 193 15.45 5.16 9.17
N ILE C 194 15.38 4.80 7.90
CA ILE C 194 16.34 3.90 7.25
C ILE C 194 16.70 4.45 5.87
N GLN C 195 17.92 4.21 5.39
CA GLN C 195 18.29 4.24 3.97
C GLN C 195 18.70 2.85 3.46
N MET C 196 18.16 2.44 2.32
CA MET C 196 18.54 1.22 1.59
C MET C 196 19.51 1.51 0.44
N GLY C 197 20.09 0.45 -0.15
CA GLY C 197 21.01 0.55 -1.30
C GLY C 197 20.33 0.82 -2.64
N SER C 198 19.00 0.65 -2.74
CA SER C 198 18.19 0.95 -3.94
C SER C 198 16.72 1.22 -3.58
N VAL C 199 16.00 1.87 -4.51
CA VAL C 199 14.54 2.03 -4.48
C VAL C 199 13.83 0.68 -4.52
N GLU C 200 14.36 -0.29 -5.26
CA GLU C 200 13.84 -1.68 -5.29
C GLU C 200 13.82 -2.30 -3.89
N GLU C 201 14.95 -2.24 -3.17
CA GLU C 201 15.08 -2.72 -1.80
C GLU C 201 14.09 -2.03 -0.85
N ALA C 202 13.97 -0.70 -0.96
CA ALA C 202 13.02 0.09 -0.17
C ALA C 202 11.54 -0.26 -0.42
N VAL C 203 11.14 -0.44 -1.68
CA VAL C 203 9.76 -0.76 -2.10
C VAL C 203 9.39 -2.14 -1.56
N GLN C 204 10.28 -3.11 -1.78
CA GLN C 204 10.09 -4.49 -1.33
C GLN C 204 10.11 -4.62 0.20
N ALA C 205 10.90 -3.80 0.91
CA ALA C 205 10.87 -3.74 2.37
C ALA C 205 9.55 -3.17 2.93
N LEU C 206 8.91 -2.20 2.27
CA LEU C 206 7.53 -1.78 2.60
C LEU C 206 6.54 -2.91 2.37
N ILE C 207 6.54 -3.50 1.17
CA ILE C 207 5.72 -4.64 0.75
C ILE C 207 5.82 -5.82 1.75
N ASP C 208 7.02 -6.09 2.27
CA ASP C 208 7.30 -7.09 3.30
C ASP C 208 6.86 -6.64 4.72
N LEU C 209 7.54 -5.66 5.31
CA LEU C 209 7.52 -5.39 6.75
C LEU C 209 6.36 -4.53 7.25
N HIS C 210 5.66 -3.76 6.41
CA HIS C 210 4.42 -3.09 6.81
C HIS C 210 3.37 -4.12 7.28
N ASN C 211 3.24 -4.25 8.60
CA ASN C 211 2.38 -5.16 9.39
C ASN C 211 3.07 -6.48 9.83
N HIS C 212 4.39 -6.59 9.68
CA HIS C 212 5.23 -7.62 10.31
C HIS C 212 5.20 -7.49 11.84
N ASP C 213 4.40 -8.33 12.51
CA ASP C 213 4.17 -8.28 13.96
C ASP C 213 5.25 -9.02 14.77
N LEU C 214 6.44 -8.39 14.87
CA LEU C 214 7.54 -8.82 15.75
C LEU C 214 7.27 -8.60 17.26
N GLY C 215 6.22 -7.84 17.61
CA GLY C 215 5.78 -7.55 18.98
C GLY C 215 4.66 -8.47 19.47
N GLU C 216 4.03 -8.11 20.59
CA GLU C 216 2.73 -8.65 21.03
C GLU C 216 1.56 -8.07 20.21
N ASN C 217 1.68 -6.81 19.81
CA ASN C 217 0.82 -6.06 18.88
C ASN C 217 1.58 -4.95 18.12
N HIS C 218 2.73 -4.48 18.62
CA HIS C 218 3.61 -3.51 17.98
C HIS C 218 4.34 -4.08 16.75
N HIS C 219 3.65 -4.15 15.62
CA HIS C 219 4.23 -4.45 14.31
C HIS C 219 5.04 -3.29 13.74
N LEU C 220 5.83 -3.55 12.71
CA LEU C 220 6.45 -2.51 11.90
C LEU C 220 5.40 -1.75 11.08
N ARG C 221 5.46 -0.41 11.09
CA ARG C 221 4.86 0.49 10.10
C ARG C 221 6.00 1.11 9.30
N VAL C 222 5.77 1.25 8.01
CA VAL C 222 6.80 1.47 6.98
C VAL C 222 6.29 2.43 5.93
N SER C 223 7.07 3.48 5.66
CA SER C 223 6.86 4.51 4.65
C SER C 223 8.22 5.04 4.15
N PHE C 224 8.15 6.08 3.32
CA PHE C 224 9.26 6.83 2.73
C PHE C 224 9.44 8.19 3.42
N SER C 225 10.67 8.68 3.43
CA SER C 225 11.05 9.84 4.24
C SER C 225 11.03 11.18 3.52
N LYS C 226 10.19 12.08 4.04
CA LYS C 226 10.42 13.53 4.26
C LYS C 226 11.87 14.03 4.19
N SER C 227 12.84 13.33 4.78
CA SER C 227 14.18 13.81 5.16
C SER C 227 15.30 12.86 4.69
N THR C 228 16.54 13.10 5.11
CA THR C 228 17.73 12.28 4.81
C THR C 228 18.52 11.93 6.07
N ILE C 229 19.26 10.81 6.02
CA ILE C 229 20.12 10.27 7.09
C ILE C 229 21.39 11.12 7.23
N GLY C 22 -31.37 2.38 -22.16
CA GLY C 22 -31.19 3.57 -21.31
C GLY C 22 -30.67 4.77 -22.09
N ARG C 23 -30.87 5.99 -21.57
CA ARG C 23 -30.54 7.27 -22.24
C ARG C 23 -29.04 7.59 -22.41
N ILE C 24 -28.14 6.76 -21.86
CA ILE C 24 -26.68 6.99 -21.83
C ILE C 24 -26.05 6.73 -23.22
N ALA C 25 -26.28 7.68 -24.12
CA ALA C 25 -25.64 7.86 -25.42
C ALA C 25 -25.37 9.37 -25.65
N ILE C 26 -26.44 10.18 -25.71
CA ILE C 26 -26.38 11.64 -25.91
C ILE C 26 -25.63 12.45 -24.83
N PRO C 27 -25.59 12.09 -23.52
CA PRO C 27 -24.78 12.83 -22.53
C PRO C 27 -23.29 12.44 -22.54
N GLY C 28 -22.90 11.39 -23.28
CA GLY C 28 -21.55 10.81 -23.26
C GLY C 28 -21.21 10.08 -21.94
N LEU C 29 -19.93 9.73 -21.78
CA LEU C 29 -19.36 8.98 -20.63
C LEU C 29 -18.29 9.78 -19.85
N ALA C 30 -18.09 11.07 -20.18
CA ALA C 30 -17.10 11.96 -19.61
C ALA C 30 -17.13 12.01 -18.05
N GLY C 31 -16.07 11.52 -17.42
CA GLY C 31 -15.87 11.51 -15.96
C GLY C 31 -16.04 10.14 -15.26
N ALA C 32 -16.53 9.12 -15.96
CA ALA C 32 -16.68 7.76 -15.45
C ALA C 32 -15.31 7.07 -15.21
N GLY C 33 -14.94 6.68 -13.98
CA GLY C 33 -15.63 6.86 -12.70
C GLY C 33 -14.69 6.70 -11.49
N ASN C 34 -15.23 6.87 -10.28
CA ASN C 34 -14.50 6.87 -9.00
C ASN C 34 -15.37 6.25 -7.88
N SER C 35 -14.82 5.83 -6.73
CA SER C 35 -13.43 5.75 -6.28
C SER C 35 -12.69 4.46 -6.70
N VAL C 36 -13.27 3.66 -7.60
CA VAL C 36 -12.61 2.45 -8.11
C VAL C 36 -11.37 2.72 -8.98
N LEU C 37 -10.51 1.70 -9.11
CA LEU C 37 -9.19 1.79 -9.71
C LEU C 37 -8.80 0.45 -10.39
N LEU C 38 -8.57 0.46 -11.70
CA LEU C 38 -8.23 -0.72 -12.52
C LEU C 38 -6.75 -1.03 -12.30
N VAL C 39 -6.42 -2.22 -11.78
CA VAL C 39 -5.02 -2.68 -11.67
C VAL C 39 -4.80 -3.88 -12.58
N SER C 40 -3.75 -3.85 -13.39
CA SER C 40 -3.52 -4.85 -14.43
C SER C 40 -2.05 -5.22 -14.65
N ASN C 41 -1.80 -6.30 -15.41
CA ASN C 41 -0.48 -6.91 -15.62
C ASN C 41 0.21 -7.36 -14.31
N LEU C 42 -0.58 -7.73 -13.30
CA LEU C 42 -0.13 -8.11 -11.95
C LEU C 42 -0.08 -9.64 -11.79
N ASN C 43 1.01 -10.19 -11.26
CA ASN C 43 1.24 -11.63 -11.11
C ASN C 43 0.76 -12.14 -9.72
N PRO C 44 -0.50 -12.62 -9.58
CA PRO C 44 -1.16 -12.71 -8.28
C PRO C 44 -0.56 -13.73 -7.29
N GLU C 45 0.31 -14.63 -7.76
CA GLU C 45 1.05 -15.59 -6.92
C GLU C 45 2.05 -14.89 -5.99
N ARG C 46 2.39 -13.64 -6.30
CA ARG C 46 3.38 -12.80 -5.61
C ARG C 46 2.77 -11.48 -5.12
N VAL C 47 1.94 -10.84 -5.95
CA VAL C 47 1.11 -9.67 -5.57
C VAL C 47 -0.31 -10.14 -5.22
N THR C 48 -0.44 -10.72 -4.04
CA THR C 48 -1.71 -11.18 -3.45
C THR C 48 -2.62 -9.98 -3.12
N PRO C 49 -3.92 -10.21 -2.79
CA PRO C 49 -4.79 -9.21 -2.16
C PRO C 49 -4.14 -8.51 -0.96
N GLN C 50 -3.37 -9.23 -0.13
CA GLN C 50 -2.63 -8.66 1.01
C GLN C 50 -1.46 -7.74 0.57
N SER C 51 -0.67 -8.14 -0.43
CA SER C 51 0.46 -7.34 -0.93
C SER C 51 0.00 -5.99 -1.50
N LEU C 52 -0.99 -6.02 -2.42
CA LEU C 52 -1.58 -4.79 -2.96
C LEU C 52 -2.35 -4.01 -1.88
N PHE C 53 -2.99 -4.67 -0.91
CA PHE C 53 -3.61 -4.00 0.25
C PHE C 53 -2.59 -3.19 1.05
N ILE C 54 -1.44 -3.76 1.42
CA ILE C 54 -0.37 -3.04 2.12
C ILE C 54 0.06 -1.81 1.30
N LEU C 55 0.41 -2.03 0.02
CA LEU C 55 0.88 -0.99 -0.90
C LEU C 55 -0.15 0.15 -1.07
N PHE C 56 -1.27 -0.10 -1.76
CA PHE C 56 -2.34 0.89 -1.93
C PHE C 56 -2.87 1.41 -0.58
N GLY C 57 -2.78 0.61 0.49
CA GLY C 57 -3.05 0.97 1.88
C GLY C 57 -2.18 2.09 2.45
N VAL C 58 -0.93 2.22 2.00
CA VAL C 58 -0.07 3.38 2.31
C VAL C 58 -0.43 4.57 1.43
N TYR C 59 -0.82 4.29 0.18
CA TYR C 59 -1.04 5.33 -0.84
C TYR C 59 -2.41 6.01 -0.88
N GLY C 60 -3.42 5.42 -0.24
CA GLY C 60 -4.80 5.87 -0.43
C GLY C 60 -5.91 4.93 0.09
N ASP C 61 -5.53 3.79 0.69
CA ASP C 61 -6.42 2.97 1.53
C ASP C 61 -7.61 2.30 0.77
N VAL C 62 -7.39 1.06 0.30
CA VAL C 62 -8.45 0.21 -0.27
C VAL C 62 -9.57 -0.05 0.75
N GLN C 63 -10.79 0.43 0.45
CA GLN C 63 -12.02 0.08 1.16
C GLN C 63 -12.45 -1.35 0.77
N ARG C 64 -12.45 -1.67 -0.54
CA ARG C 64 -12.65 -3.03 -1.07
C ARG C 64 -11.64 -3.40 -2.16
N VAL C 65 -11.48 -4.69 -2.39
CA VAL C 65 -10.59 -5.31 -3.39
C VAL C 65 -11.34 -6.42 -4.12
N LYS C 66 -11.18 -6.50 -5.45
CA LYS C 66 -11.48 -7.68 -6.28
C LYS C 66 -10.26 -7.95 -7.17
N ILE C 67 -9.55 -9.06 -6.92
CA ILE C 67 -8.61 -9.61 -7.92
C ILE C 67 -9.37 -10.57 -8.85
N LEU C 68 -8.75 -11.02 -9.94
CA LEU C 68 -9.34 -11.99 -10.86
C LEU C 68 -8.50 -13.25 -11.04
N PHE C 69 -9.12 -14.20 -11.72
CA PHE C 69 -8.72 -15.60 -11.89
C PHE C 69 -7.34 -15.77 -12.56
N ASN C 70 -6.76 -16.97 -12.40
CA ASN C 70 -5.33 -17.26 -12.51
C ASN C 70 -4.63 -16.66 -13.74
N LYS C 71 -5.23 -16.79 -14.93
CA LYS C 71 -4.66 -16.36 -16.22
C LYS C 71 -4.83 -14.85 -16.51
N LYS C 72 -5.78 -14.16 -15.86
CA LYS C 72 -6.18 -12.78 -16.22
C LYS C 72 -5.17 -11.70 -15.81
N GLU C 73 -4.35 -11.95 -14.79
CA GLU C 73 -3.36 -10.98 -14.23
C GLU C 73 -3.96 -9.58 -13.97
N ASN C 74 -5.20 -9.53 -13.45
CA ASN C 74 -5.99 -8.31 -13.31
C ASN C 74 -6.74 -8.19 -11.97
N ALA C 75 -7.18 -6.97 -11.65
CA ALA C 75 -7.93 -6.56 -10.47
C ALA C 75 -8.66 -5.22 -10.71
N LEU C 76 -9.56 -4.88 -9.80
CA LEU C 76 -10.56 -3.81 -9.85
C LEU C 76 -10.81 -3.50 -8.38
N VAL C 77 -10.28 -2.37 -7.93
CA VAL C 77 -10.12 -2.02 -6.51
C VAL C 77 -11.07 -0.86 -6.19
N GLN C 78 -11.39 -0.60 -4.92
CA GLN C 78 -12.16 0.59 -4.50
C GLN C 78 -11.47 1.31 -3.34
N MET C 79 -10.94 2.50 -3.63
CA MET C 79 -10.14 3.35 -2.72
C MET C 79 -11.00 4.26 -1.85
N ALA C 80 -10.38 4.96 -0.87
CA ALA C 80 -11.06 5.87 0.05
C ALA C 80 -11.74 7.07 -0.63
N ASP C 81 -11.14 7.63 -1.68
CA ASP C 81 -11.67 8.74 -2.51
C ASP C 81 -11.12 8.70 -3.93
N GLY C 82 -11.77 9.35 -4.89
CA GLY C 82 -11.32 9.46 -6.29
C GLY C 82 -10.00 10.22 -6.47
N ASN C 83 -9.69 11.20 -5.63
CA ASN C 83 -8.37 11.84 -5.60
C ASN C 83 -7.29 10.84 -5.15
N GLN C 84 -7.56 10.10 -4.07
CA GLN C 84 -6.63 9.12 -3.52
C GLN C 84 -6.40 7.94 -4.48
N ALA C 85 -7.44 7.53 -5.21
CA ALA C 85 -7.37 6.57 -6.33
C ALA C 85 -6.39 7.05 -7.42
N GLN C 86 -6.58 8.27 -7.92
CA GLN C 86 -5.70 8.89 -8.92
C GLN C 86 -4.27 9.10 -8.43
N LEU C 87 -4.07 9.52 -7.18
CA LEU C 87 -2.74 9.68 -6.59
C LEU C 87 -1.99 8.35 -6.45
N ALA C 88 -2.65 7.31 -5.93
CA ALA C 88 -2.09 5.96 -5.88
C ALA C 88 -1.65 5.48 -7.28
N MET C 89 -2.50 5.65 -8.30
CA MET C 89 -2.14 5.44 -9.70
C MET C 89 -0.90 6.25 -10.12
N SER C 90 -0.86 7.57 -9.89
CA SER C 90 0.26 8.42 -10.34
C SER C 90 1.61 8.04 -9.70
N HIS C 91 1.61 7.55 -8.46
CA HIS C 91 2.82 7.09 -7.77
C HIS C 91 3.21 5.64 -8.13
N LEU C 92 2.25 4.71 -8.21
CA LEU C 92 2.50 3.27 -8.33
C LEU C 92 2.56 2.71 -9.77
N ASN C 93 2.05 3.43 -10.78
CA ASN C 93 1.96 2.91 -12.15
C ASN C 93 3.34 2.60 -12.76
N GLY C 94 3.58 1.33 -13.09
CA GLY C 94 4.83 0.81 -13.65
C GLY C 94 5.84 0.33 -12.60
N HIS C 95 5.45 0.23 -11.33
CA HIS C 95 6.32 -0.26 -10.24
C HIS C 95 6.95 -1.62 -10.55
N LYS C 96 8.29 -1.66 -10.50
CA LYS C 96 9.09 -2.89 -10.44
C LYS C 96 8.91 -3.56 -9.08
N LEU C 97 8.12 -4.63 -9.05
CA LEU C 97 8.03 -5.61 -7.97
C LEU C 97 7.77 -7.00 -8.56
N HIS C 98 8.34 -8.05 -7.95
CA HIS C 98 8.26 -9.47 -8.32
C HIS C 98 8.68 -9.87 -9.76
N GLY C 99 8.88 -8.92 -10.68
CA GLY C 99 9.27 -9.07 -12.08
C GLY C 99 8.31 -8.41 -13.09
N LYS C 100 7.03 -8.24 -12.74
CA LYS C 100 5.97 -7.63 -13.57
C LYS C 100 5.88 -6.10 -13.38
N PRO C 101 6.00 -5.28 -14.45
CA PRO C 101 5.66 -3.86 -14.39
C PRO C 101 4.13 -3.68 -14.34
N ILE C 102 3.61 -3.31 -13.17
CA ILE C 102 2.16 -3.13 -12.92
C ILE C 102 1.57 -2.00 -13.76
N ARG C 103 0.64 -2.30 -14.68
CA ARG C 103 -0.17 -1.29 -15.38
C ARG C 103 -1.34 -0.87 -14.49
N ILE C 104 -1.73 0.41 -14.53
CA ILE C 104 -2.79 0.99 -13.71
C ILE C 104 -3.56 2.00 -14.56
N THR C 105 -4.89 2.02 -14.41
CA THR C 105 -5.78 2.95 -15.12
C THR C 105 -6.92 3.39 -14.19
N LEU C 106 -7.45 4.61 -14.38
CA LEU C 106 -8.68 5.02 -13.70
C LEU C 106 -9.87 4.21 -14.26
N SER C 107 -10.49 3.38 -13.41
CA SER C 107 -11.62 2.54 -13.80
C SER C 107 -12.76 3.30 -14.49
N LYS C 108 -13.47 2.58 -15.38
CA LYS C 108 -14.74 3.02 -16.01
C LYS C 108 -15.97 2.79 -15.12
N HIS C 109 -15.84 1.96 -14.09
CA HIS C 109 -16.87 1.62 -13.08
C HIS C 109 -16.99 2.69 -11.98
N GLN C 110 -17.90 2.47 -11.01
CA GLN C 110 -18.12 3.37 -9.86
C GLN C 110 -17.97 2.65 -8.50
N ASN C 111 -18.39 1.37 -8.40
CA ASN C 111 -18.28 0.52 -7.21
C ASN C 111 -17.87 -0.92 -7.57
N VAL C 112 -17.44 -1.69 -6.57
CA VAL C 112 -17.19 -3.14 -6.68
C VAL C 112 -18.04 -3.97 -5.72
N GLN C 113 -18.64 -5.06 -6.23
CA GLN C 113 -19.56 -5.96 -5.53
C GLN C 113 -18.86 -7.15 -4.85
N LEU C 114 -19.61 -7.82 -3.97
CA LEU C 114 -19.16 -8.78 -2.96
C LEU C 114 -19.93 -10.12 -3.08
N PRO C 115 -19.31 -11.28 -2.77
CA PRO C 115 -19.95 -12.61 -2.78
C PRO C 115 -21.24 -12.76 -1.96
N ARG C 116 -21.93 -13.90 -2.14
CA ARG C 116 -23.25 -14.23 -1.58
C ARG C 116 -23.29 -14.27 -0.04
N GLU C 117 -24.49 -14.20 0.51
CA GLU C 117 -24.81 -14.11 1.95
C GLU C 117 -24.09 -15.16 2.81
N GLY C 118 -24.10 -16.42 2.38
CA GLY C 118 -23.50 -17.57 3.08
C GLY C 118 -22.10 -17.99 2.59
N GLN C 119 -21.52 -17.29 1.60
CA GLN C 119 -20.21 -17.61 1.04
C GLN C 119 -19.07 -17.22 2.01
N GLU C 120 -18.62 -18.17 2.81
CA GLU C 120 -17.53 -17.99 3.78
C GLU C 120 -16.17 -17.72 3.09
N ASP C 121 -15.80 -18.53 2.09
CA ASP C 121 -14.49 -18.56 1.44
C ASP C 121 -14.29 -17.41 0.43
N GLN C 122 -14.34 -16.18 0.93
CA GLN C 122 -14.11 -14.93 0.19
C GLN C 122 -12.60 -14.76 -0.12
N GLY C 123 -12.16 -15.18 -1.32
CA GLY C 123 -10.74 -15.22 -1.69
C GLY C 123 -10.34 -14.04 -2.58
N LEU C 124 -10.89 -13.99 -3.79
CA LEU C 124 -10.62 -12.97 -4.79
C LEU C 124 -11.24 -11.61 -4.41
N THR C 125 -12.28 -11.60 -3.59
CA THR C 125 -12.95 -10.38 -3.12
C THR C 125 -12.74 -10.18 -1.63
N LYS C 126 -12.38 -8.96 -1.21
CA LYS C 126 -12.20 -8.59 0.20
C LYS C 126 -12.85 -7.25 0.53
N ASP C 127 -13.54 -7.26 1.67
CA ASP C 127 -14.15 -6.13 2.38
C ASP C 127 -13.22 -5.65 3.50
N TYR C 128 -12.24 -4.81 3.16
CA TYR C 128 -11.11 -4.44 4.02
C TYR C 128 -11.44 -3.58 5.25
N GLY C 129 -12.69 -3.12 5.40
CA GLY C 129 -13.20 -2.31 6.51
C GLY C 129 -13.00 -2.87 7.93
N ASN C 130 -12.65 -4.16 8.09
CA ASN C 130 -12.40 -4.83 9.36
C ASN C 130 -10.89 -5.10 9.65
N SER C 131 -9.99 -4.86 8.69
CA SER C 131 -8.54 -5.09 8.86
C SER C 131 -7.89 -4.15 9.90
N PRO C 132 -6.88 -4.60 10.66
CA PRO C 132 -6.13 -3.76 11.59
C PRO C 132 -5.19 -2.75 10.90
N LEU C 133 -4.77 -3.00 9.65
CA LEU C 133 -3.88 -2.09 8.89
C LEU C 133 -4.65 -1.04 8.06
N HIS C 134 -5.91 -1.32 7.70
CA HIS C 134 -6.86 -0.35 7.15
C HIS C 134 -7.09 0.88 8.08
N ARG C 135 -7.34 2.05 7.47
CA ARG C 135 -7.98 3.28 8.01
C ARG C 135 -7.01 4.33 8.54
N PHE C 136 -6.75 5.36 7.72
CA PHE C 136 -6.11 6.61 8.16
C PHE C 136 -6.98 7.38 9.17
N LYS C 137 -6.38 8.28 9.93
CA LYS C 137 -7.04 9.13 10.94
C LYS C 137 -7.68 10.37 10.30
N LYS C 138 -8.94 10.25 9.89
CA LYS C 138 -9.78 11.23 9.16
C LYS C 138 -9.05 11.87 7.94
N PRO C 139 -8.87 11.11 6.85
CA PRO C 139 -8.22 11.59 5.62
C PRO C 139 -9.11 12.53 4.78
N GLY C 140 -8.54 13.04 3.68
CA GLY C 140 -9.24 13.78 2.62
C GLY C 140 -8.99 15.29 2.59
N SER C 141 -8.52 15.87 3.69
CA SER C 141 -8.07 17.27 3.76
C SER C 141 -6.78 17.50 2.96
N LYS C 142 -6.56 18.72 2.47
CA LYS C 142 -5.35 19.15 1.73
C LYS C 142 -4.14 19.38 2.66
N ASN C 143 -3.83 18.36 3.48
CA ASN C 143 -2.75 18.34 4.46
C ASN C 143 -1.96 17.00 4.51
N PHE C 144 -2.47 15.92 3.89
CA PHE C 144 -1.86 14.59 3.89
C PHE C 144 -0.70 14.46 2.87
N GLN C 145 0.35 15.26 3.08
CA GLN C 145 1.65 15.11 2.39
C GLN C 145 2.40 13.83 2.80
N ASN C 146 2.15 13.26 3.99
CA ASN C 146 2.69 11.98 4.47
C ASN C 146 1.92 10.79 3.86
N ILE C 147 1.96 10.70 2.53
CA ILE C 147 1.46 9.60 1.67
C ILE C 147 2.57 9.07 0.71
N PHE C 148 3.52 9.94 0.36
CA PHE C 148 4.96 9.70 0.10
C PHE C 148 5.37 9.52 -1.38
N PRO C 149 6.56 10.02 -1.76
CA PRO C 149 7.22 9.68 -3.01
C PRO C 149 7.92 8.30 -2.91
N PRO C 150 7.63 7.32 -3.79
CA PRO C 150 8.36 6.05 -3.82
C PRO C 150 9.81 6.26 -4.27
N SER C 151 10.74 5.86 -3.40
CA SER C 151 12.18 6.10 -3.56
C SER C 151 13.03 5.00 -2.89
N ALA C 152 14.35 5.09 -2.99
CA ALA C 152 15.29 4.21 -2.29
C ALA C 152 15.42 4.48 -0.77
N THR C 153 14.66 5.43 -0.20
CA THR C 153 14.82 5.88 1.19
C THR C 153 13.53 5.72 2.01
N LEU C 154 13.67 5.36 3.29
CA LEU C 154 12.64 4.79 4.17
C LEU C 154 12.55 5.54 5.51
N HIS C 155 11.39 5.45 6.14
CA HIS C 155 10.96 6.02 7.43
C HIS C 155 10.09 5.01 8.15
N LEU C 156 10.44 4.66 9.39
CA LEU C 156 9.86 3.51 10.09
C LEU C 156 9.28 3.97 11.43
N SER C 157 8.08 3.49 11.79
CA SER C 157 7.42 3.89 13.05
C SER C 157 6.58 2.80 13.72
N ASN C 158 6.12 3.07 14.94
CA ASN C 158 5.42 2.14 15.85
C ASN C 158 6.33 0.96 16.28
N ILE C 159 7.65 1.20 16.21
CA ILE C 159 8.74 0.30 16.55
C ILE C 159 8.69 0.01 18.07
N PRO C 160 8.64 -1.25 18.54
CA PRO C 160 8.63 -1.55 19.98
C PRO C 160 9.99 -1.23 20.64
N PRO C 161 10.05 -1.07 21.97
CA PRO C 161 11.29 -0.76 22.70
C PRO C 161 12.29 -1.94 22.77
N SER C 162 11.89 -3.15 22.38
CA SER C 162 12.66 -4.40 22.48
C SER C 162 13.74 -4.58 21.40
N VAL C 163 13.55 -4.03 20.20
CA VAL C 163 14.48 -4.20 19.05
C VAL C 163 15.67 -3.23 19.08
N SER C 164 16.64 -3.42 18.19
CA SER C 164 17.88 -2.64 18.08
C SER C 164 18.18 -2.23 16.63
N GLU C 165 19.24 -1.43 16.45
CA GLU C 165 19.71 -0.95 15.14
C GLU C 165 19.99 -2.13 14.19
N GLU C 166 20.83 -3.07 14.62
CA GLU C 166 21.16 -4.26 13.83
C GLU C 166 19.94 -5.16 13.57
N ASP C 167 18.98 -5.25 14.50
CA ASP C 167 17.77 -6.05 14.32
C ASP C 167 16.91 -5.54 13.16
N LEU C 168 16.59 -4.24 13.17
CA LEU C 168 15.92 -3.57 12.05
C LEU C 168 16.73 -3.71 10.75
N LYS C 169 18.05 -3.48 10.80
CA LYS C 169 18.87 -3.55 9.58
C LYS C 169 18.98 -4.96 9.01
N VAL C 170 18.80 -6.02 9.81
CA VAL C 170 18.78 -7.41 9.33
C VAL C 170 17.41 -7.78 8.78
N LEU C 171 16.32 -7.23 9.33
CA LEU C 171 14.98 -7.27 8.77
C LEU C 171 14.98 -6.81 7.30
N PHE C 172 15.50 -5.61 7.06
CA PHE C 172 15.62 -5.03 5.72
C PHE C 172 16.71 -5.76 4.89
N SER C 173 17.87 -6.07 5.46
CA SER C 173 18.94 -6.81 4.76
C SER C 173 18.53 -8.23 4.32
N SER C 174 17.57 -8.88 5.01
CA SER C 174 16.97 -10.16 4.59
C SER C 174 16.37 -10.14 3.17
N ASN C 175 16.05 -8.96 2.63
CA ASN C 175 15.57 -8.77 1.26
C ASN C 175 16.63 -8.98 0.16
N GLY C 176 17.92 -9.03 0.52
CA GLY C 176 19.04 -8.88 -0.41
C GLY C 176 19.04 -7.49 -1.08
N GLY C 177 19.14 -6.39 -0.33
CA GLY C 177 19.49 -6.29 1.09
C GLY C 177 20.67 -5.37 1.43
N VAL C 178 21.04 -4.43 0.55
CA VAL C 178 22.23 -3.57 0.65
C VAL C 178 22.23 -2.69 1.91
N VAL C 179 21.08 -2.10 2.25
CA VAL C 179 20.85 -1.14 3.35
C VAL C 179 21.96 -0.08 3.45
N LYS C 180 21.88 0.95 2.60
CA LYS C 180 22.76 2.14 2.58
C LYS C 180 22.93 2.78 3.95
N GLY C 181 21.79 3.04 4.60
CA GLY C 181 21.68 4.07 5.63
C GLY C 181 20.62 3.78 6.68
N PHE C 182 20.65 4.63 7.70
CA PHE C 182 20.00 4.42 9.01
C PHE C 182 20.24 5.61 9.96
N LYS C 183 19.19 6.01 10.70
CA LYS C 183 19.26 6.73 11.99
C LYS C 183 18.04 6.39 12.86
N PHE C 184 18.21 6.22 14.17
CA PHE C 184 17.07 6.18 15.09
C PHE C 184 16.58 7.60 15.40
N PHE C 185 15.28 7.74 15.68
CA PHE C 185 14.63 8.98 16.13
C PHE C 185 14.45 8.92 17.67
N GLN C 186 15.57 8.91 18.39
CA GLN C 186 15.69 8.55 19.82
C GLN C 186 14.86 9.41 20.79
N LYS C 187 14.51 10.65 20.40
CA LYS C 187 13.84 11.66 21.24
C LYS C 187 12.42 12.03 20.77
N ASP C 188 11.95 11.44 19.68
CA ASP C 188 10.67 11.78 19.04
C ASP C 188 9.52 10.96 19.66
N ARG C 189 9.21 9.75 19.16
CA ARG C 189 8.28 8.80 19.80
C ARG C 189 8.79 7.36 19.83
N LYS C 190 8.82 6.63 18.70
CA LYS C 190 9.19 5.19 18.60
C LYS C 190 9.47 4.88 17.12
N MET C 191 10.46 5.61 16.61
CA MET C 191 10.65 5.86 15.18
C MET C 191 12.12 5.75 14.75
N ALA C 192 12.29 5.71 13.43
CA ALA C 192 13.56 5.65 12.71
C ALA C 192 13.47 6.11 11.24
N LEU C 193 14.64 6.19 10.60
CA LEU C 193 14.91 6.53 9.19
C LEU C 193 15.90 5.48 8.66
N ILE C 194 15.76 5.01 7.41
CA ILE C 194 16.61 4.00 6.75
C ILE C 194 16.83 4.36 5.27
N GLN C 195 17.86 3.80 4.62
CA GLN C 195 18.08 3.90 3.18
C GLN C 195 18.53 2.57 2.57
N MET C 196 18.19 2.33 1.31
CA MET C 196 18.58 1.19 0.46
C MET C 196 19.44 1.64 -0.73
N GLY C 197 19.99 0.70 -1.50
CA GLY C 197 20.72 0.96 -2.74
C GLY C 197 19.82 1.15 -3.96
N SER C 198 18.59 0.60 -3.94
CA SER C 198 17.60 0.72 -5.02
C SER C 198 16.16 0.86 -4.54
N VAL C 199 15.31 1.45 -5.40
CA VAL C 199 13.85 1.54 -5.26
C VAL C 199 13.20 0.14 -5.24
N GLU C 200 13.76 -0.83 -5.98
CA GLU C 200 13.39 -2.26 -5.93
C GLU C 200 13.40 -2.78 -4.49
N GLU C 201 14.54 -2.59 -3.80
CA GLU C 201 14.73 -3.02 -2.43
C GLU C 201 13.76 -2.30 -1.48
N ALA C 202 13.64 -0.97 -1.59
CA ALA C 202 12.77 -0.15 -0.75
C ALA C 202 11.27 -0.50 -0.90
N VAL C 203 10.77 -0.67 -2.14
CA VAL C 203 9.39 -1.07 -2.44
C VAL C 203 9.09 -2.42 -1.82
N GLN C 204 9.94 -3.41 -2.06
CA GLN C 204 9.71 -4.78 -1.58
C GLN C 204 9.92 -4.89 -0.05
N ALA C 205 10.80 -4.09 0.55
CA ALA C 205 10.95 -3.99 2.01
C ALA C 205 9.72 -3.39 2.70
N LEU C 206 9.04 -2.40 2.09
CA LEU C 206 7.75 -1.89 2.56
C LEU C 206 6.67 -2.97 2.49
N ILE C 207 6.51 -3.59 1.32
CA ILE C 207 5.58 -4.70 1.03
C ILE C 207 5.78 -5.88 2.00
N ASP C 208 7.02 -6.17 2.40
CA ASP C 208 7.37 -7.11 3.47
C ASP C 208 6.98 -6.56 4.87
N LEU C 209 7.64 -5.50 5.34
CA LEU C 209 7.75 -5.17 6.75
C LEU C 209 6.74 -4.16 7.30
N HIS C 210 5.91 -3.46 6.49
CA HIS C 210 4.78 -2.62 6.96
C HIS C 210 3.69 -3.41 7.74
N ASN C 211 3.82 -4.73 7.75
CA ASN C 211 2.98 -5.73 8.41
C ASN C 211 3.78 -6.65 9.37
N HIS C 212 5.06 -6.35 9.65
CA HIS C 212 5.91 -7.11 10.56
C HIS C 212 5.48 -6.93 12.02
N ASP C 213 4.63 -7.83 12.53
CA ASP C 213 4.18 -7.83 13.92
C ASP C 213 5.22 -8.42 14.89
N LEU C 214 5.32 -7.79 16.07
CA LEU C 214 6.12 -8.19 17.22
C LEU C 214 5.26 -8.31 18.51
N GLY C 215 4.04 -7.77 18.49
CA GLY C 215 3.03 -7.86 19.55
C GLY C 215 1.65 -7.41 19.08
N GLU C 216 0.65 -7.49 19.96
CA GLU C 216 -0.78 -7.28 19.63
C GLU C 216 -1.11 -5.86 19.12
N ASN C 217 -0.33 -4.85 19.54
CA ASN C 217 -0.40 -3.46 19.08
C ASN C 217 0.91 -2.97 18.43
N HIS C 218 1.98 -3.78 18.47
CA HIS C 218 3.31 -3.49 17.96
C HIS C 218 3.57 -4.22 16.64
N HIS C 219 3.29 -3.55 15.53
CA HIS C 219 3.90 -3.86 14.22
C HIS C 219 4.52 -2.61 13.61
N LEU C 220 5.52 -2.79 12.76
CA LEU C 220 6.20 -1.69 12.09
C LEU C 220 5.30 -1.08 11.00
N ARG C 221 5.09 0.24 10.99
CA ARG C 221 4.68 0.98 9.78
C ARG C 221 5.93 1.46 9.05
N VAL C 222 6.43 0.58 8.20
CA VAL C 222 7.48 0.86 7.22
C VAL C 222 6.93 1.75 6.11
N SER C 223 7.43 2.97 6.01
CA SER C 223 7.09 3.95 4.96
C SER C 223 8.35 4.31 4.15
N PHE C 224 8.14 4.94 3.00
CA PHE C 224 9.13 5.78 2.33
C PHE C 224 9.36 7.07 3.10
N SER C 225 10.60 7.57 3.10
CA SER C 225 10.91 8.84 3.75
C SER C 225 10.58 10.04 2.85
N LYS C 226 9.71 10.90 3.35
CA LYS C 226 9.60 12.31 2.90
C LYS C 226 10.82 13.19 3.29
N SER C 227 11.88 12.63 3.87
CA SER C 227 13.11 13.32 4.31
C SER C 227 14.37 12.50 3.95
N THR C 228 15.55 12.97 4.36
CA THR C 228 16.86 12.33 4.15
C THR C 228 17.59 12.07 5.47
N ILE C 229 18.57 11.16 5.43
CA ILE C 229 19.31 10.66 6.60
C ILE C 229 20.28 11.73 7.14
N GLY C 22 -28.54 27.06 -6.51
CA GLY C 22 -27.44 26.37 -5.79
C GLY C 22 -26.48 25.70 -6.75
N ARG C 23 -25.18 25.66 -6.40
CA ARG C 23 -24.11 25.03 -7.19
C ARG C 23 -24.34 23.51 -7.34
N ILE C 24 -24.31 23.00 -8.58
CA ILE C 24 -24.55 21.58 -8.92
C ILE C 24 -23.49 20.61 -8.40
N ALA C 25 -22.27 21.09 -8.11
CA ALA C 25 -21.14 20.31 -7.59
C ALA C 25 -21.23 20.01 -6.07
N ILE C 26 -22.38 19.48 -5.61
CA ILE C 26 -22.61 19.10 -4.21
C ILE C 26 -21.68 17.94 -3.76
N PRO C 27 -21.35 17.79 -2.46
CA PRO C 27 -20.52 16.70 -1.95
C PRO C 27 -20.99 15.28 -2.34
N GLY C 28 -22.31 15.08 -2.47
CA GLY C 28 -22.92 13.81 -2.91
C GLY C 28 -22.61 13.37 -4.34
N LEU C 29 -22.01 14.23 -5.18
CA LEU C 29 -21.55 13.91 -6.54
C LEU C 29 -20.51 12.77 -6.57
N ALA C 30 -19.81 12.52 -5.45
CA ALA C 30 -18.95 11.35 -5.25
C ALA C 30 -19.68 9.99 -5.41
N GLY C 31 -21.02 9.97 -5.35
CA GLY C 31 -21.87 8.80 -5.66
C GLY C 31 -21.75 8.30 -7.11
N ALA C 32 -21.16 9.08 -8.02
CA ALA C 32 -20.75 8.65 -9.36
C ALA C 32 -19.64 7.56 -9.35
N GLY C 33 -19.00 7.32 -8.19
CA GLY C 33 -18.00 6.28 -7.96
C GLY C 33 -16.57 6.83 -8.10
N ASN C 34 -15.94 6.60 -9.25
CA ASN C 34 -14.57 6.99 -9.63
C ASN C 34 -13.42 6.51 -8.70
N SER C 35 -13.73 5.91 -7.55
CA SER C 35 -12.76 5.34 -6.60
C SER C 35 -12.16 3.99 -7.05
N VAL C 36 -12.72 3.35 -8.08
CA VAL C 36 -12.14 2.11 -8.62
C VAL C 36 -10.82 2.35 -9.37
N LEU C 37 -10.03 1.28 -9.50
CA LEU C 37 -8.89 1.20 -10.43
C LEU C 37 -8.92 -0.13 -11.17
N LEU C 38 -8.95 -0.10 -12.51
CA LEU C 38 -8.56 -1.23 -13.33
C LEU C 38 -7.06 -1.47 -13.13
N VAL C 39 -6.66 -2.59 -12.53
CA VAL C 39 -5.25 -3.03 -12.47
C VAL C 39 -5.04 -4.20 -13.43
N SER C 40 -4.06 -4.12 -14.32
CA SER C 40 -3.79 -5.18 -15.31
C SER C 40 -2.29 -5.34 -15.63
N ASN C 41 -1.95 -6.41 -16.36
CA ASN C 41 -0.56 -6.83 -16.66
C ASN C 41 0.29 -7.20 -15.42
N LEU C 42 -0.35 -7.37 -14.25
CA LEU C 42 0.23 -7.93 -13.04
C LEU C 42 0.76 -9.37 -13.24
N ASN C 43 1.72 -9.78 -12.42
CA ASN C 43 2.29 -11.13 -12.38
C ASN C 43 1.50 -11.99 -11.37
N PRO C 44 0.57 -12.86 -11.79
CA PRO C 44 -0.25 -13.65 -10.86
C PRO C 44 0.56 -14.70 -10.09
N GLU C 45 1.79 -15.02 -10.54
CA GLU C 45 2.72 -15.92 -9.87
C GLU C 45 3.42 -15.26 -8.65
N ARG C 46 3.32 -13.93 -8.54
CA ARG C 46 4.05 -13.09 -7.56
C ARG C 46 3.15 -12.09 -6.80
N VAL C 47 1.97 -11.73 -7.31
CA VAL C 47 1.04 -10.80 -6.66
C VAL C 47 0.47 -11.38 -5.35
N THR C 48 0.16 -10.50 -4.39
CA THR C 48 -0.54 -10.83 -3.14
C THR C 48 -1.50 -9.68 -2.80
N PRO C 49 -2.77 -9.93 -2.40
CA PRO C 49 -3.73 -8.87 -2.11
C PRO C 49 -3.31 -7.98 -0.94
N GLN C 50 -2.57 -8.51 0.04
CA GLN C 50 -1.95 -7.71 1.10
C GLN C 50 -0.87 -6.74 0.59
N SER C 51 -0.13 -7.10 -0.47
CA SER C 51 0.95 -6.25 -1.03
C SER C 51 0.35 -5.08 -1.79
N LEU C 52 -0.66 -5.39 -2.63
CA LEU C 52 -1.56 -4.43 -3.25
C LEU C 52 -2.19 -3.49 -2.21
N PHE C 53 -2.87 -4.05 -1.20
CA PHE C 53 -3.50 -3.29 -0.11
C PHE C 53 -2.53 -2.35 0.60
N ILE C 54 -1.35 -2.83 1.02
CA ILE C 54 -0.32 -2.02 1.67
C ILE C 54 0.13 -0.86 0.76
N LEU C 55 0.52 -1.13 -0.49
CA LEU C 55 0.96 -0.09 -1.45
C LEU C 55 -0.14 0.98 -1.70
N PHE C 56 -1.28 0.58 -2.24
CA PHE C 56 -2.43 1.48 -2.46
C PHE C 56 -2.87 2.14 -1.14
N GLY C 57 -2.60 1.52 0.02
CA GLY C 57 -2.79 2.01 1.39
C GLY C 57 -1.70 2.93 1.94
N VAL C 58 -0.53 3.06 1.30
CA VAL C 58 0.39 4.19 1.50
C VAL C 58 -0.25 5.39 0.84
N TYR C 59 -0.62 5.22 -0.43
CA TYR C 59 -1.07 6.32 -1.26
C TYR C 59 -2.45 6.88 -0.88
N GLY C 60 -3.41 6.03 -0.49
CA GLY C 60 -4.79 6.51 -0.33
C GLY C 60 -5.85 5.56 0.20
N ASP C 61 -5.49 4.30 0.52
CA ASP C 61 -6.33 3.30 1.21
C ASP C 61 -7.40 2.63 0.32
N VAL C 62 -7.75 1.38 0.68
CA VAL C 62 -8.57 0.47 -0.13
C VAL C 62 -9.70 -0.11 0.70
N GLN C 63 -10.93 0.02 0.20
CA GLN C 63 -12.18 -0.40 0.85
C GLN C 63 -12.71 -1.73 0.29
N ARG C 64 -12.49 -2.03 -1.00
CA ARG C 64 -12.63 -3.40 -1.55
C ARG C 64 -11.55 -3.72 -2.59
N VAL C 65 -11.30 -5.02 -2.76
CA VAL C 65 -10.43 -5.60 -3.80
C VAL C 65 -11.20 -6.70 -4.52
N LYS C 66 -11.30 -6.62 -5.85
CA LYS C 66 -11.77 -7.71 -6.71
C LYS C 66 -10.68 -8.14 -7.69
N ILE C 67 -10.09 -9.30 -7.47
CA ILE C 67 -9.14 -9.97 -8.37
C ILE C 67 -9.96 -10.92 -9.24
N LEU C 68 -9.73 -10.92 -10.55
CA LEU C 68 -10.53 -11.72 -11.48
C LEU C 68 -9.96 -13.15 -11.66
N PHE C 69 -10.76 -13.99 -12.32
CA PHE C 69 -10.53 -15.42 -12.51
C PHE C 69 -9.27 -15.75 -13.34
N ASN C 70 -8.88 -17.02 -13.27
CA ASN C 70 -7.53 -17.58 -13.41
C ASN C 70 -6.69 -17.23 -14.67
N LYS C 71 -7.29 -16.70 -15.74
CA LYS C 71 -6.57 -16.31 -16.98
C LYS C 71 -6.82 -14.89 -17.50
N LYS C 72 -7.66 -14.08 -16.84
CA LYS C 72 -7.83 -12.65 -17.19
C LYS C 72 -6.56 -11.84 -16.97
N GLU C 73 -5.74 -12.19 -15.97
CA GLU C 73 -4.57 -11.42 -15.51
C GLU C 73 -4.93 -9.96 -15.12
N ASN C 74 -6.11 -9.77 -14.53
CA ASN C 74 -6.69 -8.46 -14.19
C ASN C 74 -7.21 -8.40 -12.75
N ALA C 75 -7.38 -7.18 -12.23
CA ALA C 75 -8.10 -6.85 -11.02
C ALA C 75 -8.82 -5.50 -11.18
N LEU C 76 -9.70 -5.18 -10.24
CA LEU C 76 -10.68 -4.11 -10.25
C LEU C 76 -10.84 -3.73 -8.77
N VAL C 77 -10.07 -2.73 -8.40
CA VAL C 77 -9.81 -2.30 -7.01
C VAL C 77 -10.81 -1.20 -6.67
N GLN C 78 -11.04 -0.88 -5.38
CA GLN C 78 -11.98 0.16 -4.95
C GLN C 78 -11.42 0.93 -3.74
N MET C 79 -10.83 2.10 -4.00
CA MET C 79 -10.13 2.94 -3.02
C MET C 79 -11.07 3.73 -2.09
N ALA C 80 -10.52 4.41 -1.07
CA ALA C 80 -11.29 5.16 -0.08
C ALA C 80 -12.15 6.30 -0.64
N ASP C 81 -11.69 7.01 -1.68
CA ASP C 81 -12.44 8.10 -2.34
C ASP C 81 -12.03 8.27 -3.83
N GLY C 82 -12.82 9.02 -4.59
CA GLY C 82 -12.74 9.21 -6.05
C GLY C 82 -11.56 10.03 -6.59
N ASN C 83 -10.63 10.44 -5.72
CA ASN C 83 -9.38 11.14 -6.03
C ASN C 83 -8.12 10.33 -5.63
N GLN C 84 -8.24 9.47 -4.61
CA GLN C 84 -7.20 8.56 -4.13
C GLN C 84 -6.78 7.57 -5.23
N ALA C 85 -7.74 7.19 -6.09
CA ALA C 85 -7.53 6.45 -7.32
C ALA C 85 -6.50 7.13 -8.25
N GLN C 86 -6.66 8.41 -8.59
CA GLN C 86 -5.67 9.14 -9.40
C GLN C 86 -4.30 9.21 -8.72
N LEU C 87 -4.26 9.52 -7.42
CA LEU C 87 -3.00 9.59 -6.65
C LEU C 87 -2.22 8.26 -6.70
N ALA C 88 -2.86 7.16 -6.30
CA ALA C 88 -2.25 5.82 -6.35
C ALA C 88 -1.83 5.42 -7.77
N MET C 89 -2.68 5.64 -8.78
CA MET C 89 -2.36 5.42 -10.19
C MET C 89 -1.09 6.16 -10.63
N SER C 90 -0.98 7.46 -10.34
CA SER C 90 0.21 8.26 -10.66
C SER C 90 1.49 7.78 -9.97
N HIS C 91 1.39 7.16 -8.79
CA HIS C 91 2.55 6.57 -8.10
C HIS C 91 2.87 5.10 -8.46
N LEU C 92 1.90 4.32 -8.98
CA LEU C 92 2.03 2.87 -9.16
C LEU C 92 1.94 2.36 -10.61
N ASN C 93 1.44 3.13 -11.58
CA ASN C 93 1.43 2.75 -12.98
C ASN C 93 2.86 2.56 -13.52
N GLY C 94 3.23 1.31 -13.84
CA GLY C 94 4.58 0.92 -14.26
C GLY C 94 5.56 0.63 -13.12
N HIS C 95 5.12 0.69 -11.86
CA HIS C 95 5.92 0.34 -10.67
C HIS C 95 6.23 -1.17 -10.60
N LYS C 96 7.35 -1.55 -9.98
CA LYS C 96 8.00 -2.87 -10.17
C LYS C 96 8.16 -3.65 -8.87
N LEU C 97 7.02 -3.98 -8.25
CA LEU C 97 6.94 -4.94 -7.13
C LEU C 97 7.29 -6.38 -7.55
N HIS C 98 6.99 -6.74 -8.81
CA HIS C 98 7.31 -8.03 -9.45
C HIS C 98 7.77 -7.90 -10.91
N GLY C 99 8.26 -6.71 -11.31
CA GLY C 99 9.07 -6.48 -12.51
C GLY C 99 8.32 -6.10 -13.79
N LYS C 100 6.99 -6.22 -13.82
CA LYS C 100 6.17 -5.91 -15.01
C LYS C 100 5.81 -4.41 -15.09
N PRO C 101 5.53 -3.86 -16.29
CA PRO C 101 4.83 -2.60 -16.43
C PRO C 101 3.35 -2.77 -16.06
N ILE C 102 2.99 -2.48 -14.80
CA ILE C 102 1.62 -2.60 -14.27
C ILE C 102 0.72 -1.52 -14.89
N ARG C 103 -0.24 -1.92 -15.73
CA ARG C 103 -1.32 -1.04 -16.18
C ARG C 103 -2.20 -0.67 -14.99
N ILE C 104 -2.43 0.62 -14.80
CA ILE C 104 -3.43 1.15 -13.85
C ILE C 104 -4.23 2.22 -14.59
N THR C 105 -5.56 2.08 -14.59
CA THR C 105 -6.48 2.93 -15.35
C THR C 105 -7.72 3.24 -14.50
N LEU C 106 -8.22 4.48 -14.57
CA LEU C 106 -9.26 5.02 -13.68
C LEU C 106 -10.66 4.37 -13.80
N SER C 107 -10.85 3.51 -14.81
CA SER C 107 -12.06 2.70 -15.04
C SER C 107 -13.30 3.48 -15.49
N LYS C 108 -14.38 2.73 -15.77
CA LYS C 108 -15.76 3.15 -16.05
C LYS C 108 -16.77 2.64 -15.02
N HIS C 109 -16.32 1.80 -14.08
CA HIS C 109 -17.12 1.20 -13.01
C HIS C 109 -17.33 2.15 -11.82
N GLN C 110 -18.26 1.79 -10.92
CA GLN C 110 -18.57 2.56 -9.70
C GLN C 110 -17.86 2.01 -8.46
N ASN C 111 -18.03 0.72 -8.19
CA ASN C 111 -17.53 -0.05 -7.05
C ASN C 111 -17.47 -1.55 -7.40
N VAL C 112 -16.94 -2.40 -6.50
CA VAL C 112 -16.99 -3.87 -6.68
C VAL C 112 -18.43 -4.42 -6.58
N GLN C 113 -18.62 -5.69 -6.94
CA GLN C 113 -19.78 -6.53 -6.65
C GLN C 113 -19.32 -7.87 -6.06
N LEU C 114 -20.05 -8.34 -5.06
CA LEU C 114 -19.53 -9.16 -3.96
C LEU C 114 -20.37 -10.44 -3.74
N PRO C 115 -19.76 -11.60 -3.40
CA PRO C 115 -20.48 -12.84 -3.11
C PRO C 115 -21.59 -12.77 -2.05
N ARG C 116 -22.48 -13.77 -2.09
CA ARG C 116 -23.45 -14.13 -1.05
C ARG C 116 -22.80 -14.25 0.33
N GLU C 117 -23.52 -13.82 1.38
CA GLU C 117 -23.01 -13.76 2.76
C GLU C 117 -22.65 -15.15 3.33
N GLY C 118 -23.27 -16.22 2.82
CA GLY C 118 -23.01 -17.62 3.20
C GLY C 118 -21.81 -18.29 2.48
N GLN C 119 -21.11 -17.58 1.58
CA GLN C 119 -19.92 -18.10 0.88
C GLN C 119 -18.78 -18.44 1.86
N GLU C 120 -18.09 -19.56 1.63
CA GLU C 120 -16.97 -20.04 2.46
C GLU C 120 -15.61 -19.56 1.93
N ASP C 121 -14.62 -19.41 2.83
CA ASP C 121 -13.24 -18.95 2.59
C ASP C 121 -13.11 -17.61 1.85
N GLN C 122 -13.15 -17.62 0.50
CA GLN C 122 -12.96 -16.51 -0.44
C GLN C 122 -11.57 -15.81 -0.36
N GLY C 123 -11.17 -15.13 -1.43
CA GLY C 123 -9.91 -14.38 -1.57
C GLY C 123 -9.75 -13.56 -2.85
N LEU C 124 -10.57 -13.80 -3.89
CA LEU C 124 -10.70 -12.93 -5.07
C LEU C 124 -11.42 -11.63 -4.68
N THR C 125 -12.49 -11.73 -3.90
CA THR C 125 -13.41 -10.63 -3.50
C THR C 125 -13.33 -10.33 -2.00
N LYS C 126 -12.50 -9.33 -1.64
CA LYS C 126 -12.16 -8.97 -0.26
C LYS C 126 -12.81 -7.65 0.19
N ASP C 127 -13.68 -7.74 1.18
CA ASP C 127 -14.29 -6.60 1.90
C ASP C 127 -13.32 -5.97 2.93
N TYR C 128 -12.34 -5.21 2.43
CA TYR C 128 -11.36 -4.47 3.26
C TYR C 128 -11.97 -3.35 4.13
N GLY C 129 -13.24 -2.98 3.93
CA GLY C 129 -13.96 -1.97 4.72
C GLY C 129 -14.13 -2.28 6.22
N ASN C 130 -13.78 -3.49 6.65
CA ASN C 130 -13.77 -3.95 8.06
C ASN C 130 -12.36 -4.44 8.53
N SER C 131 -11.31 -4.18 7.74
CA SER C 131 -9.94 -4.68 7.95
C SER C 131 -9.31 -4.32 9.30
N PRO C 132 -8.84 -5.31 10.09
CA PRO C 132 -7.95 -5.08 11.23
C PRO C 132 -6.57 -4.48 10.89
N LEU C 133 -6.13 -4.52 9.63
CA LEU C 133 -4.81 -4.02 9.17
C LEU C 133 -4.86 -2.54 8.74
N HIS C 134 -6.03 -2.04 8.31
CA HIS C 134 -6.28 -0.61 8.06
C HIS C 134 -5.92 0.30 9.28
N ARG C 135 -5.54 1.56 9.02
CA ARG C 135 -5.15 2.56 10.04
C ARG C 135 -5.74 3.95 9.84
N PHE C 136 -5.62 4.52 8.63
CA PHE C 136 -5.81 5.96 8.34
C PHE C 136 -7.18 6.57 8.69
N LYS C 137 -8.23 5.76 8.88
CA LYS C 137 -9.62 6.09 9.24
C LYS C 137 -10.36 6.94 8.19
N LYS C 138 -9.95 8.19 7.99
CA LYS C 138 -10.54 9.17 7.07
C LYS C 138 -9.50 10.17 6.55
N PRO C 139 -9.52 10.59 5.28
CA PRO C 139 -8.69 11.70 4.79
C PRO C 139 -9.13 13.06 5.39
N GLY C 140 -8.34 14.10 5.13
CA GLY C 140 -8.60 15.48 5.58
C GLY C 140 -7.95 15.86 6.92
N SER C 141 -7.27 14.93 7.61
CA SER C 141 -6.41 15.25 8.74
C SER C 141 -5.20 16.08 8.29
N LYS C 142 -4.72 17.02 9.12
CA LYS C 142 -3.48 17.78 8.88
C LYS C 142 -2.24 16.88 8.78
N ASN C 143 -2.27 15.71 9.42
CA ASN C 143 -1.20 14.69 9.38
C ASN C 143 -1.04 14.01 8.01
N PHE C 144 -2.10 13.97 7.18
CA PHE C 144 -2.19 13.17 5.94
C PHE C 144 -1.20 13.60 4.84
N GLN C 145 -0.58 14.78 4.96
CA GLN C 145 0.40 15.33 4.00
C GLN C 145 1.74 14.58 3.89
N ASN C 146 2.04 13.62 4.78
CA ASN C 146 3.30 12.85 4.76
C ASN C 146 3.48 11.99 3.47
N ILE C 147 2.39 11.53 2.85
CA ILE C 147 2.33 10.44 1.86
C ILE C 147 3.37 10.55 0.72
N PHE C 148 4.04 9.43 0.42
CA PHE C 148 5.44 9.46 -0.02
C PHE C 148 5.70 9.38 -1.53
N PRO C 149 6.90 9.83 -1.95
CA PRO C 149 7.59 9.33 -3.14
C PRO C 149 8.19 7.92 -2.89
N PRO C 150 7.92 6.89 -3.71
CA PRO C 150 8.55 5.58 -3.60
C PRO C 150 10.06 5.69 -3.89
N SER C 151 10.88 5.50 -2.85
CA SER C 151 12.31 5.85 -2.84
C SER C 151 13.17 4.71 -2.27
N ALA C 152 14.49 4.76 -2.51
CA ALA C 152 15.47 3.88 -1.86
C ALA C 152 15.69 4.22 -0.37
N THR C 153 15.25 5.40 0.08
CA THR C 153 15.26 5.86 1.48
C THR C 153 13.96 5.52 2.21
N LEU C 154 14.06 5.21 3.49
CA LEU C 154 13.02 4.70 4.38
C LEU C 154 12.93 5.53 5.67
N HIS C 155 11.74 5.58 6.25
CA HIS C 155 11.37 6.25 7.50
C HIS C 155 10.50 5.31 8.33
N LEU C 156 10.93 5.01 9.55
CA LEU C 156 10.47 3.86 10.31
C LEU C 156 9.85 4.34 11.61
N SER C 157 8.57 4.01 11.81
CA SER C 157 7.72 4.64 12.83
C SER C 157 7.11 3.62 13.78
N ASN C 158 6.91 4.03 15.04
CA ASN C 158 6.27 3.30 16.13
C ASN C 158 7.16 2.14 16.65
N ILE C 159 8.48 2.30 16.52
CA ILE C 159 9.52 1.35 16.91
C ILE C 159 9.47 1.09 18.44
N PRO C 160 9.29 -0.16 18.90
CA PRO C 160 9.26 -0.47 20.33
C PRO C 160 10.65 -0.32 20.98
N PRO C 161 10.77 0.16 22.24
CA PRO C 161 12.05 0.23 22.96
C PRO C 161 12.83 -1.10 23.13
N SER C 162 12.17 -2.24 22.92
CA SER C 162 12.75 -3.60 23.04
C SER C 162 13.72 -3.99 21.91
N VAL C 163 13.63 -3.37 20.73
CA VAL C 163 14.54 -3.62 19.59
C VAL C 163 15.70 -2.62 19.52
N SER C 164 16.68 -2.86 18.63
CA SER C 164 17.88 -2.05 18.44
C SER C 164 18.28 -2.00 16.95
N GLU C 165 19.33 -1.24 16.63
CA GLU C 165 19.92 -1.12 15.30
C GLU C 165 20.24 -2.50 14.70
N GLU C 166 20.96 -3.34 15.44
CA GLU C 166 21.40 -4.66 14.98
C GLU C 166 20.22 -5.64 14.71
N ASP C 167 19.06 -5.41 15.32
CA ASP C 167 17.84 -6.20 15.10
C ASP C 167 17.05 -5.74 13.87
N LEU C 168 16.75 -4.43 13.81
CA LEU C 168 16.10 -3.80 12.66
C LEU C 168 16.90 -4.01 11.36
N LYS C 169 18.24 -4.01 11.44
CA LYS C 169 19.12 -4.35 10.32
C LYS C 169 18.91 -5.74 9.79
N VAL C 170 18.55 -6.71 10.64
CA VAL C 170 18.30 -8.08 10.17
C VAL C 170 16.92 -8.17 9.54
N LEU C 171 15.92 -7.47 10.09
CA LEU C 171 14.59 -7.28 9.49
C LEU C 171 14.67 -6.84 8.03
N PHE C 172 15.39 -5.73 7.77
CA PHE C 172 15.60 -5.21 6.42
C PHE C 172 16.60 -6.07 5.62
N SER C 173 17.70 -6.56 6.22
CA SER C 173 18.62 -7.49 5.55
C SER C 173 17.96 -8.79 5.07
N SER C 174 16.89 -9.26 5.74
CA SER C 174 16.09 -10.42 5.32
C SER C 174 15.52 -10.34 3.90
N ASN C 175 15.40 -9.14 3.33
CA ASN C 175 14.98 -8.91 1.94
C ASN C 175 16.02 -9.35 0.89
N GLY C 176 17.27 -9.63 1.28
CA GLY C 176 18.41 -9.77 0.36
C GLY C 176 18.66 -8.47 -0.43
N GLY C 177 18.85 -7.32 0.23
CA GLY C 177 19.10 -7.12 1.66
C GLY C 177 20.17 -6.07 1.99
N VAL C 178 20.59 -5.25 1.02
CA VAL C 178 21.64 -4.21 1.18
C VAL C 178 21.08 -3.02 1.95
N VAL C 179 21.20 -3.02 3.28
CA VAL C 179 21.01 -1.83 4.11
C VAL C 179 22.21 -0.89 3.92
N LYS C 180 22.05 0.15 3.08
CA LYS C 180 23.06 1.22 2.90
C LYS C 180 23.27 2.03 4.17
N GLY C 181 22.16 2.58 4.64
CA GLY C 181 22.10 3.71 5.57
C GLY C 181 21.04 3.48 6.64
N PHE C 182 21.16 4.28 7.67
CA PHE C 182 20.55 4.06 9.00
C PHE C 182 20.98 5.14 10.02
N LYS C 183 20.01 5.86 10.59
CA LYS C 183 20.10 6.62 11.84
C LYS C 183 18.82 6.46 12.67
N PHE C 184 18.92 6.44 14.00
CA PHE C 184 17.77 6.56 14.90
C PHE C 184 17.37 8.03 15.10
N PHE C 185 16.10 8.27 15.43
CA PHE C 185 15.60 9.58 15.82
C PHE C 185 15.72 9.77 17.34
N GLN C 186 16.80 10.42 17.78
CA GLN C 186 17.07 10.77 19.17
C GLN C 186 16.23 11.99 19.64
N LYS C 187 15.96 12.95 18.74
CA LYS C 187 15.26 14.22 19.05
C LYS C 187 13.80 14.04 19.47
N ASP C 188 13.08 13.07 18.88
CA ASP C 188 11.64 12.84 19.09
C ASP C 188 11.29 11.35 19.08
N ARG C 189 10.21 10.97 19.78
CA ARG C 189 9.56 9.65 19.68
C ARG C 189 8.98 9.48 18.25
N LYS C 190 8.95 8.28 17.67
CA LYS C 190 9.29 6.92 18.17
C LYS C 190 9.95 6.15 17.01
N MET C 191 11.05 6.73 16.50
CA MET C 191 11.37 6.66 15.06
C MET C 191 12.84 6.37 14.71
N ALA C 192 13.03 6.09 13.43
CA ALA C 192 14.32 5.98 12.73
C ALA C 192 14.20 6.29 11.23
N LEU C 193 15.34 6.31 10.54
CA LEU C 193 15.56 6.71 9.14
C LEU C 193 16.59 5.73 8.53
N ILE C 194 16.30 5.10 7.39
CA ILE C 194 17.14 4.04 6.77
C ILE C 194 17.33 4.31 5.26
N GLN C 195 18.32 3.68 4.62
CA GLN C 195 18.47 3.60 3.16
C GLN C 195 18.78 2.16 2.74
N MET C 196 18.16 1.72 1.64
CA MET C 196 18.39 0.44 0.98
C MET C 196 19.21 0.60 -0.32
N GLY C 197 19.80 -0.48 -0.81
CA GLY C 197 20.65 -0.49 -2.00
C GLY C 197 19.91 -0.32 -3.33
N SER C 198 18.60 -0.53 -3.36
CA SER C 198 17.70 -0.30 -4.51
C SER C 198 16.28 0.02 -4.06
N VAL C 199 15.48 0.63 -4.95
CA VAL C 199 14.06 0.93 -4.73
C VAL C 199 13.26 -0.36 -4.56
N GLU C 200 13.51 -1.43 -5.33
CA GLU C 200 12.79 -2.71 -5.17
C GLU C 200 13.01 -3.37 -3.80
N GLU C 201 14.21 -3.23 -3.23
CA GLU C 201 14.52 -3.68 -1.85
C GLU C 201 13.77 -2.84 -0.82
N ALA C 202 13.75 -1.50 -0.97
CA ALA C 202 12.98 -0.59 -0.12
C ALA C 202 11.47 -0.87 -0.16
N VAL C 203 10.90 -1.04 -1.37
CA VAL C 203 9.51 -1.41 -1.63
C VAL C 203 9.12 -2.68 -0.88
N GLN C 204 9.85 -3.78 -1.08
CA GLN C 204 9.49 -5.03 -0.40
C GLN C 204 9.85 -5.07 1.08
N ALA C 205 10.83 -4.27 1.55
CA ALA C 205 11.01 -4.06 2.99
C ALA C 205 9.77 -3.40 3.64
N LEU C 206 9.16 -2.42 2.95
CA LEU C 206 7.86 -1.85 3.32
C LEU C 206 6.75 -2.91 3.35
N ILE C 207 6.49 -3.67 2.27
CA ILE C 207 5.38 -4.64 2.29
C ILE C 207 5.62 -5.84 3.25
N ASP C 208 6.88 -6.16 3.56
CA ASP C 208 7.23 -7.16 4.58
C ASP C 208 6.94 -6.67 6.00
N LEU C 209 7.42 -5.48 6.37
CA LEU C 209 7.49 -5.03 7.77
C LEU C 209 6.38 -4.06 8.21
N HIS C 210 5.72 -3.31 7.30
CA HIS C 210 4.50 -2.56 7.59
C HIS C 210 3.30 -3.52 7.78
N ASN C 211 3.27 -4.19 8.94
CA ASN C 211 2.41 -5.30 9.43
C ASN C 211 3.11 -6.21 10.47
N HIS C 212 4.39 -6.00 10.79
CA HIS C 212 5.16 -6.74 11.80
C HIS C 212 4.61 -6.49 13.24
N ASP C 213 3.57 -7.24 13.61
CA ASP C 213 2.85 -7.12 14.88
C ASP C 213 3.47 -8.01 15.97
N LEU C 214 4.52 -7.48 16.63
CA LEU C 214 5.05 -8.02 17.89
C LEU C 214 4.17 -7.69 19.11
N GLY C 215 3.21 -6.77 18.95
CA GLY C 215 2.16 -6.37 19.89
C GLY C 215 1.29 -5.29 19.25
N GLU C 216 0.02 -5.20 19.65
CA GLU C 216 -1.02 -4.42 18.95
C GLU C 216 -0.73 -2.91 18.91
N ASN C 217 -0.28 -2.35 20.03
CA ASN C 217 0.16 -0.94 20.13
C ASN C 217 1.55 -0.69 19.49
N HIS C 218 2.33 -1.75 19.24
CA HIS C 218 3.77 -1.69 19.01
C HIS C 218 4.20 -2.05 17.57
N HIS C 219 3.28 -2.50 16.71
CA HIS C 219 3.63 -2.87 15.33
C HIS C 219 4.28 -1.70 14.55
N LEU C 220 5.18 -2.06 13.64
CA LEU C 220 5.96 -1.12 12.85
C LEU C 220 5.10 -0.48 11.74
N ARG C 221 5.34 0.82 11.51
CA ARG C 221 4.93 1.54 10.29
C ARG C 221 6.18 1.93 9.50
N VAL C 222 6.69 0.94 8.76
CA VAL C 222 7.75 1.11 7.76
C VAL C 222 7.22 1.91 6.58
N SER C 223 7.79 3.09 6.35
CA SER C 223 7.47 4.00 5.24
C SER C 223 8.71 4.31 4.42
N PHE C 224 8.52 4.90 3.25
CA PHE C 224 9.56 5.65 2.53
C PHE C 224 9.87 6.96 3.25
N SER C 225 11.12 7.40 3.19
CA SER C 225 11.51 8.71 3.70
C SER C 225 11.21 9.79 2.66
N LYS C 226 10.34 10.73 3.05
CA LYS C 226 10.21 12.04 2.40
C LYS C 226 11.41 13.00 2.64
N SER C 227 12.50 12.51 3.26
CA SER C 227 13.75 13.22 3.57
C SER C 227 14.98 12.36 3.18
N THR C 228 16.16 12.66 3.71
CA THR C 228 17.43 11.94 3.52
C THR C 228 18.16 11.67 4.84
N ILE C 229 19.17 10.78 4.80
CA ILE C 229 19.92 10.31 5.98
C ILE C 229 21.05 11.28 6.34
N GLY C 22 -15.19 21.66 -22.14
CA GLY C 22 -14.76 20.40 -21.51
C GLY C 22 -15.48 19.20 -22.11
N ARG C 23 -14.86 18.01 -22.04
CA ARG C 23 -15.43 16.74 -22.54
C ARG C 23 -16.65 16.30 -21.72
N ILE C 24 -17.57 15.58 -22.36
CA ILE C 24 -18.84 15.10 -21.76
C ILE C 24 -18.68 14.09 -20.60
N ALA C 25 -17.49 13.51 -20.44
CA ALA C 25 -17.15 12.56 -19.38
C ALA C 25 -17.12 13.15 -17.96
N ILE C 26 -17.05 14.48 -17.82
CA ILE C 26 -17.04 15.18 -16.51
C ILE C 26 -18.37 14.96 -15.74
N PRO C 27 -18.36 14.65 -14.43
CA PRO C 27 -19.58 14.47 -13.63
C PRO C 27 -20.29 15.79 -13.25
N GLY C 28 -19.76 16.94 -13.66
CA GLY C 28 -20.23 18.30 -13.33
C GLY C 28 -19.28 19.10 -12.42
N LEU C 29 -18.25 18.45 -11.87
CA LEU C 29 -17.17 19.04 -11.07
C LEU C 29 -15.84 18.28 -11.28
N ALA C 30 -14.75 18.78 -10.69
CA ALA C 30 -13.41 18.20 -10.76
C ALA C 30 -13.28 16.82 -10.05
N GLY C 31 -12.12 16.17 -10.24
CA GLY C 31 -11.76 14.88 -9.62
C GLY C 31 -10.97 13.91 -10.50
N ALA C 32 -10.78 14.24 -11.79
CA ALA C 32 -10.03 13.51 -12.84
C ALA C 32 -10.53 12.09 -13.20
N GLY C 33 -11.43 11.50 -12.41
CA GLY C 33 -12.06 10.19 -12.66
C GLY C 33 -12.83 9.65 -11.46
N ASN C 34 -13.47 8.49 -11.63
CA ASN C 34 -14.10 7.74 -10.54
C ASN C 34 -13.06 7.10 -9.58
N SER C 35 -13.54 6.64 -8.42
CA SER C 35 -12.76 6.12 -7.29
C SER C 35 -12.35 4.65 -7.39
N VAL C 36 -12.89 3.89 -8.34
CA VAL C 36 -12.41 2.52 -8.65
C VAL C 36 -11.07 2.54 -9.40
N LEU C 37 -10.38 1.40 -9.44
CA LEU C 37 -9.27 1.16 -10.38
C LEU C 37 -9.43 -0.16 -11.15
N LEU C 38 -9.28 -0.12 -12.49
CA LEU C 38 -9.06 -1.33 -13.28
C LEU C 38 -7.60 -1.71 -13.14
N VAL C 39 -7.30 -2.86 -12.54
CA VAL C 39 -5.92 -3.38 -12.44
C VAL C 39 -5.80 -4.65 -13.28
N SER C 40 -4.78 -4.74 -14.13
CA SER C 40 -4.52 -5.91 -14.96
C SER C 40 -3.02 -6.21 -15.10
N ASN C 41 -2.71 -7.36 -15.71
CA ASN C 41 -1.35 -7.89 -15.91
C ASN C 41 -0.60 -8.23 -14.59
N LEU C 42 -1.32 -8.29 -13.45
CA LEU C 42 -0.78 -8.78 -12.17
C LEU C 42 -0.46 -10.29 -12.26
N ASN C 43 0.83 -10.63 -12.26
CA ASN C 43 1.38 -11.98 -12.40
C ASN C 43 0.88 -12.92 -11.28
N PRO C 44 0.03 -13.93 -11.55
CA PRO C 44 -0.56 -14.78 -10.52
C PRO C 44 0.47 -15.71 -9.83
N GLU C 45 1.66 -15.90 -10.40
CA GLU C 45 2.77 -16.63 -9.77
C GLU C 45 3.45 -15.84 -8.65
N ARG C 46 3.27 -14.50 -8.63
CA ARG C 46 4.03 -13.56 -7.77
C ARG C 46 3.17 -12.48 -7.07
N VAL C 47 1.87 -12.38 -7.37
CA VAL C 47 0.97 -11.41 -6.71
C VAL C 47 0.68 -11.81 -5.25
N THR C 48 0.47 -10.80 -4.39
CA THR C 48 0.03 -10.94 -2.99
C THR C 48 -1.02 -9.86 -2.69
N PRO C 49 -2.28 -10.23 -2.40
CA PRO C 49 -3.36 -9.26 -2.11
C PRO C 49 -2.98 -8.19 -1.08
N GLN C 50 -2.30 -8.58 0.00
CA GLN C 50 -1.83 -7.65 1.04
C GLN C 50 -0.72 -6.70 0.55
N SER C 51 0.09 -7.08 -0.43
CA SER C 51 1.18 -6.23 -0.96
C SER C 51 0.61 -5.17 -1.89
N LEU C 52 -0.30 -5.59 -2.78
CA LEU C 52 -1.16 -4.68 -3.54
C LEU C 52 -1.91 -3.70 -2.61
N PHE C 53 -2.55 -4.23 -1.56
CA PHE C 53 -3.23 -3.42 -0.55
C PHE C 53 -2.31 -2.39 0.11
N ILE C 54 -1.11 -2.77 0.57
CA ILE C 54 -0.15 -1.84 1.22
C ILE C 54 0.31 -0.73 0.25
N LEU C 55 0.62 -1.05 -1.01
CA LEU C 55 0.99 -0.06 -2.04
C LEU C 55 -0.15 0.96 -2.28
N PHE C 56 -1.27 0.51 -2.84
CA PHE C 56 -2.46 1.35 -3.05
C PHE C 56 -2.86 2.05 -1.74
N GLY C 57 -2.69 1.36 -0.61
CA GLY C 57 -2.64 1.80 0.79
C GLY C 57 -1.92 3.12 1.06
N VAL C 58 -0.64 3.25 0.68
CA VAL C 58 0.14 4.48 0.95
C VAL C 58 -0.21 5.58 -0.05
N TYR C 59 -0.76 5.20 -1.20
CA TYR C 59 -1.10 6.16 -2.25
C TYR C 59 -2.53 6.71 -2.21
N GLY C 60 -3.45 6.09 -1.47
CA GLY C 60 -4.86 6.51 -1.46
C GLY C 60 -5.83 5.60 -0.69
N ASP C 61 -5.40 4.39 -0.32
CA ASP C 61 -6.08 3.47 0.61
C ASP C 61 -7.38 2.83 0.09
N VAL C 62 -7.28 1.56 -0.29
CA VAL C 62 -8.35 0.72 -0.86
C VAL C 62 -9.48 0.48 0.16
N GLN C 63 -10.71 0.82 -0.22
CA GLN C 63 -11.92 0.52 0.54
C GLN C 63 -12.39 -0.92 0.33
N ARG C 64 -12.35 -1.44 -0.91
CA ARG C 64 -12.56 -2.88 -1.19
C ARG C 64 -11.91 -3.35 -2.49
N VAL C 65 -11.73 -4.66 -2.60
CA VAL C 65 -10.98 -5.38 -3.64
C VAL C 65 -11.87 -6.44 -4.30
N LYS C 66 -11.79 -6.61 -5.63
CA LYS C 66 -12.24 -7.80 -6.35
C LYS C 66 -11.16 -8.31 -7.32
N ILE C 67 -10.44 -9.36 -6.95
CA ILE C 67 -9.44 -10.06 -7.81
C ILE C 67 -10.15 -11.16 -8.60
N LEU C 68 -9.95 -11.19 -9.92
CA LEU C 68 -10.63 -12.15 -10.80
C LEU C 68 -9.85 -13.47 -10.84
N PHE C 69 -10.29 -14.41 -10.00
CA PHE C 69 -9.89 -15.82 -9.91
C PHE C 69 -8.37 -16.10 -10.08
N ASN C 70 -7.87 -16.38 -11.30
CA ASN C 70 -6.45 -16.67 -11.57
C ASN C 70 -6.00 -16.27 -12.98
N LYS C 71 -6.32 -17.07 -14.02
CA LYS C 71 -5.79 -16.97 -15.40
C LYS C 71 -6.00 -15.61 -16.09
N LYS C 72 -7.01 -14.84 -15.66
CA LYS C 72 -7.36 -13.53 -16.22
C LYS C 72 -6.40 -12.39 -15.85
N GLU C 73 -5.53 -12.57 -14.86
CA GLU C 73 -4.52 -11.59 -14.39
C GLU C 73 -5.11 -10.20 -14.03
N ASN C 74 -6.37 -10.15 -13.57
CA ASN C 74 -7.15 -8.94 -13.40
C ASN C 74 -7.66 -8.70 -11.97
N ALA C 75 -7.95 -7.45 -11.64
CA ALA C 75 -8.70 -7.01 -10.47
C ALA C 75 -9.41 -5.67 -10.76
N LEU C 76 -10.40 -5.36 -9.95
CA LEU C 76 -11.32 -4.23 -10.04
C LEU C 76 -11.55 -3.79 -8.59
N VAL C 77 -10.89 -2.71 -8.20
CA VAL C 77 -10.82 -2.17 -6.83
C VAL C 77 -11.71 -0.95 -6.69
N GLN C 78 -11.92 -0.53 -5.44
CA GLN C 78 -12.54 0.73 -5.05
C GLN C 78 -11.68 1.41 -3.98
N MET C 79 -11.06 2.55 -4.31
CA MET C 79 -10.26 3.38 -3.41
C MET C 79 -11.10 4.49 -2.73
N ALA C 80 -10.49 5.26 -1.83
CA ALA C 80 -11.17 6.27 -1.00
C ALA C 80 -11.86 7.40 -1.79
N ASP C 81 -11.25 7.88 -2.89
CA ASP C 81 -11.73 9.01 -3.69
C ASP C 81 -11.23 8.95 -5.15
N GLY C 82 -11.86 9.68 -6.06
CA GLY C 82 -11.46 9.83 -7.46
C GLY C 82 -10.05 10.39 -7.67
N ASN C 83 -9.65 11.40 -6.89
CA ASN C 83 -8.27 11.90 -6.91
C ASN C 83 -7.27 10.82 -6.45
N GLN C 84 -7.60 10.15 -5.34
CA GLN C 84 -6.74 9.16 -4.72
C GLN C 84 -6.52 7.92 -5.61
N ALA C 85 -7.56 7.46 -6.31
CA ALA C 85 -7.49 6.44 -7.36
C ALA C 85 -6.51 6.85 -8.48
N GLN C 86 -6.72 8.01 -9.09
CA GLN C 86 -5.84 8.54 -10.15
C GLN C 86 -4.39 8.76 -9.68
N LEU C 87 -4.16 9.16 -8.42
CA LEU C 87 -2.81 9.25 -7.84
C LEU C 87 -2.13 7.88 -7.71
N ALA C 88 -2.81 6.87 -7.17
CA ALA C 88 -2.30 5.50 -7.07
C ALA C 88 -1.91 4.93 -8.45
N MET C 89 -2.73 5.17 -9.48
CA MET C 89 -2.40 4.88 -10.88
C MET C 89 -1.08 5.55 -11.32
N SER C 90 -0.89 6.85 -11.04
CA SER C 90 0.35 7.57 -11.40
C SER C 90 1.61 6.96 -10.75
N HIS C 91 1.51 6.51 -9.49
CA HIS C 91 2.61 5.84 -8.80
C HIS C 91 2.86 4.38 -9.25
N LEU C 92 1.84 3.63 -9.70
CA LEU C 92 1.90 2.17 -9.85
C LEU C 92 1.76 1.63 -11.28
N ASN C 93 1.30 2.40 -12.26
CA ASN C 93 1.21 1.94 -13.65
C ASN C 93 2.62 1.58 -14.19
N GLY C 94 2.86 0.29 -14.45
CA GLY C 94 4.15 -0.28 -14.87
C GLY C 94 5.18 -0.50 -13.75
N HIS C 95 4.84 -0.24 -12.48
CA HIS C 95 5.77 -0.32 -11.35
C HIS C 95 6.19 -1.75 -10.99
N LYS C 96 7.44 -1.93 -10.53
CA LYS C 96 8.04 -3.23 -10.21
C LYS C 96 7.72 -3.68 -8.77
N LEU C 97 6.72 -4.55 -8.63
CA LEU C 97 6.51 -5.41 -7.44
C LEU C 97 6.55 -6.92 -7.80
N HIS C 98 6.31 -7.23 -9.06
CA HIS C 98 6.98 -8.25 -9.85
C HIS C 98 7.35 -7.65 -11.21
N GLY C 99 8.12 -8.37 -12.04
CA GLY C 99 8.82 -7.82 -13.23
C GLY C 99 7.94 -7.45 -14.43
N LYS C 100 6.63 -7.71 -14.38
CA LYS C 100 5.67 -7.44 -15.47
C LYS C 100 5.14 -5.98 -15.46
N PRO C 101 4.73 -5.41 -16.61
CA PRO C 101 4.15 -4.06 -16.68
C PRO C 101 2.70 -4.05 -16.16
N ILE C 102 2.53 -3.71 -14.87
CA ILE C 102 1.22 -3.63 -14.20
C ILE C 102 0.32 -2.58 -14.88
N ARG C 103 -0.70 -3.03 -15.62
CA ARG C 103 -1.63 -2.16 -16.36
C ARG C 103 -2.69 -1.61 -15.39
N ILE C 104 -2.79 -0.29 -15.25
CA ILE C 104 -3.73 0.37 -14.33
C ILE C 104 -4.47 1.48 -15.07
N THR C 105 -5.80 1.38 -15.13
CA THR C 105 -6.66 2.21 -15.98
C THR C 105 -7.86 2.76 -15.22
N LEU C 106 -8.34 3.93 -15.63
CA LEU C 106 -9.58 4.54 -15.16
C LEU C 106 -10.79 3.76 -15.68
N SER C 107 -11.43 3.02 -14.78
CA SER C 107 -12.64 2.24 -15.05
C SER C 107 -13.86 3.04 -15.53
N LYS C 108 -14.90 2.30 -15.94
CA LYS C 108 -16.28 2.77 -16.19
C LYS C 108 -17.26 2.47 -15.02
N HIS C 109 -16.74 2.01 -13.88
CA HIS C 109 -17.49 1.58 -12.69
C HIS C 109 -17.46 2.62 -11.55
N GLN C 110 -18.10 2.31 -10.42
CA GLN C 110 -18.12 3.12 -9.20
C GLN C 110 -18.15 2.27 -7.92
N ASN C 111 -18.78 1.09 -7.98
CA ASN C 111 -18.92 0.13 -6.88
C ASN C 111 -18.71 -1.32 -7.36
N VAL C 112 -18.56 -2.24 -6.41
CA VAL C 112 -18.46 -3.69 -6.65
C VAL C 112 -19.32 -4.52 -5.70
N GLN C 113 -19.64 -5.75 -6.12
CA GLN C 113 -20.27 -6.78 -5.30
C GLN C 113 -19.39 -7.24 -4.14
N LEU C 114 -20.00 -7.98 -3.20
CA LEU C 114 -19.36 -8.69 -2.09
C LEU C 114 -19.66 -10.21 -2.17
N PRO C 115 -18.99 -11.06 -1.38
CA PRO C 115 -19.24 -12.51 -1.37
C PRO C 115 -20.56 -12.85 -0.63
N ARG C 116 -20.94 -14.15 -0.68
CA ARG C 116 -22.25 -14.69 -0.26
C ARG C 116 -22.71 -14.24 1.13
N GLU C 117 -22.17 -14.83 2.19
CA GLU C 117 -22.31 -14.42 3.60
C GLU C 117 -21.21 -15.06 4.47
N GLY C 118 -21.24 -16.39 4.60
CA GLY C 118 -20.27 -17.19 5.37
C GLY C 118 -19.03 -17.66 4.59
N GLN C 119 -18.84 -17.16 3.36
CA GLN C 119 -17.70 -17.42 2.49
C GLN C 119 -16.37 -17.03 3.17
N GLU C 120 -15.34 -17.88 3.02
CA GLU C 120 -13.99 -17.67 3.55
C GLU C 120 -13.28 -16.49 2.84
N ASP C 121 -13.37 -16.45 1.51
CA ASP C 121 -12.87 -15.43 0.55
C ASP C 121 -11.34 -15.21 0.51
N GLN C 122 -10.69 -15.06 1.66
CA GLN C 122 -9.27 -14.79 1.92
C GLN C 122 -8.65 -13.51 1.30
N GLY C 123 -9.23 -12.96 0.23
CA GLY C 123 -8.72 -11.80 -0.52
C GLY C 123 -9.40 -11.55 -1.86
N LEU C 124 -10.15 -12.52 -2.41
CA LEU C 124 -10.78 -12.46 -3.72
C LEU C 124 -11.82 -11.33 -3.85
N THR C 125 -12.60 -11.02 -2.81
CA THR C 125 -13.73 -10.06 -2.81
C THR C 125 -13.73 -9.17 -1.54
N LYS C 126 -12.58 -9.08 -0.86
CA LYS C 126 -12.36 -8.47 0.46
C LYS C 126 -12.86 -7.03 0.61
N ASP C 127 -13.77 -6.81 1.55
CA ASP C 127 -14.21 -5.50 2.02
C ASP C 127 -13.24 -4.94 3.10
N TYR C 128 -12.15 -4.32 2.64
CA TYR C 128 -11.08 -3.75 3.47
C TYR C 128 -11.49 -2.55 4.34
N GLY C 129 -12.70 -2.00 4.18
CA GLY C 129 -13.19 -0.80 4.88
C GLY C 129 -13.27 -0.88 6.41
N ASN C 130 -13.10 -2.07 7.01
CA ASN C 130 -13.03 -2.30 8.46
C ASN C 130 -11.70 -2.97 8.91
N SER C 131 -10.72 -3.10 8.01
CA SER C 131 -9.41 -3.74 8.29
C SER C 131 -8.57 -2.96 9.32
N PRO C 132 -7.84 -3.64 10.23
CA PRO C 132 -6.77 -3.02 11.03
C PRO C 132 -5.64 -2.40 10.20
N LEU C 133 -5.39 -2.88 8.98
CA LEU C 133 -4.29 -2.45 8.11
C LEU C 133 -4.65 -1.20 7.26
N HIS C 134 -5.95 -1.00 6.97
CA HIS C 134 -6.49 0.29 6.52
C HIS C 134 -6.20 1.43 7.52
N ARG C 135 -5.86 2.63 7.04
CA ARG C 135 -5.42 3.77 7.87
C ARG C 135 -6.16 5.08 7.57
N PHE C 136 -6.52 5.37 6.32
CA PHE C 136 -7.03 6.68 5.89
C PHE C 136 -8.53 6.86 6.22
N LYS C 137 -8.91 6.79 7.51
CA LYS C 137 -10.28 7.05 8.01
C LYS C 137 -10.68 8.52 8.02
N LYS C 138 -9.71 9.46 8.03
CA LYS C 138 -9.94 10.91 8.23
C LYS C 138 -9.50 11.74 7.01
N PRO C 139 -10.22 12.83 6.67
CA PRO C 139 -9.84 13.78 5.62
C PRO C 139 -8.87 14.89 6.11
N GLY C 140 -8.45 14.87 7.38
CA GLY C 140 -7.82 15.98 8.11
C GLY C 140 -6.40 16.41 7.68
N SER C 141 -5.86 15.84 6.60
CA SER C 141 -4.58 16.13 5.92
C SER C 141 -3.29 15.88 6.72
N LYS C 142 -3.33 15.99 8.06
CA LYS C 142 -2.25 15.63 8.99
C LYS C 142 -1.86 14.15 8.91
N ASN C 143 -2.79 13.29 8.47
CA ASN C 143 -2.58 11.88 8.17
C ASN C 143 -2.11 11.59 6.72
N PHE C 144 -2.23 12.56 5.79
CA PHE C 144 -1.80 12.44 4.38
C PHE C 144 -0.43 13.07 4.09
N GLN C 145 0.00 14.07 4.87
CA GLN C 145 1.27 14.80 4.68
C GLN C 145 2.54 13.93 4.82
N ASN C 146 2.41 12.67 5.26
CA ASN C 146 3.50 11.68 5.32
C ASN C 146 3.68 10.85 4.02
N ILE C 147 2.84 11.02 3.00
CA ILE C 147 2.90 10.29 1.73
C ILE C 147 4.06 10.81 0.88
N PHE C 148 5.10 9.99 0.72
CA PHE C 148 6.25 10.25 -0.17
C PHE C 148 6.31 9.20 -1.31
N PRO C 149 6.85 9.55 -2.50
CA PRO C 149 7.01 8.59 -3.60
C PRO C 149 8.10 7.55 -3.28
N PRO C 150 8.16 6.43 -4.04
CA PRO C 150 9.22 5.44 -3.92
C PRO C 150 10.63 6.07 -3.89
N SER C 151 11.35 5.80 -2.80
CA SER C 151 12.70 6.31 -2.54
C SER C 151 13.58 5.21 -1.94
N ALA C 152 14.90 5.33 -2.14
CA ALA C 152 15.91 4.55 -1.43
C ALA C 152 15.98 4.88 0.07
N THR C 153 15.28 5.92 0.55
CA THR C 153 15.29 6.38 1.94
C THR C 153 13.93 6.24 2.60
N LEU C 154 13.90 5.52 3.72
CA LEU C 154 12.71 5.21 4.50
C LEU C 154 12.68 5.95 5.84
N HIS C 155 11.48 5.98 6.41
CA HIS C 155 11.00 6.59 7.64
C HIS C 155 10.05 5.60 8.31
N LEU C 156 10.32 5.24 9.56
CA LEU C 156 9.73 4.07 10.21
C LEU C 156 9.15 4.44 11.58
N SER C 157 7.93 3.97 11.88
CA SER C 157 7.18 4.33 13.10
C SER C 157 6.53 3.14 13.82
N ASN C 158 6.15 3.38 15.08
CA ASN C 158 5.41 2.47 15.98
C ASN C 158 6.24 1.23 16.37
N ILE C 159 7.56 1.43 16.40
CA ILE C 159 8.61 0.50 16.85
C ILE C 159 8.52 0.33 18.39
N PRO C 160 8.22 -0.88 18.93
CA PRO C 160 8.27 -1.10 20.37
C PRO C 160 9.73 -1.11 20.90
N PRO C 161 9.98 -0.80 22.19
CA PRO C 161 11.32 -0.77 22.78
C PRO C 161 12.15 -2.06 22.67
N SER C 162 11.50 -3.21 22.48
CA SER C 162 12.12 -4.53 22.38
C SER C 162 12.96 -4.75 21.11
N VAL C 163 12.50 -4.25 19.96
CA VAL C 163 13.13 -4.44 18.64
C VAL C 163 14.38 -3.57 18.51
N SER C 164 15.56 -4.21 18.54
CA SER C 164 16.87 -3.56 18.54
C SER C 164 17.32 -3.09 17.14
N GLU C 165 18.49 -2.45 17.09
CA GLU C 165 19.18 -2.09 15.84
C GLU C 165 19.44 -3.33 14.97
N GLU C 166 19.99 -4.40 15.56
CA GLU C 166 20.26 -5.63 14.82
C GLU C 166 18.97 -6.20 14.21
N ASP C 167 17.86 -6.18 14.94
CA ASP C 167 16.57 -6.66 14.45
C ASP C 167 16.12 -5.87 13.21
N LEU C 168 15.96 -4.53 13.31
CA LEU C 168 15.57 -3.72 12.15
C LEU C 168 16.52 -3.85 10.95
N LYS C 169 17.84 -3.92 11.16
CA LYS C 169 18.78 -4.15 10.06
C LYS C 169 18.57 -5.49 9.37
N VAL C 170 18.33 -6.57 10.11
CA VAL C 170 18.18 -7.92 9.54
C VAL C 170 16.83 -8.05 8.83
N LEU C 171 15.78 -7.41 9.38
CA LEU C 171 14.48 -7.23 8.73
C LEU C 171 14.62 -6.67 7.32
N PHE C 172 15.18 -5.46 7.19
CA PHE C 172 15.36 -4.81 5.89
C PHE C 172 16.42 -5.53 5.04
N SER C 173 17.46 -6.10 5.67
CA SER C 173 18.47 -6.93 4.98
C SER C 173 17.90 -8.18 4.31
N SER C 174 16.88 -8.81 4.92
CA SER C 174 16.18 -9.99 4.36
C SER C 174 15.67 -9.82 2.91
N ASN C 175 15.43 -8.59 2.44
CA ASN C 175 15.00 -8.29 1.07
C ASN C 175 16.13 -8.36 0.00
N GLY C 176 17.39 -8.49 0.41
CA GLY C 176 18.58 -8.47 -0.45
C GLY C 176 19.76 -7.91 0.34
N GLY C 177 19.69 -6.62 0.69
CA GLY C 177 20.23 -6.07 1.92
C GLY C 177 21.33 -5.03 1.75
N VAL C 178 21.15 -4.13 0.77
CA VAL C 178 21.98 -2.93 0.55
C VAL C 178 21.57 -1.82 1.53
N VAL C 179 21.38 -2.16 2.81
CA VAL C 179 20.95 -1.24 3.88
C VAL C 179 22.11 -0.31 4.25
N LYS C 180 22.07 0.94 3.77
CA LYS C 180 22.94 2.05 4.26
C LYS C 180 22.68 2.33 5.75
N GLY C 181 21.42 2.20 6.16
CA GLY C 181 20.93 2.51 7.49
C GLY C 181 20.81 4.01 7.71
N PHE C 182 20.41 4.54 8.87
CA PHE C 182 19.76 4.05 10.10
C PHE C 182 20.03 5.04 11.23
N LYS C 183 19.01 5.82 11.60
CA LYS C 183 19.02 6.64 12.84
C LYS C 183 17.72 6.50 13.63
N PHE C 184 17.80 5.86 14.80
CA PHE C 184 16.73 5.86 15.81
C PHE C 184 16.43 7.28 16.31
N PHE C 185 15.16 7.67 16.27
CA PHE C 185 14.66 8.91 16.86
C PHE C 185 14.57 8.77 18.39
N GLN C 186 14.68 9.89 19.09
CA GLN C 186 14.95 9.96 20.54
C GLN C 186 13.88 10.73 21.33
N LYS C 187 13.25 11.77 20.75
CA LYS C 187 12.27 12.62 21.44
C LYS C 187 10.99 11.90 21.90
N ASP C 188 10.66 10.77 21.28
CA ASP C 188 9.59 9.84 21.71
C ASP C 188 9.95 8.34 21.63
N ARG C 189 11.14 8.01 21.10
CA ARG C 189 11.72 6.67 20.87
C ARG C 189 10.72 5.56 20.50
N LYS C 190 10.03 5.71 19.35
CA LYS C 190 9.28 4.64 18.66
C LYS C 190 9.36 4.84 17.13
N MET C 191 10.33 5.64 16.72
CA MET C 191 10.56 6.11 15.37
C MET C 191 12.04 6.01 14.99
N ALA C 192 12.27 6.08 13.69
CA ALA C 192 13.58 6.09 13.01
C ALA C 192 13.52 6.60 11.56
N LEU C 193 14.68 6.92 10.97
CA LEU C 193 14.93 6.72 9.53
C LEU C 193 15.79 5.48 9.29
N ILE C 194 15.73 4.94 8.06
CA ILE C 194 16.63 3.92 7.53
C ILE C 194 16.88 4.21 6.03
N GLN C 195 18.14 4.28 5.57
CA GLN C 195 18.46 4.32 4.15
C GLN C 195 18.85 2.95 3.55
N MET C 196 18.67 2.79 2.24
CA MET C 196 19.05 1.64 1.42
C MET C 196 19.76 2.11 0.13
N GLY C 197 20.27 1.18 -0.67
CA GLY C 197 20.99 1.44 -1.93
C GLY C 197 20.20 1.17 -3.21
N SER C 198 18.92 0.74 -3.11
CA SER C 198 18.04 0.46 -4.25
C SER C 198 16.58 0.78 -3.93
N VAL C 199 15.90 1.50 -4.84
CA VAL C 199 14.50 1.91 -4.70
C VAL C 199 13.56 0.71 -4.67
N GLU C 200 13.72 -0.27 -5.57
CA GLU C 200 12.86 -1.47 -5.56
C GLU C 200 13.03 -2.30 -4.27
N GLU C 201 14.25 -2.39 -3.73
CA GLU C 201 14.52 -3.09 -2.47
C GLU C 201 13.85 -2.38 -1.27
N ALA C 202 13.86 -1.05 -1.26
CA ALA C 202 13.13 -0.21 -0.31
C ALA C 202 11.60 -0.35 -0.43
N VAL C 203 11.04 -0.35 -1.64
CA VAL C 203 9.61 -0.64 -1.91
C VAL C 203 9.22 -2.02 -1.38
N GLN C 204 9.99 -3.07 -1.71
CA GLN C 204 9.64 -4.41 -1.28
C GLN C 204 9.89 -4.65 0.22
N ALA C 205 10.81 -3.91 0.85
CA ALA C 205 10.90 -3.84 2.31
C ALA C 205 9.65 -3.17 2.95
N LEU C 206 8.98 -2.24 2.26
CA LEU C 206 7.73 -1.62 2.72
C LEU C 206 6.58 -2.64 2.67
N ILE C 207 6.33 -3.28 1.53
CA ILE C 207 5.23 -4.27 1.42
C ILE C 207 5.47 -5.49 2.34
N ASP C 208 6.74 -5.83 2.65
CA ASP C 208 7.11 -6.83 3.64
C ASP C 208 6.78 -6.37 5.07
N LEU C 209 7.37 -5.28 5.54
CA LEU C 209 7.48 -4.95 6.96
C LEU C 209 6.46 -3.94 7.50
N HIS C 210 5.58 -3.32 6.70
CA HIS C 210 4.50 -2.41 7.13
C HIS C 210 3.44 -3.04 8.09
N ASN C 211 3.61 -4.30 8.51
CA ASN C 211 2.87 -4.92 9.62
C ASN C 211 3.73 -5.80 10.55
N HIS C 212 5.06 -5.65 10.51
CA HIS C 212 6.02 -6.41 11.33
C HIS C 212 6.26 -5.74 12.70
N ASP C 213 7.45 -5.83 13.29
CA ASP C 213 7.85 -5.65 14.71
C ASP C 213 7.09 -6.48 15.76
N LEU C 214 5.88 -6.92 15.45
CA LEU C 214 5.14 -8.05 16.03
C LEU C 214 5.03 -8.08 17.57
N GLY C 215 4.90 -6.90 18.19
CA GLY C 215 4.61 -6.70 19.61
C GLY C 215 3.15 -6.98 20.00
N GLU C 216 2.55 -8.03 19.42
CA GLU C 216 1.14 -8.46 19.33
C GLU C 216 0.07 -7.41 18.93
N ASN C 217 0.28 -6.12 19.24
CA ASN C 217 -0.52 -4.98 18.81
C ASN C 217 0.35 -3.72 18.57
N HIS C 218 1.69 -3.88 18.53
CA HIS C 218 2.68 -2.79 18.50
C HIS C 218 3.63 -3.05 17.33
N HIS C 219 3.24 -2.58 16.14
CA HIS C 219 3.72 -3.09 14.86
C HIS C 219 4.28 -1.97 13.96
N LEU C 220 5.31 -2.28 13.18
CA LEU C 220 6.01 -1.32 12.33
C LEU C 220 5.10 -0.70 11.25
N ARG C 221 5.12 0.62 11.08
CA ARG C 221 4.68 1.34 9.85
C ARG C 221 5.92 1.81 9.11
N VAL C 222 6.25 1.12 8.04
CA VAL C 222 7.24 1.54 7.04
C VAL C 222 6.65 2.63 6.13
N SER C 223 7.40 3.68 5.87
CA SER C 223 7.11 4.68 4.83
C SER C 223 8.40 5.19 4.18
N PHE C 224 8.26 5.80 3.03
CA PHE C 224 9.25 6.64 2.34
C PHE C 224 9.47 7.96 3.09
N SER C 225 10.72 8.43 3.15
CA SER C 225 11.10 9.63 3.90
C SER C 225 11.13 10.91 3.08
N LYS C 226 10.30 11.87 3.50
CA LYS C 226 10.55 13.33 3.55
C LYS C 226 12.04 13.77 3.42
N SER C 227 12.96 13.14 4.14
CA SER C 227 14.28 13.67 4.53
C SER C 227 15.41 12.64 4.33
N THR C 228 16.61 12.94 4.87
CA THR C 228 17.83 12.12 4.75
C THR C 228 18.49 11.84 6.11
N ILE C 229 19.43 10.88 6.12
CA ILE C 229 20.13 10.35 7.31
C ILE C 229 21.33 11.24 7.66
N GLY C 22 -22.34 26.25 -8.34
CA GLY C 22 -21.93 24.99 -7.69
C GLY C 22 -20.77 25.20 -6.74
N ARG C 23 -20.72 24.42 -5.64
CA ARG C 23 -19.67 24.51 -4.58
C ARG C 23 -18.26 24.19 -5.09
N ILE C 24 -18.15 23.27 -6.06
CA ILE C 24 -16.93 22.89 -6.80
C ILE C 24 -17.21 22.77 -8.30
N ALA C 25 -16.17 22.69 -9.12
CA ALA C 25 -16.22 22.61 -10.59
C ALA C 25 -15.46 21.41 -11.19
N ILE C 26 -14.82 20.57 -10.35
CA ILE C 26 -14.06 19.38 -10.78
C ILE C 26 -14.97 18.28 -11.38
N PRO C 27 -14.43 17.35 -12.20
CA PRO C 27 -15.15 16.16 -12.67
C PRO C 27 -15.63 15.22 -11.55
N GLY C 28 -14.90 15.18 -10.42
CA GLY C 28 -15.13 14.28 -9.27
C GLY C 28 -16.28 14.70 -8.35
N LEU C 29 -17.44 15.01 -8.92
CA LEU C 29 -18.67 15.37 -8.19
C LEU C 29 -19.23 14.20 -7.36
N ALA C 30 -19.99 14.52 -6.31
CA ALA C 30 -20.62 13.54 -5.42
C ALA C 30 -21.65 12.61 -6.12
N GLY C 31 -22.19 13.02 -7.26
CA GLY C 31 -23.06 12.21 -8.14
C GLY C 31 -22.32 11.13 -8.93
N ALA C 32 -20.98 11.10 -8.89
CA ALA C 32 -20.12 10.12 -9.53
C ALA C 32 -19.19 9.41 -8.52
N GLY C 33 -18.34 10.18 -7.82
CA GLY C 33 -17.44 9.77 -6.74
C GLY C 33 -16.28 8.82 -7.09
N ASN C 34 -16.41 8.01 -8.14
CA ASN C 34 -15.54 6.91 -8.59
C ASN C 34 -15.07 5.98 -7.46
N SER C 35 -13.97 6.34 -6.78
CA SER C 35 -13.34 5.61 -5.67
C SER C 35 -13.02 4.13 -5.97
N VAL C 36 -12.90 3.74 -7.24
CA VAL C 36 -12.40 2.42 -7.65
C VAL C 36 -11.21 2.53 -8.63
N LEU C 37 -10.47 1.43 -8.84
CA LEU C 37 -9.26 1.41 -9.65
C LEU C 37 -9.02 0.05 -10.34
N LEU C 38 -8.87 0.08 -11.68
CA LEU C 38 -8.71 -1.11 -12.52
C LEU C 38 -7.21 -1.46 -12.56
N VAL C 39 -6.85 -2.69 -12.20
CA VAL C 39 -5.47 -3.21 -12.32
C VAL C 39 -5.45 -4.38 -13.29
N SER C 40 -4.42 -4.46 -14.14
CA SER C 40 -4.19 -5.54 -15.11
C SER C 40 -2.71 -5.91 -15.22
N ASN C 41 -2.39 -6.99 -15.93
CA ASN C 41 -1.03 -7.53 -16.13
C ASN C 41 -0.29 -7.84 -14.81
N LEU C 42 -1.05 -8.02 -13.72
CA LEU C 42 -0.58 -8.09 -12.33
C LEU C 42 0.20 -9.37 -11.94
N ASN C 43 0.36 -10.32 -12.85
CA ASN C 43 1.08 -11.60 -12.71
C ASN C 43 0.49 -12.53 -11.62
N PRO C 44 -0.49 -13.38 -11.96
CA PRO C 44 -1.24 -14.15 -10.96
C PRO C 44 -0.42 -15.24 -10.24
N GLU C 45 0.76 -15.59 -10.77
CA GLU C 45 1.71 -16.50 -10.10
C GLU C 45 2.54 -15.82 -9.00
N ARG C 46 2.54 -14.48 -8.96
CA ARG C 46 3.41 -13.64 -8.09
C ARG C 46 2.65 -12.55 -7.31
N VAL C 47 1.39 -12.26 -7.65
CA VAL C 47 0.52 -11.32 -6.92
C VAL C 47 0.24 -11.81 -5.48
N THR C 48 0.05 -10.87 -4.55
CA THR C 48 -0.36 -11.13 -3.16
C THR C 48 -1.42 -10.11 -2.74
N PRO C 49 -2.69 -10.50 -2.51
CA PRO C 49 -3.78 -9.59 -2.15
C PRO C 49 -3.47 -8.64 -0.99
N GLN C 50 -2.93 -9.17 0.10
CA GLN C 50 -2.53 -8.39 1.29
C GLN C 50 -1.47 -7.33 0.95
N SER C 51 -0.49 -7.67 0.11
CA SER C 51 0.57 -6.76 -0.34
C SER C 51 0.03 -5.60 -1.17
N LEU C 52 -0.83 -5.85 -2.19
CA LEU C 52 -1.42 -4.76 -2.96
C LEU C 52 -2.41 -3.91 -2.14
N PHE C 53 -3.12 -4.50 -1.16
CA PHE C 53 -3.86 -3.76 -0.14
C PHE C 53 -2.93 -2.78 0.60
N ILE C 54 -1.82 -3.25 1.17
CA ILE C 54 -0.84 -2.42 1.89
C ILE C 54 -0.31 -1.30 0.99
N LEU C 55 0.21 -1.64 -0.20
CA LEU C 55 0.91 -0.76 -1.13
C LEU C 55 0.02 0.40 -1.62
N PHE C 56 -1.05 0.08 -2.38
CA PHE C 56 -2.08 1.07 -2.73
C PHE C 56 -2.71 1.70 -1.46
N GLY C 57 -2.68 0.99 -0.32
CA GLY C 57 -3.03 1.46 1.02
C GLY C 57 -2.18 2.61 1.56
N VAL C 58 -0.92 2.73 1.12
CA VAL C 58 -0.04 3.89 1.40
C VAL C 58 -0.50 5.03 0.50
N TYR C 59 -0.61 4.73 -0.79
CA TYR C 59 -0.80 5.75 -1.82
C TYR C 59 -2.17 6.42 -1.88
N GLY C 60 -3.23 5.63 -1.75
CA GLY C 60 -4.62 6.07 -1.91
C GLY C 60 -5.62 5.33 -1.02
N ASP C 61 -5.11 4.55 -0.06
CA ASP C 61 -5.87 3.90 1.02
C ASP C 61 -7.01 2.99 0.53
N VAL C 62 -6.67 1.76 0.11
CA VAL C 62 -7.65 0.72 -0.29
C VAL C 62 -8.58 0.36 0.87
N GLN C 63 -9.88 0.54 0.67
CA GLN C 63 -10.97 0.09 1.55
C GLN C 63 -11.34 -1.39 1.32
N ARG C 64 -11.47 -1.84 0.05
CA ARG C 64 -11.76 -3.24 -0.34
C ARG C 64 -11.06 -3.67 -1.65
N VAL C 65 -10.96 -4.98 -1.88
CA VAL C 65 -10.28 -5.59 -3.04
C VAL C 65 -11.19 -6.63 -3.72
N LYS C 66 -11.23 -6.64 -5.06
CA LYS C 66 -11.68 -7.77 -5.88
C LYS C 66 -10.65 -8.07 -6.98
N ILE C 67 -9.78 -9.04 -6.73
CA ILE C 67 -8.96 -9.68 -7.77
C ILE C 67 -9.82 -10.75 -8.46
N LEU C 68 -9.58 -11.02 -9.74
CA LEU C 68 -10.29 -12.03 -10.55
C LEU C 68 -9.30 -12.93 -11.31
N PHE C 69 -9.81 -14.05 -11.83
CA PHE C 69 -9.07 -15.21 -12.34
C PHE C 69 -7.93 -14.95 -13.35
N ASN C 70 -6.98 -15.88 -13.36
CA ASN C 70 -5.75 -15.87 -14.17
C ASN C 70 -5.98 -15.87 -15.69
N LYS C 71 -7.18 -16.22 -16.17
CA LYS C 71 -7.60 -16.07 -17.59
C LYS C 71 -7.57 -14.60 -18.06
N LYS C 72 -7.74 -13.65 -17.15
CA LYS C 72 -7.69 -12.19 -17.41
C LYS C 72 -6.53 -11.48 -16.70
N GLU C 73 -6.05 -12.03 -15.57
CA GLU C 73 -5.12 -11.41 -14.62
C GLU C 73 -5.42 -9.93 -14.32
N ASN C 74 -6.57 -9.73 -13.66
CA ASN C 74 -7.12 -8.42 -13.35
C ASN C 74 -7.48 -8.26 -11.87
N ALA C 75 -7.58 -7.01 -11.42
CA ALA C 75 -8.30 -6.61 -10.23
C ALA C 75 -9.11 -5.34 -10.48
N LEU C 76 -10.11 -5.12 -9.66
CA LEU C 76 -11.04 -3.99 -9.61
C LEU C 76 -11.18 -3.70 -8.11
N VAL C 77 -10.56 -2.61 -7.70
CA VAL C 77 -10.18 -2.30 -6.32
C VAL C 77 -10.97 -1.08 -5.84
N GLN C 78 -11.19 -0.93 -4.54
CA GLN C 78 -11.99 0.14 -3.94
C GLN C 78 -11.14 0.99 -3.01
N MET C 79 -10.79 2.19 -3.46
CA MET C 79 -9.95 3.21 -2.83
C MET C 79 -10.74 4.14 -1.88
N ALA C 80 -10.06 5.02 -1.14
CA ALA C 80 -10.71 5.99 -0.24
C ALA C 80 -11.40 7.17 -0.97
N ASP C 81 -10.95 7.53 -2.18
CA ASP C 81 -11.52 8.60 -3.02
C ASP C 81 -11.14 8.40 -4.50
N GLY C 82 -11.90 8.98 -5.44
CA GLY C 82 -11.56 9.01 -6.86
C GLY C 82 -10.26 9.78 -7.18
N ASN C 83 -9.95 10.87 -6.46
CA ASN C 83 -8.69 11.59 -6.64
C ASN C 83 -7.49 10.81 -6.08
N GLN C 84 -7.67 10.10 -4.95
CA GLN C 84 -6.67 9.21 -4.36
C GLN C 84 -6.42 7.96 -5.23
N ALA C 85 -7.47 7.43 -5.88
CA ALA C 85 -7.36 6.40 -6.91
C ALA C 85 -6.46 6.85 -8.08
N GLN C 86 -6.70 8.07 -8.59
CA GLN C 86 -5.84 8.71 -9.62
C GLN C 86 -4.41 9.01 -9.13
N LEU C 87 -4.21 9.36 -7.87
CA LEU C 87 -2.87 9.55 -7.28
C LEU C 87 -2.07 8.24 -7.24
N ALA C 88 -2.68 7.16 -6.77
CA ALA C 88 -2.09 5.82 -6.81
C ALA C 88 -1.73 5.39 -8.24
N MET C 89 -2.62 5.62 -9.21
CA MET C 89 -2.32 5.46 -10.64
C MET C 89 -1.08 6.25 -11.08
N SER C 90 -0.98 7.53 -10.68
CA SER C 90 0.15 8.41 -11.04
C SER C 90 1.49 7.88 -10.51
N HIS C 91 1.53 7.43 -9.25
CA HIS C 91 2.73 6.86 -8.63
C HIS C 91 3.13 5.47 -9.17
N LEU C 92 2.18 4.64 -9.63
CA LEU C 92 2.38 3.19 -9.79
C LEU C 92 2.26 2.64 -11.22
N ASN C 93 1.68 3.35 -12.19
CA ASN C 93 1.50 2.88 -13.56
C ASN C 93 2.83 2.37 -14.19
N GLY C 94 2.94 1.05 -14.40
CA GLY C 94 4.11 0.39 -14.98
C GLY C 94 5.25 0.09 -14.00
N HIS C 95 5.03 0.28 -12.69
CA HIS C 95 5.93 -0.21 -11.63
C HIS C 95 6.06 -1.73 -11.72
N LYS C 96 7.17 -2.29 -11.21
CA LYS C 96 7.51 -3.71 -11.32
C LYS C 96 7.48 -4.41 -9.96
N LEU C 97 6.27 -4.56 -9.41
CA LEU C 97 6.02 -5.21 -8.12
C LEU C 97 6.25 -6.72 -8.19
N HIS C 98 5.54 -7.37 -9.11
CA HIS C 98 5.42 -8.83 -9.20
C HIS C 98 6.23 -9.41 -10.39
N GLY C 99 7.23 -8.65 -10.87
CA GLY C 99 8.10 -8.96 -12.03
C GLY C 99 7.66 -8.26 -13.32
N LYS C 100 6.34 -8.19 -13.58
CA LYS C 100 5.75 -7.49 -14.74
C LYS C 100 5.55 -6.00 -14.46
N PRO C 101 5.56 -5.12 -15.48
CA PRO C 101 5.06 -3.75 -15.36
C PRO C 101 3.53 -3.76 -15.18
N ILE C 102 3.03 -3.33 -14.03
CA ILE C 102 1.59 -3.33 -13.72
C ILE C 102 0.83 -2.32 -14.60
N ARG C 103 -0.19 -2.76 -15.33
CA ARG C 103 -1.14 -1.88 -16.04
C ARG C 103 -2.18 -1.35 -15.05
N ILE C 104 -2.33 -0.03 -14.94
CA ILE C 104 -3.13 0.63 -13.88
C ILE C 104 -3.93 1.76 -14.50
N THR C 105 -5.27 1.64 -14.51
CA THR C 105 -6.20 2.51 -15.25
C THR C 105 -7.38 2.97 -14.38
N LEU C 106 -7.94 4.15 -14.65
CA LEU C 106 -9.15 4.65 -13.98
C LEU C 106 -10.38 3.78 -14.28
N SER C 107 -10.90 3.09 -13.26
CA SER C 107 -12.17 2.37 -13.33
C SER C 107 -13.39 3.21 -13.73
N LYS C 108 -14.41 2.52 -14.24
CA LYS C 108 -15.75 3.05 -14.59
C LYS C 108 -16.90 2.35 -13.80
N HIS C 109 -16.63 2.07 -12.52
CA HIS C 109 -17.53 1.38 -11.58
C HIS C 109 -17.73 2.20 -10.28
N GLN C 110 -18.41 1.61 -9.29
CA GLN C 110 -18.45 2.02 -7.88
C GLN C 110 -18.58 0.77 -6.99
N ASN C 111 -17.79 0.71 -5.90
CA ASN C 111 -17.65 -0.42 -4.96
C ASN C 111 -17.50 -1.83 -5.61
N VAL C 112 -17.49 -2.89 -4.78
CA VAL C 112 -17.31 -4.29 -5.23
C VAL C 112 -18.32 -5.28 -4.64
N GLN C 113 -18.51 -6.40 -5.34
CA GLN C 113 -19.63 -7.32 -5.14
C GLN C 113 -19.56 -8.18 -3.86
N LEU C 114 -18.35 -8.44 -3.34
CA LEU C 114 -18.03 -9.46 -2.32
C LEU C 114 -18.35 -10.92 -2.76
N PRO C 115 -17.87 -11.96 -2.03
CA PRO C 115 -18.10 -13.36 -2.38
C PRO C 115 -19.51 -13.81 -1.95
N ARG C 116 -20.50 -13.36 -2.75
CA ARG C 116 -21.94 -13.19 -2.45
C ARG C 116 -22.18 -12.36 -1.19
N GLU C 117 -21.94 -12.93 -0.02
CA GLU C 117 -22.02 -12.29 1.29
C GLU C 117 -20.85 -12.69 2.23
N GLY C 118 -20.35 -13.92 2.11
CA GLY C 118 -19.32 -14.47 2.99
C GLY C 118 -18.90 -15.92 2.66
N GLN C 119 -18.97 -16.35 1.39
CA GLN C 119 -18.42 -17.65 0.97
C GLN C 119 -16.89 -17.72 1.19
N GLU C 120 -16.34 -18.94 1.20
CA GLU C 120 -14.90 -19.21 1.43
C GLU C 120 -14.03 -18.86 0.21
N ASP C 121 -13.88 -17.57 -0.05
CA ASP C 121 -12.92 -16.97 -0.98
C ASP C 121 -11.48 -17.08 -0.41
N GLN C 122 -10.51 -17.40 -1.27
CA GLN C 122 -9.10 -17.64 -0.91
C GLN C 122 -8.30 -16.35 -0.59
N GLY C 123 -8.91 -15.16 -0.76
CA GLY C 123 -8.33 -13.84 -0.50
C GLY C 123 -8.35 -12.88 -1.71
N LEU C 124 -8.91 -13.31 -2.84
CA LEU C 124 -9.07 -12.52 -4.05
C LEU C 124 -10.11 -11.41 -3.84
N THR C 125 -11.24 -11.74 -3.20
CA THR C 125 -12.28 -10.76 -2.84
C THR C 125 -12.10 -10.26 -1.40
N LYS C 126 -10.88 -9.80 -1.06
CA LYS C 126 -10.46 -9.33 0.26
C LYS C 126 -11.37 -8.23 0.84
N ASP C 127 -12.09 -8.59 1.89
CA ASP C 127 -12.92 -7.74 2.74
C ASP C 127 -12.35 -7.71 4.17
N TYR C 128 -11.76 -6.57 4.51
CA TYR C 128 -11.11 -6.25 5.79
C TYR C 128 -11.64 -4.92 6.38
N GLY C 129 -12.79 -4.47 5.85
CA GLY C 129 -13.53 -3.21 6.08
C GLY C 129 -12.95 -2.22 7.11
N ASN C 130 -13.12 -2.50 8.39
CA ASN C 130 -12.83 -1.58 9.50
C ASN C 130 -11.32 -1.33 9.79
N SER C 131 -10.39 -1.95 9.04
CA SER C 131 -8.94 -1.69 9.14
C SER C 131 -8.35 -1.19 7.81
N PRO C 132 -8.74 0.00 7.31
CA PRO C 132 -8.09 0.65 6.17
C PRO C 132 -6.70 1.13 6.61
N LEU C 133 -5.69 0.27 6.42
CA LEU C 133 -4.35 0.32 7.03
C LEU C 133 -4.39 0.63 8.54
N HIS C 134 -5.38 0.01 9.16
CA HIS C 134 -5.81 -0.07 10.56
C HIS C 134 -5.95 1.26 11.36
N ARG C 135 -5.36 2.37 10.93
CA ARG C 135 -5.41 3.70 11.60
C ARG C 135 -5.62 4.89 10.65
N PHE C 136 -5.33 4.75 9.35
CA PHE C 136 -5.57 5.80 8.34
C PHE C 136 -7.08 6.13 8.25
N LYS C 137 -7.41 7.35 7.80
CA LYS C 137 -8.80 7.81 7.63
C LYS C 137 -8.94 8.82 6.50
N LYS C 138 -10.13 8.91 5.90
CA LYS C 138 -10.53 9.92 4.90
C LYS C 138 -10.68 11.31 5.57
N PRO C 139 -10.29 12.42 4.91
CA PRO C 139 -9.51 12.51 3.66
C PRO C 139 -7.98 12.34 3.87
N GLY C 140 -7.52 12.37 5.11
CA GLY C 140 -6.11 12.31 5.54
C GLY C 140 -5.91 13.02 6.89
N SER C 141 -4.67 13.18 7.33
CA SER C 141 -4.28 14.03 8.47
C SER C 141 -4.42 15.53 8.12
N LYS C 142 -5.68 15.98 7.95
CA LYS C 142 -6.19 17.12 7.14
C LYS C 142 -6.03 16.88 5.63
N ASN C 143 -4.82 16.53 5.21
CA ASN C 143 -4.49 15.81 3.96
C ASN C 143 -3.36 14.81 4.28
N PHE C 144 -3.01 13.88 3.40
CA PHE C 144 -1.94 12.88 3.64
C PHE C 144 -0.51 13.49 3.58
N GLN C 145 -0.19 14.31 4.58
CA GLN C 145 1.02 15.11 4.75
C GLN C 145 2.29 14.29 5.07
N ASN C 146 2.13 13.02 5.45
CA ASN C 146 3.21 12.08 5.79
C ASN C 146 3.46 10.98 4.74
N ILE C 147 2.74 10.99 3.60
CA ILE C 147 2.88 10.00 2.52
C ILE C 147 3.85 10.51 1.45
N PHE C 148 4.84 9.70 1.07
CA PHE C 148 5.94 10.05 0.15
C PHE C 148 6.05 9.07 -1.03
N PRO C 149 6.61 9.48 -2.19
CA PRO C 149 6.77 8.62 -3.37
C PRO C 149 7.80 7.51 -3.13
N PRO C 150 7.77 6.41 -3.92
CA PRO C 150 8.66 5.26 -3.71
C PRO C 150 10.12 5.66 -3.95
N SER C 151 10.91 5.61 -2.87
CA SER C 151 12.29 6.13 -2.79
C SER C 151 13.21 5.13 -2.09
N ALA C 152 14.53 5.26 -2.29
CA ALA C 152 15.53 4.44 -1.61
C ALA C 152 15.70 4.77 -0.11
N THR C 153 15.09 5.86 0.38
CA THR C 153 15.18 6.33 1.77
C THR C 153 13.82 6.29 2.47
N LEU C 154 13.80 5.71 3.67
CA LEU C 154 12.65 5.28 4.46
C LEU C 154 12.57 6.01 5.81
N HIS C 155 11.37 5.95 6.37
CA HIS C 155 10.89 6.48 7.64
C HIS C 155 9.97 5.44 8.27
N LEU C 156 10.29 5.01 9.48
CA LEU C 156 9.71 3.82 10.08
C LEU C 156 9.09 4.17 11.43
N SER C 157 7.85 3.73 11.66
CA SER C 157 6.96 4.33 12.66
C SER C 157 6.34 3.30 13.60
N ASN C 158 5.94 3.75 14.80
CA ASN C 158 5.17 3.02 15.81
C ASN C 158 6.03 1.97 16.56
N ILE C 159 7.35 2.10 16.46
CA ILE C 159 8.40 1.17 16.86
C ILE C 159 8.56 1.14 18.39
N PRO C 160 8.31 -0.01 19.08
CA PRO C 160 8.67 -0.20 20.48
C PRO C 160 10.19 -0.48 20.64
N PRO C 161 10.76 -0.29 21.85
CA PRO C 161 12.21 -0.49 22.09
C PRO C 161 12.67 -1.96 22.11
N SER C 162 11.75 -2.92 22.04
CA SER C 162 12.02 -4.37 22.04
C SER C 162 12.75 -4.90 20.80
N VAL C 163 12.79 -4.13 19.71
CA VAL C 163 13.57 -4.42 18.48
C VAL C 163 14.72 -3.41 18.32
N SER C 164 15.94 -3.90 18.44
CA SER C 164 17.17 -3.10 18.37
C SER C 164 17.47 -2.59 16.94
N GLU C 165 18.47 -1.70 16.83
CA GLU C 165 19.07 -1.26 15.56
C GLU C 165 19.49 -2.48 14.71
N GLU C 166 20.18 -3.44 15.33
CA GLU C 166 20.59 -4.69 14.69
C GLU C 166 19.38 -5.52 14.21
N ASP C 167 18.32 -5.64 15.01
CA ASP C 167 17.11 -6.39 14.63
C ASP C 167 16.40 -5.80 13.40
N LEU C 168 16.23 -4.48 13.39
CA LEU C 168 15.68 -3.74 12.26
C LEU C 168 16.52 -3.91 10.98
N LYS C 169 17.85 -4.05 11.09
CA LYS C 169 18.68 -4.42 9.93
C LYS C 169 18.41 -5.83 9.41
N VAL C 170 18.07 -6.82 10.26
CA VAL C 170 17.76 -8.17 9.78
C VAL C 170 16.44 -8.14 9.00
N LEU C 171 15.44 -7.45 9.55
CA LEU C 171 14.15 -7.20 8.91
C LEU C 171 14.31 -6.67 7.48
N PHE C 172 14.98 -5.53 7.32
CA PHE C 172 15.16 -4.91 6.02
C PHE C 172 16.13 -5.70 5.12
N SER C 173 17.17 -6.36 5.69
CA SER C 173 18.10 -7.21 4.92
C SER C 173 17.47 -8.52 4.41
N SER C 174 16.42 -9.03 5.07
CA SER C 174 15.77 -10.32 4.72
C SER C 174 15.23 -10.45 3.29
N ASN C 175 15.09 -9.35 2.53
CA ASN C 175 14.69 -9.39 1.13
C ASN C 175 15.82 -9.83 0.16
N GLY C 176 17.07 -9.80 0.60
CA GLY C 176 18.28 -10.13 -0.16
C GLY C 176 19.41 -9.15 0.15
N GLY C 177 19.27 -7.91 -0.33
CA GLY C 177 19.97 -6.72 0.12
C GLY C 177 19.04 -5.82 0.95
N VAL C 178 19.43 -4.60 1.32
CA VAL C 178 20.73 -3.90 1.19
C VAL C 178 20.65 -2.66 2.08
N VAL C 179 20.83 -2.86 3.39
CA VAL C 179 20.53 -1.83 4.40
C VAL C 179 21.68 -0.84 4.54
N LYS C 180 21.58 0.33 3.89
CA LYS C 180 22.44 1.50 4.21
C LYS C 180 22.20 1.95 5.66
N GLY C 181 20.94 1.95 6.08
CA GLY C 181 20.53 2.36 7.43
C GLY C 181 20.63 3.87 7.59
N PHE C 182 20.61 4.44 8.79
CA PHE C 182 19.94 4.06 10.05
C PHE C 182 20.14 5.15 11.12
N LYS C 183 19.05 5.62 11.73
CA LYS C 183 19.00 6.18 13.10
C LYS C 183 17.71 5.74 13.81
N PHE C 184 17.72 5.70 15.13
CA PHE C 184 16.51 5.84 15.93
C PHE C 184 16.17 7.33 16.11
N PHE C 185 14.88 7.65 16.23
CA PHE C 185 14.38 9.01 16.44
C PHE C 185 14.48 9.42 17.93
N GLN C 186 15.68 9.47 18.49
CA GLN C 186 15.91 9.73 19.92
C GLN C 186 15.34 11.07 20.43
N LYS C 187 15.13 12.06 19.54
CA LYS C 187 14.40 13.31 19.82
C LYS C 187 12.92 13.09 20.21
N ASP C 188 12.26 12.10 19.62
CA ASP C 188 10.88 11.68 19.90
C ASP C 188 10.70 10.17 19.64
N ARG C 189 11.15 9.36 20.60
CA ARG C 189 11.46 7.92 20.46
C ARG C 189 10.23 6.99 20.31
N LYS C 190 9.69 6.87 19.09
CA LYS C 190 8.75 5.81 18.66
C LYS C 190 8.88 5.52 17.16
N MET C 191 9.98 5.99 16.56
CA MET C 191 10.27 5.98 15.14
C MET C 191 11.77 5.71 14.89
N ALA C 192 12.10 5.61 13.61
CA ALA C 192 13.44 5.48 13.02
C ALA C 192 13.49 6.07 11.59
N LEU C 193 14.70 6.27 11.07
CA LEU C 193 15.04 6.74 9.72
C LEU C 193 16.06 5.76 9.13
N ILE C 194 15.77 5.15 7.98
CA ILE C 194 16.59 4.09 7.36
C ILE C 194 16.79 4.39 5.88
N GLN C 195 17.93 3.98 5.28
CA GLN C 195 18.11 3.95 3.83
C GLN C 195 18.40 2.53 3.32
N MET C 196 18.11 2.29 2.04
CA MET C 196 18.39 1.06 1.31
C MET C 196 19.26 1.33 0.07
N GLY C 197 19.88 0.27 -0.46
CA GLY C 197 20.71 0.29 -1.67
C GLY C 197 19.98 0.66 -2.96
N SER C 198 18.67 0.39 -3.05
CA SER C 198 17.82 0.67 -4.23
C SER C 198 16.35 0.90 -3.85
N VAL C 199 15.60 1.52 -4.76
CA VAL C 199 14.16 1.78 -4.66
C VAL C 199 13.35 0.48 -4.62
N GLU C 200 13.65 -0.50 -5.47
CA GLU C 200 12.91 -1.78 -5.48
C GLU C 200 13.06 -2.54 -4.15
N GLU C 201 14.26 -2.54 -3.56
CA GLU C 201 14.54 -3.14 -2.25
C GLU C 201 13.78 -2.40 -1.12
N ALA C 202 13.74 -1.07 -1.17
CA ALA C 202 12.94 -0.24 -0.27
C ALA C 202 11.42 -0.50 -0.36
N VAL C 203 10.88 -0.63 -1.58
CA VAL C 203 9.45 -0.90 -1.83
C VAL C 203 9.08 -2.30 -1.34
N GLN C 204 9.91 -3.29 -1.62
CA GLN C 204 9.71 -4.68 -1.16
C GLN C 204 9.85 -4.82 0.37
N ALA C 205 10.75 -4.07 1.01
CA ALA C 205 10.84 -3.98 2.47
C ALA C 205 9.57 -3.37 3.11
N LEU C 206 8.95 -2.37 2.48
CA LEU C 206 7.62 -1.85 2.89
C LEU C 206 6.55 -2.94 2.76
N ILE C 207 6.43 -3.53 1.56
CA ILE C 207 5.49 -4.61 1.21
C ILE C 207 5.57 -5.78 2.21
N ASP C 208 6.78 -6.12 2.67
CA ASP C 208 7.02 -7.07 3.76
C ASP C 208 6.56 -6.50 5.13
N LEU C 209 7.21 -5.45 5.63
CA LEU C 209 7.23 -5.11 7.06
C LEU C 209 6.15 -4.13 7.54
N HIS C 210 5.45 -3.38 6.68
CA HIS C 210 4.49 -2.33 7.06
C HIS C 210 3.45 -2.77 8.11
N ASN C 211 2.96 -4.00 7.97
CA ASN C 211 1.98 -4.69 8.82
C ASN C 211 2.59 -5.68 9.84
N HIS C 212 3.92 -5.71 10.01
CA HIS C 212 4.66 -6.59 10.94
C HIS C 212 4.38 -6.23 12.42
N ASP C 213 3.41 -6.91 13.03
CA ASP C 213 2.92 -6.66 14.39
C ASP C 213 3.75 -7.38 15.47
N LEU C 214 4.97 -6.89 15.69
CA LEU C 214 5.93 -7.43 16.66
C LEU C 214 5.62 -7.08 18.13
N GLY C 215 4.76 -6.09 18.39
CA GLY C 215 4.42 -5.58 19.72
C GLY C 215 2.95 -5.78 20.11
N GLU C 216 2.53 -5.17 21.23
CA GLU C 216 1.14 -5.13 21.69
C GLU C 216 0.31 -4.16 20.82
N ASN C 217 -0.15 -4.64 19.65
CA ASN C 217 -0.77 -3.89 18.54
C ASN C 217 0.09 -2.77 17.93
N HIS C 218 1.29 -2.52 18.46
CA HIS C 218 2.35 -1.74 17.80
C HIS C 218 2.98 -2.54 16.65
N HIS C 219 2.82 -2.06 15.42
CA HIS C 219 3.36 -2.71 14.22
C HIS C 219 4.21 -1.76 13.38
N LEU C 220 5.10 -2.33 12.58
CA LEU C 220 6.24 -1.65 11.97
C LEU C 220 5.82 -0.81 10.74
N ARG C 221 5.20 0.36 10.94
CA ARG C 221 4.72 1.26 9.86
C ARG C 221 5.87 1.86 9.06
N VAL C 222 6.28 1.09 8.07
CA VAL C 222 7.22 1.47 7.01
C VAL C 222 6.58 2.49 6.07
N SER C 223 7.26 3.62 5.89
CA SER C 223 6.99 4.62 4.86
C SER C 223 8.30 5.11 4.23
N PHE C 224 8.17 5.84 3.13
CA PHE C 224 9.21 6.64 2.48
C PHE C 224 9.43 7.96 3.22
N SER C 225 10.68 8.44 3.24
CA SER C 225 11.06 9.65 3.98
C SER C 225 11.13 10.90 3.11
N LYS C 226 10.29 11.87 3.49
CA LYS C 226 10.58 13.32 3.60
C LYS C 226 12.04 13.77 3.39
N SER C 227 13.03 13.14 4.04
CA SER C 227 14.39 13.68 4.20
C SER C 227 15.49 12.62 4.00
N THR C 228 16.76 13.03 4.15
CA THR C 228 17.95 12.18 4.21
C THR C 228 18.29 11.74 5.65
N ILE C 229 19.20 10.77 5.78
CA ILE C 229 19.71 10.22 7.06
C ILE C 229 20.76 11.16 7.67
N GLY C 22 -29.57 26.12 -8.41
CA GLY C 22 -28.66 25.53 -9.42
C GLY C 22 -29.31 25.49 -10.81
N ARG C 23 -28.51 25.65 -11.86
CA ARG C 23 -28.96 25.64 -13.28
C ARG C 23 -29.58 24.29 -13.71
N ILE C 24 -30.47 24.33 -14.70
CA ILE C 24 -31.17 23.17 -15.28
C ILE C 24 -30.22 22.14 -15.91
N ALA C 25 -29.06 22.58 -16.41
CA ALA C 25 -28.08 21.77 -17.14
C ALA C 25 -27.38 20.65 -16.33
N ILE C 26 -27.54 20.61 -15.00
CA ILE C 26 -26.90 19.61 -14.11
C ILE C 26 -27.90 18.94 -13.14
N PRO C 27 -27.76 17.62 -12.86
CA PRO C 27 -28.53 16.90 -11.83
C PRO C 27 -27.94 17.12 -10.42
N GLY C 28 -28.56 16.51 -9.40
CA GLY C 28 -27.94 16.29 -8.09
C GLY C 28 -26.82 15.22 -8.13
N LEU C 29 -26.04 15.12 -7.05
CA LEU C 29 -24.88 14.22 -6.94
C LEU C 29 -24.63 13.71 -5.50
N ALA C 30 -23.72 12.74 -5.36
CA ALA C 30 -23.26 12.14 -4.11
C ALA C 30 -21.76 11.73 -4.18
N GLY C 31 -21.23 11.16 -3.10
CA GLY C 31 -19.86 10.63 -3.01
C GLY C 31 -19.64 9.32 -3.78
N ALA C 32 -18.39 8.82 -3.76
CA ALA C 32 -17.90 7.67 -4.54
C ALA C 32 -18.10 7.81 -6.08
N GLY C 33 -17.76 6.77 -6.84
CA GLY C 33 -17.84 6.71 -8.30
C GLY C 33 -16.45 6.53 -8.91
N ASN C 34 -15.71 7.62 -9.12
CA ASN C 34 -14.30 7.61 -9.51
C ASN C 34 -13.34 7.06 -8.42
N SER C 35 -13.89 6.56 -7.31
CA SER C 35 -13.24 5.84 -6.21
C SER C 35 -12.74 4.43 -6.58
N VAL C 36 -13.20 3.81 -7.67
CA VAL C 36 -12.59 2.56 -8.17
C VAL C 36 -11.26 2.81 -8.90
N LEU C 37 -10.44 1.75 -9.05
CA LEU C 37 -9.29 1.69 -9.97
C LEU C 37 -9.35 0.41 -10.80
N LEU C 38 -9.15 0.54 -12.11
CA LEU C 38 -8.72 -0.57 -12.97
C LEU C 38 -7.24 -0.81 -12.71
N VAL C 39 -6.86 -1.98 -12.24
CA VAL C 39 -5.44 -2.40 -12.14
C VAL C 39 -5.16 -3.42 -13.23
N SER C 40 -4.02 -3.31 -13.91
CA SER C 40 -3.70 -4.11 -15.07
C SER C 40 -2.18 -4.38 -15.25
N ASN C 41 -1.85 -5.21 -16.23
CA ASN C 41 -0.50 -5.71 -16.57
C ASN C 41 0.19 -6.58 -15.49
N LEU C 42 -0.46 -6.81 -14.34
CA LEU C 42 -0.05 -7.74 -13.29
C LEU C 42 0.06 -9.19 -13.79
N ASN C 43 1.26 -9.78 -13.71
CA ASN C 43 1.53 -11.18 -14.03
C ASN C 43 0.87 -12.13 -12.98
N PRO C 44 -0.20 -12.88 -13.34
CA PRO C 44 -1.03 -13.60 -12.37
C PRO C 44 -0.34 -14.81 -11.71
N GLU C 45 0.77 -15.29 -12.28
CA GLU C 45 1.61 -16.33 -11.69
C GLU C 45 2.37 -15.86 -10.43
N ARG C 46 2.50 -14.54 -10.24
CA ARG C 46 3.38 -13.91 -9.23
C ARG C 46 2.74 -12.78 -8.42
N VAL C 47 1.57 -12.24 -8.82
CA VAL C 47 0.84 -11.21 -8.06
C VAL C 47 0.42 -11.72 -6.66
N THR C 48 0.31 -10.80 -5.70
CA THR C 48 -0.02 -11.08 -4.30
C THR C 48 -1.10 -10.12 -3.79
N PRO C 49 -2.32 -10.59 -3.44
CA PRO C 49 -3.41 -9.76 -2.93
C PRO C 49 -3.01 -8.85 -1.77
N GLN C 50 -2.27 -9.38 -0.80
CA GLN C 50 -1.74 -8.65 0.35
C GLN C 50 -0.78 -7.52 -0.04
N SER C 51 -0.05 -7.64 -1.17
CA SER C 51 0.95 -6.66 -1.61
C SER C 51 0.28 -5.49 -2.32
N LEU C 52 -0.67 -5.81 -3.21
CA LEU C 52 -1.61 -4.82 -3.75
C LEU C 52 -2.33 -4.06 -2.63
N PHE C 53 -2.96 -4.79 -1.70
CA PHE C 53 -3.64 -4.24 -0.53
C PHE C 53 -2.77 -3.28 0.29
N ILE C 54 -1.61 -3.72 0.81
CA ILE C 54 -0.73 -2.88 1.64
C ILE C 54 -0.30 -1.62 0.87
N LEU C 55 0.10 -1.73 -0.40
CA LEU C 55 0.50 -0.58 -1.20
C LEU C 55 -0.63 0.45 -1.34
N PHE C 56 -1.71 0.09 -2.04
CA PHE C 56 -2.88 0.95 -2.24
C PHE C 56 -3.48 1.42 -0.89
N GLY C 57 -3.27 0.67 0.20
CA GLY C 57 -3.64 0.99 1.59
C GLY C 57 -2.75 2.03 2.28
N VAL C 58 -1.49 2.20 1.88
CA VAL C 58 -0.56 3.20 2.42
C VAL C 58 -0.73 4.52 1.69
N TYR C 59 -1.00 4.46 0.39
CA TYR C 59 -1.37 5.63 -0.41
C TYR C 59 -2.76 6.17 -0.12
N GLY C 60 -3.75 5.28 -0.17
CA GLY C 60 -5.15 5.64 -0.44
C GLY C 60 -6.18 4.84 0.36
N ASP C 61 -5.71 4.02 1.31
CA ASP C 61 -6.56 3.30 2.29
C ASP C 61 -7.66 2.49 1.59
N VAL C 62 -7.23 1.61 0.67
CA VAL C 62 -8.08 0.77 -0.18
C VAL C 62 -9.07 -0.10 0.62
N GLN C 63 -10.36 0.01 0.30
CA GLN C 63 -11.47 -0.65 1.01
C GLN C 63 -11.72 -2.08 0.51
N ARG C 64 -11.66 -2.35 -0.81
CA ARG C 64 -11.74 -3.71 -1.38
C ARG C 64 -10.82 -3.95 -2.58
N VAL C 65 -10.54 -5.22 -2.84
CA VAL C 65 -9.70 -5.72 -3.96
C VAL C 65 -10.37 -6.95 -4.63
N LYS C 66 -10.92 -6.79 -5.84
CA LYS C 66 -11.33 -7.91 -6.72
C LYS C 66 -10.24 -8.19 -7.75
N ILE C 67 -9.62 -9.37 -7.72
CA ILE C 67 -8.61 -9.85 -8.70
C ILE C 67 -9.23 -10.95 -9.55
N LEU C 68 -9.05 -10.88 -10.88
CA LEU C 68 -9.78 -11.76 -11.81
C LEU C 68 -9.05 -13.05 -12.18
N PHE C 69 -9.84 -13.99 -12.69
CA PHE C 69 -9.46 -15.25 -13.31
C PHE C 69 -8.47 -15.09 -14.49
N ASN C 70 -7.72 -16.16 -14.78
CA ASN C 70 -6.83 -16.22 -15.95
C ASN C 70 -7.62 -16.25 -17.28
N LYS C 71 -7.07 -15.77 -18.41
CA LYS C 71 -5.75 -15.14 -18.61
C LYS C 71 -5.69 -13.63 -18.31
N LYS C 72 -6.83 -12.99 -17.95
CA LYS C 72 -6.93 -11.56 -17.62
C LYS C 72 -5.90 -11.10 -16.56
N GLU C 73 -4.85 -10.42 -16.99
CA GLU C 73 -3.88 -9.66 -16.19
C GLU C 73 -4.53 -8.42 -15.53
N ASN C 74 -5.61 -8.60 -14.76
CA ASN C 74 -6.47 -7.51 -14.26
C ASN C 74 -7.00 -7.70 -12.83
N ALA C 75 -7.30 -6.55 -12.21
CA ALA C 75 -8.09 -6.37 -10.99
C ALA C 75 -8.89 -5.06 -11.08
N LEU C 76 -9.83 -4.87 -10.16
CA LEU C 76 -10.86 -3.82 -10.12
C LEU C 76 -11.09 -3.58 -8.62
N VAL C 77 -10.60 -2.43 -8.19
CA VAL C 77 -10.30 -2.08 -6.80
C VAL C 77 -11.22 -0.95 -6.34
N GLN C 78 -11.46 -0.83 -5.04
CA GLN C 78 -12.27 0.26 -4.44
C GLN C 78 -11.45 0.97 -3.36
N MET C 79 -11.02 2.21 -3.65
CA MET C 79 -10.30 3.09 -2.73
C MET C 79 -11.22 3.65 -1.62
N ALA C 80 -10.66 4.35 -0.62
CA ALA C 80 -11.44 5.12 0.37
C ALA C 80 -12.48 6.07 -0.26
N ASP C 81 -12.05 6.94 -1.18
CA ASP C 81 -12.91 7.79 -2.03
C ASP C 81 -12.12 8.32 -3.24
N GLY C 82 -12.80 9.01 -4.17
CA GLY C 82 -12.33 9.57 -5.45
C GLY C 82 -10.85 9.93 -5.56
N ASN C 83 -10.41 11.01 -4.90
CA ASN C 83 -9.05 11.56 -5.05
C ASN C 83 -7.91 10.58 -4.66
N GLN C 84 -8.18 9.62 -3.76
CA GLN C 84 -7.21 8.57 -3.38
C GLN C 84 -6.90 7.63 -4.56
N ALA C 85 -7.84 7.44 -5.49
CA ALA C 85 -7.62 6.70 -6.74
C ALA C 85 -6.62 7.42 -7.66
N GLN C 86 -6.78 8.72 -7.91
CA GLN C 86 -5.85 9.54 -8.70
C GLN C 86 -4.43 9.51 -8.08
N LEU C 87 -4.34 9.69 -6.76
CA LEU C 87 -3.09 9.59 -5.98
C LEU C 87 -2.42 8.21 -6.14
N ALA C 88 -3.11 7.13 -5.80
CA ALA C 88 -2.58 5.77 -5.89
C ALA C 88 -2.11 5.43 -7.32
N MET C 89 -2.94 5.73 -8.33
CA MET C 89 -2.60 5.64 -9.75
C MET C 89 -1.30 6.39 -10.10
N SER C 90 -1.19 7.67 -9.72
CA SER C 90 -0.01 8.50 -10.00
C SER C 90 1.29 7.96 -9.39
N HIS C 91 1.22 7.29 -8.24
CA HIS C 91 2.38 6.71 -7.55
C HIS C 91 2.68 5.24 -7.91
N LEU C 92 1.71 4.48 -8.44
CA LEU C 92 1.85 3.03 -8.71
C LEU C 92 1.86 2.65 -10.21
N ASN C 93 1.41 3.51 -11.12
CA ASN C 93 1.52 3.26 -12.57
C ASN C 93 3.00 3.26 -12.99
N GLY C 94 3.55 2.06 -13.26
CA GLY C 94 4.93 1.77 -13.59
C GLY C 94 5.77 1.18 -12.45
N HIS C 95 5.18 1.02 -11.27
CA HIS C 95 5.78 0.35 -10.12
C HIS C 95 6.04 -1.15 -10.42
N LYS C 96 6.82 -1.83 -9.57
CA LYS C 96 7.30 -3.20 -9.84
C LYS C 96 7.70 -3.97 -8.57
N LEU C 97 6.95 -5.03 -8.26
CA LEU C 97 7.22 -6.00 -7.20
C LEU C 97 7.60 -7.36 -7.81
N HIS C 98 6.71 -7.90 -8.66
CA HIS C 98 6.77 -9.24 -9.26
C HIS C 98 7.29 -9.28 -10.71
N GLY C 99 7.76 -8.15 -11.23
CA GLY C 99 8.58 -8.05 -12.45
C GLY C 99 8.00 -7.15 -13.53
N LYS C 100 6.68 -7.24 -13.80
CA LYS C 100 5.99 -6.36 -14.76
C LYS C 100 5.93 -4.91 -14.25
N PRO C 101 5.99 -3.89 -15.13
CA PRO C 101 5.55 -2.55 -14.79
C PRO C 101 4.02 -2.55 -14.61
N ILE C 102 3.54 -2.35 -13.39
CA ILE C 102 2.11 -2.33 -13.08
C ILE C 102 1.41 -1.19 -13.83
N ARG C 103 0.27 -1.44 -14.47
CA ARG C 103 -0.59 -0.40 -15.07
C ARG C 103 -1.81 -0.15 -14.17
N ILE C 104 -2.29 1.09 -14.13
CA ILE C 104 -3.48 1.51 -13.39
C ILE C 104 -4.20 2.55 -14.24
N THR C 105 -5.52 2.51 -14.23
CA THR C 105 -6.40 3.45 -14.93
C THR C 105 -7.58 3.83 -14.03
N LEU C 106 -8.12 5.04 -14.20
CA LEU C 106 -9.19 5.66 -13.41
C LEU C 106 -10.52 4.88 -13.37
N SER C 107 -10.65 3.86 -14.21
CA SER C 107 -11.81 2.97 -14.37
C SER C 107 -13.03 3.66 -15.02
N LYS C 108 -14.08 2.86 -15.25
CA LYS C 108 -15.38 3.22 -15.83
C LYS C 108 -16.58 2.85 -14.92
N HIS C 109 -16.31 2.10 -13.86
CA HIS C 109 -17.27 1.62 -12.85
C HIS C 109 -17.51 2.63 -11.72
N GLN C 110 -18.32 2.24 -10.71
CA GLN C 110 -18.63 3.05 -9.52
C GLN C 110 -18.31 2.33 -8.20
N ASN C 111 -18.67 1.05 -8.10
CA ASN C 111 -18.46 0.17 -6.94
C ASN C 111 -18.07 -1.26 -7.38
N VAL C 112 -17.74 -2.14 -6.42
CA VAL C 112 -17.37 -3.54 -6.65
C VAL C 112 -18.22 -4.51 -5.82
N GLN C 113 -18.53 -5.67 -6.41
CA GLN C 113 -19.23 -6.77 -5.77
C GLN C 113 -18.44 -7.38 -4.59
N LEU C 114 -19.15 -7.96 -3.63
CA LEU C 114 -18.61 -8.69 -2.47
C LEU C 114 -18.89 -10.20 -2.62
N PRO C 115 -18.20 -11.08 -1.87
CA PRO C 115 -18.45 -12.53 -1.87
C PRO C 115 -19.92 -12.92 -1.69
N ARG C 116 -20.29 -14.13 -2.17
CA ARG C 116 -21.63 -14.71 -2.05
C ARG C 116 -22.06 -14.91 -0.59
N GLU C 117 -23.36 -15.07 -0.34
CA GLU C 117 -23.94 -15.22 1.00
C GLU C 117 -23.41 -16.42 1.84
N GLY C 118 -22.83 -17.43 1.17
CA GLY C 118 -22.19 -18.60 1.79
C GLY C 118 -20.66 -18.57 1.80
N GLN C 119 -20.02 -17.48 1.35
CA GLN C 119 -18.57 -17.37 1.16
C GLN C 119 -17.98 -16.13 1.85
N GLU C 120 -16.80 -16.27 2.45
CA GLU C 120 -16.00 -15.21 3.08
C GLU C 120 -14.49 -15.51 3.00
N ASP C 121 -14.07 -16.65 3.54
CA ASP C 121 -12.67 -17.06 3.71
C ASP C 121 -11.96 -17.44 2.39
N GLN C 122 -12.71 -17.68 1.32
CA GLN C 122 -12.25 -18.25 0.04
C GLN C 122 -11.18 -17.39 -0.68
N GLY C 123 -11.42 -16.10 -0.87
CA GLY C 123 -10.50 -15.15 -1.53
C GLY C 123 -10.99 -14.55 -2.84
N LEU C 124 -10.06 -13.94 -3.59
CA LEU C 124 -10.20 -13.19 -4.86
C LEU C 124 -11.07 -11.93 -4.83
N THR C 125 -12.00 -11.81 -3.88
CA THR C 125 -12.89 -10.65 -3.67
C THR C 125 -12.71 -10.09 -2.25
N LYS C 126 -11.46 -9.72 -1.94
CA LYS C 126 -10.97 -9.27 -0.65
C LYS C 126 -11.66 -7.99 -0.16
N ASP C 127 -12.68 -8.14 0.67
CA ASP C 127 -12.96 -7.24 1.79
C ASP C 127 -12.32 -7.79 3.07
N TYR C 128 -11.59 -6.92 3.76
CA TYR C 128 -10.81 -7.18 4.98
C TYR C 128 -11.24 -6.25 6.14
N GLY C 129 -12.49 -5.75 6.11
CA GLY C 129 -13.13 -5.04 7.22
C GLY C 129 -13.03 -5.80 8.54
N ASN C 130 -12.84 -5.14 9.69
CA ASN C 130 -12.81 -3.69 9.94
C ASN C 130 -11.46 -2.99 9.59
N SER C 131 -10.53 -3.64 8.87
CA SER C 131 -9.11 -3.27 8.79
C SER C 131 -8.59 -3.08 7.35
N PRO C 132 -9.00 -2.02 6.61
CA PRO C 132 -8.35 -1.58 5.37
C PRO C 132 -6.96 -0.92 5.60
N LEU C 133 -6.18 -1.48 6.52
CA LEU C 133 -5.20 -0.81 7.40
C LEU C 133 -5.78 0.36 8.22
N HIS C 134 -7.10 0.61 8.13
CA HIS C 134 -7.92 1.64 8.80
C HIS C 134 -7.14 2.83 9.38
N ARG C 135 -6.62 3.75 8.54
CA ARG C 135 -5.75 4.85 8.99
C ARG C 135 -6.10 6.23 8.46
N PHE C 136 -6.36 6.37 7.17
CA PHE C 136 -6.59 7.70 6.55
C PHE C 136 -8.07 8.13 6.52
N LYS C 137 -9.00 7.20 6.79
CA LYS C 137 -10.45 7.37 6.97
C LYS C 137 -11.08 8.42 6.03
N LYS C 138 -11.32 9.65 6.51
CA LYS C 138 -11.88 10.77 5.76
C LYS C 138 -10.85 11.36 4.76
N PRO C 139 -11.13 11.41 3.45
CA PRO C 139 -10.25 11.99 2.43
C PRO C 139 -9.63 13.35 2.82
N GLY C 140 -8.32 13.49 2.63
CA GLY C 140 -7.56 14.73 2.85
C GLY C 140 -7.43 15.18 4.31
N SER C 141 -7.59 14.26 5.28
CA SER C 141 -7.36 14.53 6.72
C SER C 141 -5.93 15.01 7.02
N LYS C 142 -5.70 15.53 8.24
CA LYS C 142 -4.39 16.08 8.67
C LYS C 142 -3.21 15.10 8.59
N ASN C 143 -3.46 13.79 8.52
CA ASN C 143 -2.43 12.75 8.38
C ASN C 143 -1.69 12.79 7.03
N PHE C 144 -2.34 13.26 5.95
CA PHE C 144 -1.88 13.14 4.56
C PHE C 144 -0.56 13.87 4.22
N GLN C 145 -0.03 14.72 5.12
CA GLN C 145 1.24 15.46 4.99
C GLN C 145 2.52 14.60 4.78
N ASN C 146 2.42 13.27 4.84
CA ASN C 146 3.55 12.35 4.66
C ASN C 146 3.53 11.51 3.35
N ILE C 147 2.39 11.43 2.64
CA ILE C 147 2.13 10.48 1.52
C ILE C 147 3.28 10.43 0.49
N PHE C 148 3.65 9.19 0.10
CA PHE C 148 5.07 8.84 -0.05
C PHE C 148 5.60 8.75 -1.49
N PRO C 149 6.84 9.20 -1.75
CA PRO C 149 7.59 8.86 -2.95
C PRO C 149 8.14 7.41 -2.86
N PRO C 150 7.74 6.47 -3.74
CA PRO C 150 8.28 5.10 -3.74
C PRO C 150 9.78 5.13 -4.07
N SER C 151 10.60 4.65 -3.14
CA SER C 151 12.06 4.84 -3.11
C SER C 151 12.81 3.60 -2.62
N ALA C 152 14.12 3.55 -2.88
CA ALA C 152 15.09 2.66 -2.22
C ALA C 152 15.37 3.07 -0.75
N THR C 153 14.86 4.21 -0.31
CA THR C 153 15.03 4.75 1.06
C THR C 153 13.73 4.67 1.86
N LEU C 154 13.83 4.38 3.16
CA LEU C 154 12.75 4.08 4.11
C LEU C 154 12.82 5.00 5.35
N HIS C 155 11.69 5.11 6.02
CA HIS C 155 11.39 5.94 7.20
C HIS C 155 10.47 5.15 8.13
N LEU C 156 10.85 5.02 9.39
CA LEU C 156 10.30 4.02 10.30
C LEU C 156 9.86 4.66 11.62
N SER C 157 8.76 4.17 12.21
CA SER C 157 8.22 4.70 13.46
C SER C 157 7.49 3.64 14.29
N ASN C 158 7.06 4.00 15.50
CA ASN C 158 6.28 3.26 16.49
C ASN C 158 7.03 2.07 17.15
N ILE C 159 8.17 1.68 16.55
CA ILE C 159 9.33 0.96 17.09
C ILE C 159 9.36 0.92 18.63
N PRO C 160 9.03 -0.21 19.29
CA PRO C 160 9.10 -0.31 20.75
C PRO C 160 10.56 -0.26 21.24
N PRO C 161 10.80 0.17 22.51
CA PRO C 161 12.11 0.68 22.94
C PRO C 161 13.23 -0.38 23.04
N SER C 162 12.89 -1.68 23.10
CA SER C 162 13.87 -2.78 23.11
C SER C 162 14.50 -3.08 21.74
N VAL C 163 13.93 -2.55 20.65
CA VAL C 163 14.36 -2.80 19.25
C VAL C 163 15.53 -1.87 18.90
N SER C 164 16.76 -2.38 19.03
CA SER C 164 18.01 -1.67 18.73
C SER C 164 18.24 -1.47 17.22
N GLU C 165 19.29 -0.70 16.87
CA GLU C 165 19.78 -0.55 15.49
C GLU C 165 20.15 -1.92 14.88
N GLU C 166 20.88 -2.74 15.65
CA GLU C 166 21.30 -4.09 15.26
C GLU C 166 20.09 -5.03 15.00
N ASP C 167 18.92 -4.74 15.58
CA ASP C 167 17.66 -5.41 15.27
C ASP C 167 17.05 -4.90 13.95
N LEU C 168 16.72 -3.59 13.88
CA LEU C 168 16.18 -2.91 12.70
C LEU C 168 16.94 -3.24 11.41
N LYS C 169 18.27 -3.26 11.43
CA LYS C 169 19.04 -3.54 10.21
C LYS C 169 18.91 -5.00 9.76
N VAL C 170 18.71 -5.95 10.67
CA VAL C 170 18.55 -7.38 10.34
C VAL C 170 17.10 -7.66 9.94
N LEU C 171 16.15 -6.99 10.58
CA LEU C 171 14.74 -6.95 10.23
C LEU C 171 14.54 -6.61 8.74
N PHE C 172 15.09 -5.48 8.30
CA PHE C 172 15.08 -5.07 6.90
C PHE C 172 15.97 -5.96 6.01
N SER C 173 17.17 -6.35 6.48
CA SER C 173 18.04 -7.29 5.73
C SER C 173 17.38 -8.66 5.48
N SER C 174 16.43 -9.10 6.32
CA SER C 174 15.68 -10.36 6.16
C SER C 174 14.98 -10.55 4.79
N ASN C 175 14.70 -9.46 4.07
CA ASN C 175 14.10 -9.51 2.73
C ASN C 175 15.05 -10.06 1.63
N GLY C 176 16.36 -9.98 1.85
CA GLY C 176 17.41 -10.37 0.89
C GLY C 176 18.79 -9.87 1.35
N GLY C 177 18.91 -8.57 1.60
CA GLY C 177 19.97 -7.95 2.40
C GLY C 177 20.86 -6.99 1.63
N VAL C 178 20.36 -5.76 1.46
CA VAL C 178 21.06 -4.67 0.75
C VAL C 178 20.99 -3.34 1.53
N VAL C 179 20.99 -3.38 2.87
CA VAL C 179 20.96 -2.16 3.73
C VAL C 179 22.19 -1.27 3.46
N LYS C 180 21.99 -0.16 2.75
CA LYS C 180 22.98 0.93 2.55
C LYS C 180 23.31 1.65 3.84
N GLY C 181 22.24 2.07 4.53
CA GLY C 181 22.26 3.20 5.44
C GLY C 181 21.11 3.16 6.42
N PHE C 182 21.08 4.16 7.28
CA PHE C 182 20.28 4.21 8.51
C PHE C 182 20.53 5.50 9.28
N LYS C 183 19.53 5.93 10.06
CA LYS C 183 19.74 6.78 11.25
C LYS C 183 18.60 6.68 12.26
N PHE C 184 18.89 6.56 13.55
CA PHE C 184 17.90 6.82 14.61
C PHE C 184 17.59 8.32 14.71
N PHE C 185 16.37 8.65 15.13
CA PHE C 185 15.93 10.01 15.43
C PHE C 185 15.96 10.24 16.95
N GLN C 186 16.90 11.05 17.42
CA GLN C 186 17.11 11.37 18.84
C GLN C 186 16.12 12.41 19.42
N LYS C 187 15.12 12.83 18.63
CA LYS C 187 14.10 13.85 18.95
C LYS C 187 12.67 13.39 18.67
N ASP C 188 11.70 14.22 19.05
CA ASP C 188 10.25 14.05 18.92
C ASP C 188 9.69 12.75 19.56
N ARG C 189 9.82 11.58 18.92
CA ARG C 189 9.21 10.32 19.40
C ARG C 189 10.17 9.11 19.38
N LYS C 190 10.20 8.30 18.31
CA LYS C 190 10.79 6.94 18.31
C LYS C 190 11.40 6.60 16.95
N MET C 191 11.45 7.60 16.05
CA MET C 191 11.59 7.38 14.63
C MET C 191 13.00 6.90 14.26
N ALA C 192 13.10 6.53 13.00
CA ALA C 192 14.35 6.32 12.28
C ALA C 192 14.20 6.50 10.75
N LEU C 193 15.31 6.51 10.03
CA LEU C 193 15.40 6.09 8.62
C LEU C 193 16.16 4.77 8.50
N ILE C 194 15.93 4.09 7.39
CA ILE C 194 16.76 3.02 6.83
C ILE C 194 16.95 3.35 5.33
N GLN C 195 18.13 3.20 4.75
CA GLN C 195 18.32 3.10 3.29
C GLN C 195 18.70 1.69 2.84
N MET C 196 18.22 1.27 1.67
CA MET C 196 18.59 0.03 0.99
C MET C 196 19.12 0.29 -0.43
N GLY C 197 19.71 -0.74 -1.05
CA GLY C 197 20.40 -0.63 -2.34
C GLY C 197 19.50 -0.67 -3.58
N SER C 198 18.21 -0.99 -3.42
CA SER C 198 17.25 -0.99 -4.55
C SER C 198 15.81 -0.69 -4.11
N VAL C 199 15.02 -0.20 -5.07
CA VAL C 199 13.58 0.06 -4.90
C VAL C 199 12.84 -1.23 -4.58
N GLU C 200 13.08 -2.34 -5.30
CA GLU C 200 12.39 -3.61 -5.05
C GLU C 200 12.67 -4.19 -3.65
N GLU C 201 13.90 -4.08 -3.14
CA GLU C 201 14.27 -4.49 -1.78
C GLU C 201 13.53 -3.64 -0.73
N ALA C 202 13.52 -2.30 -0.89
CA ALA C 202 12.79 -1.37 -0.05
C ALA C 202 11.25 -1.57 -0.07
N VAL C 203 10.66 -1.70 -1.26
CA VAL C 203 9.24 -2.01 -1.50
C VAL C 203 8.82 -3.25 -0.73
N GLN C 204 9.52 -4.36 -0.93
CA GLN C 204 9.16 -5.61 -0.26
C GLN C 204 9.45 -5.58 1.25
N ALA C 205 10.41 -4.77 1.73
CA ALA C 205 10.59 -4.49 3.15
C ALA C 205 9.41 -3.73 3.78
N LEU C 206 8.81 -2.72 3.10
CA LEU C 206 7.53 -2.11 3.53
C LEU C 206 6.43 -3.18 3.62
N ILE C 207 6.24 -3.93 2.53
CA ILE C 207 5.20 -4.96 2.39
C ILE C 207 5.34 -6.07 3.45
N ASP C 208 6.57 -6.37 3.90
CA ASP C 208 6.86 -7.29 5.01
C ASP C 208 6.64 -6.67 6.41
N LEU C 209 7.24 -5.50 6.69
CA LEU C 209 7.48 -5.02 8.06
C LEU C 209 6.55 -3.91 8.58
N HIS C 210 5.80 -3.19 7.74
CA HIS C 210 4.89 -2.10 8.15
C HIS C 210 3.91 -2.51 9.26
N ASN C 211 3.37 -3.71 9.14
CA ASN C 211 2.41 -4.30 10.07
C ASN C 211 3.02 -5.35 11.02
N HIS C 212 4.35 -5.42 11.12
CA HIS C 212 5.07 -6.33 12.02
C HIS C 212 4.78 -6.03 13.50
N ASP C 213 4.38 -7.06 14.26
CA ASP C 213 3.89 -6.99 15.64
C ASP C 213 4.73 -7.82 16.61
N LEU C 214 5.46 -7.11 17.49
CA LEU C 214 6.15 -7.68 18.65
C LEU C 214 5.17 -7.91 19.82
N GLY C 215 4.03 -7.21 19.84
CA GLY C 215 2.95 -7.36 20.82
C GLY C 215 1.71 -6.51 20.48
N GLU C 216 0.67 -6.64 21.30
CA GLU C 216 -0.69 -6.07 21.06
C GLU C 216 -0.74 -4.54 20.97
N ASN C 217 0.28 -3.84 21.49
CA ASN C 217 0.51 -2.40 21.33
C ASN C 217 1.98 -2.05 20.99
N HIS C 218 2.77 -3.05 20.60
CA HIS C 218 4.21 -2.97 20.34
C HIS C 218 4.50 -3.43 18.91
N HIS C 219 4.52 -2.48 17.96
CA HIS C 219 4.57 -2.78 16.53
C HIS C 219 5.26 -1.66 15.73
N LEU C 220 5.55 -1.96 14.46
CA LEU C 220 6.16 -1.03 13.50
C LEU C 220 5.11 -0.14 12.81
N ARG C 221 5.57 0.94 12.17
CA ARG C 221 5.14 1.46 10.86
C ARG C 221 6.38 1.62 9.99
N VAL C 222 6.24 1.34 8.70
CA VAL C 222 7.33 1.34 7.70
C VAL C 222 6.89 2.12 6.47
N SER C 223 7.36 3.36 6.37
CA SER C 223 7.24 4.23 5.20
C SER C 223 8.45 4.08 4.28
N PHE C 224 8.29 4.55 3.04
CA PHE C 224 9.36 5.15 2.25
C PHE C 224 9.78 6.50 2.84
N SER C 225 11.05 6.85 2.69
CA SER C 225 11.57 8.11 3.17
C SER C 225 11.23 9.25 2.22
N LYS C 226 10.43 10.18 2.75
CA LYS C 226 10.22 11.52 2.18
C LYS C 226 11.40 12.50 2.46
N SER C 227 12.51 12.05 3.06
CA SER C 227 13.77 12.82 3.24
C SER C 227 15.02 12.01 2.82
N THR C 228 16.21 12.31 3.35
CA THR C 228 17.47 11.59 3.09
C THR C 228 18.29 11.40 4.37
N ILE C 229 19.08 10.32 4.43
CA ILE C 229 20.03 9.98 5.51
C ILE C 229 21.12 11.05 5.65
N GLY C 22 -25.74 29.70 -9.47
CA GLY C 22 -26.42 28.76 -8.55
C GLY C 22 -25.57 27.54 -8.24
N ARG C 23 -25.89 26.82 -7.16
CA ARG C 23 -25.16 25.60 -6.71
C ARG C 23 -25.30 24.40 -7.65
N ILE C 24 -26.48 24.22 -8.23
CA ILE C 24 -26.82 23.11 -9.14
C ILE C 24 -26.05 23.17 -10.47
N ALA C 25 -25.66 22.01 -11.01
CA ALA C 25 -25.00 21.88 -12.31
C ALA C 25 -25.96 22.06 -13.50
N ILE C 26 -25.42 22.13 -14.72
CA ILE C 26 -26.20 22.04 -15.97
C ILE C 26 -26.83 20.64 -16.12
N PRO C 27 -28.00 20.51 -16.81
CA PRO C 27 -28.72 19.24 -16.91
C PRO C 27 -28.00 18.20 -17.79
N GLY C 28 -28.44 16.94 -17.68
CA GLY C 28 -27.92 15.78 -18.43
C GLY C 28 -26.75 15.04 -17.75
N LEU C 29 -26.00 15.72 -16.88
CA LEU C 29 -24.91 15.13 -16.07
C LEU C 29 -25.50 14.39 -14.85
N ALA C 30 -26.04 13.18 -15.09
CA ALA C 30 -26.75 12.37 -14.09
C ALA C 30 -25.84 11.78 -12.97
N GLY C 31 -24.53 11.68 -13.21
CA GLY C 31 -23.54 11.11 -12.28
C GLY C 31 -22.21 10.77 -12.93
N ALA C 32 -21.29 10.18 -12.14
CA ALA C 32 -19.96 9.73 -12.57
C ALA C 32 -19.52 8.43 -11.86
N GLY C 33 -18.41 7.85 -12.32
CA GLY C 33 -17.81 6.62 -11.80
C GLY C 33 -16.28 6.65 -11.91
N ASN C 34 -15.59 7.01 -10.81
CA ASN C 34 -14.15 7.25 -10.78
C ASN C 34 -13.40 6.66 -9.55
N SER C 35 -14.09 6.06 -8.57
CA SER C 35 -13.45 5.55 -7.33
C SER C 35 -12.58 4.30 -7.51
N VAL C 36 -12.63 3.64 -8.68
CA VAL C 36 -11.99 2.34 -8.93
C VAL C 36 -10.74 2.43 -9.83
N LEU C 37 -9.76 1.57 -9.53
CA LEU C 37 -8.51 1.33 -10.28
C LEU C 37 -8.52 -0.05 -10.91
N LEU C 38 -8.37 -0.09 -12.22
CA LEU C 38 -8.07 -1.27 -13.01
C LEU C 38 -6.61 -1.63 -12.74
N VAL C 39 -6.35 -2.72 -12.00
CA VAL C 39 -4.99 -3.26 -11.85
C VAL C 39 -4.79 -4.42 -12.82
N SER C 40 -3.79 -4.36 -13.69
CA SER C 40 -3.50 -5.40 -14.68
C SER C 40 -2.02 -5.81 -14.69
N ASN C 41 -1.70 -6.91 -15.37
CA ASN C 41 -0.38 -7.54 -15.52
C ASN C 41 0.24 -8.07 -14.20
N LEU C 42 -0.50 -8.03 -13.08
CA LEU C 42 -0.09 -8.61 -11.81
C LEU C 42 0.06 -10.14 -11.89
N ASN C 43 0.93 -10.72 -11.07
CA ASN C 43 1.18 -12.16 -11.00
C ASN C 43 0.54 -12.77 -9.73
N PRO C 44 -0.68 -13.34 -9.82
CA PRO C 44 -1.44 -13.80 -8.64
C PRO C 44 -0.84 -15.04 -7.95
N GLU C 45 0.19 -15.64 -8.55
CA GLU C 45 0.99 -16.75 -8.01
C GLU C 45 1.62 -16.45 -6.64
N ARG C 46 2.02 -15.18 -6.41
CA ARG C 46 2.89 -14.75 -5.31
C ARG C 46 2.62 -13.35 -4.74
N VAL C 47 1.74 -12.55 -5.35
CA VAL C 47 1.19 -11.34 -4.69
C VAL C 47 0.19 -11.76 -3.60
N THR C 48 -0.22 -10.84 -2.72
CA THR C 48 -1.31 -11.06 -1.75
C THR C 48 -2.15 -9.80 -1.56
N PRO C 49 -3.48 -9.93 -1.28
CA PRO C 49 -4.36 -8.82 -0.99
C PRO C 49 -3.81 -7.89 0.09
N GLN C 50 -3.17 -8.40 1.15
CA GLN C 50 -2.57 -7.58 2.20
C GLN C 50 -1.48 -6.64 1.67
N SER C 51 -0.54 -7.14 0.86
CA SER C 51 0.57 -6.34 0.31
C SER C 51 0.08 -5.25 -0.62
N LEU C 52 -0.77 -5.60 -1.60
CA LEU C 52 -1.36 -4.60 -2.49
C LEU C 52 -2.29 -3.61 -1.74
N PHE C 53 -3.05 -4.08 -0.74
CA PHE C 53 -3.83 -3.22 0.15
C PHE C 53 -2.95 -2.20 0.88
N ILE C 54 -1.84 -2.63 1.48
CA ILE C 54 -0.90 -1.75 2.21
C ILE C 54 -0.36 -0.66 1.27
N LEU C 55 0.19 -1.02 0.10
CA LEU C 55 0.70 -0.05 -0.89
C LEU C 55 -0.36 1.00 -1.29
N PHE C 56 -1.41 0.56 -1.98
CA PHE C 56 -2.54 1.40 -2.39
C PHE C 56 -3.15 2.14 -1.19
N GLY C 57 -3.09 1.55 0.02
CA GLY C 57 -3.55 2.09 1.29
C GLY C 57 -2.61 3.13 1.93
N VAL C 58 -1.35 3.23 1.51
CA VAL C 58 -0.43 4.31 1.88
C VAL C 58 -0.77 5.52 1.05
N TYR C 59 -1.02 5.32 -0.24
CA TYR C 59 -1.40 6.42 -1.14
C TYR C 59 -2.84 6.94 -0.94
N GLY C 60 -3.79 6.02 -0.79
CA GLY C 60 -5.22 6.27 -1.05
C GLY C 60 -6.19 5.39 -0.25
N ASP C 61 -5.69 4.76 0.80
CA ASP C 61 -6.41 4.16 1.95
C ASP C 61 -7.18 2.83 1.67
N VAL C 62 -7.75 2.65 0.47
CA VAL C 62 -8.48 1.47 -0.05
C VAL C 62 -9.76 1.11 0.72
N GLN C 63 -10.91 1.21 0.06
CA GLN C 63 -12.22 0.82 0.58
C GLN C 63 -12.61 -0.63 0.23
N ARG C 64 -12.16 -1.20 -0.90
CA ARG C 64 -12.32 -2.64 -1.24
C ARG C 64 -11.52 -3.09 -2.47
N VAL C 65 -11.33 -4.40 -2.58
CA VAL C 65 -10.47 -5.09 -3.57
C VAL C 65 -11.25 -6.25 -4.20
N LYS C 66 -11.68 -6.13 -5.46
CA LYS C 66 -12.12 -7.25 -6.29
C LYS C 66 -10.91 -7.86 -7.02
N ILE C 67 -10.51 -9.07 -6.64
CA ILE C 67 -9.43 -9.81 -7.33
C ILE C 67 -10.06 -10.58 -8.50
N LEU C 68 -9.35 -10.67 -9.62
CA LEU C 68 -9.73 -11.45 -10.81
C LEU C 68 -8.64 -12.47 -11.17
N PHE C 69 -8.92 -13.31 -12.16
CA PHE C 69 -8.47 -14.70 -12.12
C PHE C 69 -7.18 -14.99 -12.88
N ASN C 70 -6.59 -16.17 -12.61
CA ASN C 70 -5.24 -16.54 -13.00
C ASN C 70 -4.96 -16.52 -14.53
N LYS C 71 -5.98 -16.71 -15.36
CA LYS C 71 -5.92 -16.60 -16.83
C LYS C 71 -5.94 -15.15 -17.35
N LYS C 72 -6.40 -14.21 -16.52
CA LYS C 72 -6.71 -12.80 -16.87
C LYS C 72 -5.79 -11.79 -16.17
N GLU C 73 -5.11 -12.17 -15.09
CA GLU C 73 -4.02 -11.42 -14.43
C GLU C 73 -4.43 -9.98 -14.06
N ASN C 74 -5.63 -9.83 -13.48
CA ASN C 74 -6.28 -8.54 -13.23
C ASN C 74 -6.90 -8.41 -11.81
N ALA C 75 -7.27 -7.19 -11.44
CA ALA C 75 -8.04 -6.79 -10.27
C ALA C 75 -8.65 -5.39 -10.49
N LEU C 76 -9.51 -4.94 -9.59
CA LEU C 76 -10.47 -3.85 -9.77
C LEU C 76 -10.74 -3.28 -8.36
N VAL C 77 -10.14 -2.13 -8.07
CA VAL C 77 -9.77 -1.69 -6.71
C VAL C 77 -10.42 -0.37 -6.34
N GLN C 78 -11.38 -0.41 -5.41
CA GLN C 78 -12.09 0.78 -4.96
C GLN C 78 -11.29 1.52 -3.89
N MET C 79 -10.75 2.66 -4.30
CA MET C 79 -10.00 3.60 -3.47
C MET C 79 -10.95 4.47 -2.61
N ALA C 80 -10.42 5.31 -1.72
CA ALA C 80 -11.25 6.24 -0.92
C ALA C 80 -11.85 7.41 -1.72
N ASP C 81 -11.27 7.79 -2.87
CA ASP C 81 -11.79 8.79 -3.81
C ASP C 81 -11.12 8.64 -5.19
N GLY C 82 -11.69 9.21 -6.25
CA GLY C 82 -11.11 9.21 -7.60
C GLY C 82 -9.82 10.03 -7.75
N ASN C 83 -9.60 11.08 -6.94
CA ASN C 83 -8.30 11.78 -6.90
C ASN C 83 -7.22 10.93 -6.21
N GLN C 84 -7.59 10.19 -5.15
CA GLN C 84 -6.70 9.23 -4.46
C GLN C 84 -6.38 8.02 -5.34
N ALA C 85 -7.32 7.59 -6.19
CA ALA C 85 -7.08 6.63 -7.27
C ALA C 85 -6.02 7.15 -8.26
N GLN C 86 -6.22 8.35 -8.81
CA GLN C 86 -5.23 8.98 -9.71
C GLN C 86 -3.85 9.14 -9.06
N LEU C 87 -3.76 9.50 -7.78
CA LEU C 87 -2.54 9.56 -6.99
C LEU C 87 -1.85 8.20 -6.86
N ALA C 88 -2.54 7.17 -6.36
CA ALA C 88 -2.01 5.81 -6.21
C ALA C 88 -1.53 5.23 -7.55
N MET C 89 -2.30 5.41 -8.63
CA MET C 89 -1.92 5.09 -10.01
C MET C 89 -0.63 5.84 -10.43
N SER C 90 -0.58 7.16 -10.23
CA SER C 90 0.58 8.01 -10.60
C SER C 90 1.89 7.57 -9.96
N HIS C 91 1.85 6.99 -8.76
CA HIS C 91 3.00 6.29 -8.18
C HIS C 91 3.19 4.89 -8.80
N LEU C 92 2.29 3.95 -8.49
CA LEU C 92 2.53 2.51 -8.62
C LEU C 92 2.56 1.95 -10.05
N ASN C 93 2.07 2.67 -11.06
CA ASN C 93 2.09 2.23 -12.46
C ASN C 93 3.52 1.83 -12.92
N GLY C 94 3.68 0.54 -13.23
CA GLY C 94 4.91 -0.07 -13.75
C GLY C 94 5.95 -0.46 -12.71
N HIS C 95 5.65 -0.38 -11.40
CA HIS C 95 6.61 -0.70 -10.33
C HIS C 95 7.11 -2.15 -10.38
N LYS C 96 8.44 -2.30 -10.22
CA LYS C 96 9.15 -3.55 -9.98
C LYS C 96 8.94 -3.98 -8.52
N LEU C 97 8.31 -5.13 -8.32
CA LEU C 97 8.29 -5.86 -7.04
C LEU C 97 8.40 -7.37 -7.26
N HIS C 98 7.29 -8.12 -7.29
CA HIS C 98 7.23 -9.58 -7.43
C HIS C 98 7.56 -10.11 -8.85
N GLY C 99 7.87 -9.21 -9.80
CA GLY C 99 8.38 -9.54 -11.13
C GLY C 99 7.86 -8.59 -12.21
N LYS C 100 6.59 -8.74 -12.59
CA LYS C 100 5.94 -7.96 -13.67
C LYS C 100 5.80 -6.46 -13.33
N PRO C 101 5.93 -5.56 -14.33
CA PRO C 101 5.53 -4.16 -14.20
C PRO C 101 4.00 -4.05 -14.16
N ILE C 102 3.46 -3.66 -13.01
CA ILE C 102 2.01 -3.57 -12.74
C ILE C 102 1.34 -2.46 -13.57
N ARG C 103 0.50 -2.79 -14.55
CA ARG C 103 -0.35 -1.81 -15.23
C ARG C 103 -1.42 -1.29 -14.27
N ILE C 104 -1.68 0.02 -14.26
CA ILE C 104 -2.74 0.64 -13.44
C ILE C 104 -3.43 1.72 -14.26
N THR C 105 -4.74 1.62 -14.40
CA THR C 105 -5.59 2.54 -15.18
C THR C 105 -6.80 2.97 -14.34
N LEU C 106 -7.31 4.18 -14.53
CA LEU C 106 -8.55 4.62 -13.89
C LEU C 106 -9.75 3.86 -14.51
N SER C 107 -10.35 2.93 -13.76
CA SER C 107 -11.49 2.11 -14.20
C SER C 107 -12.65 2.91 -14.81
N LYS C 108 -13.33 2.27 -15.77
CA LYS C 108 -14.62 2.67 -16.36
C LYS C 108 -15.84 2.44 -15.43
N HIS C 109 -15.64 1.68 -14.36
CA HIS C 109 -16.63 1.23 -13.37
C HIS C 109 -16.92 2.25 -12.25
N GLN C 110 -17.82 1.88 -11.33
CA GLN C 110 -18.29 2.75 -10.24
C GLN C 110 -18.17 2.12 -8.82
N ASN C 111 -18.30 0.79 -8.71
CA ASN C 111 -18.21 0.03 -7.45
C ASN C 111 -17.87 -1.46 -7.73
N VAL C 112 -17.77 -2.28 -6.67
CA VAL C 112 -17.70 -3.76 -6.75
C VAL C 112 -18.81 -4.42 -5.94
N GLN C 113 -19.29 -5.57 -6.42
CA GLN C 113 -20.58 -6.17 -6.05
C GLN C 113 -20.66 -6.84 -4.66
N LEU C 114 -19.52 -6.95 -3.97
CA LEU C 114 -19.28 -7.73 -2.74
C LEU C 114 -19.55 -9.26 -2.88
N PRO C 115 -19.04 -10.11 -1.96
CA PRO C 115 -19.20 -11.55 -2.02
C PRO C 115 -20.53 -12.01 -1.39
N ARG C 116 -20.83 -13.33 -1.45
CA ARG C 116 -22.01 -13.94 -0.84
C ARG C 116 -21.97 -13.90 0.69
N GLU C 117 -23.12 -13.69 1.33
CA GLU C 117 -23.27 -13.71 2.79
C GLU C 117 -23.11 -15.14 3.37
N GLY C 118 -22.30 -15.27 4.43
CA GLY C 118 -22.11 -16.51 5.21
C GLY C 118 -21.46 -17.71 4.47
N GLN C 119 -21.08 -17.55 3.20
CA GLN C 119 -20.52 -18.62 2.35
C GLN C 119 -19.09 -19.00 2.77
N GLU C 120 -18.70 -20.26 2.52
CA GLU C 120 -17.40 -20.83 2.93
C GLU C 120 -16.20 -20.45 2.03
N ASP C 121 -16.43 -19.74 0.93
CA ASP C 121 -15.41 -19.31 -0.05
C ASP C 121 -14.33 -18.38 0.53
N GLN C 122 -13.18 -18.29 -0.15
CA GLN C 122 -12.03 -17.46 0.24
C GLN C 122 -12.28 -15.95 0.15
N GLY C 123 -13.30 -15.53 -0.62
CA GLY C 123 -13.76 -14.14 -0.73
C GLY C 123 -12.78 -13.22 -1.46
N LEU C 124 -12.65 -13.38 -2.78
CA LEU C 124 -11.77 -12.58 -3.64
C LEU C 124 -12.30 -11.15 -3.84
N THR C 125 -13.53 -10.86 -3.44
CA THR C 125 -14.06 -9.50 -3.26
C THR C 125 -13.91 -9.07 -1.79
N LYS C 126 -12.72 -8.62 -1.39
CA LYS C 126 -12.43 -8.16 -0.01
C LYS C 126 -12.98 -6.78 0.27
N ASP C 127 -13.92 -6.71 1.21
CA ASP C 127 -14.51 -5.48 1.75
C ASP C 127 -13.63 -4.88 2.85
N TYR C 128 -12.92 -3.79 2.54
CA TYR C 128 -12.09 -3.01 3.46
C TYR C 128 -12.81 -1.77 4.02
N GLY C 129 -14.14 -1.65 3.80
CA GLY C 129 -14.95 -0.53 4.29
C GLY C 129 -15.00 -0.38 5.83
N ASN C 130 -14.65 -1.43 6.56
CA ASN C 130 -14.36 -1.44 8.00
C ASN C 130 -13.03 -2.20 8.27
N SER C 131 -11.98 -1.82 7.54
CA SER C 131 -10.63 -2.41 7.64
C SER C 131 -10.07 -2.39 9.07
N PRO C 132 -9.35 -3.46 9.50
CA PRO C 132 -8.60 -3.45 10.76
C PRO C 132 -7.27 -2.67 10.68
N LEU C 133 -6.87 -2.18 9.50
CA LEU C 133 -5.50 -1.78 9.18
C LEU C 133 -5.36 -0.44 8.43
N HIS C 134 -6.41 0.01 7.72
CA HIS C 134 -6.43 1.32 7.04
C HIS C 134 -6.14 2.51 7.98
N ARG C 135 -5.75 3.68 7.43
CA ARG C 135 -4.99 4.72 8.14
C ARG C 135 -5.64 6.11 8.11
N PHE C 136 -6.11 6.56 6.96
CA PHE C 136 -6.51 7.95 6.72
C PHE C 136 -8.00 8.19 6.95
N LYS C 137 -8.85 7.21 6.62
CA LYS C 137 -10.29 7.03 6.94
C LYS C 137 -11.28 8.13 6.49
N LYS C 138 -10.82 9.36 6.26
CA LYS C 138 -11.61 10.55 5.91
C LYS C 138 -11.00 11.24 4.67
N PRO C 139 -11.64 11.19 3.49
CA PRO C 139 -11.14 11.89 2.29
C PRO C 139 -11.21 13.41 2.49
N GLY C 140 -10.24 14.12 1.92
CA GLY C 140 -10.08 15.57 2.07
C GLY C 140 -9.80 16.00 3.52
N SER C 141 -8.69 15.52 4.09
CA SER C 141 -8.28 15.73 5.49
C SER C 141 -6.81 16.17 5.62
N LYS C 142 -6.46 16.72 6.78
CA LYS C 142 -5.08 17.06 7.22
C LYS C 142 -4.17 15.83 7.38
N ASN C 143 -4.74 14.64 7.55
CA ASN C 143 -4.03 13.42 7.96
C ASN C 143 -3.03 12.89 6.91
N PHE C 144 -3.05 13.39 5.67
CA PHE C 144 -2.24 12.96 4.53
C PHE C 144 -0.78 13.48 4.52
N GLN C 145 -0.43 14.41 5.44
CA GLN C 145 0.88 15.11 5.47
C GLN C 145 2.12 14.24 5.72
N ASN C 146 1.97 12.96 6.05
CA ASN C 146 3.06 11.99 6.26
C ASN C 146 3.23 10.95 5.13
N ILE C 147 2.45 11.03 4.03
CA ILE C 147 2.58 10.20 2.83
C ILE C 147 3.72 10.74 1.93
N PHE C 148 4.69 9.90 1.57
CA PHE C 148 5.82 10.27 0.67
C PHE C 148 6.01 9.28 -0.51
N PRO C 149 6.56 9.73 -1.65
CA PRO C 149 6.84 8.87 -2.81
C PRO C 149 7.89 7.77 -2.52
N PRO C 150 7.87 6.66 -3.26
CA PRO C 150 9.00 5.73 -3.40
C PRO C 150 10.28 6.42 -3.90
N SER C 151 11.17 6.76 -2.95
CA SER C 151 12.40 7.56 -3.20
C SER C 151 13.66 6.92 -2.61
N ALA C 152 13.62 5.62 -2.29
CA ALA C 152 14.65 4.80 -1.63
C ALA C 152 15.05 5.24 -0.19
N THR C 153 14.63 6.43 0.24
CA THR C 153 14.79 6.98 1.60
C THR C 153 13.59 6.58 2.46
N LEU C 154 13.81 5.80 3.51
CA LEU C 154 12.81 5.23 4.41
C LEU C 154 12.67 6.03 5.72
N HIS C 155 11.49 5.90 6.34
CA HIS C 155 11.07 6.42 7.64
C HIS C 155 10.28 5.33 8.39
N LEU C 156 10.75 4.95 9.58
CA LEU C 156 10.35 3.71 10.25
C LEU C 156 9.91 3.97 11.70
N SER C 157 8.72 3.49 12.07
CA SER C 157 8.02 3.90 13.29
C SER C 157 7.20 2.77 13.95
N ASN C 158 6.69 3.00 15.17
CA ASN C 158 6.04 2.02 16.08
C ASN C 158 6.95 0.86 16.54
N ILE C 159 8.20 0.87 16.07
CA ILE C 159 9.36 0.09 16.50
C ILE C 159 9.47 0.03 18.04
N PRO C 160 9.43 -1.15 18.69
CA PRO C 160 9.64 -1.29 20.12
C PRO C 160 11.11 -1.11 20.53
N PRO C 161 11.42 -0.95 21.83
CA PRO C 161 12.79 -0.95 22.35
C PRO C 161 13.63 -2.18 21.94
N SER C 162 13.00 -3.35 21.83
CA SER C 162 13.63 -4.68 21.74
C SER C 162 14.49 -4.97 20.51
N VAL C 163 14.36 -4.20 19.42
CA VAL C 163 15.11 -4.39 18.16
C VAL C 163 16.25 -3.38 18.03
N SER C 164 17.49 -3.85 18.09
CA SER C 164 18.72 -3.04 17.96
C SER C 164 18.98 -2.60 16.51
N GLU C 165 20.02 -1.77 16.30
CA GLU C 165 20.48 -1.36 14.96
C GLU C 165 20.81 -2.59 14.09
N GLU C 166 21.53 -3.56 14.68
CA GLU C 166 21.89 -4.83 14.04
C GLU C 166 20.68 -5.70 13.66
N ASP C 167 19.56 -5.60 14.38
CA ASP C 167 18.30 -6.26 14.00
C ASP C 167 17.69 -5.58 12.77
N LEU C 168 17.33 -4.29 12.90
CA LEU C 168 16.65 -3.50 11.86
C LEU C 168 17.39 -3.55 10.52
N LYS C 169 18.71 -3.35 10.51
CA LYS C 169 19.48 -3.37 9.25
C LYS C 169 19.50 -4.76 8.58
N VAL C 170 19.35 -5.85 9.33
CA VAL C 170 19.33 -7.22 8.76
C VAL C 170 17.92 -7.56 8.30
N LEU C 171 16.90 -7.07 9.00
CA LEU C 171 15.51 -7.12 8.62
C LEU C 171 15.29 -6.55 7.21
N PHE C 172 15.78 -5.33 6.96
CA PHE C 172 15.78 -4.67 5.65
C PHE C 172 16.76 -5.35 4.66
N SER C 173 17.97 -5.69 5.08
CA SER C 173 18.95 -6.40 4.22
C SER C 173 18.48 -7.79 3.77
N SER C 174 17.55 -8.44 4.50
CA SER C 174 16.90 -9.70 4.07
C SER C 174 16.22 -9.64 2.69
N ASN C 175 15.94 -8.44 2.17
CA ASN C 175 15.43 -8.22 0.82
C ASN C 175 16.43 -8.58 -0.31
N GLY C 176 17.73 -8.67 -0.01
CA GLY C 176 18.81 -8.64 -0.99
C GLY C 176 18.89 -7.29 -1.73
N GLY C 177 19.06 -6.16 -1.03
CA GLY C 177 19.37 -6.01 0.41
C GLY C 177 20.34 -4.90 0.78
N VAL C 178 20.63 -3.94 -0.10
CA VAL C 178 21.60 -2.85 0.13
C VAL C 178 21.00 -1.79 1.05
N VAL C 179 21.19 -1.93 2.36
CA VAL C 179 20.96 -0.85 3.34
C VAL C 179 22.15 0.12 3.27
N LYS C 180 22.00 1.19 2.50
CA LYS C 180 22.96 2.32 2.40
C LYS C 180 23.23 2.97 3.76
N GLY C 181 22.15 3.38 4.41
CA GLY C 181 22.16 4.38 5.47
C GLY C 181 21.06 4.15 6.49
N PHE C 182 21.16 4.92 7.57
CA PHE C 182 20.55 4.64 8.88
C PHE C 182 20.87 5.74 9.91
N LYS C 183 19.86 6.17 10.67
CA LYS C 183 19.98 6.73 12.03
C LYS C 183 18.76 6.36 12.89
N PHE C 184 18.98 6.10 14.19
CA PHE C 184 17.89 6.05 15.18
C PHE C 184 17.42 7.47 15.52
N PHE C 185 16.18 7.59 16.03
CA PHE C 185 15.55 8.84 16.45
C PHE C 185 15.44 8.99 17.98
N GLN C 186 15.34 7.88 18.71
CA GLN C 186 15.15 7.81 20.17
C GLN C 186 13.95 8.64 20.69
N LYS C 187 12.85 8.67 19.91
CA LYS C 187 11.55 9.29 20.21
C LYS C 187 10.44 8.24 20.22
N ASP C 188 9.26 8.54 20.77
CA ASP C 188 8.09 7.64 20.76
C ASP C 188 7.71 7.15 19.35
N ARG C 189 7.74 5.85 19.03
CA ARG C 189 7.97 4.67 19.88
C ARG C 189 9.44 4.38 20.21
N LYS C 190 10.30 4.27 19.20
CA LYS C 190 11.78 4.45 19.29
C LYS C 190 12.27 5.20 18.06
N MET C 191 11.69 4.79 16.92
CA MET C 191 11.76 5.36 15.56
C MET C 191 13.16 5.37 14.94
N ALA C 192 13.19 5.29 13.63
CA ALA C 192 14.40 5.37 12.82
C ALA C 192 14.17 5.94 11.40
N LEU C 193 15.27 6.20 10.71
CA LEU C 193 15.41 6.81 9.39
C LEU C 193 16.45 6.03 8.60
N ILE C 194 16.14 5.53 7.40
CA ILE C 194 17.00 4.60 6.64
C ILE C 194 17.16 5.03 5.18
N GLN C 195 18.22 4.56 4.52
CA GLN C 195 18.42 4.66 3.05
C GLN C 195 18.67 3.27 2.47
N MET C 196 17.93 2.90 1.43
CA MET C 196 18.16 1.71 0.59
C MET C 196 18.98 2.07 -0.66
N GLY C 197 19.57 1.07 -1.33
CA GLY C 197 20.31 1.24 -2.58
C GLY C 197 19.43 1.64 -3.77
N SER C 198 18.23 1.03 -3.87
CA SER C 198 17.27 1.25 -4.96
C SER C 198 15.81 1.36 -4.47
N VAL C 199 14.96 1.99 -5.30
CA VAL C 199 13.53 2.18 -5.01
C VAL C 199 12.80 0.85 -4.89
N GLU C 200 13.05 -0.11 -5.79
CA GLU C 200 12.42 -1.44 -5.73
C GLU C 200 12.80 -2.25 -4.47
N GLU C 201 14.01 -2.05 -3.92
CA GLU C 201 14.38 -2.59 -2.61
C GLU C 201 13.56 -1.95 -1.49
N ALA C 202 13.43 -0.61 -1.49
CA ALA C 202 12.61 0.10 -0.50
C ALA C 202 11.11 -0.26 -0.57
N VAL C 203 10.56 -0.43 -1.78
CA VAL C 203 9.19 -0.96 -2.04
C VAL C 203 9.00 -2.33 -1.40
N GLN C 204 9.91 -3.28 -1.62
CA GLN C 204 9.73 -4.62 -1.06
C GLN C 204 10.14 -4.73 0.42
N ALA C 205 11.01 -3.85 0.92
CA ALA C 205 11.16 -3.65 2.36
C ALA C 205 9.83 -3.20 3.00
N LEU C 206 9.09 -2.28 2.36
CA LEU C 206 7.71 -1.95 2.75
C LEU C 206 6.80 -3.19 2.73
N ILE C 207 6.60 -3.90 1.59
CA ILE C 207 5.61 -5.00 1.58
C ILE C 207 5.97 -6.15 2.53
N ASP C 208 7.25 -6.40 2.78
CA ASP C 208 7.72 -7.42 3.74
C ASP C 208 7.55 -6.99 5.22
N LEU C 209 7.94 -5.75 5.57
CA LEU C 209 8.14 -5.35 6.96
C LEU C 209 7.10 -4.37 7.52
N HIS C 210 6.28 -3.70 6.69
CA HIS C 210 5.13 -2.94 7.17
C HIS C 210 4.16 -3.85 7.94
N ASN C 211 4.10 -3.58 9.23
CA ASN C 211 3.44 -4.34 10.31
C ASN C 211 4.01 -5.76 10.51
N HIS C 212 5.35 -5.90 10.45
CA HIS C 212 6.07 -7.12 10.85
C HIS C 212 5.72 -7.53 12.28
N ASP C 213 5.50 -8.83 12.51
CA ASP C 213 4.95 -9.35 13.76
C ASP C 213 5.93 -9.34 14.95
N LEU C 214 5.71 -8.40 15.87
CA LEU C 214 6.49 -8.22 17.11
C LEU C 214 5.65 -8.40 18.40
N GLY C 215 4.31 -8.50 18.29
CA GLY C 215 3.44 -8.95 19.37
C GLY C 215 1.96 -8.87 18.98
N GLU C 216 1.34 -7.72 19.28
CA GLU C 216 -0.01 -7.34 18.81
C GLU C 216 -0.15 -5.82 18.54
N ASN C 217 0.60 -4.98 19.27
CA ASN C 217 0.57 -3.51 19.13
C ASN C 217 1.93 -2.88 18.75
N HIS C 218 3.03 -3.63 18.80
CA HIS C 218 4.39 -3.19 18.47
C HIS C 218 4.80 -3.43 17.00
N HIS C 219 3.85 -3.87 16.17
CA HIS C 219 4.03 -4.12 14.74
C HIS C 219 4.45 -2.83 14.02
N LEU C 220 5.70 -2.76 13.53
CA LEU C 220 6.29 -1.50 13.03
C LEU C 220 5.66 -1.00 11.72
N ARG C 221 5.85 0.26 11.36
CA ARG C 221 5.42 0.87 10.09
C ARG C 221 6.65 1.29 9.28
N VAL C 222 6.52 1.20 7.96
CA VAL C 222 7.64 1.28 7.00
C VAL C 222 7.22 2.21 5.86
N SER C 223 7.35 3.51 6.11
CA SER C 223 7.09 4.57 5.14
C SER C 223 8.39 5.03 4.45
N PHE C 224 8.22 5.88 3.44
CA PHE C 224 9.25 6.71 2.85
C PHE C 224 9.39 8.04 3.60
N SER C 225 10.60 8.60 3.58
CA SER C 225 10.93 9.83 4.31
C SER C 225 10.90 11.09 3.44
N LYS C 226 10.04 12.01 3.87
CA LYS C 226 10.28 13.47 4.00
C LYS C 226 11.68 13.97 3.61
N SER C 227 12.76 13.52 4.26
CA SER C 227 14.10 14.15 4.20
C SER C 227 15.25 13.14 4.17
N THR C 228 16.45 13.58 3.78
CA THR C 228 17.68 12.78 3.80
C THR C 228 18.18 12.47 5.23
N ILE C 229 19.05 11.45 5.34
CA ILE C 229 19.63 10.94 6.60
C ILE C 229 20.68 11.93 7.16
N GLY C 22 -48.46 5.75 -6.55
CA GLY C 22 -47.89 6.46 -7.71
C GLY C 22 -46.49 5.95 -8.04
N ARG C 23 -45.70 6.77 -8.76
CA ARG C 23 -44.30 6.51 -9.16
C ARG C 23 -43.42 7.76 -9.10
N ILE C 24 -42.11 7.58 -9.18
CA ILE C 24 -41.11 8.67 -9.22
C ILE C 24 -41.17 9.47 -10.54
N ALA C 25 -40.66 10.71 -10.51
CA ALA C 25 -40.38 11.53 -11.69
C ALA C 25 -39.04 11.15 -12.35
N ILE C 26 -38.79 11.67 -13.56
CA ILE C 26 -37.51 11.52 -14.28
C ILE C 26 -36.41 12.30 -13.54
N PRO C 27 -35.31 11.65 -13.09
CA PRO C 27 -34.23 12.32 -12.34
C PRO C 27 -33.35 13.22 -13.24
N GLY C 28 -32.58 14.12 -12.59
CA GLY C 28 -31.70 15.11 -13.25
C GLY C 28 -30.23 15.09 -12.80
N LEU C 29 -29.84 14.15 -11.93
CA LEU C 29 -28.48 13.98 -11.39
C LEU C 29 -28.13 12.51 -11.10
N ALA C 30 -26.86 12.25 -10.77
CA ALA C 30 -26.33 10.93 -10.42
C ALA C 30 -25.21 11.00 -9.37
N GLY C 31 -24.77 9.84 -8.85
CA GLY C 31 -23.66 9.69 -7.90
C GLY C 31 -22.29 9.76 -8.61
N ALA C 32 -21.86 10.97 -8.95
CA ALA C 32 -20.61 11.26 -9.68
C ALA C 32 -19.32 10.86 -8.93
N GLY C 33 -18.20 10.85 -9.67
CA GLY C 33 -16.87 10.46 -9.19
C GLY C 33 -16.60 8.95 -9.30
N ASN C 34 -15.32 8.57 -9.40
CA ASN C 34 -14.85 7.21 -9.68
C ASN C 34 -13.73 6.81 -8.71
N SER C 35 -14.07 6.55 -7.44
CA SER C 35 -13.15 6.12 -6.37
C SER C 35 -12.70 4.66 -6.50
N VAL C 36 -12.25 4.26 -7.68
CA VAL C 36 -11.79 2.90 -8.03
C VAL C 36 -10.48 2.96 -8.83
N LEU C 37 -9.77 1.83 -8.91
CA LEU C 37 -8.63 1.62 -9.79
C LEU C 37 -8.71 0.27 -10.50
N LEU C 38 -8.52 0.29 -11.82
CA LEU C 38 -8.17 -0.89 -12.61
C LEU C 38 -6.71 -1.23 -12.32
N VAL C 39 -6.44 -2.46 -11.91
CA VAL C 39 -5.07 -3.01 -11.81
C VAL C 39 -4.94 -4.19 -12.76
N SER C 40 -3.97 -4.13 -13.67
CA SER C 40 -3.89 -5.00 -14.84
C SER C 40 -2.44 -5.41 -15.19
N ASN C 41 -2.28 -6.47 -15.98
CA ASN C 41 -0.99 -7.08 -16.36
C ASN C 41 -0.11 -7.55 -15.17
N LEU C 42 -0.70 -7.64 -13.98
CA LEU C 42 -0.15 -8.22 -12.75
C LEU C 42 0.16 -9.72 -12.88
N ASN C 43 0.83 -10.31 -11.88
CA ASN C 43 1.07 -11.75 -11.75
C ASN C 43 0.28 -12.30 -10.54
N PRO C 44 -0.85 -13.03 -10.73
CA PRO C 44 -1.67 -13.56 -9.65
C PRO C 44 -0.92 -14.44 -8.64
N GLU C 45 0.09 -15.19 -9.08
CA GLU C 45 0.89 -16.08 -8.22
C GLU C 45 1.77 -15.32 -7.20
N ARG C 46 2.05 -14.04 -7.47
CA ARG C 46 2.93 -13.16 -6.69
C ARG C 46 2.30 -11.80 -6.35
N VAL C 47 0.97 -11.72 -6.31
CA VAL C 47 0.21 -10.62 -5.69
C VAL C 47 -0.67 -11.16 -4.55
N THR C 48 -1.05 -10.28 -3.62
CA THR C 48 -2.00 -10.59 -2.53
C THR C 48 -2.76 -9.34 -2.09
N PRO C 49 -4.06 -9.45 -1.71
CA PRO C 49 -4.84 -8.39 -1.09
C PRO C 49 -4.13 -7.68 0.07
N GLN C 50 -3.27 -8.37 0.84
CA GLN C 50 -2.46 -7.76 1.91
C GLN C 50 -1.48 -6.69 1.38
N SER C 51 -0.80 -6.96 0.26
CA SER C 51 0.21 -6.06 -0.32
C SER C 51 -0.47 -4.90 -1.01
N LEU C 52 -1.48 -5.20 -1.82
CA LEU C 52 -2.43 -4.25 -2.40
C LEU C 52 -3.00 -3.29 -1.34
N PHE C 53 -3.55 -3.82 -0.25
CA PHE C 53 -4.06 -3.03 0.88
C PHE C 53 -3.02 -2.09 1.48
N ILE C 54 -1.86 -2.60 1.92
CA ILE C 54 -0.82 -1.77 2.54
C ILE C 54 -0.33 -0.67 1.58
N LEU C 55 -0.07 -1.01 0.31
CA LEU C 55 0.39 -0.06 -0.72
C LEU C 55 -0.65 1.05 -0.99
N PHE C 56 -1.82 0.70 -1.55
CA PHE C 56 -2.90 1.67 -1.85
C PHE C 56 -3.35 2.40 -0.56
N GLY C 57 -3.28 1.72 0.58
CA GLY C 57 -3.18 2.20 1.96
C GLY C 57 -2.34 3.47 2.16
N VAL C 58 -1.05 3.39 1.84
CA VAL C 58 -0.05 4.44 2.06
C VAL C 58 -0.32 5.60 1.13
N TYR C 59 -0.79 5.29 -0.09
CA TYR C 59 -1.16 6.25 -1.13
C TYR C 59 -2.50 6.97 -0.94
N GLY C 60 -3.35 6.52 0.00
CA GLY C 60 -4.52 7.27 0.44
C GLY C 60 -5.61 6.44 1.12
N ASP C 61 -5.62 5.12 0.83
CA ASP C 61 -6.39 4.02 1.44
C ASP C 61 -7.40 3.35 0.48
N VAL C 62 -7.73 2.08 0.78
CA VAL C 62 -8.60 1.22 0.00
C VAL C 62 -9.66 0.54 0.87
N GLN C 63 -10.91 0.56 0.39
CA GLN C 63 -12.11 0.07 1.09
C GLN C 63 -12.51 -1.33 0.65
N ARG C 64 -12.39 -1.66 -0.64
CA ARG C 64 -12.62 -3.03 -1.15
C ARG C 64 -11.65 -3.42 -2.27
N VAL C 65 -11.47 -4.72 -2.46
CA VAL C 65 -10.50 -5.32 -3.39
C VAL C 65 -11.17 -6.51 -4.10
N LYS C 66 -11.57 -6.36 -5.37
CA LYS C 66 -11.71 -7.52 -6.28
C LYS C 66 -10.36 -7.86 -6.89
N ILE C 67 -10.03 -9.15 -6.90
CA ILE C 67 -8.98 -9.73 -7.77
C ILE C 67 -9.59 -10.83 -8.64
N LEU C 68 -9.10 -10.96 -9.87
CA LEU C 68 -9.70 -11.84 -10.88
C LEU C 68 -8.79 -13.02 -11.24
N PHE C 69 -9.38 -13.96 -11.96
CA PHE C 69 -8.82 -15.25 -12.36
C PHE C 69 -7.57 -15.12 -13.25
N ASN C 70 -6.79 -16.23 -13.32
CA ASN C 70 -5.60 -16.35 -14.17
C ASN C 70 -5.95 -16.28 -15.68
N LYS C 71 -4.92 -16.18 -16.53
CA LYS C 71 -4.97 -15.77 -17.96
C LYS C 71 -5.38 -14.30 -18.13
N LYS C 72 -6.52 -13.88 -17.58
CA LYS C 72 -7.02 -12.49 -17.60
C LYS C 72 -6.14 -11.52 -16.78
N GLU C 73 -5.58 -11.97 -15.65
CA GLU C 73 -4.56 -11.28 -14.86
C GLU C 73 -4.92 -9.81 -14.53
N ASN C 74 -6.05 -9.64 -13.84
CA ASN C 74 -6.66 -8.34 -13.54
C ASN C 74 -7.21 -8.23 -12.10
N ALA C 75 -7.52 -7.00 -11.69
CA ALA C 75 -8.14 -6.62 -10.42
C ALA C 75 -8.81 -5.23 -10.56
N LEU C 76 -9.74 -4.92 -9.63
CA LEU C 76 -10.69 -3.82 -9.71
C LEU C 76 -10.98 -3.41 -8.25
N VAL C 77 -10.32 -2.34 -7.84
CA VAL C 77 -10.12 -1.93 -6.45
C VAL C 77 -11.00 -0.72 -6.16
N GLN C 78 -11.47 -0.53 -4.93
CA GLN C 78 -12.28 0.62 -4.51
C GLN C 78 -11.57 1.41 -3.41
N MET C 79 -10.94 2.53 -3.80
CA MET C 79 -10.19 3.45 -2.96
C MET C 79 -11.09 4.35 -2.08
N ALA C 80 -10.46 5.07 -1.14
CA ALA C 80 -11.12 6.06 -0.27
C ALA C 80 -11.69 7.29 -1.00
N ASP C 81 -11.11 7.69 -2.14
CA ASP C 81 -11.39 8.97 -2.82
C ASP C 81 -11.13 8.90 -4.34
N GLY C 82 -11.81 9.77 -5.10
CA GLY C 82 -11.80 9.83 -6.57
C GLY C 82 -10.58 10.49 -7.22
N ASN C 83 -9.69 11.14 -6.46
CA ASN C 83 -8.43 11.72 -6.93
C ASN C 83 -7.19 11.00 -6.36
N GLN C 84 -7.30 10.41 -5.17
CA GLN C 84 -6.30 9.49 -4.63
C GLN C 84 -6.09 8.25 -5.53
N ALA C 85 -7.12 7.87 -6.30
CA ALA C 85 -7.01 6.93 -7.42
C ALA C 85 -5.95 7.38 -8.46
N GLN C 86 -5.94 8.64 -8.91
CA GLN C 86 -4.88 9.16 -9.80
C GLN C 86 -3.52 9.21 -9.10
N LEU C 87 -3.45 9.54 -7.81
CA LEU C 87 -2.18 9.54 -7.07
C LEU C 87 -1.57 8.13 -6.95
N ALA C 88 -2.35 7.14 -6.51
CA ALA C 88 -1.92 5.73 -6.44
C ALA C 88 -1.46 5.20 -7.80
N MET C 89 -2.19 5.52 -8.88
CA MET C 89 -1.73 5.29 -10.27
C MET C 89 -0.37 5.95 -10.55
N SER C 90 -0.20 7.24 -10.23
CA SER C 90 1.03 8.00 -10.51
C SER C 90 2.27 7.39 -9.84
N HIS C 91 2.11 6.80 -8.65
CA HIS C 91 3.17 6.09 -7.95
C HIS C 91 3.39 4.65 -8.47
N LEU C 92 2.36 3.82 -8.50
CA LEU C 92 2.47 2.35 -8.69
C LEU C 92 2.52 1.86 -10.15
N ASN C 93 2.03 2.63 -11.13
CA ASN C 93 1.99 2.20 -12.53
C ASN C 93 3.40 1.88 -13.05
N GLY C 94 3.67 0.62 -13.39
CA GLY C 94 4.97 0.15 -13.88
C GLY C 94 6.00 -0.17 -12.80
N HIS C 95 5.57 -0.44 -11.56
CA HIS C 95 6.40 -1.09 -10.53
C HIS C 95 6.88 -2.48 -10.98
N LYS C 96 7.80 -3.10 -10.22
CA LYS C 96 8.53 -4.33 -10.59
C LYS C 96 8.54 -5.42 -9.50
N LEU C 97 7.69 -5.29 -8.48
CA LEU C 97 7.60 -6.16 -7.28
C LEU C 97 7.47 -7.67 -7.57
N HIS C 98 6.92 -8.04 -8.73
CA HIS C 98 6.86 -9.43 -9.22
C HIS C 98 7.28 -9.59 -10.70
N GLY C 99 8.08 -8.66 -11.24
CA GLY C 99 8.74 -8.79 -12.55
C GLY C 99 7.87 -8.47 -13.77
N LYS C 100 6.67 -7.91 -13.57
CA LYS C 100 5.71 -7.47 -14.61
C LYS C 100 5.43 -5.98 -14.48
N PRO C 101 5.36 -5.20 -15.59
CA PRO C 101 4.92 -3.81 -15.57
C PRO C 101 3.40 -3.74 -15.33
N ILE C 102 3.01 -3.42 -14.10
CA ILE C 102 1.60 -3.32 -13.69
C ILE C 102 0.95 -2.09 -14.35
N ARG C 103 0.07 -2.34 -15.32
CA ARG C 103 -0.87 -1.37 -15.90
C ARG C 103 -1.90 -0.95 -14.84
N ILE C 104 -1.93 0.33 -14.45
CA ILE C 104 -2.94 0.87 -13.54
C ILE C 104 -3.64 2.05 -14.24
N THR C 105 -4.97 2.10 -14.19
CA THR C 105 -5.75 3.22 -14.74
C THR C 105 -7.08 3.47 -14.02
N LEU C 106 -7.60 4.69 -14.13
CA LEU C 106 -8.89 5.12 -13.57
C LEU C 106 -10.07 4.44 -14.27
N SER C 107 -10.70 3.47 -13.61
CA SER C 107 -11.86 2.74 -14.13
C SER C 107 -13.08 3.61 -14.52
N LYS C 108 -13.96 3.01 -15.32
CA LYS C 108 -15.35 3.47 -15.56
C LYS C 108 -16.30 3.20 -14.38
N HIS C 109 -15.94 2.28 -13.48
CA HIS C 109 -16.74 1.83 -12.33
C HIS C 109 -16.84 2.89 -11.20
N GLN C 110 -17.67 2.63 -10.20
CA GLN C 110 -18.06 3.57 -9.14
C GLN C 110 -17.83 2.98 -7.74
N ASN C 111 -18.42 1.81 -7.47
CA ASN C 111 -18.23 0.99 -6.27
C ASN C 111 -18.26 -0.51 -6.63
N VAL C 112 -17.95 -1.40 -5.67
CA VAL C 112 -17.83 -2.85 -5.92
C VAL C 112 -18.63 -3.75 -4.97
N GLN C 113 -18.91 -4.97 -5.45
CA GLN C 113 -19.71 -6.01 -4.83
C GLN C 113 -19.04 -6.66 -3.59
N LEU C 114 -19.79 -7.51 -2.88
CA LEU C 114 -19.28 -8.55 -1.98
C LEU C 114 -20.12 -9.84 -2.14
N PRO C 115 -19.51 -10.99 -2.49
CA PRO C 115 -20.18 -12.29 -2.64
C PRO C 115 -21.10 -12.76 -1.52
N ARG C 116 -21.89 -13.81 -1.82
CA ARG C 116 -22.85 -14.50 -0.92
C ARG C 116 -22.20 -15.25 0.25
N GLU C 117 -20.90 -15.55 0.13
CA GLU C 117 -20.13 -16.54 0.91
C GLU C 117 -20.66 -17.99 0.73
N GLY C 118 -19.87 -18.98 1.14
CA GLY C 118 -20.21 -20.42 1.13
C GLY C 118 -20.22 -21.11 -0.24
N GLN C 119 -20.34 -20.37 -1.35
CA GLN C 119 -20.34 -20.90 -2.71
C GLN C 119 -18.93 -21.28 -3.20
N GLU C 120 -18.14 -20.31 -3.67
CA GLU C 120 -16.79 -20.56 -4.23
C GLU C 120 -15.74 -19.43 -4.04
N ASP C 121 -16.12 -18.24 -3.57
CA ASP C 121 -15.18 -17.15 -3.25
C ASP C 121 -14.22 -17.56 -2.11
N GLN C 122 -12.96 -17.82 -2.47
CA GLN C 122 -11.87 -18.20 -1.57
C GLN C 122 -10.97 -17.01 -1.17
N GLY C 123 -11.27 -15.79 -1.60
CA GLY C 123 -10.48 -14.57 -1.38
C GLY C 123 -10.34 -13.65 -2.61
N LEU C 124 -11.13 -13.86 -3.67
CA LEU C 124 -11.20 -13.00 -4.84
C LEU C 124 -11.90 -11.66 -4.54
N THR C 125 -12.62 -11.56 -3.43
CA THR C 125 -13.18 -10.29 -2.92
C THR C 125 -12.82 -10.10 -1.45
N LYS C 126 -12.28 -8.94 -1.09
CA LYS C 126 -12.00 -8.56 0.31
C LYS C 126 -12.60 -7.20 0.67
N ASP C 127 -13.20 -7.17 1.85
CA ASP C 127 -13.82 -6.03 2.53
C ASP C 127 -12.85 -5.41 3.56
N TYR C 128 -12.22 -4.30 3.18
CA TYR C 128 -11.26 -3.52 3.99
C TYR C 128 -11.87 -2.31 4.71
N GLY C 129 -13.21 -2.18 4.69
CA GLY C 129 -14.01 -1.17 5.40
C GLY C 129 -14.69 -1.75 6.65
N ASN C 130 -14.04 -1.84 7.81
CA ASN C 130 -12.67 -1.43 8.13
C ASN C 130 -11.68 -2.61 8.31
N SER C 131 -10.39 -2.29 8.32
CA SER C 131 -9.30 -3.13 8.83
C SER C 131 -8.80 -2.61 10.19
N PRO C 132 -8.26 -3.47 11.07
CA PRO C 132 -7.60 -3.03 12.30
C PRO C 132 -6.16 -2.52 12.09
N LEU C 133 -5.56 -2.71 10.90
CA LEU C 133 -4.15 -2.42 10.64
C LEU C 133 -3.94 -0.96 10.19
N HIS C 134 -4.24 -0.65 8.93
CA HIS C 134 -3.76 0.61 8.33
C HIS C 134 -4.77 1.77 8.54
N ARG C 135 -4.54 2.60 9.58
CA ARG C 135 -5.45 3.63 10.10
C ARG C 135 -5.74 4.85 9.20
N PHE C 136 -5.27 4.88 7.94
CA PHE C 136 -5.58 5.91 6.93
C PHE C 136 -7.08 5.95 6.51
N LYS C 137 -7.93 5.10 7.11
CA LYS C 137 -9.39 4.96 6.87
C LYS C 137 -10.15 6.29 6.78
N LYS C 138 -9.80 7.28 7.62
CA LYS C 138 -10.37 8.63 7.66
C LYS C 138 -9.86 9.48 6.46
N PRO C 139 -10.74 9.86 5.48
CA PRO C 139 -10.35 10.71 4.35
C PRO C 139 -9.99 12.13 4.81
N GLY C 140 -8.75 12.55 4.56
CA GLY C 140 -8.19 13.82 5.03
C GLY C 140 -7.75 13.76 6.49
N SER C 141 -6.87 12.81 6.83
CA SER C 141 -6.17 12.76 8.13
C SER C 141 -5.14 13.89 8.21
N LYS C 142 -5.27 14.79 9.19
CA LYS C 142 -4.54 16.08 9.31
C LYS C 142 -4.68 16.93 8.03
N ASN C 143 -3.76 16.79 7.06
CA ASN C 143 -3.90 17.25 5.67
C ASN C 143 -3.17 16.34 4.67
N PHE C 144 -2.88 15.10 5.04
CA PHE C 144 -2.18 14.06 4.26
C PHE C 144 -0.83 14.48 3.62
N GLN C 145 -0.11 15.45 4.22
CA GLN C 145 1.27 15.77 3.79
C GLN C 145 2.28 14.62 4.03
N ASN C 146 1.91 13.62 4.85
CA ASN C 146 2.56 12.32 4.98
C ASN C 146 1.92 11.27 4.04
N ILE C 147 2.11 11.48 2.72
CA ILE C 147 1.94 10.49 1.63
C ILE C 147 3.14 10.63 0.68
N PHE C 148 3.70 9.52 0.17
CA PHE C 148 5.14 9.48 -0.17
C PHE C 148 5.47 9.08 -1.62
N PRO C 149 6.62 9.58 -2.14
CA PRO C 149 7.26 9.09 -3.36
C PRO C 149 7.92 7.72 -3.11
N PRO C 150 7.57 6.65 -3.86
CA PRO C 150 8.28 5.36 -3.78
C PRO C 150 9.71 5.49 -4.31
N SER C 151 10.66 5.26 -3.42
CA SER C 151 12.09 5.45 -3.64
C SER C 151 12.92 4.37 -2.92
N ALA C 152 14.24 4.42 -3.05
CA ALA C 152 15.17 3.56 -2.32
C ALA C 152 15.31 3.94 -0.82
N THR C 153 14.60 4.97 -0.32
CA THR C 153 14.80 5.54 1.02
C THR C 153 13.52 5.47 1.87
N LEU C 154 13.67 5.18 3.17
CA LEU C 154 12.63 4.71 4.09
C LEU C 154 12.53 5.56 5.36
N HIS C 155 11.33 5.62 5.90
CA HIS C 155 10.91 6.21 7.16
C HIS C 155 10.03 5.22 7.90
N LEU C 156 10.45 4.87 9.11
CA LEU C 156 9.89 3.77 9.87
C LEU C 156 9.31 4.30 11.19
N SER C 157 8.18 3.78 11.62
CA SER C 157 7.37 4.34 12.72
C SER C 157 6.83 3.25 13.64
N ASN C 158 6.37 3.63 14.84
CA ASN C 158 5.63 2.81 15.81
C ASN C 158 6.47 1.66 16.44
N ILE C 159 7.77 1.70 16.19
CA ILE C 159 8.84 0.84 16.73
C ILE C 159 8.90 0.94 18.26
N PRO C 160 8.77 -0.17 19.02
CA PRO C 160 9.05 -0.16 20.46
C PRO C 160 10.57 -0.02 20.74
N PRO C 161 10.97 0.59 21.87
CA PRO C 161 12.38 0.94 22.14
C PRO C 161 13.29 -0.27 22.44
N SER C 162 12.74 -1.47 22.61
CA SER C 162 13.47 -2.75 22.72
C SER C 162 14.22 -3.15 21.44
N VAL C 163 13.75 -2.70 20.27
CA VAL C 163 14.34 -3.00 18.94
C VAL C 163 15.60 -2.15 18.70
N SER C 164 16.76 -2.79 18.62
CA SER C 164 18.05 -2.10 18.40
C SER C 164 18.26 -1.62 16.95
N GLU C 165 19.34 -0.85 16.74
CA GLU C 165 19.88 -0.51 15.41
C GLU C 165 20.07 -1.77 14.57
N GLU C 166 20.78 -2.75 15.14
CA GLU C 166 21.10 -4.02 14.47
C GLU C 166 19.85 -4.85 14.18
N ASP C 167 18.83 -4.84 15.07
CA ASP C 167 17.57 -5.53 14.83
C ASP C 167 16.86 -4.97 13.60
N LEU C 168 16.69 -3.64 13.51
CA LEU C 168 16.11 -2.99 12.33
C LEU C 168 16.90 -3.32 11.05
N LYS C 169 18.24 -3.31 11.10
CA LYS C 169 19.09 -3.66 9.96
C LYS C 169 18.95 -5.13 9.55
N VAL C 170 18.68 -6.07 10.47
CA VAL C 170 18.46 -7.50 10.13
C VAL C 170 17.08 -7.70 9.53
N LEU C 171 16.07 -7.01 10.05
CA LEU C 171 14.72 -6.93 9.47
C LEU C 171 14.78 -6.54 7.99
N PHE C 172 15.34 -5.37 7.68
CA PHE C 172 15.46 -4.86 6.32
C PHE C 172 16.49 -5.67 5.49
N SER C 173 17.56 -6.20 6.10
CA SER C 173 18.45 -7.18 5.43
C SER C 173 17.70 -8.44 4.98
N SER C 174 16.78 -8.97 5.80
CA SER C 174 16.01 -10.20 5.49
C SER C 174 15.14 -10.16 4.23
N ASN C 175 14.95 -9.01 3.62
CA ASN C 175 14.29 -8.86 2.32
C ASN C 175 15.12 -9.37 1.12
N GLY C 176 16.44 -9.36 1.24
CA GLY C 176 17.42 -9.59 0.16
C GLY C 176 18.79 -9.07 0.56
N GLY C 177 18.86 -7.77 0.89
CA GLY C 177 19.78 -7.24 1.90
C GLY C 177 20.83 -6.29 1.35
N VAL C 178 20.41 -5.04 1.13
CA VAL C 178 21.23 -3.96 0.58
C VAL C 178 21.01 -2.66 1.36
N VAL C 179 21.12 -2.70 2.70
CA VAL C 179 20.94 -1.53 3.58
C VAL C 179 22.09 -0.51 3.35
N LYS C 180 21.80 0.58 2.64
CA LYS C 180 22.68 1.77 2.49
C LYS C 180 22.91 2.49 3.82
N GLY C 181 21.80 2.82 4.49
CA GLY C 181 21.74 3.90 5.46
C GLY C 181 20.68 3.69 6.53
N PHE C 182 20.75 4.58 7.52
CA PHE C 182 20.16 4.41 8.86
C PHE C 182 20.49 5.60 9.80
N LYS C 183 19.46 6.09 10.50
CA LYS C 183 19.51 6.80 11.80
C LYS C 183 18.24 6.53 12.60
N PHE C 184 18.33 6.53 13.93
CA PHE C 184 17.14 6.63 14.79
C PHE C 184 16.64 8.09 14.86
N PHE C 185 15.38 8.27 15.28
CA PHE C 185 14.85 9.58 15.67
C PHE C 185 15.05 9.82 17.17
N GLN C 186 15.95 10.73 17.55
CA GLN C 186 16.22 11.07 18.95
C GLN C 186 15.10 11.88 19.64
N LYS C 187 14.18 12.50 18.86
CA LYS C 187 13.00 13.25 19.35
C LYS C 187 12.12 12.37 20.24
N ASP C 188 11.77 11.20 19.73
CA ASP C 188 11.16 10.07 20.43
C ASP C 188 11.57 8.76 19.70
N ARG C 189 12.24 7.85 20.42
CA ARG C 189 12.72 6.55 19.92
C ARG C 189 11.56 5.59 19.57
N LYS C 190 10.88 5.91 18.47
CA LYS C 190 9.64 5.33 17.95
C LYS C 190 9.56 5.48 16.43
N MET C 191 10.23 6.51 15.88
CA MET C 191 10.63 6.54 14.48
C MET C 191 12.11 6.20 14.27
N ALA C 192 12.43 5.90 13.01
CA ALA C 192 13.76 5.85 12.42
C ALA C 192 13.72 6.24 10.91
N LEU C 193 14.90 6.42 10.30
CA LEU C 193 15.12 6.85 8.92
C LEU C 193 16.17 5.93 8.28
N ILE C 194 15.82 5.12 7.29
CA ILE C 194 16.65 4.06 6.69
C ILE C 194 16.85 4.30 5.17
N GLN C 195 17.86 3.67 4.56
CA GLN C 195 18.03 3.65 3.10
C GLN C 195 18.46 2.26 2.62
N MET C 196 18.00 1.87 1.43
CA MET C 196 18.35 0.64 0.72
C MET C 196 19.05 0.95 -0.61
N GLY C 197 19.59 -0.06 -1.30
CA GLY C 197 20.32 0.10 -2.56
C GLY C 197 19.44 0.27 -3.81
N SER C 198 18.14 -0.06 -3.74
CA SER C 198 17.19 0.11 -4.85
C SER C 198 15.73 0.28 -4.39
N VAL C 199 14.89 0.72 -5.32
CA VAL C 199 13.43 0.92 -5.10
C VAL C 199 12.73 -0.40 -4.80
N GLU C 200 13.03 -1.50 -5.52
CA GLU C 200 12.40 -2.81 -5.25
C GLU C 200 12.77 -3.36 -3.85
N GLU C 201 14.01 -3.14 -3.40
CA GLU C 201 14.48 -3.51 -2.06
C GLU C 201 13.69 -2.75 -0.99
N ALA C 202 13.49 -1.43 -1.16
CA ALA C 202 12.64 -0.60 -0.30
C ALA C 202 11.16 -1.00 -0.32
N VAL C 203 10.55 -1.11 -1.52
CA VAL C 203 9.14 -1.51 -1.74
C VAL C 203 8.82 -2.83 -1.05
N GLN C 204 9.63 -3.86 -1.22
CA GLN C 204 9.34 -5.16 -0.60
C GLN C 204 9.75 -5.22 0.88
N ALA C 205 10.73 -4.45 1.35
CA ALA C 205 10.92 -4.29 2.80
C ALA C 205 9.68 -3.67 3.47
N LEU C 206 8.97 -2.75 2.80
CA LEU C 206 7.65 -2.27 3.19
C LEU C 206 6.60 -3.39 3.22
N ILE C 207 6.32 -4.09 2.10
CA ILE C 207 5.24 -5.12 2.14
C ILE C 207 5.56 -6.30 3.09
N ASP C 208 6.84 -6.54 3.40
CA ASP C 208 7.28 -7.49 4.44
C ASP C 208 6.98 -6.97 5.87
N LEU C 209 7.60 -5.85 6.28
CA LEU C 209 7.70 -5.43 7.67
C LEU C 209 6.58 -4.52 8.17
N HIS C 210 5.81 -3.84 7.31
CA HIS C 210 4.55 -3.17 7.67
C HIS C 210 3.53 -4.18 8.26
N ASN C 211 3.55 -4.33 9.60
CA ASN C 211 2.77 -5.21 10.51
C ASN C 211 3.64 -6.27 11.25
N HIS C 212 4.97 -6.22 11.14
CA HIS C 212 5.89 -6.99 12.01
C HIS C 212 5.75 -6.52 13.47
N ASP C 213 4.91 -7.22 14.24
CA ASP C 213 4.51 -6.87 15.60
C ASP C 213 5.39 -7.51 16.69
N LEU C 214 5.57 -6.77 17.79
CA LEU C 214 6.30 -7.17 18.99
C LEU C 214 5.44 -7.04 20.27
N GLY C 215 4.21 -6.50 20.19
CA GLY C 215 3.35 -6.32 21.36
C GLY C 215 1.98 -5.72 21.04
N GLU C 216 1.10 -6.53 20.44
CA GLU C 216 -0.27 -6.31 19.93
C GLU C 216 -0.54 -5.08 19.02
N ASN C 217 0.00 -3.91 19.36
CA ASN C 217 -0.01 -2.67 18.58
C ASN C 217 1.40 -2.08 18.37
N HIS C 218 2.43 -2.61 19.04
CA HIS C 218 3.80 -2.13 18.97
C HIS C 218 4.53 -2.84 17.83
N HIS C 219 4.34 -2.33 16.62
CA HIS C 219 4.77 -2.96 15.37
C HIS C 219 5.46 -1.98 14.43
N LEU C 220 6.22 -2.53 13.47
CA LEU C 220 6.84 -1.77 12.38
C LEU C 220 5.75 -1.21 11.44
N ARG C 221 5.66 0.11 11.36
CA ARG C 221 4.78 0.88 10.48
C ARG C 221 5.63 1.68 9.51
N VAL C 222 5.84 1.02 8.37
CA VAL C 222 6.88 1.29 7.37
C VAL C 222 6.35 2.17 6.25
N SER C 223 7.13 3.17 5.85
CA SER C 223 6.89 4.04 4.69
C SER C 223 8.22 4.44 4.03
N PHE C 224 8.12 5.05 2.86
CA PHE C 224 9.20 5.78 2.19
C PHE C 224 9.44 7.14 2.84
N SER C 225 10.70 7.58 2.85
CA SER C 225 11.08 8.85 3.46
C SER C 225 10.81 10.04 2.53
N LYS C 226 9.96 10.95 3.00
CA LYS C 226 9.87 12.33 2.48
C LYS C 226 11.06 13.23 2.84
N SER C 227 12.13 12.71 3.46
CA SER C 227 13.39 13.42 3.74
C SER C 227 14.60 12.49 3.54
N THR C 228 15.82 12.95 3.84
CA THR C 228 17.09 12.22 3.66
C THR C 228 17.78 11.90 5.00
N ILE C 229 18.77 10.99 4.96
CA ILE C 229 19.52 10.52 6.14
C ILE C 229 20.57 11.56 6.55
N GLY C 22 -26.01 9.78 -22.33
CA GLY C 22 -27.44 9.59 -22.64
C GLY C 22 -28.09 10.88 -23.09
N ARG C 23 -28.73 10.88 -24.28
CA ARG C 23 -29.36 12.07 -24.90
C ARG C 23 -30.66 12.54 -24.22
N ILE C 24 -31.30 11.66 -23.45
CA ILE C 24 -32.57 11.90 -22.72
C ILE C 24 -32.47 11.47 -21.24
N ALA C 25 -33.46 11.85 -20.44
CA ALA C 25 -33.46 11.69 -18.98
C ALA C 25 -33.55 10.23 -18.46
N ILE C 26 -33.98 9.28 -19.30
CA ILE C 26 -34.20 7.86 -18.94
C ILE C 26 -33.60 6.89 -19.97
N PRO C 27 -33.20 5.66 -19.57
CA PRO C 27 -33.05 5.16 -18.19
C PRO C 27 -32.01 5.92 -17.34
N GLY C 28 -31.07 6.62 -17.98
CA GLY C 28 -29.99 7.39 -17.35
C GLY C 28 -28.82 6.53 -16.84
N LEU C 29 -27.75 7.19 -16.41
CA LEU C 29 -26.55 6.58 -15.84
C LEU C 29 -26.69 6.34 -14.32
N ALA C 30 -25.77 5.54 -13.75
CA ALA C 30 -25.72 5.21 -12.32
C ALA C 30 -25.29 6.39 -11.41
N GLY C 31 -24.75 7.48 -11.97
CA GLY C 31 -24.20 8.61 -11.22
C GLY C 31 -22.92 8.24 -10.45
N ALA C 32 -22.76 8.78 -9.24
CA ALA C 32 -21.63 8.60 -8.33
C ALA C 32 -20.24 8.98 -8.92
N GLY C 33 -19.17 8.69 -8.17
CA GLY C 33 -17.77 9.00 -8.51
C GLY C 33 -16.98 7.83 -9.10
N ASN C 34 -15.69 8.06 -9.35
CA ASN C 34 -14.72 7.11 -9.93
C ASN C 34 -13.61 6.73 -8.92
N SER C 35 -14.01 6.37 -7.69
CA SER C 35 -13.11 5.92 -6.62
C SER C 35 -12.47 4.54 -6.84
N VAL C 36 -12.83 3.82 -7.90
CA VAL C 36 -12.24 2.51 -8.26
C VAL C 36 -10.99 2.61 -9.16
N LEU C 37 -10.09 1.64 -9.03
CA LEU C 37 -8.93 1.37 -9.88
C LEU C 37 -9.02 -0.02 -10.53
N LEU C 38 -8.83 -0.05 -11.84
CA LEU C 38 -8.60 -1.23 -12.65
C LEU C 38 -7.12 -1.59 -12.48
N VAL C 39 -6.79 -2.76 -11.95
CA VAL C 39 -5.41 -3.27 -11.89
C VAL C 39 -5.26 -4.47 -12.81
N SER C 40 -4.31 -4.44 -13.74
CA SER C 40 -4.12 -5.48 -14.75
C SER C 40 -2.63 -5.83 -14.97
N ASN C 41 -2.37 -6.92 -15.71
CA ASN C 41 -1.04 -7.44 -16.06
C ASN C 41 -0.14 -7.86 -14.85
N LEU C 42 -0.70 -7.90 -13.64
CA LEU C 42 -0.05 -8.32 -12.38
C LEU C 42 0.39 -9.80 -12.39
N ASN C 43 1.70 -10.06 -12.30
CA ASN C 43 2.28 -11.42 -12.31
C ASN C 43 1.73 -12.33 -11.19
N PRO C 44 0.95 -13.38 -11.51
CA PRO C 44 0.23 -14.16 -10.50
C PRO C 44 1.13 -15.12 -9.70
N GLU C 45 2.38 -15.33 -10.11
CA GLU C 45 3.33 -16.23 -9.46
C GLU C 45 3.90 -15.66 -8.15
N ARG C 46 3.71 -14.36 -7.89
CA ARG C 46 4.32 -13.61 -6.77
C ARG C 46 3.37 -12.64 -6.05
N VAL C 47 2.25 -12.25 -6.66
CA VAL C 47 1.32 -11.24 -6.12
C VAL C 47 0.62 -11.72 -4.83
N THR C 48 0.20 -10.78 -3.98
CA THR C 48 -0.59 -11.03 -2.77
C THR C 48 -1.66 -9.93 -2.58
N PRO C 49 -2.93 -10.26 -2.29
CA PRO C 49 -3.97 -9.27 -1.99
C PRO C 49 -3.53 -8.24 -0.93
N GLN C 50 -2.84 -8.69 0.12
CA GLN C 50 -2.34 -7.86 1.20
C GLN C 50 -1.18 -6.93 0.78
N SER C 51 -0.32 -7.30 -0.17
CA SER C 51 0.82 -6.45 -0.58
C SER C 51 0.36 -5.35 -1.54
N LEU C 52 -0.54 -5.70 -2.46
CA LEU C 52 -1.37 -4.75 -3.21
C LEU C 52 -2.10 -3.78 -2.25
N PHE C 53 -2.87 -4.31 -1.29
CA PHE C 53 -3.56 -3.50 -0.29
C PHE C 53 -2.62 -2.55 0.46
N ILE C 54 -1.45 -3.01 0.93
CA ILE C 54 -0.44 -2.18 1.59
C ILE C 54 -0.04 -0.98 0.71
N LEU C 55 0.44 -1.21 -0.53
CA LEU C 55 0.86 -0.15 -1.47
C LEU C 55 -0.25 0.88 -1.74
N PHE C 56 -1.33 0.42 -2.37
CA PHE C 56 -2.53 1.21 -2.64
C PHE C 56 -3.08 1.87 -1.34
N GLY C 57 -2.83 1.26 -0.19
CA GLY C 57 -3.16 1.72 1.15
C GLY C 57 -2.21 2.72 1.79
N VAL C 58 -0.98 2.92 1.28
CA VAL C 58 -0.15 4.08 1.64
C VAL C 58 -0.72 5.29 0.91
N TYR C 59 -1.00 5.10 -0.38
CA TYR C 59 -1.38 6.21 -1.25
C TYR C 59 -2.84 6.67 -1.14
N GLY C 60 -3.77 5.72 -1.01
CA GLY C 60 -5.21 5.95 -1.09
C GLY C 60 -6.08 5.06 -0.20
N ASP C 61 -5.44 4.42 0.78
CA ASP C 61 -6.04 3.72 1.96
C ASP C 61 -6.78 2.39 1.65
N VAL C 62 -7.54 2.33 0.55
CA VAL C 62 -8.37 1.19 0.08
C VAL C 62 -9.50 0.81 1.02
N GLN C 63 -10.75 1.01 0.58
CA GLN C 63 -11.94 0.56 1.31
C GLN C 63 -12.20 -0.92 1.09
N ARG C 64 -12.03 -1.44 -0.15
CA ARG C 64 -12.16 -2.88 -0.45
C ARG C 64 -11.51 -3.30 -1.77
N VAL C 65 -11.31 -4.61 -1.94
CA VAL C 65 -10.54 -5.24 -3.04
C VAL C 65 -11.38 -6.33 -3.70
N LYS C 66 -11.35 -6.44 -5.04
CA LYS C 66 -11.89 -7.56 -5.84
C LYS C 66 -10.86 -8.04 -6.86
N ILE C 67 -10.28 -9.22 -6.67
CA ILE C 67 -9.31 -9.89 -7.56
C ILE C 67 -10.00 -11.03 -8.33
N LEU C 68 -9.54 -11.35 -9.54
CA LEU C 68 -10.24 -12.26 -10.47
C LEU C 68 -9.57 -13.65 -10.61
N PHE C 69 -10.32 -14.56 -11.23
CA PHE C 69 -10.13 -16.01 -11.31
C PHE C 69 -8.88 -16.48 -12.10
N ASN C 70 -8.36 -17.65 -11.72
CA ASN C 70 -7.27 -18.42 -12.35
C ASN C 70 -6.19 -17.58 -13.08
N LYS C 71 -6.21 -17.55 -14.43
CA LYS C 71 -5.22 -16.86 -15.29
C LYS C 71 -5.59 -15.40 -15.61
N LYS C 72 -6.78 -14.94 -15.22
CA LYS C 72 -7.19 -13.53 -15.36
C LYS C 72 -6.43 -12.66 -14.36
N GLU C 73 -5.24 -12.23 -14.76
CA GLU C 73 -4.27 -11.33 -14.11
C GLU C 73 -4.83 -9.89 -13.91
N ASN C 74 -6.06 -9.78 -13.41
CA ASN C 74 -6.83 -8.54 -13.30
C ASN C 74 -7.50 -8.41 -11.92
N ALA C 75 -7.79 -7.17 -11.53
CA ALA C 75 -8.51 -6.78 -10.32
C ALA C 75 -9.19 -5.40 -10.48
N LEU C 76 -10.09 -5.08 -9.54
CA LEU C 76 -11.03 -3.96 -9.56
C LEU C 76 -11.23 -3.56 -8.09
N VAL C 77 -10.66 -2.42 -7.73
CA VAL C 77 -10.25 -2.06 -6.36
C VAL C 77 -10.91 -0.74 -5.95
N GLN C 78 -11.61 -0.70 -4.83
CA GLN C 78 -12.32 0.50 -4.36
C GLN C 78 -11.45 1.27 -3.37
N MET C 79 -10.83 2.36 -3.84
CA MET C 79 -10.02 3.30 -3.07
C MET C 79 -10.89 4.16 -2.13
N ALA C 80 -10.27 5.01 -1.31
CA ALA C 80 -10.99 6.06 -0.55
C ALA C 80 -11.80 7.02 -1.47
N ASP C 81 -11.13 7.70 -2.40
CA ASP C 81 -11.71 8.68 -3.33
C ASP C 81 -10.98 8.69 -4.69
N GLY C 82 -11.54 9.34 -5.71
CA GLY C 82 -11.00 9.38 -7.07
C GLY C 82 -9.67 10.14 -7.23
N ASN C 83 -9.40 11.13 -6.37
CA ASN C 83 -8.10 11.81 -6.31
C ASN C 83 -7.00 10.87 -5.77
N GLN C 84 -7.30 10.14 -4.70
CA GLN C 84 -6.45 9.13 -4.07
C GLN C 84 -6.24 7.90 -4.98
N ALA C 85 -7.24 7.53 -5.77
CA ALA C 85 -7.11 6.58 -6.88
C ALA C 85 -6.07 7.06 -7.91
N GLN C 86 -6.20 8.29 -8.40
CA GLN C 86 -5.22 8.88 -9.34
C GLN C 86 -3.80 8.96 -8.75
N LEU C 87 -3.65 9.26 -7.46
CA LEU C 87 -2.35 9.28 -6.76
C LEU C 87 -1.73 7.86 -6.65
N ALA C 88 -2.50 6.87 -6.21
CA ALA C 88 -2.07 5.47 -6.18
C ALA C 88 -1.65 4.97 -7.57
N MET C 89 -2.47 5.22 -8.60
CA MET C 89 -2.15 4.98 -10.01
C MET C 89 -0.85 5.68 -10.43
N SER C 90 -0.68 6.96 -10.13
CA SER C 90 0.52 7.73 -10.46
C SER C 90 1.82 7.08 -9.96
N HIS C 91 1.83 6.56 -8.72
CA HIS C 91 3.00 5.87 -8.17
C HIS C 91 3.16 4.38 -8.57
N LEU C 92 2.12 3.72 -9.10
CA LEU C 92 2.11 2.26 -9.31
C LEU C 92 1.90 1.78 -10.76
N ASN C 93 1.42 2.63 -11.67
CA ASN C 93 1.14 2.27 -13.06
C ASN C 93 2.43 1.93 -13.82
N GLY C 94 2.64 0.64 -14.11
CA GLY C 94 3.82 0.09 -14.75
C GLY C 94 5.05 -0.01 -13.83
N HIS C 95 4.85 -0.06 -12.51
CA HIS C 95 5.95 -0.14 -11.53
C HIS C 95 6.76 -1.44 -11.65
N LYS C 96 7.93 -1.50 -11.00
CA LYS C 96 8.86 -2.65 -11.04
C LYS C 96 8.77 -3.47 -9.75
N LEU C 97 7.77 -4.35 -9.69
CA LEU C 97 7.60 -5.40 -8.69
C LEU C 97 6.83 -6.62 -9.25
N HIS C 98 6.86 -7.73 -8.53
CA HIS C 98 6.50 -9.12 -8.93
C HIS C 98 7.14 -9.69 -10.21
N GLY C 99 7.63 -8.88 -11.15
CA GLY C 99 8.31 -9.30 -12.39
C GLY C 99 7.64 -8.83 -13.70
N LYS C 100 6.50 -8.12 -13.64
CA LYS C 100 5.78 -7.54 -14.80
C LYS C 100 5.35 -6.08 -14.53
N PRO C 101 5.24 -5.23 -15.57
CA PRO C 101 4.72 -3.87 -15.46
C PRO C 101 3.20 -3.89 -15.20
N ILE C 102 2.81 -3.50 -13.99
CA ILE C 102 1.43 -3.52 -13.49
C ILE C 102 0.61 -2.40 -14.15
N ARG C 103 -0.14 -2.74 -15.20
CA ARG C 103 -1.04 -1.83 -15.92
C ARG C 103 -2.17 -1.36 -14.98
N ILE C 104 -2.41 -0.06 -14.88
CA ILE C 104 -3.44 0.51 -13.99
C ILE C 104 -4.23 1.55 -14.78
N THR C 105 -5.54 1.62 -14.55
CA THR C 105 -6.43 2.58 -15.20
C THR C 105 -7.51 3.04 -14.22
N LEU C 106 -7.95 4.30 -14.35
CA LEU C 106 -9.09 4.84 -13.60
C LEU C 106 -10.38 4.19 -14.10
N SER C 107 -10.92 3.22 -13.35
CA SER C 107 -12.05 2.37 -13.72
C SER C 107 -13.29 3.10 -14.26
N LYS C 108 -14.01 2.41 -15.16
CA LYS C 108 -15.34 2.78 -15.68
C LYS C 108 -16.49 2.57 -14.66
N HIS C 109 -16.24 1.72 -13.66
CA HIS C 109 -17.16 1.37 -12.57
C HIS C 109 -17.26 2.48 -11.49
N GLN C 110 -18.14 2.27 -10.50
CA GLN C 110 -18.47 3.23 -9.43
C GLN C 110 -18.17 2.65 -8.03
N ASN C 111 -18.72 1.48 -7.70
CA ASN C 111 -18.53 0.74 -6.45
C ASN C 111 -18.52 -0.78 -6.68
N VAL C 112 -18.19 -1.58 -5.66
CA VAL C 112 -17.95 -3.03 -5.82
C VAL C 112 -18.75 -3.95 -4.90
N GLN C 113 -18.65 -5.26 -5.16
CA GLN C 113 -19.63 -6.29 -4.83
C GLN C 113 -18.95 -7.57 -4.29
N LEU C 114 -19.57 -8.21 -3.28
CA LEU C 114 -19.00 -9.37 -2.56
C LEU C 114 -19.64 -10.75 -2.88
N PRO C 115 -18.87 -11.85 -2.64
CA PRO C 115 -19.34 -13.23 -2.42
C PRO C 115 -20.43 -13.43 -1.33
N ARG C 116 -20.73 -14.69 -1.05
CA ARG C 116 -21.70 -15.18 -0.04
C ARG C 116 -21.40 -14.70 1.38
N GLU C 117 -22.44 -14.64 2.21
CA GLU C 117 -22.40 -14.17 3.61
C GLU C 117 -21.42 -14.99 4.46
N GLY C 118 -20.30 -14.37 4.85
CA GLY C 118 -19.25 -14.99 5.69
C GLY C 118 -18.32 -15.97 4.96
N GLN C 119 -18.43 -16.12 3.64
CA GLN C 119 -17.59 -17.02 2.83
C GLN C 119 -16.20 -16.42 2.58
N GLU C 120 -15.30 -16.57 3.56
CA GLU C 120 -13.87 -16.25 3.43
C GLU C 120 -13.08 -17.29 2.60
N ASP C 121 -13.65 -18.48 2.40
CA ASP C 121 -13.03 -19.69 1.84
C ASP C 121 -12.32 -19.50 0.48
N GLN C 122 -12.91 -18.73 -0.44
CA GLN C 122 -12.37 -18.47 -1.78
C GLN C 122 -11.36 -17.31 -1.86
N GLY C 123 -11.21 -16.49 -0.80
CA GLY C 123 -10.40 -15.28 -0.81
C GLY C 123 -10.94 -14.22 -1.79
N LEU C 124 -10.05 -13.59 -2.57
CA LEU C 124 -10.30 -12.74 -3.75
C LEU C 124 -11.05 -11.42 -3.54
N THR C 125 -12.10 -11.38 -2.71
CA THR C 125 -12.91 -10.17 -2.46
C THR C 125 -12.93 -9.81 -0.97
N LYS C 126 -12.03 -8.90 -0.57
CA LYS C 126 -11.79 -8.47 0.81
C LYS C 126 -12.44 -7.11 1.08
N ASP C 127 -13.54 -7.11 1.84
CA ASP C 127 -14.13 -5.91 2.44
C ASP C 127 -13.27 -5.38 3.61
N TYR C 128 -12.22 -4.64 3.28
CA TYR C 128 -11.29 -3.99 4.22
C TYR C 128 -11.94 -2.90 5.12
N GLY C 129 -13.19 -2.50 4.87
CA GLY C 129 -13.94 -1.53 5.68
C GLY C 129 -14.16 -1.95 7.15
N ASN C 130 -14.03 -3.24 7.48
CA ASN C 130 -14.08 -3.78 8.84
C ASN C 130 -12.68 -4.07 9.44
N SER C 131 -11.62 -4.02 8.62
CA SER C 131 -10.25 -4.38 9.02
C SER C 131 -9.52 -3.21 9.72
N PRO C 132 -8.82 -3.44 10.85
CA PRO C 132 -8.04 -2.41 11.56
C PRO C 132 -6.98 -1.65 10.74
N LEU C 133 -6.53 -2.19 9.61
CA LEU C 133 -5.49 -1.58 8.75
C LEU C 133 -6.00 -0.45 7.83
N HIS C 134 -7.33 -0.30 7.66
CA HIS C 134 -7.97 0.98 7.27
C HIS C 134 -7.63 2.08 8.29
N ARG C 135 -6.99 3.17 7.85
CA ARG C 135 -6.18 4.06 8.73
C ARG C 135 -6.28 5.56 8.45
N PHE C 136 -6.43 6.00 7.20
CA PHE C 136 -6.37 7.43 6.83
C PHE C 136 -7.68 8.16 7.20
N LYS C 137 -7.65 8.85 8.35
CA LYS C 137 -8.82 9.39 9.08
C LYS C 137 -9.68 10.37 8.26
N LYS C 138 -9.08 11.44 7.73
CA LYS C 138 -9.78 12.61 7.14
C LYS C 138 -9.15 13.10 5.82
N PRO C 139 -9.87 13.88 4.99
CA PRO C 139 -9.32 14.53 3.79
C PRO C 139 -8.47 15.79 4.10
N GLY C 140 -8.48 16.29 5.34
CA GLY C 140 -7.89 17.57 5.77
C GLY C 140 -6.36 17.57 5.96
N SER C 141 -5.63 17.02 4.99
CA SER C 141 -4.17 16.96 4.76
C SER C 141 -3.22 16.48 5.87
N LYS C 142 -3.58 16.52 7.16
CA LYS C 142 -2.73 16.14 8.30
C LYS C 142 -2.28 14.67 8.30
N ASN C 143 -3.04 13.79 7.64
CA ASN C 143 -2.67 12.39 7.37
C ASN C 143 -2.21 12.12 5.92
N PHE C 144 -2.04 13.15 5.09
CA PHE C 144 -1.49 13.04 3.73
C PHE C 144 -0.10 13.67 3.58
N GLN C 145 0.24 14.68 4.39
CA GLN C 145 1.54 15.37 4.40
C GLN C 145 2.77 14.46 4.64
N ASN C 146 2.55 13.23 5.11
CA ASN C 146 3.56 12.20 5.36
C ASN C 146 3.63 11.09 4.28
N ILE C 147 2.78 11.12 3.25
CA ILE C 147 2.88 10.25 2.05
C ILE C 147 4.02 10.79 1.17
N PHE C 148 5.00 9.94 0.86
CA PHE C 148 6.10 10.25 -0.06
C PHE C 148 6.22 9.25 -1.23
N PRO C 149 6.75 9.66 -2.40
CA PRO C 149 6.99 8.76 -3.54
C PRO C 149 7.93 7.59 -3.20
N PRO C 150 7.96 6.51 -4.00
CA PRO C 150 8.93 5.44 -3.87
C PRO C 150 10.36 5.94 -4.14
N SER C 151 11.16 6.04 -3.07
CA SER C 151 12.53 6.59 -3.06
C SER C 151 13.48 5.71 -2.23
N ALA C 152 14.79 5.85 -2.45
CA ALA C 152 15.83 5.09 -1.74
C ALA C 152 15.93 5.40 -0.23
N THR C 153 15.40 6.54 0.21
CA THR C 153 15.29 6.93 1.63
C THR C 153 13.94 6.49 2.23
N LEU C 154 14.01 5.87 3.40
CA LEU C 154 12.93 5.24 4.15
C LEU C 154 12.73 5.92 5.51
N HIS C 155 11.53 5.76 6.03
CA HIS C 155 11.02 6.26 7.30
C HIS C 155 10.08 5.22 7.91
N LEU C 156 10.36 4.82 9.14
CA LEU C 156 9.84 3.61 9.76
C LEU C 156 9.20 3.98 11.10
N SER C 157 7.95 3.58 11.31
CA SER C 157 7.06 4.17 12.31
C SER C 157 6.24 3.11 13.06
N ASN C 158 5.95 3.33 14.33
CA ASN C 158 5.19 2.43 15.22
C ASN C 158 5.99 1.14 15.54
N ILE C 159 7.32 1.26 15.52
CA ILE C 159 8.30 0.28 15.99
C ILE C 159 8.16 0.12 17.52
N PRO C 160 7.96 -1.09 18.07
CA PRO C 160 7.89 -1.29 19.51
C PRO C 160 9.29 -1.12 20.17
N PRO C 161 9.37 -0.71 21.46
CA PRO C 161 10.65 -0.59 22.19
C PRO C 161 11.47 -1.88 22.34
N SER C 162 10.89 -3.05 22.06
CA SER C 162 11.47 -4.38 22.26
C SER C 162 12.61 -4.77 21.29
N VAL C 163 12.75 -4.11 20.15
CA VAL C 163 13.78 -4.38 19.13
C VAL C 163 14.94 -3.39 19.17
N SER C 164 16.09 -3.80 18.64
CA SER C 164 17.36 -3.05 18.62
C SER C 164 17.84 -2.78 17.18
N GLU C 165 18.94 -2.02 17.05
CA GLU C 165 19.49 -1.59 15.74
C GLU C 165 19.78 -2.79 14.82
N GLU C 166 20.51 -3.78 15.33
CA GLU C 166 20.88 -5.01 14.62
C GLU C 166 19.72 -6.01 14.44
N ASP C 167 18.53 -5.76 15.00
CA ASP C 167 17.30 -6.44 14.58
C ASP C 167 16.73 -5.75 13.33
N LEU C 168 16.46 -4.45 13.42
CA LEU C 168 15.82 -3.64 12.38
C LEU C 168 16.58 -3.72 11.05
N LYS C 169 17.90 -3.58 11.11
CA LYS C 169 18.79 -3.66 9.93
C LYS C 169 18.85 -5.07 9.33
N VAL C 170 18.56 -6.12 10.11
CA VAL C 170 18.54 -7.51 9.60
C VAL C 170 17.17 -7.83 8.99
N LEU C 171 16.09 -7.24 9.51
CA LEU C 171 14.78 -7.17 8.86
C LEU C 171 14.93 -6.67 7.42
N PHE C 172 15.53 -5.49 7.24
CA PHE C 172 15.74 -4.90 5.91
C PHE C 172 16.81 -5.65 5.09
N SER C 173 17.90 -6.14 5.71
CA SER C 173 18.89 -7.01 5.05
C SER C 173 18.29 -8.33 4.54
N SER C 174 17.25 -8.87 5.19
CA SER C 174 16.51 -10.06 4.73
C SER C 174 15.86 -9.92 3.34
N ASN C 175 15.75 -8.70 2.80
CA ASN C 175 15.36 -8.46 1.41
C ASN C 175 16.43 -8.86 0.38
N GLY C 176 17.68 -9.06 0.82
CA GLY C 176 18.86 -9.16 -0.04
C GLY C 176 19.10 -7.88 -0.86
N GLY C 177 19.16 -6.69 -0.26
CA GLY C 177 19.26 -6.39 1.18
C GLY C 177 20.16 -5.21 1.54
N VAL C 178 20.36 -4.24 0.62
CA VAL C 178 21.42 -3.23 0.73
C VAL C 178 21.02 -2.08 1.67
N VAL C 179 21.23 -2.24 2.98
CA VAL C 179 21.09 -1.17 3.96
C VAL C 179 22.29 -0.22 3.86
N LYS C 180 22.10 0.97 3.26
CA LYS C 180 23.07 2.08 3.28
C LYS C 180 23.19 2.70 4.67
N GLY C 181 22.03 3.15 5.15
CA GLY C 181 21.88 4.16 6.19
C GLY C 181 20.78 3.78 7.17
N PHE C 182 20.86 4.39 8.33
CA PHE C 182 19.96 4.13 9.48
C PHE C 182 20.10 5.22 10.55
N LYS C 183 18.97 5.62 11.16
CA LYS C 183 18.90 6.41 12.41
C LYS C 183 17.68 6.02 13.24
N PHE C 184 17.84 5.61 14.50
CA PHE C 184 16.71 5.69 15.45
C PHE C 184 16.39 7.17 15.75
N PHE C 185 15.10 7.51 15.81
CA PHE C 185 14.66 8.92 15.80
C PHE C 185 14.86 9.68 17.11
N GLN C 186 14.88 8.98 18.26
CA GLN C 186 14.88 9.48 19.64
C GLN C 186 13.64 10.33 20.02
N LYS C 187 13.26 11.33 19.22
CA LYS C 187 11.99 12.07 19.28
C LYS C 187 10.80 11.10 19.26
N ASP C 188 10.04 11.06 20.36
CA ASP C 188 8.91 10.16 20.67
C ASP C 188 9.20 8.63 20.66
N ARG C 189 10.39 8.20 20.21
CA ARG C 189 10.93 6.82 20.17
C ARG C 189 9.87 5.72 19.88
N LYS C 190 9.32 5.77 18.66
CA LYS C 190 8.53 4.69 18.01
C LYS C 190 9.06 4.44 16.60
N MET C 191 10.23 5.00 16.28
CA MET C 191 10.54 5.53 14.96
C MET C 191 12.03 5.40 14.62
N ALA C 192 12.28 5.35 13.32
CA ALA C 192 13.59 5.38 12.69
C ALA C 192 13.54 5.95 11.25
N LEU C 193 14.70 6.36 10.71
CA LEU C 193 15.00 6.37 9.29
C LEU C 193 15.73 5.07 8.90
N ILE C 194 15.68 4.77 7.61
CA ILE C 194 16.68 3.95 6.91
C ILE C 194 17.01 4.64 5.56
N GLN C 195 18.21 4.45 5.03
CA GLN C 195 18.46 4.49 3.58
C GLN C 195 18.79 3.09 3.05
N MET C 196 18.16 2.67 1.95
CA MET C 196 18.58 1.50 1.17
C MET C 196 19.39 1.92 -0.06
N GLY C 197 20.11 0.97 -0.68
CA GLY C 197 20.98 1.22 -1.83
C GLY C 197 20.25 1.75 -3.08
N SER C 198 19.02 1.27 -3.30
CA SER C 198 18.17 1.60 -4.45
C SER C 198 16.67 1.66 -4.09
N VAL C 199 15.86 2.26 -4.98
CA VAL C 199 14.38 2.28 -4.88
C VAL C 199 13.80 0.86 -4.89
N GLU C 200 14.39 -0.05 -5.66
CA GLU C 200 14.08 -1.49 -5.68
C GLU C 200 14.07 -2.10 -4.26
N GLU C 201 15.17 -1.92 -3.52
CA GLU C 201 15.31 -2.36 -2.13
C GLU C 201 14.30 -1.68 -1.20
N ALA C 202 14.13 -0.36 -1.33
CA ALA C 202 13.18 0.42 -0.53
C ALA C 202 11.72 -0.09 -0.67
N VAL C 203 11.24 -0.22 -1.91
CA VAL C 203 9.89 -0.71 -2.24
C VAL C 203 9.67 -2.13 -1.73
N GLN C 204 10.60 -3.05 -1.98
CA GLN C 204 10.41 -4.45 -1.56
C GLN C 204 10.59 -4.68 -0.05
N ALA C 205 11.37 -3.84 0.65
CA ALA C 205 11.35 -3.79 2.11
C ALA C 205 10.01 -3.27 2.68
N LEU C 206 9.30 -2.38 1.96
CA LEU C 206 7.96 -1.90 2.36
C LEU C 206 6.94 -3.03 2.26
N ILE C 207 6.79 -3.65 1.08
CA ILE C 207 5.81 -4.74 0.90
C ILE C 207 6.09 -5.96 1.80
N ASP C 208 7.35 -6.18 2.20
CA ASP C 208 7.75 -7.18 3.19
C ASP C 208 7.30 -6.80 4.63
N LEU C 209 7.75 -5.64 5.14
CA LEU C 209 7.75 -5.35 6.58
C LEU C 209 6.65 -4.40 7.08
N HIS C 210 5.94 -3.65 6.21
CA HIS C 210 4.85 -2.75 6.59
C HIS C 210 3.79 -3.46 7.44
N ASN C 211 3.73 -3.05 8.71
CA ASN C 211 3.06 -3.69 9.83
C ASN C 211 3.35 -5.20 9.93
N HIS C 212 4.57 -5.52 10.39
CA HIS C 212 5.10 -6.88 10.57
C HIS C 212 4.26 -7.76 11.53
N ASP C 213 3.46 -7.12 12.40
CA ASP C 213 2.33 -7.65 13.16
C ASP C 213 2.62 -8.83 14.12
N LEU C 214 3.89 -9.02 14.52
CA LEU C 214 4.26 -10.17 15.37
C LEU C 214 3.64 -10.14 16.78
N GLY C 215 3.04 -9.00 17.20
CA GLY C 215 2.27 -8.83 18.44
C GLY C 215 0.90 -8.17 18.23
N GLU C 216 0.21 -8.52 17.13
CA GLU C 216 -1.24 -8.34 16.88
C GLU C 216 -1.73 -6.92 16.57
N ASN C 217 -0.97 -5.87 16.94
CA ASN C 217 -1.29 -4.47 16.64
C ASN C 217 -0.05 -3.54 16.67
N HIS C 218 0.91 -3.83 17.54
CA HIS C 218 1.99 -2.95 18.01
C HIS C 218 3.13 -2.61 17.01
N HIS C 219 2.93 -2.76 15.70
CA HIS C 219 4.03 -3.03 14.74
C HIS C 219 4.22 -2.03 13.60
N LEU C 220 5.30 -2.20 12.84
CA LEU C 220 6.00 -1.10 12.15
C LEU C 220 5.50 -0.76 10.73
N ARG C 221 4.82 0.37 10.57
CA ARG C 221 4.50 1.03 9.29
C ARG C 221 5.78 1.56 8.64
N VAL C 222 6.31 0.78 7.71
CA VAL C 222 7.37 1.18 6.76
C VAL C 222 6.82 2.17 5.74
N SER C 223 7.51 3.28 5.55
CA SER C 223 7.23 4.33 4.55
C SER C 223 8.54 4.85 3.93
N PHE C 224 8.39 5.70 2.91
CA PHE C 224 9.44 6.49 2.28
C PHE C 224 9.63 7.84 3.00
N SER C 225 10.84 8.40 2.93
CA SER C 225 11.21 9.59 3.70
C SER C 225 11.05 10.92 2.97
N LYS C 226 10.08 11.70 3.48
CA LYS C 226 10.07 13.16 3.69
C LYS C 226 11.44 13.87 3.78
N SER C 227 12.46 13.21 4.34
CA SER C 227 13.70 13.78 4.86
C SER C 227 14.95 13.00 4.39
N THR C 228 16.11 13.24 5.01
CA THR C 228 17.39 12.57 4.70
C THR C 228 18.14 12.10 5.95
N ILE C 229 19.07 11.16 5.77
CA ILE C 229 19.92 10.54 6.80
C ILE C 229 21.14 11.43 7.09
#